data_8SI6
#
_entry.id   8SI6
#
_cell.length_a   1.00
_cell.length_b   1.00
_cell.length_c   1.00
_cell.angle_alpha   90.00
_cell.angle_beta   90.00
_cell.angle_gamma   90.00
#
_symmetry.space_group_name_H-M   'P 1'
#
loop_
_entity.id
_entity.type
_entity.pdbx_description
1 polymer 'Transient receptor potential cation channel subfamily M member 7'
2 non-polymer '(2S)-3-(hexadecanoyloxy)-2-[(9Z)-octadec-9-enoyloxy]propyl 2-(trimethylammonio)ethyl phosphate'
3 non-polymer CHOLESTEROL
4 non-polymer "2-[2-[(1~{S},2~{S},4~{S},5'~{R},6~{R},7~{S},8~{R},9~{S},12~{S},13~{R},16~{S})-5',7,9,13-tetramethylspiro[5-oxapentacyclo[10.8.0.0^{2,9}.0^{4,8}.0^{13,18}]icos-18-ene-6,2'-oxane]-16-yl]oxyethyl]propane-1,3-diol"
5 non-polymer "(4bS,8R,8aS,14bR)-7-(cyclopropylmethyl)-5,6,7,8,9,14b-hexahydro-8aH-4,8-methanobis[1]benzofuro[3,2-e:2',3'-g]isoquinoline-1,8a-diol"
6 non-polymer 'CALCIUM ION'
#
_entity_poly.entity_id   1
_entity_poly.type   'polypeptide(L)'
_entity_poly.pdbx_seq_one_letter_code
;SQKSWIESTLTKRECVYIIPSSKDPHRCLPGCQICQQLVRCFCGRLVKQHACFTASLAMKYSDVKLGEHFNQAIEEWSVE
KHTEQSPTDAYGVINFQGGSHSYRAKYVRLSYDTKPEIILQLLLKEWQMELPKLVISVHGGMQKFELHPRIKQLLGKGLI
KAAVTTGAWILTGGVNTGVAKHVGDALKEHASRSSRKICTIGIAPWGVIENRNDLVGRDVVAPYQTLLNPLSKLNVLNNL
HSHFILVDDGTVGKYGAEVRLRRELEKTINQQRIHARIGQGVPVVALIFEGGPNVILTVLEYLQESPPVPVVVCEGTGRA
ADLLAYIHKQTEEGGNLPDAAEPDIISTIKKTFNFGQSEAVHLFQTMMECMKKKELITVFHIGSEDHQDIDVAILTALLK
GTNASAFDQLILTLAWDRVDIAKNHVFVYGQQWLVGSLEQAMLDALVMDRVSFVKLLIENGVSMHKFLTIPRLEELYNTK
QGPTNPMLFHLIRDVKQGNLPPGYKITLIDIGLVIEYLMGGTYRCTYTRKRFRLIYNSLGGNNRRSGRNTSSSTPQLRKS
HETFGNRADKKEKMRHNHFIKTAQPYRPKMDASMEEGKKKRTKDEIVDIDDPETKRFPYPLNELLIWACLMKRQVMARFL
WQHGEESMAKALVACKIYRSMAYEAKQSDLVDDTSEELKQYSNDFGQLAVELLEQSFRQDETMAMKLLTYELKNWSNSTC
LKLAVSSRLRPFVAHTCTQMLLSDMWMGRLNMRKNSWYKVILSILVPPAILMLEYKTKAEMSHIPQSQDAHQMTMEDSEN
NFHNITEEIPMEVFKEVKILDSSDGKNEMEIHIKSKKLPITRKFYAFYHAPIVKFWFNTLAYLGFLMLYTFVVLVKMEQL
PSVQEWIVIAYIFTYAIEKVREVFMSEAGKISQKIKVWFSDYFNVSDTIAIISFFVGFGLRFGAKWNYINAYDNHVFVAG
RLIYCLNIIFWYVRLLDFLAVNQQAGPYVMMIGKMVANMFYIVVIMALVLLSFGVPRKAILYPHEEPSWSLAKDIVFHPY
WMIFGEVYAYEIDVCANDSTLPTICGPGTWLTPFLQAVYLFVQYIIMVNLLIAFFNNVYLQVKAISNIVWKYQRYHFIMA
YHEKPVLPPPLIILSHIVSLFCCVCKRRKKDKTSDGPKLFLTEEDQKKLHDFEEQCVEMYFDEKDDKFNSGSEERIRVTF
ERVEQMSIQIKEVGDRVNYIKRSLQSLDSQIGHLQDLSALTVDTLKTLTAQKASEASKVHNEITRELSISKHLAQNLID
;
_entity_poly.pdbx_strand_id   A,B,C,D
#
# COMPACT_ATOMS: atom_id res chain seq x y z
N GLN A 2 46.20 38.23 29.92
CA GLN A 2 46.03 37.12 30.86
C GLN A 2 45.11 36.02 30.32
N LYS A 3 44.82 36.06 29.02
CA LYS A 3 43.99 35.04 28.37
C LYS A 3 42.60 34.96 29.00
N SER A 4 42.04 36.12 29.34
CA SER A 4 40.70 36.18 29.91
C SER A 4 40.12 37.54 29.59
N TRP A 5 39.12 37.57 28.70
CA TRP A 5 38.42 38.81 28.42
C TRP A 5 37.55 39.24 29.58
N ILE A 6 37.10 38.28 30.39
CA ILE A 6 36.25 38.61 31.54
C ILE A 6 37.06 39.38 32.58
N GLU A 7 38.31 38.96 32.79
CA GLU A 7 39.09 39.52 33.89
C GLU A 7 39.48 40.98 33.62
N SER A 8 39.75 41.32 32.36
CA SER A 8 40.11 42.69 32.03
C SER A 8 38.91 43.64 32.08
N THR A 9 37.68 43.12 32.06
CA THR A 9 36.48 43.94 31.89
C THR A 9 35.48 43.79 33.03
N LEU A 10 35.21 42.57 33.49
CA LEU A 10 34.16 42.33 34.45
C LEU A 10 34.68 42.55 35.87
N THR A 11 33.84 42.28 36.87
CA THR A 11 34.07 42.74 38.23
C THR A 11 33.40 41.77 39.21
N LYS A 12 34.17 41.27 40.17
CA LYS A 12 33.61 40.83 41.44
C LYS A 12 33.76 41.99 42.42
N ARG A 13 33.24 41.80 43.62
CA ARG A 13 33.36 42.85 44.61
C ARG A 13 33.10 42.27 46.00
N GLU A 14 33.88 42.74 46.97
CA GLU A 14 33.90 42.20 48.32
C GLU A 14 33.65 43.29 49.36
N CYS A 15 33.03 42.92 50.48
CA CYS A 15 32.78 43.85 51.60
C CYS A 15 34.01 43.85 52.50
N VAL A 16 35.01 44.64 52.10
CA VAL A 16 36.29 44.64 52.81
C VAL A 16 36.23 45.38 54.16
N TYR A 17 35.26 46.26 54.35
CA TYR A 17 35.12 47.09 55.55
C TYR A 17 33.89 46.62 56.31
N ILE A 18 34.09 46.21 57.56
CA ILE A 18 33.10 45.44 58.31
C ILE A 18 32.46 46.35 59.35
N ILE A 19 31.18 46.65 59.16
CA ILE A 19 30.35 47.29 60.17
C ILE A 19 29.45 46.22 60.78
N PRO A 20 29.40 46.09 62.12
CA PRO A 20 28.55 45.04 62.70
C PRO A 20 27.05 45.28 62.51
N SER A 21 26.26 44.39 63.11
CA SER A 21 24.80 44.44 63.04
C SER A 21 24.29 45.55 63.97
N SER A 22 22.98 45.57 64.22
CA SER A 22 22.35 46.74 64.83
C SER A 22 22.84 47.06 66.24
N LYS A 23 22.47 46.24 67.23
CA LYS A 23 22.93 46.45 68.60
C LYS A 23 23.41 45.17 69.28
N ASP A 24 22.70 44.07 69.05
CA ASP A 24 22.60 43.00 70.04
C ASP A 24 23.33 41.74 69.60
N PRO A 25 24.36 41.28 70.31
CA PRO A 25 24.73 39.86 70.24
C PRO A 25 23.75 39.04 71.06
N HIS A 26 23.64 37.75 70.72
CA HIS A 26 22.45 37.01 71.15
C HIS A 26 22.49 36.72 72.66
N ARG A 27 23.39 35.88 73.12
CA ARG A 27 23.33 35.25 74.45
C ARG A 27 24.77 35.07 74.91
N CYS A 28 24.99 34.16 75.87
CA CYS A 28 26.34 33.72 76.19
C CYS A 28 27.22 34.85 76.71
N LEU A 29 26.99 35.20 77.98
CA LEU A 29 27.55 36.30 78.76
C LEU A 29 29.01 36.69 78.46
N PRO A 30 29.98 35.76 78.29
CA PRO A 30 31.36 36.23 78.07
C PRO A 30 31.52 36.94 76.74
N GLY A 31 31.22 38.25 76.77
CA GLY A 31 31.04 39.09 75.59
C GLY A 31 32.22 39.12 74.63
N CYS A 32 33.42 38.73 75.06
CA CYS A 32 34.61 38.88 74.23
C CYS A 32 34.69 37.88 73.10
N GLN A 33 33.87 36.82 73.11
CA GLN A 33 33.89 35.78 72.09
C GLN A 33 32.67 35.81 71.17
N ILE A 34 31.54 36.29 71.69
CA ILE A 34 30.27 36.26 70.94
C ILE A 34 30.16 37.34 69.89
N CYS A 35 31.01 38.38 69.96
CA CYS A 35 31.03 39.40 68.91
C CYS A 35 31.62 38.87 67.62
N GLN A 36 32.33 37.74 67.67
CA GLN A 36 32.88 37.07 66.50
C GLN A 36 32.02 35.89 66.04
N GLN A 37 31.28 35.26 66.95
CA GLN A 37 30.62 33.99 66.64
C GLN A 37 29.34 34.18 65.84
N LEU A 38 28.56 35.22 66.12
CA LEU A 38 27.22 35.38 65.56
C LEU A 38 26.96 36.74 64.93
N VAL A 39 27.64 37.80 65.37
CA VAL A 39 27.34 39.16 64.91
C VAL A 39 27.65 39.25 63.42
N ARG A 40 26.63 39.57 62.62
CA ARG A 40 26.82 39.72 61.19
C ARG A 40 27.51 41.04 60.89
N CYS A 41 28.08 41.13 59.68
CA CYS A 41 28.38 42.43 59.12
C CYS A 41 27.10 43.07 58.62
N PHE A 42 27.11 44.39 58.53
CA PHE A 42 26.07 45.10 57.80
C PHE A 42 26.19 44.86 56.31
N CYS A 43 27.34 44.34 55.87
CA CYS A 43 27.43 43.61 54.60
C CYS A 43 26.28 42.62 54.52
N GLY A 44 26.17 41.75 55.52
CA GLY A 44 25.14 40.74 55.63
C GLY A 44 25.67 39.38 56.04
N ARG A 45 26.89 39.04 55.61
CA ARG A 45 27.56 37.84 56.07
C ARG A 45 28.28 38.12 57.40
N LEU A 46 28.71 37.04 58.06
CA LEU A 46 29.33 37.13 59.36
C LEU A 46 30.84 37.34 59.22
N VAL A 47 31.50 37.59 60.36
CA VAL A 47 32.85 38.13 60.34
C VAL A 47 33.90 37.08 60.00
N LYS A 48 33.60 35.79 60.15
CA LYS A 48 34.61 34.76 59.89
C LYS A 48 34.68 34.34 58.43
N GLN A 49 33.86 34.91 57.54
CA GLN A 49 33.83 34.54 56.14
C GLN A 49 34.32 35.63 55.19
N HIS A 50 34.74 36.79 55.71
CA HIS A 50 35.27 37.83 54.84
C HIS A 50 36.67 37.49 54.35
N ALA A 51 37.60 37.30 55.28
CA ALA A 51 38.97 36.82 55.09
C ALA A 51 39.92 37.86 54.49
N CYS A 52 39.41 38.98 53.96
CA CYS A 52 39.99 40.32 54.09
C CYS A 52 41.50 40.41 54.23
N PHE A 53 42.25 40.09 53.18
CA PHE A 53 43.71 40.12 53.20
C PHE A 53 44.29 41.40 53.81
N THR A 54 43.63 42.55 53.64
CA THR A 54 44.07 43.77 54.33
C THR A 54 43.58 43.78 55.78
N ALA A 55 42.28 43.61 55.99
CA ALA A 55 41.70 43.70 57.34
C ALA A 55 41.76 42.38 58.09
N SER A 56 42.43 41.36 57.56
CA SER A 56 42.67 40.15 58.35
C SER A 56 43.65 40.42 59.49
N LEU A 57 44.55 41.39 59.31
CA LEU A 57 45.43 41.82 60.38
C LEU A 57 44.73 42.73 61.37
N ALA A 58 43.52 43.20 61.06
CA ALA A 58 42.75 44.06 61.95
C ALA A 58 41.73 43.30 62.78
N MET A 59 41.34 42.09 62.38
CA MET A 59 40.40 41.30 63.17
C MET A 59 41.02 40.68 64.41
N LYS A 60 42.35 40.65 64.51
CA LYS A 60 42.98 40.07 65.69
C LYS A 60 42.90 41.00 66.89
N TYR A 61 42.86 42.32 66.67
CA TYR A 61 42.79 43.26 67.78
C TYR A 61 41.50 43.08 68.56
N SER A 62 40.37 43.54 68.00
CA SER A 62 39.07 42.94 68.28
C SER A 62 38.29 42.77 66.98
N ASP A 63 38.37 43.80 66.14
CA ASP A 63 37.70 43.87 64.84
C ASP A 63 38.20 45.14 64.15
N VAL A 64 37.67 45.43 62.98
CA VAL A 64 37.88 46.73 62.35
C VAL A 64 37.03 47.78 63.09
N LYS A 65 37.48 49.03 63.03
CA LYS A 65 36.65 50.18 63.42
C LYS A 65 36.15 50.14 64.87
N LEU A 66 36.98 50.63 65.79
CA LEU A 66 36.64 50.82 67.20
C LEU A 66 35.26 51.44 67.42
N GLY A 67 34.81 51.52 68.67
CA GLY A 67 33.44 51.21 69.04
C GLY A 67 32.34 52.16 68.63
N GLU A 68 31.68 52.82 69.61
CA GLU A 68 30.34 53.40 69.44
C GLU A 68 30.10 54.07 68.08
N HIS A 69 31.09 54.79 67.57
CA HIS A 69 31.10 55.25 66.17
C HIS A 69 29.91 56.16 65.83
N PHE A 70 29.48 56.99 66.79
CA PHE A 70 28.82 58.26 66.49
C PHE A 70 27.59 58.10 65.59
N ASN A 71 26.51 57.60 66.21
CA ASN A 71 25.43 56.83 65.61
C ASN A 71 25.01 57.23 64.19
N GLN A 72 25.18 58.50 63.83
CA GLN A 72 24.96 58.90 62.43
C GLN A 72 25.87 58.14 61.48
N ALA A 73 27.08 57.77 61.93
CA ALA A 73 28.07 57.11 61.08
C ALA A 73 27.91 55.59 61.01
N ILE A 74 26.92 55.02 61.71
CA ILE A 74 26.73 53.57 61.66
C ILE A 74 26.16 53.15 60.31
N GLU A 75 25.23 53.94 59.77
CA GLU A 75 24.57 53.67 58.50
C GLU A 75 25.51 53.82 57.30
N GLU A 76 26.72 54.34 57.52
CA GLU A 76 27.59 54.86 56.47
C GLU A 76 27.97 53.85 55.38
N TRP A 77 27.72 52.54 55.57
CA TRP A 77 28.08 51.56 54.55
C TRP A 77 27.21 51.76 53.31
N SER A 78 27.80 52.32 52.26
CA SER A 78 27.27 52.21 50.92
C SER A 78 28.14 51.26 50.13
N VAL A 79 27.53 50.59 49.15
CA VAL A 79 28.28 49.69 48.29
C VAL A 79 29.26 50.44 47.39
N GLU A 80 29.10 51.75 47.23
CA GLU A 80 30.07 52.53 46.47
C GLU A 80 31.30 52.85 47.31
N LYS A 81 31.12 53.15 48.59
CA LYS A 81 32.20 53.67 49.41
C LYS A 81 33.09 52.57 49.95
N HIS A 82 32.49 51.56 50.58
CA HIS A 82 33.18 50.60 51.43
C HIS A 82 32.99 49.17 50.95
N THR A 83 33.09 48.97 49.65
CA THR A 83 32.91 47.64 49.07
C THR A 83 33.77 47.60 47.81
N GLU A 84 34.88 46.86 47.85
CA GLU A 84 36.00 47.05 46.93
C GLU A 84 35.94 46.05 45.78
N GLN A 85 36.23 46.54 44.58
CA GLN A 85 36.14 45.75 43.37
C GLN A 85 37.42 44.93 43.15
N SER A 86 37.29 43.89 42.34
CA SER A 86 38.33 42.87 42.22
C SER A 86 38.06 42.06 40.95
N PRO A 87 39.07 41.33 40.41
CA PRO A 87 38.84 40.58 39.17
C PRO A 87 37.97 39.32 39.31
N THR A 88 37.93 38.50 38.27
CA THR A 88 36.84 37.62 37.86
C THR A 88 36.13 36.77 38.92
N ASP A 89 36.78 35.71 39.42
CA ASP A 89 36.23 34.74 40.37
C ASP A 89 35.15 33.82 39.81
N ALA A 90 34.61 34.08 38.63
CA ALA A 90 33.57 33.19 38.12
C ALA A 90 33.28 33.39 36.65
N TYR A 91 33.46 32.32 35.87
CA TYR A 91 32.81 32.12 34.58
C TYR A 91 33.02 30.68 34.16
N GLY A 92 32.01 30.13 33.50
CA GLY A 92 32.12 28.78 32.96
C GLY A 92 30.76 28.23 32.62
N VAL A 93 30.71 26.94 32.43
CA VAL A 93 29.46 26.24 32.18
C VAL A 93 28.89 25.79 33.53
N ILE A 94 27.58 25.90 33.66
CA ILE A 94 26.86 25.67 34.91
C ILE A 94 25.95 24.47 34.70
N ASN A 95 26.47 23.49 33.96
CA ASN A 95 25.77 22.29 33.52
C ASN A 95 24.93 21.64 34.61
N PHE A 96 23.62 21.59 34.38
CA PHE A 96 22.71 20.97 35.32
C PHE A 96 22.79 19.46 35.20
N GLN A 97 22.47 18.78 36.30
CA GLN A 97 22.54 17.33 36.32
C GLN A 97 21.46 16.77 35.42
N GLY A 98 21.86 15.92 34.49
CA GLY A 98 21.01 15.49 33.39
C GLY A 98 19.67 14.90 33.77
N GLY A 99 18.61 15.54 33.32
CA GLY A 99 17.27 14.99 33.41
C GLY A 99 16.87 14.38 32.07
N SER A 100 16.10 15.12 31.29
CA SER A 100 15.74 14.67 29.95
C SER A 100 16.96 14.65 29.03
N HIS A 101 17.82 15.66 29.12
CA HIS A 101 18.99 15.77 28.26
C HIS A 101 20.11 16.44 29.05
N SER A 102 21.14 16.95 28.35
CA SER A 102 22.35 17.45 28.99
C SER A 102 22.16 18.84 29.60
N TYR A 103 21.62 19.78 28.82
CA TYR A 103 21.14 21.08 29.33
C TYR A 103 22.27 21.91 29.95
N ARG A 104 23.16 22.39 29.07
CA ARG A 104 24.23 23.29 29.49
C ARG A 104 23.73 24.72 29.59
N ALA A 105 24.54 25.58 30.21
CA ALA A 105 24.25 27.00 30.32
C ALA A 105 25.52 27.72 30.76
N LYS A 106 25.46 29.05 30.80
CA LYS A 106 26.59 29.91 31.14
C LYS A 106 26.26 30.80 32.34
N TYR A 107 27.30 31.43 32.90
CA TYR A 107 27.16 32.39 33.99
C TYR A 107 28.32 33.36 33.96
N VAL A 108 28.15 34.52 34.61
CA VAL A 108 29.16 35.58 34.61
C VAL A 108 29.53 36.04 36.02
N ARG A 109 28.55 36.33 36.88
CA ARG A 109 28.82 36.94 38.19
C ARG A 109 29.53 38.29 38.00
N LEU A 110 28.73 39.28 37.65
CA LEU A 110 29.21 40.66 37.48
C LEU A 110 28.62 41.56 38.55
N SER A 111 29.03 42.83 38.51
CA SER A 111 28.76 43.82 39.54
C SER A 111 27.39 44.46 39.33
N TYR A 112 27.08 45.53 40.07
CA TYR A 112 25.93 46.37 39.76
C TYR A 112 26.29 47.54 38.86
N ASP A 113 27.50 48.11 38.99
CA ASP A 113 27.88 49.31 38.26
C ASP A 113 28.51 48.99 36.91
N THR A 114 28.12 47.88 36.30
CA THR A 114 28.53 47.58 34.93
C THR A 114 27.92 48.61 33.99
N LYS A 115 28.72 49.15 33.09
CA LYS A 115 28.21 50.15 32.16
C LYS A 115 27.28 49.49 31.15
N PRO A 116 26.25 50.20 30.66
CA PRO A 116 25.33 49.56 29.70
C PRO A 116 26.01 49.13 28.40
N GLU A 117 27.08 49.78 27.99
CA GLU A 117 27.80 49.34 26.80
C GLU A 117 28.58 48.06 27.06
N ILE A 118 29.03 47.84 28.29
CA ILE A 118 29.85 46.67 28.59
C ILE A 118 28.98 45.42 28.65
N ILE A 119 27.80 45.53 29.27
CA ILE A 119 26.92 44.37 29.36
C ILE A 119 26.40 43.98 27.98
N LEU A 120 26.19 44.96 27.11
CA LEU A 120 25.80 44.64 25.75
C LEU A 120 26.94 43.96 24.99
N GLN A 121 28.17 44.39 25.26
CA GLN A 121 29.33 43.75 24.64
C GLN A 121 29.51 42.32 25.13
N LEU A 122 29.01 42.00 26.32
CA LEU A 122 29.16 40.66 26.86
C LEU A 122 28.32 39.64 26.11
N LEU A 123 27.03 39.92 25.96
CA LEU A 123 26.08 38.91 25.48
C LEU A 123 26.36 38.52 24.03
N LEU A 124 26.74 39.48 23.19
CA LEU A 124 26.82 39.24 21.76
C LEU A 124 28.14 38.58 21.38
N LYS A 125 29.25 39.25 21.64
CA LYS A 125 30.54 38.82 21.10
C LYS A 125 31.10 37.62 21.85
N GLU A 126 31.11 37.67 23.18
CA GLU A 126 31.79 36.65 23.96
C GLU A 126 31.02 35.33 23.95
N TRP A 127 29.73 35.38 24.24
CA TRP A 127 28.91 34.19 24.34
C TRP A 127 28.34 33.74 22.99
N GLN A 128 28.76 34.37 21.88
CA GLN A 128 28.46 33.90 20.54
C GLN A 128 26.96 33.82 20.29
N MET A 129 26.21 34.77 20.84
CA MET A 129 24.78 34.81 20.69
C MET A 129 24.38 35.68 19.52
N GLU A 130 23.23 35.38 18.95
CA GLU A 130 22.69 36.17 17.85
C GLU A 130 21.92 37.37 18.40
N LEU A 131 22.03 38.49 17.72
CA LEU A 131 21.27 39.66 18.14
C LEU A 131 19.79 39.36 17.92
N PRO A 132 18.92 39.54 18.92
CA PRO A 132 17.55 39.04 18.79
C PRO A 132 16.70 39.91 17.88
N LYS A 133 15.44 39.48 17.74
CA LYS A 133 14.40 40.25 17.09
C LYS A 133 13.20 40.45 18.01
N LEU A 134 13.30 40.08 19.28
CA LEU A 134 12.23 40.24 20.25
C LEU A 134 12.80 39.93 21.63
N VAL A 135 12.39 40.72 22.63
CA VAL A 135 12.74 40.50 24.03
C VAL A 135 11.43 40.38 24.79
N ILE A 136 11.20 39.22 25.39
CA ILE A 136 10.00 38.94 26.19
C ILE A 136 10.45 38.91 27.64
N SER A 137 10.34 40.04 28.33
CA SER A 137 10.66 40.12 29.74
C SER A 137 9.44 39.68 30.54
N VAL A 138 9.46 38.45 31.03
CA VAL A 138 8.37 37.96 31.87
C VAL A 138 8.53 38.53 33.27
N HIS A 139 7.42 38.87 33.90
CA HIS A 139 7.46 39.42 35.26
C HIS A 139 6.26 38.92 36.04
N GLY A 140 6.50 38.51 37.27
CA GLY A 140 5.44 38.08 38.13
C GLY A 140 5.88 38.12 39.58
N GLY A 141 5.22 37.29 40.39
CA GLY A 141 5.48 37.23 41.82
C GLY A 141 6.22 35.96 42.18
N MET A 142 7.14 36.08 43.14
CA MET A 142 7.92 34.93 43.54
C MET A 142 7.10 34.01 44.44
N GLN A 143 7.40 32.72 44.33
CA GLN A 143 7.03 31.66 45.26
C GLN A 143 5.53 31.44 45.43
N LYS A 144 4.67 32.00 44.56
CA LYS A 144 3.25 31.90 44.89
C LYS A 144 2.65 30.51 44.63
N PHE A 145 2.18 30.17 43.40
CA PHE A 145 2.44 28.88 42.68
C PHE A 145 1.24 28.44 41.77
N GLU A 146 1.42 27.30 41.07
CA GLU A 146 0.34 26.35 40.73
C GLU A 146 -0.75 26.95 39.84
N LEU A 147 -0.38 27.17 38.58
CA LEU A 147 -1.39 27.34 37.54
C LEU A 147 -2.26 26.08 37.44
N HIS A 148 -3.41 26.22 36.78
CA HIS A 148 -4.26 25.08 36.50
C HIS A 148 -3.66 24.25 35.37
N PRO A 149 -4.09 23.00 35.19
CA PRO A 149 -3.58 22.21 34.07
C PRO A 149 -4.02 22.72 32.71
N ARG A 150 -5.25 23.21 32.59
CA ARG A 150 -5.73 23.68 31.29
C ARG A 150 -5.00 24.95 30.87
N ILE A 151 -4.84 25.89 31.79
CA ILE A 151 -4.16 27.14 31.48
C ILE A 151 -2.66 26.96 31.32
N LYS A 152 -2.11 25.84 31.81
CA LYS A 152 -0.67 25.61 31.70
C LYS A 152 -0.28 25.25 30.26
N GLN A 153 -1.19 24.66 29.50
CA GLN A 153 -0.88 24.29 28.12
C GLN A 153 -0.91 25.49 27.20
N LEU A 154 -1.91 26.36 27.37
CA LEU A 154 -2.07 27.49 26.46
C LEU A 154 -0.99 28.54 26.69
N LEU A 155 -0.76 28.93 27.95
CA LEU A 155 0.30 29.87 28.24
C LEU A 155 1.67 29.27 28.01
N GLY A 156 1.80 27.95 28.09
CA GLY A 156 3.06 27.31 27.77
C GLY A 156 3.34 27.32 26.28
N LYS A 157 2.35 26.91 25.48
CA LYS A 157 2.55 26.83 24.04
C LYS A 157 2.71 28.22 23.42
N GLY A 158 1.98 29.21 23.94
CA GLY A 158 2.04 30.53 23.36
C GLY A 158 3.37 31.22 23.57
N LEU A 159 4.06 30.92 24.67
CA LEU A 159 5.34 31.56 24.93
C LEU A 159 6.44 30.99 24.05
N ILE A 160 6.31 29.73 23.65
CA ILE A 160 7.33 29.09 22.82
C ILE A 160 7.20 29.53 21.38
N LYS A 161 6.00 29.43 20.83
CA LYS A 161 5.79 29.77 19.43
C LYS A 161 5.95 31.26 19.18
N ALA A 162 5.92 32.09 20.22
CA ALA A 162 6.33 33.48 20.08
C ALA A 162 7.84 33.61 19.92
N ALA A 163 8.59 32.73 20.57
CA ALA A 163 10.04 32.87 20.63
C ALA A 163 10.77 32.12 19.53
N VAL A 164 10.26 30.95 19.13
CA VAL A 164 10.96 30.15 18.12
C VAL A 164 10.68 30.69 16.73
N THR A 165 9.54 31.34 16.52
CA THR A 165 9.20 31.90 15.22
C THR A 165 9.75 33.31 15.02
N THR A 166 10.24 33.94 16.09
CA THR A 166 10.85 35.26 16.02
C THR A 166 12.32 35.26 16.40
N GLY A 167 12.84 34.21 17.01
CA GLY A 167 14.20 34.22 17.50
C GLY A 167 14.36 35.22 18.61
N ALA A 168 13.70 34.95 19.74
CA ALA A 168 13.57 35.91 20.83
C ALA A 168 14.45 35.53 22.02
N TRP A 169 14.82 36.55 22.78
CA TRP A 169 15.31 36.38 24.14
C TRP A 169 14.14 36.46 25.11
N ILE A 170 14.17 35.61 26.13
CA ILE A 170 13.22 35.66 27.23
C ILE A 170 14.02 36.01 28.48
N LEU A 171 13.77 37.19 29.03
CA LEU A 171 14.40 37.61 30.28
C LEU A 171 13.52 37.18 31.45
N THR A 172 14.08 36.37 32.34
CA THR A 172 13.41 35.86 33.53
C THR A 172 14.13 36.35 34.77
N GLY A 173 13.63 35.91 35.93
CA GLY A 173 14.34 36.12 37.18
C GLY A 173 15.49 35.17 37.41
N GLY A 174 15.54 34.07 36.66
CA GLY A 174 16.63 33.13 36.78
C GLY A 174 16.37 32.06 37.81
N VAL A 175 16.23 32.49 39.06
CA VAL A 175 16.00 31.55 40.15
C VAL A 175 14.67 30.82 39.97
N ASN A 176 14.59 29.64 40.57
CA ASN A 176 13.47 28.74 40.34
C ASN A 176 12.19 29.17 41.04
N THR A 177 12.21 30.22 41.86
CA THR A 177 10.98 30.66 42.52
C THR A 177 10.13 31.48 41.56
N GLY A 178 8.83 31.25 41.62
CA GLY A 178 7.88 32.08 40.90
C GLY A 178 7.76 31.82 39.42
N VAL A 179 8.29 32.75 38.63
CA VAL A 179 7.99 32.80 37.20
C VAL A 179 8.79 31.76 36.43
N ALA A 180 10.09 31.67 36.70
CA ALA A 180 10.97 30.83 35.89
C ALA A 180 10.63 29.36 36.00
N LYS A 181 9.95 28.94 37.07
CA LYS A 181 9.49 27.56 37.15
C LYS A 181 8.47 27.27 36.06
N HIS A 182 7.62 28.25 35.77
CA HIS A 182 6.57 28.09 34.78
C HIS A 182 7.05 28.41 33.37
N VAL A 183 8.10 29.23 33.25
CA VAL A 183 8.73 29.46 31.95
C VAL A 183 9.46 28.20 31.49
N GLY A 184 10.18 27.56 32.40
CA GLY A 184 10.95 26.38 32.03
C GLY A 184 10.09 25.15 31.80
N ASP A 185 8.98 25.04 32.52
CA ASP A 185 8.09 23.90 32.29
C ASP A 185 7.37 24.03 30.96
N ALA A 186 7.20 25.25 30.48
CA ALA A 186 6.78 25.45 29.09
C ALA A 186 7.85 24.94 28.14
N LEU A 187 9.13 25.11 28.50
CA LEU A 187 10.21 24.57 27.68
C LEU A 187 10.31 23.06 27.80
N LYS A 188 9.85 22.48 28.92
CA LYS A 188 9.90 21.03 29.06
C LYS A 188 8.91 20.36 28.11
N GLU A 189 7.75 20.98 27.90
CA GLU A 189 6.70 20.35 27.12
C GLU A 189 6.99 20.41 25.62
N HIS A 190 7.39 21.58 25.12
CA HIS A 190 7.47 21.83 23.69
C HIS A 190 8.87 22.26 23.26
N ALA A 191 9.90 21.58 23.75
CA ALA A 191 11.28 21.93 23.42
C ALA A 191 11.58 21.78 21.94
N SER A 192 11.57 20.55 21.44
CA SER A 192 11.97 20.22 20.07
C SER A 192 13.33 20.83 19.73
N ARG A 193 14.27 20.67 20.66
CA ARG A 193 15.64 21.21 20.61
C ARG A 193 15.70 22.64 20.09
N SER A 194 14.68 23.44 20.37
CA SER A 194 14.59 24.81 19.89
C SER A 194 15.31 25.79 20.79
N SER A 195 16.19 25.31 21.67
CA SER A 195 17.11 26.20 22.38
C SER A 195 18.14 26.82 21.44
N ARG A 196 18.30 26.29 20.23
CA ARG A 196 19.11 26.94 19.21
C ARG A 196 18.53 28.31 18.87
N LYS A 197 17.21 28.42 18.87
CA LYS A 197 16.51 29.66 18.58
C LYS A 197 16.02 30.37 19.84
N ILE A 198 15.70 29.64 20.89
CA ILE A 198 15.27 30.22 22.15
C ILE A 198 16.51 30.39 23.03
N CYS A 199 16.73 31.62 23.48
CA CYS A 199 17.81 31.96 24.40
C CYS A 199 17.19 32.64 25.62
N THR A 200 16.75 31.83 26.58
CA THR A 200 16.23 32.37 27.84
C THR A 200 17.41 32.81 28.71
N ILE A 201 17.41 34.07 29.10
CA ILE A 201 18.48 34.67 29.90
C ILE A 201 17.90 34.95 31.27
N GLY A 202 18.38 34.25 32.29
CA GLY A 202 17.97 34.51 33.66
C GLY A 202 18.88 35.51 34.32
N ILE A 203 18.33 36.61 34.80
CA ILE A 203 19.06 37.58 35.59
C ILE A 203 18.61 37.38 37.03
N ALA A 204 19.46 36.75 37.81
CA ALA A 204 19.25 36.50 39.22
C ALA A 204 20.29 37.29 40.00
N PRO A 205 20.20 37.35 41.32
CA PRO A 205 21.32 37.81 42.12
C PRO A 205 22.28 36.68 42.44
N TRP A 206 23.46 37.08 42.92
CA TRP A 206 24.45 36.19 43.51
C TRP A 206 24.19 35.99 45.02
N GLY A 207 22.98 36.28 45.46
CA GLY A 207 22.59 36.35 46.86
C GLY A 207 21.85 35.08 47.24
N VAL A 208 20.53 35.10 47.12
CA VAL A 208 19.66 34.01 47.57
C VAL A 208 19.90 32.68 46.84
N ILE A 209 20.81 32.65 45.87
CA ILE A 209 21.10 31.42 45.16
C ILE A 209 21.91 30.48 46.03
N GLU A 210 21.55 29.20 45.99
CA GLU A 210 22.30 28.16 46.68
C GLU A 210 23.56 27.77 45.90
N ASN A 211 24.51 27.20 46.62
CA ASN A 211 25.73 26.64 46.05
C ASN A 211 26.49 27.69 45.24
N ARG A 212 26.55 28.91 45.77
CA ARG A 212 27.30 29.96 45.11
C ARG A 212 28.79 29.73 45.20
N ASN A 213 29.26 29.15 46.31
CA ASN A 213 30.68 28.88 46.47
C ASN A 213 31.14 27.72 45.60
N ASP A 214 30.22 26.87 45.14
CA ASP A 214 30.55 25.80 44.20
C ASP A 214 30.76 26.34 42.79
N LEU A 215 30.20 27.50 42.48
CA LEU A 215 30.38 28.14 41.19
C LEU A 215 31.65 28.99 41.13
N VAL A 216 32.41 29.04 42.22
CA VAL A 216 33.67 29.78 42.27
C VAL A 216 34.68 29.09 41.36
N GLY A 217 35.19 29.82 40.38
CA GLY A 217 36.20 29.29 39.49
C GLY A 217 36.38 30.04 38.18
N ARG A 218 37.64 30.17 37.76
CA ARG A 218 37.97 30.78 36.48
C ARG A 218 37.97 29.71 35.40
N ASP A 219 37.02 29.81 34.46
CA ASP A 219 36.91 28.86 33.36
C ASP A 219 36.73 27.43 33.89
N VAL A 220 35.62 27.22 34.58
CA VAL A 220 35.32 25.97 35.26
C VAL A 220 33.94 25.49 34.81
N VAL A 221 33.91 24.28 34.24
CA VAL A 221 32.65 23.60 33.95
C VAL A 221 32.18 22.96 35.24
N ALA A 222 31.39 23.70 36.01
CA ALA A 222 31.00 23.25 37.35
C ALA A 222 29.71 22.44 37.30
N PRO A 223 29.59 21.30 38.00
CA PRO A 223 28.29 20.65 38.12
C PRO A 223 27.41 21.33 39.16
N TYR A 224 26.10 21.24 38.93
CA TYR A 224 25.11 21.91 39.78
C TYR A 224 23.88 21.04 39.94
N GLN A 225 23.49 20.80 41.19
CA GLN A 225 22.40 19.89 41.52
C GLN A 225 21.07 20.62 41.55
N THR A 226 19.99 19.86 41.35
CA THR A 226 18.63 20.39 41.32
C THR A 226 17.74 19.71 42.36
N LEU A 227 18.34 19.26 43.46
CA LEU A 227 17.59 18.56 44.50
C LEU A 227 16.93 19.57 45.43
N LEU A 228 15.63 19.37 45.68
CA LEU A 228 14.89 20.25 46.59
C LEU A 228 15.39 20.04 48.02
N ASN A 229 16.16 20.99 48.52
CA ASN A 229 16.75 20.86 49.84
C ASN A 229 15.64 21.01 50.90
N PRO A 230 15.41 20.01 51.76
CA PRO A 230 14.26 20.13 52.68
C PRO A 230 14.44 21.21 53.74
N LEU A 231 15.57 21.22 54.44
CA LEU A 231 15.75 22.19 55.53
C LEU A 231 15.84 23.61 55.01
N SER A 232 16.30 23.80 53.78
CA SER A 232 16.53 25.13 53.26
C SER A 232 15.23 25.75 52.75
N LYS A 233 15.30 27.04 52.51
CA LYS A 233 14.23 27.84 51.95
C LYS A 233 14.70 28.67 50.76
N LEU A 234 15.99 28.64 50.45
CA LEU A 234 16.55 29.45 49.39
C LEU A 234 16.19 28.84 48.04
N ASN A 235 16.60 29.52 46.97
CA ASN A 235 16.16 29.22 45.62
C ASN A 235 17.33 28.68 44.80
N VAL A 236 17.00 27.79 43.86
CA VAL A 236 17.97 27.24 42.93
C VAL A 236 17.74 27.87 41.56
N LEU A 237 18.70 27.69 40.65
CA LEU A 237 18.51 28.10 39.28
C LEU A 237 17.64 27.08 38.55
N ASN A 238 17.00 27.55 37.48
CA ASN A 238 16.14 26.71 36.66
C ASN A 238 17.00 26.01 35.61
N ASN A 239 16.75 24.71 35.42
CA ASN A 239 17.65 23.92 34.58
C ASN A 239 17.55 24.32 33.11
N LEU A 240 16.37 24.71 32.65
CA LEU A 240 16.16 25.05 31.24
C LEU A 240 16.30 26.55 31.02
N HIS A 241 17.44 27.07 31.44
CA HIS A 241 17.94 28.34 30.94
C HIS A 241 19.22 28.07 30.18
N SER A 242 19.72 29.11 29.51
CA SER A 242 20.92 29.02 28.70
C SER A 242 22.01 29.98 29.15
N HIS A 243 21.65 31.08 29.82
CA HIS A 243 22.61 32.09 30.24
C HIS A 243 22.13 32.71 31.54
N PHE A 244 23.09 33.01 32.42
CA PHE A 244 22.80 33.55 33.74
C PHE A 244 23.63 34.81 33.97
N ILE A 245 22.97 35.86 34.48
CA ILE A 245 23.63 37.09 34.87
C ILE A 245 23.36 37.27 36.36
N LEU A 246 24.44 37.42 37.14
CA LEU A 246 24.40 37.35 38.59
C LEU A 246 25.02 38.61 39.16
N VAL A 247 24.21 39.39 39.88
CA VAL A 247 24.59 40.71 40.40
C VAL A 247 24.55 40.65 41.92
N ASP A 248 25.63 41.12 42.56
CA ASP A 248 25.73 41.16 44.02
C ASP A 248 25.89 42.61 44.46
N ASP A 249 25.01 43.07 45.35
CA ASP A 249 25.21 44.37 45.99
C ASP A 249 25.89 44.19 47.35
N GLY A 250 25.20 43.58 48.32
CA GLY A 250 25.85 43.13 49.54
C GLY A 250 26.30 41.69 49.55
N THR A 251 25.34 40.78 49.66
CA THR A 251 25.64 39.37 49.92
C THR A 251 24.35 38.56 49.84
N VAL A 252 24.42 37.30 50.30
CA VAL A 252 23.25 36.45 50.45
C VAL A 252 22.19 37.18 51.29
N GLY A 253 20.94 37.05 50.86
CA GLY A 253 19.93 38.00 51.28
C GLY A 253 20.04 39.25 50.42
N LYS A 254 19.46 40.34 50.92
CA LYS A 254 19.48 41.62 50.21
C LYS A 254 18.89 41.46 48.80
N TYR A 255 17.61 41.11 48.78
CA TYR A 255 16.95 40.70 47.55
C TYR A 255 16.52 41.93 46.72
N GLY A 256 17.50 42.73 46.36
CA GLY A 256 17.42 43.49 45.12
C GLY A 256 18.72 44.18 44.80
N ALA A 257 19.29 43.81 43.66
CA ALA A 257 20.32 44.60 42.97
C ALA A 257 20.13 44.62 41.46
N GLU A 258 19.38 43.68 40.90
CA GLU A 258 19.30 43.46 39.46
C GLU A 258 18.14 44.22 38.81
N VAL A 259 17.23 44.77 39.60
CA VAL A 259 16.05 45.44 39.07
C VAL A 259 16.45 46.62 38.19
N ARG A 260 17.54 47.30 38.54
CA ARG A 260 18.04 48.37 37.70
C ARG A 260 18.79 47.82 36.50
N LEU A 261 19.63 46.80 36.71
CA LEU A 261 20.52 46.35 35.64
C LEU A 261 19.77 45.57 34.57
N ARG A 262 18.80 44.76 34.96
CA ARG A 262 17.95 44.11 33.98
C ARG A 262 17.19 45.13 33.15
N ARG A 263 16.71 46.19 33.79
CA ARG A 263 15.97 47.22 33.09
C ARG A 263 16.90 48.01 32.15
N GLU A 264 18.13 48.27 32.58
CA GLU A 264 19.08 48.96 31.71
C GLU A 264 19.53 48.07 30.56
N LEU A 265 19.42 46.75 30.69
CA LEU A 265 19.69 45.87 29.56
C LEU A 265 18.63 46.02 28.49
N GLU A 266 17.38 46.21 28.89
CA GLU A 266 16.30 46.41 27.93
C GLU A 266 16.50 47.72 27.15
N LYS A 267 17.11 48.72 27.77
CA LYS A 267 17.39 49.96 27.06
C LYS A 267 18.43 49.76 25.97
N THR A 268 19.42 48.89 26.20
CA THR A 268 20.49 48.73 25.24
C THR A 268 20.04 47.97 24.01
N ILE A 269 19.16 46.98 24.18
CA ILE A 269 18.69 46.19 23.04
C ILE A 269 17.79 47.05 22.15
N ASN A 270 16.93 47.86 22.76
CA ASN A 270 16.00 48.70 22.01
C ASN A 270 16.70 49.84 21.29
N GLN A 271 17.96 50.12 21.61
CA GLN A 271 18.77 51.08 20.85
C GLN A 271 19.54 50.43 19.72
N GLN A 272 19.57 49.10 19.64
CA GLN A 272 20.22 48.39 18.56
C GLN A 272 19.26 48.16 17.41
N ARG A 273 19.81 48.18 16.19
CA ARG A 273 19.00 47.96 15.01
C ARG A 273 18.64 46.49 14.88
N ILE A 274 17.37 46.24 14.56
CA ILE A 274 16.88 44.87 14.44
C ILE A 274 17.46 44.16 13.23
N HIS A 275 17.93 44.89 12.23
CA HIS A 275 18.46 44.31 11.02
C HIS A 275 19.24 45.41 10.30
N ALA A 276 20.16 45.00 9.43
CA ALA A 276 21.03 45.93 8.72
C ALA A 276 20.35 46.63 7.54
N ARG A 277 19.02 46.53 7.44
CA ARG A 277 18.23 47.23 6.45
C ARG A 277 17.06 47.97 7.06
N ILE A 278 16.77 47.75 8.34
CA ILE A 278 15.58 48.25 9.01
C ILE A 278 16.03 49.25 10.07
N GLY A 279 15.49 50.46 10.00
CA GLY A 279 15.85 51.48 10.97
C GLY A 279 15.18 51.33 12.31
N GLN A 280 14.08 50.57 12.36
CA GLN A 280 13.36 50.34 13.59
C GLN A 280 14.22 49.54 14.56
N GLY A 281 14.08 49.85 15.85
CA GLY A 281 14.83 49.15 16.88
C GLY A 281 14.14 47.89 17.34
N VAL A 282 14.89 47.08 18.09
CA VAL A 282 14.38 45.80 18.58
C VAL A 282 13.25 46.08 19.56
N PRO A 283 12.04 45.53 19.38
CA PRO A 283 10.98 45.80 20.35
C PRO A 283 11.15 44.95 21.61
N VAL A 284 10.68 45.50 22.71
CA VAL A 284 10.67 44.83 24.00
C VAL A 284 9.23 44.77 24.48
N VAL A 285 8.80 43.60 24.92
CA VAL A 285 7.47 43.38 25.46
C VAL A 285 7.62 42.90 26.90
N ALA A 286 6.55 43.08 27.68
CA ALA A 286 6.50 42.63 29.07
C ALA A 286 5.29 41.73 29.25
N LEU A 287 5.55 40.47 29.57
CA LEU A 287 4.51 39.49 29.86
C LEU A 287 4.35 39.38 31.36
N ILE A 288 3.11 39.34 31.82
CA ILE A 288 2.78 39.41 33.24
C ILE A 288 2.02 38.15 33.62
N PHE A 289 2.67 37.28 34.38
CA PHE A 289 2.01 36.19 35.07
C PHE A 289 1.62 36.67 36.47
N GLU A 290 1.19 35.73 37.32
CA GLU A 290 0.87 35.96 38.73
C GLU A 290 1.89 36.86 39.41
N GLY A 291 1.44 38.02 39.88
CA GLY A 291 2.31 39.14 40.17
C GLY A 291 2.52 39.44 41.65
N GLY A 292 2.59 40.72 42.01
CA GLY A 292 2.87 41.08 43.39
C GLY A 292 2.84 42.58 43.63
N PRO A 293 3.24 43.00 44.84
CA PRO A 293 3.21 44.44 45.14
C PRO A 293 4.29 45.22 44.41
N ASN A 294 5.50 44.67 44.29
CA ASN A 294 6.55 45.32 43.53
C ASN A 294 6.35 45.20 42.03
N VAL A 295 5.45 44.31 41.59
CA VAL A 295 5.17 44.17 40.18
C VAL A 295 4.46 45.40 39.64
N ILE A 296 3.57 45.98 40.46
CA ILE A 296 2.74 47.10 40.01
C ILE A 296 3.60 48.34 39.77
N LEU A 297 4.66 48.52 40.55
CA LEU A 297 5.60 49.60 40.29
C LEU A 297 6.44 49.33 39.05
N THR A 298 6.59 48.06 38.66
CA THR A 298 7.35 47.73 37.47
C THR A 298 6.50 47.92 36.21
N VAL A 299 5.22 47.55 36.26
CA VAL A 299 4.34 47.74 35.12
C VAL A 299 4.18 49.22 34.80
N LEU A 300 4.02 50.05 35.82
CA LEU A 300 3.82 51.47 35.62
C LEU A 300 5.11 52.15 35.16
N GLU A 301 6.26 51.62 35.55
CA GLU A 301 7.53 52.19 35.13
C GLU A 301 7.79 51.94 33.65
N TYR A 302 7.22 50.88 33.09
CA TYR A 302 7.35 50.62 31.66
C TYR A 302 6.54 51.63 30.85
N LEU A 303 5.31 51.89 31.28
CA LEU A 303 4.42 52.75 30.51
C LEU A 303 4.84 54.20 30.57
N GLN A 304 5.48 54.62 31.65
CA GLN A 304 5.95 56.00 31.81
C GLN A 304 7.42 56.04 31.41
N GLU A 305 7.65 56.06 30.11
CA GLU A 305 9.00 56.07 29.56
C GLU A 305 8.93 56.38 28.08
N SER A 306 9.98 57.04 27.59
CA SER A 306 10.20 57.22 26.16
C SER A 306 11.36 56.31 25.74
N PRO A 307 11.15 55.26 24.93
CA PRO A 307 9.92 54.78 24.27
C PRO A 307 8.96 54.02 25.22
N PRO A 308 7.63 54.13 25.02
CA PRO A 308 6.71 53.38 25.88
C PRO A 308 6.66 51.87 25.62
N VAL A 309 7.51 51.13 26.32
CA VAL A 309 7.49 49.67 26.29
C VAL A 309 6.08 49.17 26.62
N PRO A 310 5.45 48.34 25.80
CA PRO A 310 4.11 47.83 26.16
C PRO A 310 4.17 46.68 27.15
N VAL A 311 2.98 46.27 27.58
CA VAL A 311 2.80 45.26 28.61
C VAL A 311 1.67 44.33 28.16
N VAL A 312 1.91 43.03 28.26
CA VAL A 312 0.90 42.00 28.04
C VAL A 312 0.58 41.40 29.40
N VAL A 313 -0.70 41.35 29.74
CA VAL A 313 -1.17 40.84 31.02
C VAL A 313 -2.01 39.61 30.77
N CYS A 314 -1.76 38.56 31.54
CA CYS A 314 -2.55 37.35 31.49
C CYS A 314 -3.61 37.37 32.59
N GLU A 315 -4.52 36.41 32.52
CA GLU A 315 -5.50 36.20 33.58
C GLU A 315 -5.65 34.69 33.79
N GLY A 316 -6.44 34.34 34.80
CA GLY A 316 -6.68 32.95 35.14
C GLY A 316 -5.76 32.42 36.22
N THR A 317 -4.57 33.02 36.39
CA THR A 317 -3.66 32.59 37.45
C THR A 317 -4.19 33.01 38.81
N GLY A 318 -4.37 34.32 38.98
CA GLY A 318 -5.04 34.89 40.13
C GLY A 318 -4.08 35.50 41.13
N ARG A 319 -3.78 36.78 40.91
CA ARG A 319 -3.06 37.67 41.80
C ARG A 319 -3.16 39.02 41.10
N ALA A 320 -2.35 40.01 41.49
CA ALA A 320 -2.18 41.26 40.75
C ALA A 320 -2.25 41.14 39.23
N ALA A 321 -1.81 40.02 38.64
CA ALA A 321 -2.11 39.76 37.24
C ALA A 321 -3.60 39.85 36.98
N ASP A 322 -4.39 39.20 37.83
CA ASP A 322 -5.83 39.22 37.67
C ASP A 322 -6.44 40.53 38.14
N LEU A 323 -5.72 41.30 38.97
CA LEU A 323 -6.19 42.65 39.26
C LEU A 323 -6.11 43.52 38.01
N LEU A 324 -4.99 43.46 37.29
CA LEU A 324 -4.87 44.22 36.05
C LEU A 324 -5.88 43.73 35.01
N ALA A 325 -6.30 42.46 35.11
CA ALA A 325 -7.36 41.97 34.24
C ALA A 325 -8.71 42.56 34.62
N TYR A 326 -8.99 42.66 35.92
CA TYR A 326 -10.29 43.14 36.38
C TYR A 326 -10.40 44.65 36.25
N ILE A 327 -9.33 45.36 36.62
CA ILE A 327 -9.36 46.81 36.58
C ILE A 327 -9.44 47.30 35.14
N HIS A 328 -8.72 46.65 34.23
CA HIS A 328 -8.77 47.01 32.82
C HIS A 328 -10.11 46.65 32.18
N LYS A 329 -10.83 45.68 32.76
CA LYS A 329 -12.06 45.19 32.14
C LYS A 329 -13.22 46.16 32.32
N GLN A 330 -13.45 46.61 33.55
CA GLN A 330 -14.60 47.47 33.83
C GLN A 330 -14.29 48.93 33.54
N THR A 331 -13.77 49.20 32.35
CA THR A 331 -13.29 50.55 32.03
C THR A 331 -13.37 50.73 30.52
N GLU A 332 -13.98 51.82 30.09
CA GLU A 332 -14.06 52.18 28.68
C GLU A 332 -12.80 52.94 28.31
N GLU A 333 -12.82 53.70 27.21
CA GLU A 333 -11.66 54.47 26.80
C GLU A 333 -11.27 55.49 27.89
N GLY A 334 -10.19 56.22 27.63
CA GLY A 334 -9.38 56.77 28.70
C GLY A 334 -10.00 57.87 29.55
N GLY A 335 -11.12 57.53 30.22
CA GLY A 335 -11.67 58.36 31.27
C GLY A 335 -11.40 57.79 32.65
N ASN A 336 -11.89 58.50 33.66
CA ASN A 336 -11.52 58.19 35.04
C ASN A 336 -12.00 56.83 35.52
N LEU A 337 -13.30 56.65 35.68
CA LEU A 337 -13.82 55.49 36.40
C LEU A 337 -15.21 55.15 35.88
N PRO A 338 -15.69 53.91 36.16
CA PRO A 338 -17.14 53.65 36.15
C PRO A 338 -17.80 54.21 37.41
N ASP A 339 -19.06 53.87 37.65
CA ASP A 339 -19.76 54.24 38.89
C ASP A 339 -18.90 53.95 40.11
N ALA A 340 -19.14 54.71 41.18
CA ALA A 340 -18.22 54.73 42.32
C ALA A 340 -18.28 53.41 43.09
N ALA A 341 -17.35 52.50 42.76
CA ALA A 341 -17.21 51.20 43.42
C ALA A 341 -15.82 51.05 44.01
N GLU A 342 -15.24 52.15 44.49
CA GLU A 342 -13.92 52.07 45.13
C GLU A 342 -13.91 51.17 46.37
N PRO A 343 -14.94 51.14 47.22
CA PRO A 343 -14.94 50.12 48.29
C PRO A 343 -14.92 48.70 47.76
N ASP A 344 -15.29 48.46 46.50
CA ASP A 344 -15.16 47.15 45.89
C ASP A 344 -13.79 46.94 45.26
N ILE A 345 -13.09 48.02 44.91
CA ILE A 345 -11.75 47.90 44.33
C ILE A 345 -10.72 47.73 45.43
N ILE A 346 -10.67 48.68 46.38
CA ILE A 346 -9.64 48.65 47.41
C ILE A 346 -9.82 47.44 48.31
N SER A 347 -11.05 46.94 48.44
CA SER A 347 -11.25 45.67 49.14
C SER A 347 -10.60 44.53 48.38
N THR A 348 -10.68 44.55 47.06
CA THR A 348 -10.07 43.49 46.25
C THR A 348 -8.55 43.62 46.25
N ILE A 349 -8.01 44.83 46.46
CA ILE A 349 -6.57 45.01 46.54
C ILE A 349 -6.03 44.39 47.83
N LYS A 350 -6.76 44.55 48.94
CA LYS A 350 -6.25 44.10 50.24
C LYS A 350 -6.49 42.62 50.52
N LYS A 351 -7.26 41.91 49.67
CA LYS A 351 -7.35 40.46 49.82
C LYS A 351 -6.13 39.75 49.25
N THR A 352 -5.42 40.38 48.32
CA THR A 352 -4.16 39.81 47.82
C THR A 352 -3.08 39.88 48.89
N PHE A 353 -2.76 41.08 49.35
CA PHE A 353 -1.85 41.30 50.46
C PHE A 353 -2.50 42.28 51.43
N ASN A 354 -2.34 42.04 52.72
CA ASN A 354 -2.99 42.84 53.76
C ASN A 354 -2.35 44.21 53.81
N PHE A 355 -3.00 45.19 53.19
CA PHE A 355 -2.60 46.60 53.24
C PHE A 355 -3.43 47.39 54.24
N GLY A 356 -4.75 47.34 54.11
CA GLY A 356 -5.64 47.84 55.13
C GLY A 356 -6.10 49.28 54.99
N GLN A 357 -6.58 49.65 53.81
CA GLN A 357 -7.29 50.92 53.56
C GLN A 357 -6.38 52.15 53.61
N SER A 358 -5.11 52.02 54.00
CA SER A 358 -4.23 53.16 54.20
C SER A 358 -3.25 53.30 53.04
N GLU A 359 -2.49 52.26 52.74
CA GLU A 359 -1.67 52.20 51.53
C GLU A 359 -2.28 51.32 50.44
N ALA A 360 -3.41 50.67 50.70
CA ALA A 360 -4.18 50.10 49.61
C ALA A 360 -4.72 51.20 48.71
N VAL A 361 -4.97 52.37 49.29
CA VAL A 361 -5.25 53.57 48.48
C VAL A 361 -4.02 53.95 47.66
N HIS A 362 -2.83 53.76 48.21
CA HIS A 362 -1.61 54.08 47.47
C HIS A 362 -1.44 53.17 46.26
N LEU A 363 -1.97 51.94 46.32
CA LEU A 363 -1.97 51.08 45.14
C LEU A 363 -2.97 51.58 44.10
N PHE A 364 -4.04 52.24 44.53
CA PHE A 364 -5.10 52.65 43.61
C PHE A 364 -4.66 53.79 42.71
N GLN A 365 -3.73 54.65 43.15
CA GLN A 365 -3.18 55.64 42.23
C GLN A 365 -2.31 54.98 41.17
N THR A 366 -1.77 53.79 41.43
CA THR A 366 -1.08 53.03 40.40
C THR A 366 -2.04 52.26 39.52
N MET A 367 -3.18 51.83 40.07
CA MET A 367 -4.19 51.14 39.28
C MET A 367 -4.96 52.11 38.39
N MET A 368 -5.00 53.40 38.72
CA MET A 368 -5.67 54.37 37.86
C MET A 368 -4.77 54.89 36.76
N GLU A 369 -3.45 54.70 36.87
CA GLU A 369 -2.54 54.99 35.77
C GLU A 369 -2.29 53.77 34.89
N CYS A 370 -2.73 52.58 35.31
CA CYS A 370 -2.63 51.39 34.48
C CYS A 370 -3.94 51.06 33.75
N MET A 371 -5.05 51.61 34.20
CA MET A 371 -6.26 51.67 33.38
C MET A 371 -6.23 52.81 32.38
N LYS A 372 -5.24 53.70 32.49
CA LYS A 372 -5.22 54.93 31.72
C LYS A 372 -4.72 54.69 30.30
N LYS A 373 -3.71 53.84 30.16
CA LYS A 373 -3.00 53.60 28.91
C LYS A 373 -3.41 52.27 28.28
N LYS A 374 -4.71 51.97 28.30
CA LYS A 374 -5.31 50.74 27.80
C LYS A 374 -4.76 50.27 26.46
N GLU A 375 -4.37 51.21 25.59
CA GLU A 375 -3.88 50.83 24.27
C GLU A 375 -2.59 50.03 24.36
N LEU A 376 -1.80 50.24 25.41
CA LEU A 376 -0.55 49.52 25.62
C LEU A 376 -0.72 48.31 26.54
N ILE A 377 -1.95 47.99 26.94
CA ILE A 377 -2.26 46.86 27.80
C ILE A 377 -3.09 45.88 27.00
N THR A 378 -2.65 44.62 26.97
CA THR A 378 -3.33 43.56 26.24
C THR A 378 -3.66 42.44 27.22
N VAL A 379 -4.93 42.28 27.52
CA VAL A 379 -5.41 41.22 28.39
C VAL A 379 -5.81 40.04 27.53
N PHE A 380 -5.47 38.83 27.99
CA PHE A 380 -5.72 37.60 27.24
C PHE A 380 -6.77 36.78 27.97
N HIS A 381 -8.03 36.95 27.59
CA HIS A 381 -9.13 36.25 28.23
C HIS A 381 -9.15 34.79 27.78
N ILE A 382 -9.00 33.88 28.73
CA ILE A 382 -8.94 32.44 28.47
C ILE A 382 -10.30 31.85 28.77
N GLY A 383 -10.84 31.11 27.80
CA GLY A 383 -12.14 30.49 27.92
C GLY A 383 -13.08 30.85 26.79
N SER A 384 -12.64 31.76 25.90
CA SER A 384 -13.42 32.14 24.73
C SER A 384 -12.52 32.24 23.50
N GLU A 385 -11.43 31.46 23.48
CA GLU A 385 -10.37 31.49 22.47
C GLU A 385 -10.06 32.92 22.00
N ASP A 386 -10.01 33.84 22.95
CA ASP A 386 -9.95 35.27 22.62
C ASP A 386 -8.57 35.62 22.12
N HIS A 387 -8.49 36.04 20.86
CA HIS A 387 -7.29 36.52 20.21
C HIS A 387 -6.27 35.40 19.98
N GLN A 388 -6.66 34.13 20.17
CA GLN A 388 -6.00 33.02 19.49
C GLN A 388 -4.51 32.86 19.77
N ASP A 389 -4.14 32.25 20.90
CA ASP A 389 -2.75 31.83 21.09
C ASP A 389 -1.80 33.00 21.26
N ILE A 390 -1.54 33.35 22.52
CA ILE A 390 -0.84 34.53 23.02
C ILE A 390 0.34 34.97 22.16
N ASP A 391 0.99 34.06 21.43
CA ASP A 391 2.07 34.47 20.53
C ASP A 391 1.56 35.48 19.51
N VAL A 392 0.31 35.34 19.08
CA VAL A 392 -0.34 36.40 18.30
C VAL A 392 -0.46 37.66 19.13
N ALA A 393 -0.87 37.50 20.39
CA ALA A 393 -1.17 38.66 21.23
C ALA A 393 0.08 39.34 21.75
N ILE A 394 1.18 38.60 21.91
CA ILE A 394 2.45 39.25 22.23
C ILE A 394 2.89 40.13 21.07
N LEU A 395 2.85 39.58 19.87
CA LEU A 395 3.35 40.27 18.69
C LEU A 395 2.36 41.32 18.21
N THR A 396 1.07 41.14 18.47
CA THR A 396 0.09 42.17 18.14
C THR A 396 0.22 43.37 19.07
N ALA A 397 0.64 43.14 20.32
CA ALA A 397 0.74 44.22 21.29
C ALA A 397 1.85 45.20 20.95
N LEU A 398 2.82 44.78 20.15
CA LEU A 398 3.87 45.67 19.69
C LEU A 398 3.45 46.50 18.48
N LEU A 399 2.18 46.38 18.06
CA LEU A 399 1.65 47.09 16.90
C LEU A 399 0.52 48.03 17.25
N LYS A 400 -0.22 47.78 18.33
CA LYS A 400 -1.38 48.60 18.67
C LYS A 400 -0.95 49.93 19.26
N GLY A 401 -0.13 49.89 20.31
CA GLY A 401 0.35 51.11 20.94
C GLY A 401 1.53 51.69 20.20
N THR A 402 2.21 52.63 20.88
CA THR A 402 3.40 53.34 20.40
C THR A 402 3.25 53.77 18.95
N ASN A 403 2.28 54.67 18.72
CA ASN A 403 1.77 55.02 17.40
C ASN A 403 2.85 55.24 16.35
N ALA A 404 2.85 54.40 15.33
CA ALA A 404 3.83 54.46 14.26
C ALA A 404 3.14 54.08 12.96
N SER A 405 3.87 54.22 11.86
CA SER A 405 3.30 53.97 10.55
C SER A 405 2.98 52.49 10.38
N ALA A 406 2.06 52.22 9.45
CA ALA A 406 1.82 50.85 9.05
C ALA A 406 3.02 50.26 8.33
N PHE A 407 3.81 51.11 7.67
CA PHE A 407 5.11 50.69 7.18
C PHE A 407 5.97 50.18 8.33
N ASP A 408 5.94 50.88 9.46
CA ASP A 408 6.69 50.43 10.61
C ASP A 408 6.10 49.17 11.21
N GLN A 409 4.78 48.99 11.07
CA GLN A 409 4.15 47.76 11.51
C GLN A 409 4.47 46.59 10.58
N LEU A 410 4.61 46.86 9.28
CA LEU A 410 4.79 45.80 8.31
C LEU A 410 6.23 45.32 8.28
N ILE A 411 7.18 46.25 8.28
CA ILE A 411 8.59 45.88 8.25
C ILE A 411 9.00 45.19 9.53
N LEU A 412 8.28 45.46 10.63
CA LEU A 412 8.57 44.72 11.86
C LEU A 412 8.18 43.26 11.71
N THR A 413 7.02 42.98 11.11
CA THR A 413 6.63 41.62 10.82
C THR A 413 7.55 40.98 9.78
N LEU A 414 8.16 41.80 8.92
CA LEU A 414 9.05 41.26 7.90
C LEU A 414 10.32 40.70 8.52
N ALA A 415 10.82 41.33 9.57
CA ALA A 415 11.99 40.81 10.25
C ALA A 415 11.66 39.56 11.05
N TRP A 416 10.47 39.49 11.61
CA TRP A 416 10.04 38.31 12.34
C TRP A 416 9.74 37.13 11.43
N ASP A 417 9.56 37.38 10.14
CA ASP A 417 9.17 36.34 9.18
C ASP A 417 7.83 35.70 9.60
N ARG A 418 6.85 36.57 9.79
CA ARG A 418 5.50 36.19 10.22
C ARG A 418 4.49 36.86 9.30
N VAL A 419 3.86 36.06 8.43
CA VAL A 419 2.87 36.61 7.50
C VAL A 419 1.48 36.62 8.12
N ASP A 420 1.17 35.64 8.97
CA ASP A 420 -0.18 35.56 9.52
C ASP A 420 -0.47 36.71 10.48
N ILE A 421 0.55 37.33 11.07
CA ILE A 421 0.33 38.58 11.78
C ILE A 421 0.17 39.73 10.78
N ALA A 422 0.96 39.70 9.71
CA ALA A 422 0.91 40.79 8.74
C ALA A 422 -0.36 40.74 7.92
N LYS A 423 -0.85 39.55 7.60
CA LYS A 423 -2.05 39.45 6.78
C LYS A 423 -3.29 39.82 7.57
N ASN A 424 -3.37 39.39 8.83
CA ASN A 424 -4.58 39.49 9.62
C ASN A 424 -4.61 40.70 10.56
N HIS A 425 -3.49 41.42 10.71
CA HIS A 425 -3.44 42.55 11.63
C HIS A 425 -2.72 43.77 11.09
N VAL A 426 -2.10 43.70 9.92
CA VAL A 426 -1.58 44.86 9.22
C VAL A 426 -2.38 45.17 7.96
N PHE A 427 -2.69 44.12 7.19
CA PHE A 427 -3.54 44.26 6.01
C PHE A 427 -5.00 43.97 6.39
N VAL A 428 -5.50 44.81 7.29
CA VAL A 428 -6.89 44.80 7.68
C VAL A 428 -7.59 45.87 6.85
N TYR A 429 -8.92 45.82 6.84
CA TYR A 429 -9.65 46.84 6.11
C TYR A 429 -9.58 48.16 6.85
N GLY A 430 -9.36 49.24 6.11
CA GLY A 430 -9.31 50.59 6.67
C GLY A 430 -7.92 51.16 6.79
N GLN A 431 -6.89 50.33 6.63
CA GLN A 431 -5.52 50.81 6.77
C GLN A 431 -5.10 51.59 5.54
N GLN A 432 -4.52 52.77 5.77
CA GLN A 432 -4.10 53.66 4.70
C GLN A 432 -2.59 53.57 4.53
N TRP A 433 -2.15 53.51 3.27
CA TRP A 433 -0.74 53.31 2.93
C TRP A 433 -0.18 54.54 2.23
N LEU A 434 1.10 54.80 2.45
CA LEU A 434 1.79 55.85 1.73
C LEU A 434 2.08 55.38 0.30
N VAL A 435 2.62 56.30 -0.50
CA VAL A 435 2.74 56.04 -1.94
C VAL A 435 3.88 55.07 -2.22
N GLY A 436 5.03 55.27 -1.59
CA GLY A 436 6.20 54.45 -1.84
C GLY A 436 6.58 53.52 -0.72
N SER A 437 5.68 53.29 0.25
CA SER A 437 6.01 52.44 1.38
C SER A 437 5.95 50.97 1.01
N LEU A 438 4.89 50.57 0.30
CA LEU A 438 4.76 49.16 -0.08
C LEU A 438 5.83 48.75 -1.07
N GLU A 439 6.35 49.69 -1.86
CA GLU A 439 7.46 49.38 -2.73
C GLU A 439 8.74 49.15 -1.92
N GLN A 440 8.99 50.01 -0.93
CA GLN A 440 10.16 49.81 -0.09
C GLN A 440 10.04 48.51 0.70
N ALA A 441 8.82 48.06 0.99
CA ALA A 441 8.64 46.78 1.64
C ALA A 441 8.98 45.63 0.70
N MET A 442 8.67 45.78 -0.58
CA MET A 442 9.00 44.75 -1.55
C MET A 442 10.50 44.65 -1.75
N LEU A 443 11.18 45.78 -1.83
CA LEU A 443 12.62 45.78 -2.00
C LEU A 443 13.31 45.14 -0.82
N ASP A 444 12.74 45.29 0.37
CA ASP A 444 13.33 44.68 1.55
C ASP A 444 13.04 43.19 1.60
N ALA A 445 11.85 42.79 1.16
CA ALA A 445 11.45 41.39 1.22
C ALA A 445 12.15 40.55 0.16
N LEU A 446 12.49 41.13 -0.98
CA LEU A 446 13.19 40.38 -2.00
C LEU A 446 14.64 40.13 -1.58
N VAL A 447 15.28 41.12 -0.95
CA VAL A 447 16.66 40.96 -0.53
C VAL A 447 16.75 39.98 0.63
N MET A 448 15.85 40.09 1.59
CA MET A 448 15.87 39.26 2.78
C MET A 448 15.38 37.84 2.54
N ASP A 449 15.06 37.48 1.29
CA ASP A 449 14.66 36.12 0.96
C ASP A 449 13.38 35.74 1.68
N ARG A 450 12.44 36.68 1.70
CA ARG A 450 11.14 36.52 2.37
C ARG A 450 10.10 36.29 1.29
N VAL A 451 9.89 35.03 0.95
CA VAL A 451 9.08 34.70 -0.21
C VAL A 451 7.60 34.94 0.08
N SER A 452 7.14 34.55 1.25
CA SER A 452 5.72 34.62 1.56
C SER A 452 5.24 36.04 1.78
N PHE A 453 6.15 37.00 1.95
CA PHE A 453 5.76 38.42 1.97
C PHE A 453 5.71 39.00 0.58
N VAL A 454 6.53 38.50 -0.34
CA VAL A 454 6.39 38.89 -1.75
C VAL A 454 5.03 38.44 -2.26
N LYS A 455 4.60 37.26 -1.85
CA LYS A 455 3.27 36.78 -2.20
C LYS A 455 2.19 37.67 -1.60
N LEU A 456 2.42 38.20 -0.41
CA LEU A 456 1.41 38.99 0.28
C LEU A 456 1.33 40.40 -0.29
N LEU A 457 2.47 40.98 -0.67
CA LEU A 457 2.47 42.34 -1.15
C LEU A 457 1.97 42.44 -2.59
N ILE A 458 2.14 41.38 -3.37
CA ILE A 458 1.58 41.36 -4.72
C ILE A 458 0.06 41.28 -4.66
N GLU A 459 -0.46 40.47 -3.74
CA GLU A 459 -1.91 40.34 -3.61
C GLU A 459 -2.55 41.61 -3.07
N ASN A 460 -1.81 42.42 -2.32
CA ASN A 460 -2.35 43.60 -1.67
C ASN A 460 -2.03 44.88 -2.42
N GLY A 461 -1.58 44.78 -3.67
CA GLY A 461 -1.56 45.93 -4.56
C GLY A 461 -0.25 46.24 -5.26
N VAL A 462 0.86 45.70 -4.76
CA VAL A 462 2.15 46.02 -5.36
C VAL A 462 2.21 45.38 -6.75
N SER A 463 2.47 46.21 -7.75
CA SER A 463 2.72 45.75 -9.11
C SER A 463 4.21 45.72 -9.37
N MET A 464 4.69 44.58 -9.88
CA MET A 464 6.09 44.44 -10.20
C MET A 464 6.49 45.22 -11.44
N HIS A 465 5.51 45.54 -12.30
CA HIS A 465 5.81 46.31 -13.51
C HIS A 465 6.24 47.73 -13.16
N LYS A 466 5.49 48.39 -12.26
CA LYS A 466 5.84 49.72 -11.83
C LYS A 466 6.96 49.72 -10.81
N PHE A 467 7.20 48.59 -10.15
CA PHE A 467 8.18 48.54 -9.08
C PHE A 467 9.60 48.38 -9.60
N LEU A 468 9.82 47.36 -10.42
CA LEU A 468 11.17 46.88 -10.70
C LEU A 468 11.82 47.78 -11.74
N THR A 469 12.57 48.75 -11.24
CA THR A 469 13.30 49.69 -12.08
C THR A 469 14.71 49.17 -12.33
N ILE A 470 15.49 49.94 -13.07
CA ILE A 470 16.86 49.55 -13.37
C ILE A 470 17.71 49.75 -12.12
N PRO A 471 17.70 50.93 -11.48
CA PRO A 471 18.54 51.08 -10.28
C PRO A 471 18.13 50.19 -9.12
N ARG A 472 16.85 49.85 -9.01
CA ARG A 472 16.46 48.94 -7.95
C ARG A 472 16.99 47.54 -8.23
N LEU A 473 16.89 47.08 -9.48
CA LEU A 473 17.42 45.78 -9.86
C LEU A 473 18.94 45.76 -9.90
N GLU A 474 19.59 46.92 -10.03
CA GLU A 474 21.01 46.99 -9.74
C GLU A 474 21.29 46.59 -8.30
N GLU A 475 20.41 46.98 -7.39
CA GLU A 475 20.63 46.73 -5.97
C GLU A 475 20.48 45.25 -5.65
N LEU A 476 19.46 44.61 -6.22
CA LEU A 476 19.15 43.22 -5.88
C LEU A 476 20.34 42.30 -6.11
N TYR A 477 21.19 42.59 -7.10
CA TYR A 477 22.42 41.84 -7.25
C TYR A 477 23.47 42.27 -6.24
N ASN A 478 23.50 43.55 -5.90
CA ASN A 478 24.54 44.11 -5.05
C ASN A 478 24.05 44.23 -3.61
N THR A 479 23.80 43.08 -3.00
CA THR A 479 23.53 42.99 -1.58
C THR A 479 24.32 41.85 -0.98
N LYS A 480 24.91 42.11 0.17
CA LYS A 480 25.41 41.07 1.06
C LYS A 480 24.49 40.88 2.24
N GLN A 481 23.37 41.61 2.30
CA GLN A 481 22.41 41.53 3.40
C GLN A 481 21.34 40.48 3.11
N GLY A 482 21.81 39.28 2.83
CA GLY A 482 20.92 38.17 2.57
C GLY A 482 21.70 36.92 2.21
N PRO A 483 21.00 35.83 1.92
CA PRO A 483 21.71 34.64 1.44
C PRO A 483 22.24 34.84 0.03
N THR A 484 23.55 35.03 -0.08
CA THR A 484 24.18 35.37 -1.34
C THR A 484 24.79 34.12 -1.97
N ASN A 485 25.10 34.25 -3.26
CA ASN A 485 25.81 33.21 -3.98
C ASN A 485 27.28 33.57 -4.00
N PRO A 486 28.19 32.74 -3.46
CA PRO A 486 29.62 33.05 -3.60
C PRO A 486 30.18 32.77 -4.98
N MET A 487 29.35 32.27 -5.90
CA MET A 487 29.79 31.87 -7.23
C MET A 487 29.57 32.96 -8.27
N LEU A 488 28.69 33.92 -8.01
CA LEU A 488 28.40 34.94 -9.00
C LEU A 488 29.60 35.84 -9.25
N PHE A 489 30.40 36.11 -8.22
CA PHE A 489 31.56 36.96 -8.40
C PHE A 489 32.65 36.26 -9.20
N HIS A 490 32.69 34.92 -9.15
CA HIS A 490 33.63 34.18 -9.99
C HIS A 490 33.19 34.18 -11.44
N LEU A 491 31.89 34.25 -11.69
CA LEU A 491 31.40 34.28 -13.05
C LEU A 491 31.59 35.65 -13.70
N ILE A 492 31.62 36.71 -12.88
CA ILE A 492 31.76 38.06 -13.42
C ILE A 492 33.20 38.33 -13.80
N ARG A 493 34.16 37.85 -13.00
CA ARG A 493 35.55 38.03 -13.34
C ARG A 493 35.99 37.17 -14.52
N ASP A 494 35.24 36.11 -14.83
CA ASP A 494 35.55 35.28 -15.98
C ASP A 494 35.13 35.92 -17.30
N VAL A 495 34.24 36.92 -17.26
CA VAL A 495 33.74 37.60 -18.45
C VAL A 495 34.26 39.02 -18.56
N LYS A 496 35.02 39.51 -17.57
CA LYS A 496 35.67 40.82 -17.63
C LYS A 496 37.19 40.70 -17.66
N GLN A 497 37.71 39.53 -18.04
CA GLN A 497 39.12 39.31 -18.31
C GLN A 497 40.01 39.43 -17.07
N GLY A 498 39.43 39.53 -15.87
CA GLY A 498 40.18 39.44 -14.62
C GLY A 498 40.23 40.70 -13.79
N ASN A 499 39.84 41.86 -14.32
CA ASN A 499 39.92 43.10 -13.56
C ASN A 499 38.89 43.07 -12.43
N LEU A 500 39.33 43.41 -11.21
CA LEU A 500 38.47 43.34 -10.02
C LEU A 500 38.85 44.48 -9.08
N PRO A 501 38.17 45.63 -9.14
CA PRO A 501 38.38 46.65 -8.11
C PRO A 501 37.72 46.24 -6.80
N PRO A 502 38.18 46.77 -5.67
CA PRO A 502 37.71 46.23 -4.38
C PRO A 502 36.26 46.54 -4.07
N GLY A 503 35.74 47.69 -4.48
CA GLY A 503 34.35 48.00 -4.23
C GLY A 503 33.41 47.29 -5.19
N TYR A 504 33.50 47.66 -6.46
CA TYR A 504 32.87 46.97 -7.58
C TYR A 504 31.38 46.71 -7.37
N LYS A 505 30.60 47.79 -7.46
CA LYS A 505 29.18 47.63 -7.68
C LYS A 505 28.95 46.93 -9.02
N ILE A 506 28.19 45.85 -9.02
CA ILE A 506 27.91 45.11 -10.25
C ILE A 506 26.96 45.91 -11.11
N THR A 507 27.22 45.89 -12.42
CA THR A 507 26.35 46.49 -13.42
C THR A 507 25.60 45.39 -14.16
N LEU A 508 24.51 45.79 -14.82
CA LEU A 508 23.73 44.83 -15.60
C LEU A 508 24.38 44.49 -16.93
N ILE A 509 25.29 45.34 -17.41
CA ILE A 509 26.10 44.96 -18.57
C ILE A 509 26.95 43.76 -18.22
N ASP A 510 27.33 43.62 -16.96
CA ASP A 510 28.17 42.51 -16.53
C ASP A 510 27.36 41.25 -16.30
N ILE A 511 26.12 41.39 -15.83
CA ILE A 511 25.26 40.22 -15.63
C ILE A 511 24.91 39.60 -16.97
N GLY A 512 24.63 40.43 -17.97
CA GLY A 512 24.31 39.91 -19.29
C GLY A 512 25.43 39.10 -19.90
N LEU A 513 26.67 39.48 -19.61
CA LEU A 513 27.80 38.71 -20.09
C LEU A 513 27.90 37.37 -19.37
N VAL A 514 27.38 37.30 -18.14
CA VAL A 514 27.32 36.03 -17.43
C VAL A 514 26.26 35.14 -18.05
N ILE A 515 25.10 35.70 -18.36
CA ILE A 515 24.01 34.90 -18.91
C ILE A 515 24.39 34.37 -20.28
N GLU A 516 25.00 35.20 -21.11
CA GLU A 516 25.46 34.75 -22.42
C GLU A 516 26.56 33.71 -22.30
N TYR A 517 27.31 33.71 -21.21
CA TYR A 517 28.32 32.69 -21.00
C TYR A 517 27.69 31.38 -20.54
N LEU A 518 26.63 31.46 -19.74
CA LEU A 518 26.00 30.27 -19.22
C LEU A 518 25.09 29.63 -20.25
N MET A 519 24.33 30.43 -20.98
CA MET A 519 23.42 29.86 -21.98
C MET A 519 24.17 29.31 -23.18
N GLY A 520 25.35 29.85 -23.46
CA GLY A 520 26.21 29.28 -24.49
C GLY A 520 25.69 29.49 -25.89
N GLY A 521 26.53 29.21 -26.87
CA GLY A 521 26.11 29.31 -28.25
C GLY A 521 25.99 30.76 -28.68
N THR A 522 24.92 31.05 -29.42
CA THR A 522 24.65 32.39 -29.94
C THR A 522 23.59 33.11 -29.13
N TYR A 523 23.53 32.84 -27.83
CA TYR A 523 22.58 33.54 -26.98
C TYR A 523 23.03 34.97 -26.80
N ARG A 524 22.08 35.90 -26.91
CA ARG A 524 22.32 37.33 -26.72
C ARG A 524 21.29 37.86 -25.75
N CYS A 525 21.74 38.23 -24.55
CA CYS A 525 20.83 38.75 -23.55
C CYS A 525 20.38 40.16 -23.91
N THR A 526 19.32 40.61 -23.24
CA THR A 526 18.78 41.94 -23.46
C THR A 526 19.58 43.02 -22.75
N TYR A 527 20.65 42.66 -22.06
CA TYR A 527 21.50 43.62 -21.35
C TYR A 527 22.68 44.09 -22.18
N THR A 528 23.12 43.28 -23.14
CA THR A 528 24.33 43.56 -23.91
C THR A 528 24.01 43.94 -25.35
N ARG A 529 22.82 44.49 -25.58
CA ARG A 529 22.40 44.94 -26.90
C ARG A 529 22.41 46.46 -26.95
N LYS A 530 22.28 46.98 -28.16
CA LYS A 530 22.48 48.40 -28.39
C LYS A 530 21.43 49.25 -27.68
N ARG A 531 20.18 48.78 -27.65
CA ARG A 531 19.10 49.57 -27.07
C ARG A 531 19.26 49.76 -25.58
N PHE A 532 19.82 48.76 -24.89
CA PHE A 532 19.94 48.83 -23.44
C PHE A 532 21.14 49.66 -23.01
N ARG A 533 22.23 49.59 -23.76
CA ARG A 533 23.45 50.30 -23.37
C ARG A 533 23.27 51.80 -23.41
N LEU A 534 22.47 52.31 -24.35
CA LEU A 534 22.29 53.75 -24.47
C LEU A 534 21.38 54.30 -23.39
N ILE A 535 20.29 53.58 -23.07
CA ILE A 535 19.42 54.01 -21.98
C ILE A 535 20.05 53.74 -20.61
N TYR A 536 21.03 52.84 -20.56
CA TYR A 536 21.81 52.65 -19.33
C TYR A 536 22.78 53.80 -19.12
N ASN A 537 23.25 54.43 -20.20
CA ASN A 537 24.09 55.61 -20.09
C ASN A 537 23.29 56.84 -19.66
N SER A 538 22.02 56.91 -20.02
CA SER A 538 21.23 58.10 -19.74
C SER A 538 20.92 58.24 -18.26
N LEU A 539 20.64 57.13 -17.58
CA LEU A 539 20.27 57.16 -16.18
C LEU A 539 21.52 57.21 -15.30
N GLU A 613 7.36 54.09 -18.14
CA GLU A 613 8.60 54.76 -18.51
C GLU A 613 9.60 53.78 -19.11
N THR A 614 10.61 54.28 -19.82
CA THR A 614 11.63 53.43 -20.41
C THR A 614 12.67 52.96 -19.41
N LYS A 615 12.69 53.55 -18.21
CA LYS A 615 13.58 53.09 -17.16
C LYS A 615 13.04 51.88 -16.41
N ARG A 616 11.83 51.42 -16.73
CA ARG A 616 11.28 50.19 -16.21
C ARG A 616 11.55 49.08 -17.22
N PHE A 617 11.06 47.87 -16.95
CA PHE A 617 11.21 46.71 -17.80
C PHE A 617 9.85 46.28 -18.35
N PRO A 618 9.78 45.74 -19.57
CA PRO A 618 8.48 45.27 -20.07
C PRO A 618 8.03 43.99 -19.41
N TYR A 619 8.95 43.08 -19.11
CA TYR A 619 8.64 41.79 -18.50
C TYR A 619 9.50 41.66 -17.24
N PRO A 620 9.01 42.15 -16.10
CA PRO A 620 9.88 42.17 -14.92
C PRO A 620 10.15 40.80 -14.34
N LEU A 621 9.20 39.88 -14.42
CA LEU A 621 9.37 38.58 -13.82
C LEU A 621 10.29 37.67 -14.62
N ASN A 622 10.64 38.05 -15.86
CA ASN A 622 11.74 37.41 -16.55
C ASN A 622 13.08 37.86 -15.98
N GLU A 623 13.12 39.09 -15.47
CA GLU A 623 14.36 39.67 -14.99
C GLU A 623 14.72 39.19 -13.60
N LEU A 624 13.71 38.95 -12.76
CA LEU A 624 13.92 38.47 -11.41
C LEU A 624 14.12 36.96 -11.37
N LEU A 625 13.54 36.23 -12.31
CA LEU A 625 13.72 34.78 -12.35
C LEU A 625 15.17 34.43 -12.66
N ILE A 626 15.82 35.20 -13.51
CA ILE A 626 17.26 35.02 -13.72
C ILE A 626 18.00 35.40 -12.46
N TRP A 627 17.58 36.48 -11.82
CA TRP A 627 18.23 36.93 -10.60
C TRP A 627 18.18 35.88 -9.52
N ALA A 628 17.02 35.28 -9.32
CA ALA A 628 16.87 34.29 -8.26
C ALA A 628 17.70 33.05 -8.55
N CYS A 629 17.90 32.74 -9.82
CA CYS A 629 18.70 31.58 -10.17
C CYS A 629 20.18 31.86 -10.02
N LEU A 630 20.63 33.05 -10.44
CA LEU A 630 22.03 33.39 -10.32
C LEU A 630 22.45 33.58 -8.88
N MET A 631 21.54 34.05 -8.02
CA MET A 631 21.78 34.16 -6.60
C MET A 631 21.48 32.88 -5.84
N LYS A 632 21.12 31.80 -6.53
CA LYS A 632 20.93 30.50 -5.92
C LYS A 632 19.83 30.55 -4.85
N ARG A 633 18.75 31.24 -5.15
CA ARG A 633 17.59 31.35 -4.28
C ARG A 633 16.45 30.56 -4.93
N GLN A 634 16.42 29.27 -4.63
CA GLN A 634 15.52 28.35 -5.33
C GLN A 634 14.06 28.56 -4.93
N VAL A 635 13.80 28.79 -3.64
CA VAL A 635 12.42 28.96 -3.20
C VAL A 635 11.86 30.25 -3.77
N MET A 636 12.70 31.26 -3.95
CA MET A 636 12.27 32.48 -4.63
C MET A 636 12.08 32.23 -6.12
N ALA A 637 12.88 31.36 -6.70
CA ALA A 637 12.79 31.09 -8.13
C ALA A 637 11.56 30.28 -8.47
N ARG A 638 11.20 29.30 -7.65
CA ARG A 638 9.98 28.55 -7.89
C ARG A 638 8.75 29.43 -7.76
N PHE A 639 8.81 30.46 -6.92
CA PHE A 639 7.67 31.34 -6.77
C PHE A 639 7.54 32.30 -7.94
N LEU A 640 8.66 32.89 -8.36
CA LEU A 640 8.64 33.82 -9.46
C LEU A 640 8.45 33.14 -10.80
N TRP A 641 8.58 31.82 -10.86
CA TRP A 641 8.32 31.09 -12.09
C TRP A 641 6.82 31.00 -12.36
N GLN A 642 6.02 30.78 -11.32
CA GLN A 642 4.59 30.61 -11.50
C GLN A 642 3.89 31.86 -11.96
N HIS A 643 4.48 33.03 -11.71
CA HIS A 643 3.90 34.30 -12.07
C HIS A 643 4.54 34.80 -13.35
N GLY A 644 3.72 35.17 -14.31
CA GLY A 644 4.16 35.65 -15.60
C GLY A 644 3.83 34.67 -16.70
N GLU A 645 4.22 35.06 -17.90
CA GLU A 645 3.96 34.30 -19.11
C GLU A 645 5.19 33.49 -19.50
N GLU A 646 4.99 32.56 -20.43
CA GLU A 646 6.05 31.72 -20.97
C GLU A 646 6.64 30.82 -19.87
N SER A 647 5.78 30.01 -19.29
CA SER A 647 6.19 29.20 -18.14
C SER A 647 7.11 28.07 -18.55
N MET A 648 6.79 27.39 -19.65
CA MET A 648 7.60 26.25 -20.06
C MET A 648 8.95 26.68 -20.60
N ALA A 649 9.03 27.89 -21.13
CA ALA A 649 10.30 28.41 -21.61
C ALA A 649 11.20 28.84 -20.45
N LYS A 650 10.65 29.53 -19.46
CA LYS A 650 11.45 29.96 -18.32
C LYS A 650 12.01 28.79 -17.54
N ALA A 651 11.29 27.67 -17.53
CA ALA A 651 11.79 26.49 -16.83
C ALA A 651 12.97 25.87 -17.54
N LEU A 652 13.00 25.96 -18.86
CA LEU A 652 14.09 25.39 -19.62
C LEU A 652 15.31 26.29 -19.61
N VAL A 653 15.10 27.61 -19.52
CA VAL A 653 16.20 28.54 -19.32
C VAL A 653 16.84 28.30 -17.97
N ALA A 654 16.03 28.20 -16.92
CA ALA A 654 16.53 27.96 -15.59
C ALA A 654 17.23 26.61 -15.50
N CYS A 655 16.74 25.61 -16.20
CA CYS A 655 17.44 24.34 -16.26
C CYS A 655 18.82 24.50 -16.86
N LYS A 656 18.96 25.41 -17.82
CA LYS A 656 20.24 25.63 -18.46
C LYS A 656 21.15 26.48 -17.59
N ILE A 657 20.59 27.47 -16.90
CA ILE A 657 21.41 28.37 -16.11
C ILE A 657 22.03 27.62 -14.94
N TYR A 658 21.24 26.85 -14.21
CA TYR A 658 21.80 26.08 -13.11
C TYR A 658 22.77 25.01 -13.61
N ARG A 659 22.50 24.40 -14.77
CA ARG A 659 23.38 23.38 -15.28
C ARG A 659 24.75 23.94 -15.62
N SER A 660 24.78 25.13 -16.18
CA SER A 660 26.05 25.76 -16.51
C SER A 660 26.79 26.18 -15.26
N MET A 661 26.08 26.64 -14.23
CA MET A 661 26.74 26.96 -12.97
C MET A 661 27.21 25.71 -12.24
N ALA A 662 26.55 24.58 -12.47
CA ALA A 662 27.02 23.34 -11.88
C ALA A 662 28.29 22.85 -12.56
N TYR A 663 28.44 23.14 -13.84
CA TYR A 663 29.65 22.79 -14.55
C TYR A 663 30.80 23.72 -14.19
N GLU A 664 30.49 24.99 -13.90
CA GLU A 664 31.52 25.93 -13.45
C GLU A 664 31.95 25.64 -12.03
N ALA A 665 31.07 25.04 -11.22
CA ALA A 665 31.40 24.78 -9.83
C ALA A 665 32.48 23.72 -9.72
N LYS A 666 32.40 22.68 -10.54
CA LYS A 666 33.41 21.63 -10.51
C LYS A 666 34.75 22.15 -10.99
N GLN A 667 34.74 22.98 -12.02
CA GLN A 667 35.97 23.58 -12.55
C GLN A 667 36.28 24.89 -11.84
N SER A 668 36.33 24.85 -10.51
CA SER A 668 36.68 26.03 -9.74
C SER A 668 37.16 25.59 -8.37
N ASP A 669 38.18 26.26 -7.87
CA ASP A 669 38.84 25.89 -6.62
C ASP A 669 38.13 26.60 -5.48
N LEU A 670 37.09 25.95 -4.94
CA LEU A 670 36.38 26.43 -3.78
C LEU A 670 36.31 25.33 -2.73
N VAL A 671 36.28 25.74 -1.46
CA VAL A 671 36.12 24.79 -0.37
C VAL A 671 34.68 24.29 -0.29
N ASP A 672 33.73 25.03 -0.84
CA ASP A 672 32.33 24.61 -0.93
C ASP A 672 32.03 24.34 -2.40
N ASP A 673 31.77 23.08 -2.72
CA ASP A 673 31.47 22.71 -4.11
C ASP A 673 30.10 23.25 -4.53
N THR A 674 29.05 22.81 -3.85
CA THR A 674 27.68 23.24 -4.13
C THR A 674 27.27 22.93 -5.57
N SER A 675 27.90 21.94 -6.19
CA SER A 675 27.54 21.52 -7.54
C SER A 675 26.39 20.52 -7.54
N GLU A 676 26.31 19.67 -6.52
CA GLU A 676 25.19 18.76 -6.40
C GLU A 676 23.91 19.48 -6.01
N GLU A 677 24.03 20.65 -5.39
CA GLU A 677 22.84 21.45 -5.09
C GLU A 677 22.31 22.12 -6.35
N LEU A 678 23.21 22.61 -7.20
CA LEU A 678 22.79 23.24 -8.44
C LEU A 678 22.28 22.21 -9.44
N LYS A 679 22.88 21.02 -9.46
CA LYS A 679 22.43 19.98 -10.37
C LYS A 679 21.05 19.47 -9.99
N GLN A 680 20.74 19.46 -8.70
CA GLN A 680 19.39 19.14 -8.25
C GLN A 680 18.41 20.23 -8.64
N TYR A 681 18.86 21.49 -8.57
CA TYR A 681 18.01 22.60 -8.94
C TYR A 681 17.77 22.64 -10.44
N SER A 682 18.74 22.17 -11.23
CA SER A 682 18.54 22.09 -12.67
C SER A 682 17.53 21.03 -13.04
N ASN A 683 17.53 19.91 -12.32
CA ASN A 683 16.60 18.83 -12.59
C ASN A 683 15.20 19.11 -12.05
N ASP A 684 15.04 20.09 -11.18
CA ASP A 684 13.72 20.45 -10.69
C ASP A 684 12.95 21.24 -11.73
N PHE A 685 13.60 22.25 -12.33
CA PHE A 685 12.96 22.99 -13.40
C PHE A 685 12.82 22.16 -14.66
N GLY A 686 13.77 21.25 -14.89
CA GLY A 686 13.64 20.36 -16.02
C GLY A 686 12.42 19.47 -15.90
N GLN A 687 12.13 19.00 -14.69
CA GLN A 687 10.96 18.18 -14.48
C GLN A 687 9.68 18.99 -14.62
N LEU A 688 9.73 20.28 -14.32
CA LEU A 688 8.57 21.13 -14.52
C LEU A 688 8.28 21.33 -16.00
N ALA A 689 9.32 21.40 -16.81
CA ALA A 689 9.14 21.59 -18.24
C ALA A 689 8.50 20.36 -18.88
N VAL A 690 8.91 19.18 -18.43
CA VAL A 690 8.38 17.94 -18.96
C VAL A 690 6.91 17.79 -18.57
N GLU A 691 6.58 18.17 -17.34
CA GLU A 691 5.22 18.01 -16.85
C GLU A 691 4.26 19.03 -17.47
N LEU A 692 4.77 20.15 -17.94
CA LEU A 692 3.95 21.08 -18.71
C LEU A 692 3.78 20.64 -20.15
N LEU A 693 4.79 19.99 -20.72
CA LEU A 693 4.64 19.43 -22.06
C LEU A 693 3.67 18.26 -22.05
N GLU A 694 3.69 17.45 -21.00
CA GLU A 694 2.73 16.36 -20.88
C GLU A 694 1.33 16.90 -20.71
N GLN A 695 1.17 18.02 -20.01
CA GLN A 695 -0.15 18.61 -19.84
C GLN A 695 -0.63 19.24 -21.14
N SER A 696 0.27 19.85 -21.90
CA SER A 696 -0.10 20.45 -23.16
C SER A 696 -0.38 19.42 -24.23
N PHE A 697 0.28 18.27 -24.17
CA PHE A 697 0.11 17.23 -25.16
C PHE A 697 -1.21 16.50 -25.00
N ARG A 698 -1.72 16.40 -23.77
CA ARG A 698 -3.00 15.77 -23.52
C ARG A 698 -4.16 16.65 -23.96
N GLN A 699 -4.00 17.96 -23.94
CA GLN A 699 -5.07 18.89 -24.29
C GLN A 699 -5.25 18.97 -25.80
N ASP A 700 -4.15 19.20 -26.52
CA ASP A 700 -4.17 19.21 -27.98
C ASP A 700 -2.78 18.84 -28.47
N GLU A 701 -2.71 17.78 -29.28
CA GLU A 701 -1.41 17.30 -29.74
C GLU A 701 -0.76 18.30 -30.69
N THR A 702 -1.55 18.92 -31.56
CA THR A 702 -1.01 19.78 -32.58
C THR A 702 -0.52 21.10 -32.01
N MET A 703 -1.24 21.67 -31.05
CA MET A 703 -0.86 22.95 -30.48
C MET A 703 0.32 22.80 -29.55
N ALA A 704 0.51 21.62 -28.97
CA ALA A 704 1.68 21.36 -28.15
C ALA A 704 2.94 21.28 -29.00
N MET A 705 2.83 20.75 -30.21
CA MET A 705 3.99 20.74 -31.10
C MET A 705 4.34 22.13 -31.57
N LYS A 706 3.37 23.05 -31.63
CA LYS A 706 3.69 24.44 -31.90
C LYS A 706 4.42 25.09 -30.75
N LEU A 707 4.16 24.65 -29.52
CA LEU A 707 4.82 25.24 -28.36
C LEU A 707 6.31 24.92 -28.36
N LEU A 708 6.70 23.84 -29.03
CA LEU A 708 8.09 23.41 -29.05
C LEU A 708 8.95 24.26 -29.96
N THR A 709 8.36 24.98 -30.92
CA THR A 709 9.12 25.57 -32.02
C THR A 709 8.80 27.02 -32.35
N TYR A 710 7.98 27.72 -31.56
CA TYR A 710 7.77 29.14 -31.80
C TYR A 710 8.89 29.94 -31.16
N GLU A 711 9.31 31.00 -31.84
CA GLU A 711 10.31 31.89 -31.26
C GLU A 711 9.74 32.64 -30.08
N LEU A 712 10.62 32.91 -29.11
CA LEU A 712 10.21 33.35 -27.80
C LEU A 712 10.24 34.86 -27.61
N LYS A 713 11.12 35.56 -28.33
CA LYS A 713 11.16 37.03 -28.42
C LYS A 713 11.62 37.74 -27.16
N ASN A 714 11.84 36.98 -26.09
CA ASN A 714 12.37 37.49 -24.84
C ASN A 714 13.58 36.70 -24.38
N TRP A 715 13.95 35.65 -25.10
CA TRP A 715 15.02 34.72 -24.73
C TRP A 715 15.92 34.50 -25.92
N SER A 716 16.27 35.59 -26.59
CA SER A 716 17.22 35.61 -27.70
C SER A 716 16.69 34.83 -28.89
N ASN A 717 15.40 34.94 -29.15
CA ASN A 717 14.75 34.35 -30.32
C ASN A 717 14.99 32.85 -30.40
N SER A 718 15.10 32.23 -29.23
CA SER A 718 15.41 30.83 -29.14
C SER A 718 14.12 30.03 -29.13
N THR A 719 14.21 28.78 -28.73
CA THR A 719 13.19 27.79 -29.01
C THR A 719 13.23 26.75 -27.90
N CYS A 720 12.06 26.30 -27.47
CA CYS A 720 11.98 25.40 -26.34
C CYS A 720 12.68 24.08 -26.61
N LEU A 721 12.70 23.60 -27.85
CA LEU A 721 13.56 22.48 -28.18
C LEU A 721 15.03 22.88 -28.07
N LYS A 722 15.40 24.02 -28.66
CA LYS A 722 16.79 24.42 -28.68
C LYS A 722 17.32 24.69 -27.29
N LEU A 723 16.45 25.06 -26.36
CA LEU A 723 16.86 25.28 -24.99
C LEU A 723 17.02 23.96 -24.23
N ALA A 724 16.16 23.00 -24.52
CA ALA A 724 16.23 21.70 -23.86
C ALA A 724 17.34 20.84 -24.41
N VAL A 725 17.58 20.90 -25.72
CA VAL A 725 18.71 20.21 -26.32
C VAL A 725 20.00 20.82 -25.83
N SER A 726 20.00 22.12 -25.55
CA SER A 726 21.17 22.79 -25.00
C SER A 726 21.45 22.33 -23.58
N SER A 727 20.41 22.04 -22.83
CA SER A 727 20.54 21.52 -21.47
C SER A 727 20.78 20.01 -21.43
N ARG A 728 20.70 19.34 -22.57
CA ARG A 728 20.75 17.88 -22.63
C ARG A 728 19.70 17.26 -21.72
N LEU A 729 18.53 17.88 -21.70
CA LEU A 729 17.42 17.45 -20.86
C LEU A 729 16.68 16.37 -21.63
N ARG A 730 17.12 15.14 -21.42
CA ARG A 730 16.66 14.01 -22.24
C ARG A 730 15.17 13.72 -22.15
N PRO A 731 14.50 13.82 -20.99
CA PRO A 731 13.08 13.45 -20.94
C PRO A 731 12.15 14.36 -21.73
N PHE A 732 12.60 15.53 -22.13
CA PHE A 732 11.81 16.45 -22.94
C PHE A 732 11.90 16.09 -24.41
N VAL A 733 13.12 15.81 -24.88
CA VAL A 733 13.34 15.43 -26.26
C VAL A 733 12.85 14.02 -26.53
N ALA A 734 12.92 13.15 -25.55
CA ALA A 734 12.39 11.80 -25.67
C ALA A 734 10.90 11.72 -25.38
N HIS A 735 10.25 12.83 -25.08
CA HIS A 735 8.83 12.81 -24.81
C HIS A 735 8.08 12.64 -26.11
N THR A 736 6.90 12.03 -26.03
CA THR A 736 6.19 11.62 -27.22
C THR A 736 5.72 12.81 -28.05
N CYS A 737 5.69 14.01 -27.49
CA CYS A 737 5.31 15.17 -28.27
C CYS A 737 6.41 15.59 -29.22
N THR A 738 7.64 15.63 -28.75
CA THR A 738 8.75 16.01 -29.62
C THR A 738 9.01 14.93 -30.66
N GLN A 739 8.76 13.67 -30.30
CA GLN A 739 9.00 12.57 -31.23
C GLN A 739 7.98 12.57 -32.36
N MET A 740 6.76 13.03 -32.09
CA MET A 740 5.80 13.23 -33.17
C MET A 740 6.20 14.40 -34.06
N LEU A 741 6.79 15.43 -33.48
CA LEU A 741 7.27 16.55 -34.28
C LEU A 741 8.46 16.16 -35.12
N LEU A 742 9.37 15.39 -34.54
CA LEU A 742 10.52 14.92 -35.29
C LEU A 742 10.10 13.96 -36.39
N SER A 743 9.09 13.15 -36.13
CA SER A 743 8.58 12.23 -37.13
C SER A 743 7.90 12.96 -38.28
N ASP A 744 7.34 14.13 -38.01
CA ASP A 744 6.65 14.90 -39.03
C ASP A 744 7.59 15.79 -39.82
N MET A 745 8.68 16.25 -39.21
CA MET A 745 9.72 16.93 -39.98
C MET A 745 10.48 15.96 -40.87
N TRP A 746 10.50 14.69 -40.50
CA TRP A 746 11.13 13.67 -41.32
C TRP A 746 10.36 13.46 -42.61
N MET A 747 9.03 13.48 -42.53
CA MET A 747 8.20 13.31 -43.70
C MET A 747 8.35 14.45 -44.67
N GLY A 748 8.61 15.66 -44.18
CA GLY A 748 8.55 16.81 -45.04
C GLY A 748 7.13 17.07 -45.45
N ARG A 749 6.94 17.35 -46.74
CA ARG A 749 5.63 17.55 -47.32
C ARG A 749 5.04 16.28 -47.91
N LEU A 750 5.61 15.13 -47.59
CA LEU A 750 5.03 13.86 -47.97
C LEU A 750 4.11 13.39 -46.86
N ASN A 751 2.96 12.84 -47.26
CA ASN A 751 1.98 12.31 -46.31
C ASN A 751 2.23 10.83 -46.17
N MET A 752 3.25 10.50 -45.39
CA MET A 752 3.71 9.13 -45.22
C MET A 752 2.78 8.29 -44.35
N ARG A 753 1.63 8.82 -43.93
CA ARG A 753 0.61 7.98 -43.33
C ARG A 753 -0.13 7.19 -44.38
N LYS A 754 -0.35 7.77 -45.56
CA LYS A 754 -1.01 7.11 -46.67
C LYS A 754 -0.08 6.86 -47.85
N ASN A 755 1.23 6.82 -47.60
CA ASN A 755 2.21 6.34 -48.56
C ASN A 755 2.91 5.12 -47.96
N SER A 756 3.92 4.63 -48.67
CA SER A 756 4.73 3.51 -48.22
C SER A 756 6.18 3.80 -48.55
N TRP A 757 7.07 3.16 -47.79
CA TRP A 757 8.49 3.28 -48.07
C TRP A 757 8.85 2.62 -49.41
N TYR A 758 8.03 1.67 -49.88
CA TYR A 758 8.19 1.16 -51.23
C TYR A 758 8.07 2.29 -52.25
N LYS A 759 7.12 3.20 -52.04
CA LYS A 759 6.82 4.24 -53.02
C LYS A 759 7.87 5.33 -53.03
N VAL A 760 8.50 5.61 -51.89
CA VAL A 760 9.53 6.63 -51.82
C VAL A 760 10.79 6.16 -52.54
N ILE A 761 11.17 4.92 -52.33
CA ILE A 761 12.34 4.36 -53.00
C ILE A 761 12.07 4.25 -54.50
N LEU A 762 10.88 3.81 -54.87
CA LEU A 762 10.53 3.68 -56.28
C LEU A 762 10.56 5.02 -56.98
N SER A 763 10.16 6.08 -56.28
CA SER A 763 10.11 7.41 -56.88
C SER A 763 11.48 8.05 -56.98
N ILE A 764 12.46 7.57 -56.23
CA ILE A 764 13.83 8.03 -56.42
C ILE A 764 14.37 7.51 -57.73
N LEU A 765 14.08 6.26 -58.05
CA LEU A 765 14.59 5.64 -59.26
C LEU A 765 13.77 6.04 -60.47
N VAL A 766 12.48 6.28 -60.28
CA VAL A 766 11.56 6.69 -61.33
C VAL A 766 11.06 8.08 -61.00
N PRO A 767 11.73 9.14 -61.46
CA PRO A 767 11.30 10.51 -61.13
C PRO A 767 9.87 10.83 -61.53
N PRO A 768 9.31 10.29 -62.62
CA PRO A 768 7.89 10.59 -62.89
C PRO A 768 6.93 9.90 -61.93
N ALA A 769 7.38 8.96 -61.12
CA ALA A 769 6.51 8.38 -60.11
C ALA A 769 6.33 9.28 -58.90
N ILE A 770 7.07 10.39 -58.83
CA ILE A 770 6.91 11.34 -57.74
C ILE A 770 5.49 11.89 -57.71
N LEU A 771 4.94 12.18 -58.89
CA LEU A 771 3.69 12.90 -59.02
C LEU A 771 2.47 12.06 -58.68
N MET A 772 2.64 10.79 -58.32
CA MET A 772 1.55 9.94 -57.86
C MET A 772 1.55 9.76 -56.35
N LEU A 773 2.19 10.65 -55.62
CA LEU A 773 2.34 10.55 -54.17
C LEU A 773 1.47 11.58 -53.48
N GLU A 774 0.75 11.13 -52.46
CA GLU A 774 -0.10 12.02 -51.69
C GLU A 774 0.74 12.91 -50.79
N TYR A 775 0.49 14.21 -50.83
CA TYR A 775 1.21 15.20 -50.05
C TYR A 775 0.32 15.79 -48.97
N LYS A 776 0.87 16.74 -48.22
CA LYS A 776 0.19 17.42 -47.15
C LYS A 776 -0.16 18.84 -47.56
N THR A 777 -1.29 19.32 -47.04
CA THR A 777 -1.76 20.66 -47.35
C THR A 777 -1.09 21.68 -46.43
N LYS A 778 -1.35 22.96 -46.72
CA LYS A 778 -0.79 24.02 -45.90
C LYS A 778 -1.34 23.98 -44.48
N ALA A 779 -2.60 23.60 -44.32
CA ALA A 779 -3.21 23.53 -43.00
C ALA A 779 -2.80 22.31 -42.21
N GLU A 780 -2.22 21.31 -42.87
CA GLU A 780 -1.71 20.11 -42.22
C GLU A 780 -0.22 20.26 -41.88
N MET A 781 0.31 21.48 -41.95
CA MET A 781 1.72 21.75 -41.72
C MET A 781 1.91 23.06 -40.96
N SER A 782 0.89 23.52 -40.26
CA SER A 782 1.02 24.75 -39.51
C SER A 782 1.89 24.58 -38.27
N HIS A 783 2.12 23.35 -37.84
CA HIS A 783 2.89 23.05 -36.64
C HIS A 783 4.31 22.61 -36.93
N ILE A 784 4.72 22.60 -38.18
CA ILE A 784 6.01 22.08 -38.60
C ILE A 784 6.87 23.26 -39.01
N PRO A 785 8.08 23.43 -38.46
CA PRO A 785 8.94 24.51 -38.95
C PRO A 785 9.46 24.21 -40.34
N GLN A 786 9.67 25.29 -41.09
CA GLN A 786 10.06 25.23 -42.48
C GLN A 786 11.19 26.22 -42.73
N SER A 787 11.73 26.16 -43.93
CA SER A 787 12.67 27.15 -44.41
C SER A 787 11.92 28.35 -44.96
N GLN A 788 12.67 29.41 -45.26
CA GLN A 788 12.06 30.62 -45.78
C GLN A 788 11.51 30.40 -47.19
N ASP A 789 12.34 29.87 -48.09
CA ASP A 789 11.89 29.60 -49.45
C ASP A 789 10.97 28.40 -49.55
N ALA A 790 11.04 27.47 -48.59
CA ALA A 790 10.07 26.39 -48.51
C ALA A 790 8.71 26.89 -48.05
N HIS A 791 8.68 27.98 -47.28
CA HIS A 791 7.42 28.60 -46.91
C HIS A 791 6.77 29.28 -48.11
N GLN A 792 7.58 29.91 -48.98
CA GLN A 792 7.05 30.54 -50.17
C GLN A 792 6.37 29.54 -51.08
N MET A 793 6.82 28.28 -51.07
CA MET A 793 6.18 27.23 -51.86
C MET A 793 4.81 26.86 -51.31
N THR A 794 4.56 27.10 -50.02
CA THR A 794 3.30 26.73 -49.39
C THR A 794 2.29 27.87 -49.36
N MET A 795 2.73 29.12 -49.39
CA MET A 795 1.80 30.25 -49.36
C MET A 795 0.88 30.28 -50.58
N GLU A 796 1.31 29.68 -51.69
CA GLU A 796 0.52 29.65 -52.91
C GLU A 796 -0.15 28.29 -53.07
N LYS A 836 -6.48 18.67 -54.12
CA LYS A 836 -5.30 18.36 -54.92
C LYS A 836 -4.74 19.64 -55.54
N LYS A 837 -3.98 20.37 -54.72
CA LYS A 837 -3.28 21.60 -55.09
C LYS A 837 -1.85 21.22 -55.52
N LEU A 838 -0.91 22.19 -55.46
CA LEU A 838 0.52 21.95 -55.70
C LEU A 838 0.82 21.54 -57.14
N PRO A 839 0.89 22.50 -58.08
CA PRO A 839 1.29 22.16 -59.45
C PRO A 839 2.64 21.47 -59.57
N ILE A 840 3.01 21.19 -60.82
CA ILE A 840 4.02 20.16 -61.11
C ILE A 840 5.38 20.53 -60.52
N THR A 841 5.88 21.72 -60.80
CA THR A 841 7.24 22.05 -60.38
C THR A 841 7.34 22.27 -58.88
N ARG A 842 6.22 22.37 -58.16
CA ARG A 842 6.26 22.44 -56.71
C ARG A 842 6.42 21.07 -56.08
N LYS A 843 5.88 20.03 -56.73
CA LYS A 843 5.92 18.70 -56.17
C LYS A 843 7.30 18.07 -56.26
N PHE A 844 8.17 18.58 -57.14
CA PHE A 844 9.54 18.12 -57.17
C PHE A 844 10.36 18.72 -56.04
N TYR A 845 10.13 19.98 -55.73
CA TYR A 845 10.80 20.60 -54.60
C TYR A 845 10.39 19.94 -53.30
N ALA A 846 9.11 19.56 -53.19
CA ALA A 846 8.61 18.96 -51.97
C ALA A 846 9.22 17.60 -51.73
N PHE A 847 9.51 16.86 -52.79
CA PHE A 847 9.99 15.50 -52.68
C PHE A 847 11.46 15.46 -52.33
N TYR A 848 12.28 16.10 -53.15
CA TYR A 848 13.73 15.99 -53.02
C TYR A 848 14.30 16.74 -51.84
N HIS A 849 13.51 17.55 -51.17
CA HIS A 849 13.93 18.28 -49.98
C HIS A 849 13.35 17.71 -48.72
N ALA A 850 12.53 16.66 -48.82
CA ALA A 850 12.08 15.96 -47.64
C ALA A 850 13.26 15.21 -47.01
N PRO A 851 13.41 15.23 -45.69
CA PRO A 851 14.52 14.48 -45.09
C PRO A 851 14.43 12.99 -45.30
N ILE A 852 13.22 12.44 -45.37
CA ILE A 852 13.08 11.01 -45.62
C ILE A 852 13.61 10.63 -46.98
N VAL A 853 13.51 11.54 -47.94
CA VAL A 853 13.94 11.26 -49.30
C VAL A 853 15.44 11.45 -49.42
N LYS A 854 15.97 12.47 -48.76
CA LYS A 854 17.42 12.65 -48.72
C LYS A 854 18.11 11.45 -48.09
N PHE A 855 17.42 10.76 -47.18
CA PHE A 855 18.01 9.61 -46.53
C PHE A 855 18.16 8.44 -47.48
N TRP A 856 17.05 7.99 -48.07
CA TRP A 856 17.09 6.87 -48.98
C TRP A 856 17.90 7.16 -50.22
N PHE A 857 18.01 8.41 -50.59
CA PHE A 857 18.77 8.82 -51.75
C PHE A 857 20.27 8.86 -51.45
N ASN A 858 20.64 8.92 -50.17
CA ASN A 858 21.99 8.68 -49.72
C ASN A 858 22.24 7.23 -49.37
N THR A 859 21.21 6.52 -48.92
CA THR A 859 21.34 5.13 -48.53
C THR A 859 21.55 4.24 -49.74
N LEU A 860 20.78 4.48 -50.80
CA LEU A 860 20.93 3.69 -52.01
C LEU A 860 22.27 3.93 -52.67
N ALA A 861 22.77 5.15 -52.59
CA ALA A 861 24.09 5.47 -53.10
C ALA A 861 25.18 4.86 -52.24
N TYR A 862 24.93 4.70 -50.95
CA TYR A 862 25.89 4.09 -50.06
C TYR A 862 25.95 2.58 -50.25
N LEU A 863 24.80 1.96 -50.49
CA LEU A 863 24.79 0.52 -50.74
C LEU A 863 25.45 0.20 -52.07
N GLY A 864 25.18 1.00 -53.09
CA GLY A 864 25.88 0.84 -54.34
C GLY A 864 27.36 1.09 -54.23
N PHE A 865 27.74 1.97 -53.31
CA PHE A 865 29.15 2.18 -53.02
C PHE A 865 29.82 0.94 -52.44
N LEU A 866 29.20 0.30 -51.44
CA LEU A 866 29.79 -0.88 -50.84
C LEU A 866 29.82 -2.04 -51.81
N MET A 867 28.85 -2.15 -52.70
CA MET A 867 28.87 -3.22 -53.67
C MET A 867 30.04 -3.06 -54.62
N LEU A 868 30.37 -1.82 -54.98
CA LEU A 868 31.51 -1.59 -55.83
C LEU A 868 32.81 -1.78 -55.07
N TYR A 869 32.87 -1.27 -53.86
CA TYR A 869 34.10 -1.33 -53.07
C TYR A 869 34.35 -2.71 -52.51
N THR A 870 33.34 -3.56 -52.48
CA THR A 870 33.53 -4.98 -52.23
C THR A 870 34.05 -5.68 -53.47
N PHE A 871 33.59 -5.28 -54.64
CA PHE A 871 34.08 -5.83 -55.89
C PHE A 871 35.55 -5.49 -56.10
N VAL A 872 35.94 -4.25 -55.82
CA VAL A 872 37.32 -3.80 -56.02
C VAL A 872 38.28 -4.63 -55.19
N VAL A 873 37.87 -4.98 -53.98
CA VAL A 873 38.79 -5.55 -53.02
C VAL A 873 38.85 -7.07 -53.10
N LEU A 874 37.86 -7.70 -53.71
CA LEU A 874 37.85 -9.14 -53.90
C LEU A 874 38.48 -9.56 -55.23
N VAL A 875 38.36 -8.74 -56.23
CA VAL A 875 38.86 -9.00 -57.57
C VAL A 875 40.30 -8.55 -57.66
N LYS A 876 41.07 -9.21 -58.52
CA LYS A 876 42.47 -8.86 -58.73
C LYS A 876 42.61 -7.41 -59.14
N MET A 877 43.60 -6.76 -58.55
CA MET A 877 43.91 -5.37 -58.83
C MET A 877 45.10 -5.29 -59.78
N GLU A 878 44.93 -4.56 -60.87
CA GLU A 878 45.98 -4.32 -61.83
C GLU A 878 46.70 -3.02 -61.47
N GLN A 879 47.55 -2.53 -62.37
CA GLN A 879 48.35 -1.35 -62.04
C GLN A 879 47.48 -0.11 -61.97
N LEU A 880 46.70 0.14 -63.02
CA LEU A 880 45.82 1.29 -63.07
C LEU A 880 44.49 0.94 -62.41
N PRO A 881 43.82 1.85 -61.73
CA PRO A 881 42.54 1.51 -61.13
C PRO A 881 41.50 1.21 -62.18
N SER A 882 40.56 0.37 -61.80
CA SER A 882 39.45 0.03 -62.65
C SER A 882 38.39 1.12 -62.58
N VAL A 883 37.37 0.99 -63.42
CA VAL A 883 36.29 1.97 -63.43
C VAL A 883 35.51 1.88 -62.13
N GLN A 884 35.38 0.68 -61.58
CA GLN A 884 34.73 0.53 -60.29
C GLN A 884 35.51 1.22 -59.20
N GLU A 885 36.83 1.21 -59.30
CA GLU A 885 37.67 1.73 -58.23
C GLU A 885 37.76 3.25 -58.27
N TRP A 886 37.62 3.86 -59.44
CA TRP A 886 37.58 5.31 -59.50
C TRP A 886 36.28 5.85 -58.94
N ILE A 887 35.18 5.14 -59.16
CA ILE A 887 33.91 5.55 -58.57
C ILE A 887 34.00 5.52 -57.05
N VAL A 888 34.73 4.56 -56.51
CA VAL A 888 34.93 4.47 -55.07
C VAL A 888 35.70 5.68 -54.57
N ILE A 889 36.77 6.03 -55.27
CA ILE A 889 37.60 7.16 -54.88
C ILE A 889 36.81 8.45 -54.98
N ALA A 890 36.00 8.57 -56.02
CA ALA A 890 35.17 9.76 -56.21
C ALA A 890 34.15 9.90 -55.11
N TYR A 891 33.66 8.78 -54.58
CA TYR A 891 32.72 8.83 -53.46
C TYR A 891 33.40 9.32 -52.20
N ILE A 892 34.49 8.66 -51.80
CA ILE A 892 35.13 8.96 -50.52
C ILE A 892 35.71 10.35 -50.54
N PHE A 893 36.17 10.81 -51.70
CA PHE A 893 36.68 12.18 -51.79
C PHE A 893 35.55 13.18 -51.60
N THR A 894 34.49 13.04 -52.37
CA THR A 894 33.35 13.94 -52.25
C THR A 894 32.58 13.73 -50.96
N TYR A 895 32.65 12.53 -50.41
CA TYR A 895 32.09 12.28 -49.08
C TYR A 895 32.89 13.00 -48.01
N ALA A 896 34.20 13.12 -48.20
CA ALA A 896 35.04 13.80 -47.23
C ALA A 896 34.83 15.29 -47.25
N ILE A 897 34.53 15.86 -48.42
CA ILE A 897 34.29 17.28 -48.52
C ILE A 897 33.04 17.64 -47.72
N GLU A 898 32.02 16.79 -47.78
CA GLU A 898 30.78 17.07 -47.07
C GLU A 898 30.98 17.00 -45.56
N LYS A 899 31.89 16.14 -45.10
CA LYS A 899 32.18 16.09 -43.68
C LYS A 899 32.90 17.35 -43.22
N VAL A 900 33.75 17.92 -44.08
CA VAL A 900 34.39 19.18 -43.76
C VAL A 900 33.34 20.29 -43.68
N ARG A 901 32.32 20.23 -44.54
CA ARG A 901 31.28 21.24 -44.53
C ARG A 901 30.39 21.12 -43.30
N GLU A 902 30.14 19.90 -42.83
CA GLU A 902 29.35 19.74 -41.62
C GLU A 902 30.03 20.36 -40.41
N VAL A 903 31.36 20.32 -40.37
CA VAL A 903 32.09 20.87 -39.25
C VAL A 903 31.97 22.39 -39.25
N PHE A 904 32.34 23.02 -40.36
CA PHE A 904 32.42 24.47 -40.40
C PHE A 904 31.05 25.10 -40.26
N MET A 905 30.05 24.58 -40.99
CA MET A 905 28.69 25.14 -40.97
C MET A 905 27.77 24.30 -40.10
N SER A 906 28.00 24.33 -38.77
CA SER A 906 27.04 23.66 -37.88
C SER A 906 26.29 24.55 -36.88
N GLU A 907 26.93 24.97 -35.78
CA GLU A 907 26.24 25.76 -34.76
C GLU A 907 27.00 26.94 -34.20
N ALA A 908 28.15 26.67 -33.60
CA ALA A 908 28.77 27.56 -32.63
C ALA A 908 29.85 28.39 -33.28
N GLY A 909 29.84 29.70 -32.99
CA GLY A 909 30.73 30.62 -33.69
C GLY A 909 32.20 30.30 -33.55
N LYS A 910 32.59 29.72 -32.41
CA LYS A 910 33.99 29.39 -32.18
C LYS A 910 34.38 28.18 -33.02
N ILE A 911 35.43 28.33 -33.82
CA ILE A 911 35.80 27.29 -34.76
C ILE A 911 36.34 26.06 -34.03
N SER A 912 37.06 26.26 -32.93
CA SER A 912 37.57 25.12 -32.17
C SER A 912 36.49 24.45 -31.35
N GLN A 913 35.39 25.14 -31.05
CA GLN A 913 34.24 24.50 -30.42
C GLN A 913 33.46 23.66 -31.41
N LYS A 914 33.50 24.01 -32.70
CA LYS A 914 32.91 23.15 -33.71
C LYS A 914 33.62 21.80 -33.77
N ILE A 915 34.93 21.81 -33.51
CA ILE A 915 35.73 20.60 -33.56
C ILE A 915 35.36 19.66 -32.41
N LYS A 916 35.24 20.20 -31.21
CA LYS A 916 35.10 19.36 -30.02
C LYS A 916 33.75 18.66 -29.99
N VAL A 917 32.72 19.25 -30.59
CA VAL A 917 31.41 18.62 -30.62
C VAL A 917 31.40 17.47 -31.63
N TRP A 918 32.06 17.66 -32.76
CA TRP A 918 31.94 16.71 -33.85
C TRP A 918 32.73 15.43 -33.61
N PHE A 919 33.87 15.53 -32.94
CA PHE A 919 34.66 14.34 -32.58
C PHE A 919 34.15 13.68 -31.31
N SER A 920 32.94 14.01 -30.86
CA SER A 920 32.36 13.39 -29.69
C SER A 920 31.43 12.23 -30.04
N ASP A 921 31.05 12.10 -31.31
CA ASP A 921 30.21 11.01 -31.76
C ASP A 921 31.08 9.85 -32.22
N TYR A 922 30.50 8.65 -32.21
CA TYR A 922 31.26 7.46 -32.54
C TYR A 922 31.61 7.40 -34.01
N PHE A 923 30.60 7.45 -34.88
CA PHE A 923 30.82 7.25 -36.30
C PHE A 923 31.46 8.43 -36.98
N ASN A 924 31.53 9.59 -36.34
CA ASN A 924 32.25 10.71 -36.92
C ASN A 924 33.74 10.56 -36.70
N VAL A 925 34.14 9.97 -35.57
CA VAL A 925 35.53 9.62 -35.36
C VAL A 925 35.93 8.48 -36.29
N SER A 926 35.02 7.53 -36.47
CA SER A 926 35.29 6.38 -37.33
C SER A 926 35.38 6.80 -38.79
N ASP A 927 34.63 7.82 -39.19
CA ASP A 927 34.74 8.34 -40.55
C ASP A 927 36.07 9.03 -40.77
N THR A 928 36.59 9.69 -39.75
CA THR A 928 37.87 10.38 -39.89
C THR A 928 39.00 9.39 -40.10
N ILE A 929 38.99 8.28 -39.37
CA ILE A 929 40.00 7.24 -39.55
C ILE A 929 39.79 6.56 -40.90
N ALA A 930 38.54 6.41 -41.31
CA ALA A 930 38.25 5.72 -42.56
C ALA A 930 38.63 6.55 -43.77
N ILE A 931 38.44 7.87 -43.70
CA ILE A 931 38.76 8.73 -44.82
C ILE A 931 40.26 8.92 -44.94
N ILE A 932 40.93 9.12 -43.80
CA ILE A 932 42.37 9.35 -43.84
C ILE A 932 43.09 8.09 -44.29
N SER A 933 42.71 6.94 -43.74
CA SER A 933 43.41 5.70 -44.06
C SER A 933 43.13 5.23 -45.48
N PHE A 934 42.05 5.71 -46.11
CA PHE A 934 41.82 5.35 -47.49
C PHE A 934 42.84 5.99 -48.41
N PHE A 935 43.13 7.26 -48.20
CA PHE A 935 44.04 7.98 -49.08
C PHE A 935 45.50 7.71 -48.73
N VAL A 936 45.76 7.29 -47.50
CA VAL A 936 47.04 6.66 -47.20
C VAL A 936 47.18 5.39 -48.03
N GLY A 937 46.11 4.61 -48.12
CA GLY A 937 46.16 3.40 -48.89
C GLY A 937 46.14 3.65 -50.38
N PHE A 938 45.34 4.61 -50.83
CA PHE A 938 45.34 4.96 -52.24
C PHE A 938 46.68 5.56 -52.65
N GLY A 939 47.32 6.29 -51.74
CA GLY A 939 48.61 6.86 -52.06
C GLY A 939 49.68 5.80 -52.27
N LEU A 940 49.76 4.85 -51.36
CA LEU A 940 50.70 3.74 -51.51
C LEU A 940 50.34 2.90 -52.70
N ARG A 941 49.05 2.78 -53.00
CA ARG A 941 48.60 1.97 -54.11
C ARG A 941 48.95 2.62 -55.43
N PHE A 942 48.52 3.88 -55.60
CA PHE A 942 48.61 4.54 -56.90
C PHE A 942 50.02 5.05 -57.17
N GLY A 943 50.60 5.74 -56.21
CA GLY A 943 51.90 6.33 -56.37
C GLY A 943 53.02 5.37 -56.04
N ALA A 944 53.11 4.28 -56.79
CA ALA A 944 54.17 3.30 -56.59
C ALA A 944 54.70 2.80 -57.92
N LYS A 945 56.00 2.53 -57.93
CA LYS A 945 56.67 2.04 -59.12
C LYS A 945 56.32 0.58 -59.33
N TRP A 946 55.61 0.30 -60.41
CA TRP A 946 55.15 -1.04 -60.73
C TRP A 946 56.31 -1.89 -61.25
N ASN A 947 56.10 -3.20 -61.22
CA ASN A 947 57.15 -4.18 -61.48
C ASN A 947 57.09 -4.75 -62.90
N TYR A 948 55.87 -4.95 -63.42
CA TYR A 948 55.55 -5.40 -64.77
C TYR A 948 55.89 -6.87 -65.03
N ILE A 949 56.37 -7.60 -64.04
CA ILE A 949 56.66 -9.02 -64.19
C ILE A 949 55.77 -9.86 -63.29
N ASN A 950 55.50 -9.40 -62.07
CA ASN A 950 54.58 -10.06 -61.15
C ASN A 950 54.08 -9.03 -60.15
N ALA A 951 52.78 -8.95 -59.97
CA ALA A 951 52.26 -8.11 -58.91
C ALA A 951 52.56 -8.74 -57.55
N TYR A 952 52.60 -7.88 -56.54
CA TYR A 952 52.85 -8.26 -55.15
C TYR A 952 54.27 -8.76 -54.94
N ASP A 953 55.19 -8.35 -55.81
CA ASP A 953 56.59 -8.21 -55.44
C ASP A 953 56.92 -6.79 -55.01
N ASN A 954 56.03 -5.84 -55.30
CA ASN A 954 56.12 -4.48 -54.77
C ASN A 954 55.43 -4.45 -53.42
N HIS A 955 56.22 -4.34 -52.36
CA HIS A 955 55.66 -4.33 -51.02
C HIS A 955 54.94 -3.03 -50.69
N VAL A 956 55.14 -1.99 -51.49
CA VAL A 956 54.40 -0.75 -51.30
C VAL A 956 52.99 -0.89 -51.87
N PHE A 957 52.86 -1.63 -52.95
CA PHE A 957 51.54 -1.87 -53.52
C PHE A 957 50.73 -2.84 -52.67
N VAL A 958 51.39 -3.82 -52.08
CA VAL A 958 50.71 -4.74 -51.18
C VAL A 958 50.15 -3.98 -49.99
N ALA A 959 50.97 -3.13 -49.40
CA ALA A 959 50.54 -2.36 -48.23
C ALA A 959 49.39 -1.44 -48.57
N GLY A 960 49.38 -0.91 -49.78
CA GLY A 960 48.26 -0.09 -50.20
C GLY A 960 47.00 -0.90 -50.38
N ARG A 961 47.13 -2.09 -50.95
CA ARG A 961 45.97 -2.96 -51.13
C ARG A 961 45.45 -3.46 -49.80
N LEU A 962 46.34 -3.84 -48.88
CA LEU A 962 45.89 -4.37 -47.61
C LEU A 962 45.22 -3.32 -46.76
N ILE A 963 45.49 -2.05 -46.99
CA ILE A 963 44.77 -1.00 -46.28
C ILE A 963 43.35 -0.92 -46.81
N TYR A 964 43.15 -1.13 -48.12
CA TYR A 964 41.79 -1.21 -48.64
C TYR A 964 41.02 -2.34 -47.99
N CYS A 965 41.67 -3.48 -47.80
CA CYS A 965 41.00 -4.63 -47.26
C CYS A 965 40.62 -4.44 -45.81
N LEU A 966 41.37 -3.62 -45.09
CA LEU A 966 41.05 -3.28 -43.72
C LEU A 966 40.19 -2.03 -43.60
N ASN A 967 40.32 -1.08 -44.54
CA ASN A 967 39.51 0.12 -44.51
C ASN A 967 38.04 -0.18 -44.79
N ILE A 968 37.75 -1.27 -45.50
CA ILE A 968 36.38 -1.56 -45.87
C ILE A 968 35.57 -2.03 -44.66
N ILE A 969 36.22 -2.42 -43.57
CA ILE A 969 35.48 -2.77 -42.36
C ILE A 969 34.79 -1.56 -41.80
N PHE A 970 35.44 -0.40 -41.87
CA PHE A 970 34.84 0.84 -41.38
C PHE A 970 33.52 1.12 -42.07
N TRP A 971 33.44 0.79 -43.35
CA TRP A 971 32.28 1.13 -44.17
C TRP A 971 31.17 0.09 -44.08
N TYR A 972 31.44 -1.13 -43.65
CA TYR A 972 30.35 -2.05 -43.32
C TYR A 972 29.76 -1.77 -41.95
N VAL A 973 30.60 -1.46 -40.97
CA VAL A 973 30.12 -1.14 -39.65
C VAL A 973 29.28 0.13 -39.68
N ARG A 974 29.55 1.00 -40.64
CA ARG A 974 28.78 2.19 -40.89
C ARG A 974 27.37 1.89 -41.38
N LEU A 975 27.06 0.65 -41.77
CA LEU A 975 25.69 0.29 -42.09
C LEU A 975 24.83 0.22 -40.84
N LEU A 976 25.43 -0.02 -39.68
CA LEU A 976 24.70 0.08 -38.42
C LEU A 976 24.26 1.50 -38.16
N ASP A 977 25.08 2.45 -38.59
CA ASP A 977 24.74 3.86 -38.55
C ASP A 977 23.52 4.16 -39.41
N PHE A 978 23.39 3.49 -40.55
CA PHE A 978 22.19 3.61 -41.35
C PHE A 978 21.04 2.81 -40.77
N LEU A 979 21.33 1.68 -40.14
CA LEU A 979 20.30 0.85 -39.55
C LEU A 979 19.69 1.45 -38.32
N ALA A 980 20.37 2.42 -37.70
CA ALA A 980 19.93 2.98 -36.44
C ALA A 980 18.83 4.01 -36.60
N VAL A 981 18.34 4.22 -37.81
CA VAL A 981 17.21 5.09 -38.03
C VAL A 981 15.90 4.38 -37.65
N ASN A 982 15.92 3.06 -37.60
CA ASN A 982 14.70 2.33 -37.28
C ASN A 982 14.39 2.41 -35.80
N GLN A 983 13.10 2.33 -35.47
CA GLN A 983 12.68 2.44 -34.08
C GLN A 983 13.11 1.23 -33.27
N GLN A 984 13.17 0.06 -33.90
CA GLN A 984 13.49 -1.17 -33.20
C GLN A 984 14.97 -1.50 -33.25
N ALA A 985 15.61 -1.34 -34.41
CA ALA A 985 17.02 -1.66 -34.53
C ALA A 985 17.91 -0.65 -33.83
N GLY A 986 17.51 0.61 -33.80
CA GLY A 986 18.33 1.67 -33.30
C GLY A 986 18.80 1.51 -31.88
N PRO A 987 17.87 1.24 -30.97
CA PRO A 987 18.25 1.03 -29.59
C PRO A 987 19.16 -0.16 -29.36
N TYR A 988 19.13 -1.18 -30.22
CA TYR A 988 20.08 -2.29 -30.06
C TYR A 988 21.47 -1.90 -30.50
N VAL A 989 21.61 -1.07 -31.52
CA VAL A 989 22.92 -0.64 -31.96
C VAL A 989 23.58 0.20 -30.89
N MET A 990 22.82 1.10 -30.27
CA MET A 990 23.36 1.87 -29.16
C MET A 990 23.57 1.01 -27.93
N MET A 991 22.88 -0.12 -27.86
CA MET A 991 23.03 -1.03 -26.75
C MET A 991 24.34 -1.80 -26.82
N ILE A 992 24.74 -2.21 -28.02
CA ILE A 992 25.97 -2.97 -28.20
C ILE A 992 27.15 -2.21 -27.61
N GLY A 993 27.20 -0.90 -27.83
CA GLY A 993 28.31 -0.13 -27.31
C GLY A 993 28.29 -0.01 -25.81
N LYS A 994 27.11 0.10 -25.21
CA LYS A 994 27.00 0.23 -23.78
C LYS A 994 27.33 -1.07 -23.07
N MET A 995 27.06 -2.20 -23.71
CA MET A 995 27.38 -3.50 -23.13
C MET A 995 28.86 -3.81 -23.20
N VAL A 996 29.54 -3.35 -24.23
CA VAL A 996 31.00 -3.53 -24.31
C VAL A 996 31.67 -2.79 -23.17
N ALA A 997 31.23 -1.58 -22.88
CA ALA A 997 31.84 -0.81 -21.80
C ALA A 997 31.56 -1.43 -20.45
N ASN A 998 30.41 -2.05 -20.28
CA ASN A 998 30.02 -2.56 -18.98
C ASN A 998 30.67 -3.89 -18.66
N MET A 999 31.02 -4.69 -19.67
CA MET A 999 31.61 -6.00 -19.47
C MET A 999 33.13 -5.97 -19.55
N PHE A 1000 33.75 -4.80 -19.54
CA PHE A 1000 35.18 -4.71 -19.74
C PHE A 1000 35.94 -5.53 -18.72
N TYR A 1001 35.58 -5.41 -17.46
CA TYR A 1001 36.37 -6.01 -16.40
C TYR A 1001 36.13 -7.49 -16.24
N ILE A 1002 35.02 -8.01 -16.73
CA ILE A 1002 34.86 -9.45 -16.82
C ILE A 1002 35.75 -10.00 -17.91
N VAL A 1003 35.87 -9.28 -19.02
CA VAL A 1003 36.70 -9.71 -20.12
C VAL A 1003 38.18 -9.60 -19.77
N VAL A 1004 38.54 -8.63 -18.94
CA VAL A 1004 39.92 -8.55 -18.46
C VAL A 1004 40.26 -9.78 -17.64
N ILE A 1005 39.35 -10.21 -16.78
CA ILE A 1005 39.58 -11.41 -15.98
C ILE A 1005 39.72 -12.62 -16.89
N MET A 1006 38.91 -12.70 -17.94
CA MET A 1006 39.02 -13.79 -18.89
C MET A 1006 40.36 -13.78 -19.61
N ALA A 1007 40.98 -12.61 -19.73
CA ALA A 1007 42.28 -12.50 -20.38
C ALA A 1007 43.42 -12.89 -19.47
N LEU A 1008 43.29 -12.68 -18.17
CA LEU A 1008 44.30 -13.11 -17.24
C LEU A 1008 44.26 -14.61 -17.03
N VAL A 1009 43.07 -15.21 -17.03
CA VAL A 1009 42.95 -16.65 -16.99
C VAL A 1009 43.53 -17.26 -18.25
N LEU A 1010 43.43 -16.56 -19.37
CA LEU A 1010 44.03 -17.01 -20.61
C LEU A 1010 45.54 -17.10 -20.50
N LEU A 1011 46.17 -16.07 -19.95
CA LEU A 1011 47.61 -16.06 -19.80
C LEU A 1011 48.09 -16.96 -18.68
N SER A 1012 47.24 -17.23 -17.69
CA SER A 1012 47.60 -18.16 -16.64
C SER A 1012 47.72 -19.59 -17.15
N PHE A 1013 47.11 -19.89 -18.27
CA PHE A 1013 47.18 -21.20 -18.89
C PHE A 1013 48.15 -21.29 -20.04
N GLY A 1014 48.26 -20.26 -20.87
CA GLY A 1014 49.08 -20.35 -22.05
C GLY A 1014 50.56 -20.40 -21.74
N VAL A 1015 50.98 -19.69 -20.71
CA VAL A 1015 52.40 -19.57 -20.38
C VAL A 1015 52.92 -20.91 -19.87
N PRO A 1016 52.23 -21.61 -18.97
CA PRO A 1016 52.74 -22.93 -18.58
C PRO A 1016 52.63 -23.98 -19.65
N ARG A 1017 51.61 -23.93 -20.49
CA ARG A 1017 51.48 -24.94 -21.53
C ARG A 1017 52.59 -24.81 -22.56
N LYS A 1018 52.92 -23.59 -22.94
CA LYS A 1018 54.03 -23.37 -23.85
C LYS A 1018 55.34 -23.72 -23.19
N ALA A 1019 55.45 -23.49 -21.89
CA ALA A 1019 56.69 -23.75 -21.18
C ALA A 1019 56.93 -25.23 -20.99
N ILE A 1020 55.87 -25.99 -20.73
CA ILE A 1020 56.00 -27.41 -20.51
C ILE A 1020 56.18 -28.15 -21.82
N LEU A 1021 55.44 -27.76 -22.85
CA LEU A 1021 55.43 -28.51 -24.10
C LEU A 1021 56.59 -28.16 -25.01
N TYR A 1022 57.16 -26.96 -24.87
CA TYR A 1022 58.25 -26.47 -25.71
C TYR A 1022 59.38 -25.99 -24.80
N PRO A 1023 60.24 -26.89 -24.33
CA PRO A 1023 61.29 -26.50 -23.38
C PRO A 1023 62.61 -26.02 -23.99
N HIS A 1024 62.72 -25.87 -25.30
CA HIS A 1024 64.00 -25.70 -25.98
C HIS A 1024 63.92 -24.57 -26.97
N GLU A 1025 63.37 -23.45 -26.54
CA GLU A 1025 63.06 -22.33 -27.40
C GLU A 1025 64.02 -21.18 -27.18
N GLU A 1026 64.51 -20.61 -28.28
CA GLU A 1026 65.23 -19.38 -28.22
C GLU A 1026 64.26 -18.21 -28.06
N PRO A 1027 64.73 -17.05 -27.62
CA PRO A 1027 63.85 -15.90 -27.56
C PRO A 1027 63.40 -15.49 -28.95
N SER A 1028 62.09 -15.38 -29.12
CA SER A 1028 61.50 -14.96 -30.38
C SER A 1028 60.14 -14.39 -30.09
N TRP A 1029 59.67 -13.52 -31.00
CA TRP A 1029 58.35 -12.96 -30.85
C TRP A 1029 57.25 -13.99 -31.12
N SER A 1030 57.60 -15.17 -31.60
CA SER A 1030 56.63 -16.25 -31.71
C SER A 1030 56.16 -16.74 -30.36
N LEU A 1031 56.95 -16.51 -29.31
CA LEU A 1031 56.54 -16.91 -27.98
C LEU A 1031 55.35 -16.09 -27.50
N ALA A 1032 55.28 -14.83 -27.92
CA ALA A 1032 54.13 -14.01 -27.57
C ALA A 1032 52.87 -14.51 -28.26
N LYS A 1033 53.04 -15.04 -29.47
CA LYS A 1033 51.92 -15.59 -30.22
C LYS A 1033 51.42 -16.88 -29.59
N ASP A 1034 52.34 -17.76 -29.23
CA ASP A 1034 51.99 -19.12 -28.87
C ASP A 1034 51.34 -19.21 -27.49
N ILE A 1035 51.64 -18.28 -26.59
CA ILE A 1035 51.01 -18.30 -25.26
C ILE A 1035 49.62 -17.72 -25.25
N VAL A 1036 49.17 -17.15 -26.37
CA VAL A 1036 47.88 -16.47 -26.44
C VAL A 1036 47.00 -17.22 -27.42
N PHE A 1037 47.59 -17.73 -28.49
CA PHE A 1037 46.85 -18.19 -29.66
C PHE A 1037 45.89 -19.33 -29.31
N HIS A 1038 46.41 -20.52 -29.01
CA HIS A 1038 45.54 -21.65 -28.78
C HIS A 1038 44.57 -21.46 -27.61
N PRO A 1039 44.97 -20.89 -26.47
CA PRO A 1039 44.02 -20.71 -25.38
C PRO A 1039 42.88 -19.78 -25.69
N TYR A 1040 43.02 -18.91 -26.68
CA TYR A 1040 41.93 -18.03 -27.05
C TYR A 1040 40.88 -18.75 -27.85
N TRP A 1041 41.30 -19.64 -28.73
CA TRP A 1041 40.37 -20.37 -29.58
C TRP A 1041 39.64 -21.46 -28.82
N MET A 1042 40.10 -21.79 -27.62
CA MET A 1042 39.39 -22.70 -26.74
C MET A 1042 38.15 -22.08 -26.14
N ILE A 1043 38.11 -20.75 -26.01
CA ILE A 1043 36.91 -20.08 -25.53
C ILE A 1043 35.77 -20.29 -26.51
N PHE A 1044 36.08 -20.56 -27.77
CA PHE A 1044 35.12 -20.47 -28.87
C PHE A 1044 34.81 -21.83 -29.45
N GLY A 1045 35.06 -22.89 -28.70
CA GLY A 1045 34.64 -24.23 -29.06
C GLY A 1045 35.75 -25.18 -29.44
N GLU A 1046 36.97 -24.71 -29.68
CA GLU A 1046 38.04 -25.55 -30.20
C GLU A 1046 38.83 -26.16 -29.03
N VAL A 1047 38.63 -27.44 -28.79
CA VAL A 1047 39.30 -28.13 -27.70
C VAL A 1047 40.70 -28.58 -28.08
N TYR A 1048 41.02 -28.67 -29.36
CA TYR A 1048 42.27 -29.24 -29.84
C TYR A 1048 42.46 -30.64 -29.27
N ALA A 1049 41.53 -31.50 -29.64
CA ALA A 1049 41.34 -32.76 -28.95
C ALA A 1049 42.54 -33.68 -29.08
N TYR A 1050 43.19 -33.65 -30.23
CA TYR A 1050 44.31 -34.54 -30.50
C TYR A 1050 45.66 -33.88 -30.27
N GLU A 1051 45.68 -32.68 -29.68
CA GLU A 1051 46.88 -32.07 -29.15
C GLU A 1051 46.93 -32.12 -27.64
N ILE A 1052 45.81 -32.45 -26.99
CA ILE A 1052 45.82 -32.83 -25.58
C ILE A 1052 46.50 -34.18 -25.47
N ASP A 1053 47.30 -34.35 -24.42
CA ASP A 1053 47.97 -35.62 -24.17
C ASP A 1053 48.84 -36.02 -25.36
N VAL A 1054 49.86 -35.19 -25.59
CA VAL A 1054 50.74 -35.34 -26.73
C VAL A 1054 51.48 -36.68 -26.75
N CYS A 1055 51.50 -37.40 -25.64
CA CYS A 1055 52.14 -38.71 -25.57
C CYS A 1055 51.18 -39.84 -25.86
N ALA A 1056 49.96 -39.55 -26.28
CA ALA A 1056 49.01 -40.59 -26.65
C ALA A 1056 49.29 -41.09 -28.06
N ASN A 1057 48.61 -42.19 -28.42
CA ASN A 1057 48.87 -42.83 -29.71
C ASN A 1057 48.20 -42.10 -30.86
N ASP A 1058 47.04 -41.47 -30.61
CA ASP A 1058 46.32 -40.73 -31.62
C ASP A 1058 46.69 -39.25 -31.66
N SER A 1059 47.84 -38.89 -31.10
CA SER A 1059 48.25 -37.50 -31.04
C SER A 1059 48.80 -37.02 -32.37
N THR A 1060 48.49 -35.78 -32.70
CA THR A 1060 49.02 -35.10 -33.87
C THR A 1060 50.30 -34.33 -33.58
N LEU A 1061 50.78 -34.36 -32.33
CA LEU A 1061 52.05 -33.77 -31.93
C LEU A 1061 52.89 -34.81 -31.21
N PRO A 1062 53.30 -35.88 -31.89
CA PRO A 1062 54.02 -36.96 -31.20
C PRO A 1062 55.46 -36.64 -30.87
N THR A 1063 56.05 -35.63 -31.50
CA THR A 1063 57.42 -35.24 -31.20
C THR A 1063 57.51 -34.29 -30.02
N ILE A 1064 56.39 -33.70 -29.61
CA ILE A 1064 56.35 -32.83 -28.45
C ILE A 1064 56.30 -33.62 -27.16
N CYS A 1065 56.03 -34.92 -27.23
CA CYS A 1065 56.05 -35.75 -26.04
C CYS A 1065 57.43 -35.75 -25.43
N GLY A 1066 57.48 -35.54 -24.12
CA GLY A 1066 58.73 -35.39 -23.43
C GLY A 1066 58.55 -35.41 -21.94
N PRO A 1067 59.56 -34.97 -21.21
CA PRO A 1067 59.47 -34.96 -19.75
C PRO A 1067 58.43 -33.96 -19.25
N GLY A 1068 57.41 -34.49 -18.58
CA GLY A 1068 56.47 -33.66 -17.87
C GLY A 1068 55.31 -33.14 -18.68
N THR A 1069 55.10 -33.62 -19.88
CA THR A 1069 54.00 -33.15 -20.70
C THR A 1069 52.66 -33.74 -20.29
N TRP A 1070 52.65 -34.62 -19.30
CA TRP A 1070 51.42 -35.13 -18.72
C TRP A 1070 50.69 -34.12 -17.86
N LEU A 1071 51.30 -32.97 -17.58
CA LEU A 1071 50.67 -31.96 -16.76
C LEU A 1071 49.64 -31.15 -17.54
N THR A 1072 49.78 -31.07 -18.83
CA THR A 1072 49.00 -30.14 -19.64
C THR A 1072 47.53 -30.55 -19.79
N PRO A 1073 47.18 -31.83 -19.81
CA PRO A 1073 45.75 -32.15 -19.76
C PRO A 1073 45.08 -31.70 -18.48
N PHE A 1074 45.78 -31.77 -17.34
CA PHE A 1074 45.22 -31.26 -16.11
C PHE A 1074 45.09 -29.75 -16.15
N LEU A 1075 46.02 -29.06 -16.80
CA LEU A 1075 45.98 -27.60 -16.85
C LEU A 1075 44.83 -27.12 -17.71
N GLN A 1076 44.57 -27.81 -18.80
CA GLN A 1076 43.53 -27.44 -19.73
C GLN A 1076 42.15 -27.80 -19.21
N ALA A 1077 42.06 -28.82 -18.37
CA ALA A 1077 40.80 -29.15 -17.74
C ALA A 1077 40.38 -28.04 -16.78
N VAL A 1078 41.33 -27.51 -16.03
CA VAL A 1078 41.06 -26.42 -15.12
C VAL A 1078 40.75 -25.15 -15.88
N TYR A 1079 41.43 -24.93 -16.99
CA TYR A 1079 41.26 -23.71 -17.76
C TYR A 1079 39.85 -23.58 -18.29
N LEU A 1080 39.34 -24.62 -18.93
CA LEU A 1080 38.03 -24.56 -19.56
C LEU A 1080 36.91 -24.62 -18.56
N PHE A 1081 37.11 -25.25 -17.42
CA PHE A 1081 36.16 -25.12 -16.33
C PHE A 1081 36.02 -23.67 -15.93
N VAL A 1082 37.13 -22.96 -15.80
CA VAL A 1082 37.05 -21.57 -15.41
C VAL A 1082 36.45 -20.72 -16.52
N GLN A 1083 36.76 -21.04 -17.77
CA GLN A 1083 36.33 -20.16 -18.85
C GLN A 1083 34.87 -20.37 -19.19
N TYR A 1084 34.47 -21.58 -19.61
CA TYR A 1084 33.06 -21.78 -19.93
C TYR A 1084 32.20 -21.80 -18.69
N ILE A 1085 32.53 -22.67 -17.75
CA ILE A 1085 31.58 -22.98 -16.69
C ILE A 1085 31.48 -21.84 -15.68
N ILE A 1086 32.51 -21.01 -15.52
CA ILE A 1086 32.45 -19.88 -14.60
C ILE A 1086 32.29 -18.59 -15.37
N MET A 1087 33.26 -18.27 -16.23
CA MET A 1087 33.37 -16.91 -16.73
C MET A 1087 32.42 -16.62 -17.88
N VAL A 1088 32.17 -17.57 -18.76
CA VAL A 1088 31.17 -17.36 -19.80
C VAL A 1088 29.78 -17.28 -19.20
N ASN A 1089 29.48 -18.11 -18.20
CA ASN A 1089 28.15 -18.09 -17.60
C ASN A 1089 27.98 -16.91 -16.67
N LEU A 1090 29.07 -16.43 -16.08
CA LEU A 1090 29.03 -15.17 -15.35
C LEU A 1090 28.70 -14.01 -16.28
N LEU A 1091 29.11 -14.12 -17.54
CA LEU A 1091 28.91 -13.08 -18.51
C LEU A 1091 27.53 -13.14 -19.13
N ILE A 1092 26.98 -14.34 -19.29
CA ILE A 1092 25.57 -14.48 -19.60
C ILE A 1092 24.73 -13.85 -18.48
N ALA A 1093 25.04 -14.19 -17.24
CA ALA A 1093 24.29 -13.67 -16.10
C ALA A 1093 24.44 -12.17 -15.97
N PHE A 1094 25.60 -11.62 -16.30
CA PHE A 1094 25.77 -10.18 -16.29
C PHE A 1094 24.82 -9.50 -17.24
N PHE A 1095 24.73 -10.00 -18.47
CA PHE A 1095 23.86 -9.37 -19.45
C PHE A 1095 22.40 -9.49 -19.11
N ASN A 1096 21.98 -10.62 -18.54
CA ASN A 1096 20.57 -10.79 -18.20
C ASN A 1096 20.11 -9.75 -17.20
N ASN A 1097 20.88 -9.54 -16.16
CA ASN A 1097 20.49 -8.71 -15.04
C ASN A 1097 20.87 -7.25 -15.22
N VAL A 1098 21.48 -6.90 -16.34
CA VAL A 1098 21.72 -5.53 -16.73
C VAL A 1098 20.97 -5.16 -18.00
N TYR A 1099 20.19 -6.08 -18.56
CA TYR A 1099 19.53 -5.86 -19.84
C TYR A 1099 18.51 -4.73 -19.76
N LEU A 1100 17.61 -4.79 -18.78
CA LEU A 1100 16.48 -3.87 -18.76
C LEU A 1100 16.91 -2.43 -18.57
N GLN A 1101 17.94 -2.19 -17.77
CA GLN A 1101 18.35 -0.82 -17.50
C GLN A 1101 19.29 -0.27 -18.56
N VAL A 1102 19.91 -1.13 -19.37
CA VAL A 1102 20.65 -0.66 -20.52
C VAL A 1102 19.75 -0.52 -21.74
N LYS A 1103 18.76 -1.40 -21.88
CA LYS A 1103 17.77 -1.22 -22.94
C LYS A 1103 16.96 0.04 -22.73
N ALA A 1104 16.67 0.38 -21.48
CA ALA A 1104 15.94 1.59 -21.17
C ALA A 1104 16.77 2.82 -21.45
N ILE A 1105 18.01 2.86 -20.98
CA ILE A 1105 18.88 3.99 -21.23
C ILE A 1105 19.10 4.16 -22.73
N SER A 1106 19.18 3.04 -23.46
CA SER A 1106 19.44 3.11 -24.88
C SER A 1106 18.25 3.64 -25.65
N ASN A 1107 17.04 3.42 -25.17
CA ASN A 1107 15.87 3.99 -25.81
C ASN A 1107 15.85 5.50 -25.67
N ILE A 1108 16.14 6.03 -24.48
CA ILE A 1108 16.14 7.47 -24.29
C ILE A 1108 17.28 8.12 -25.08
N VAL A 1109 18.45 7.48 -25.11
CA VAL A 1109 19.56 8.04 -25.87
C VAL A 1109 19.26 8.02 -27.35
N TRP A 1110 18.57 6.99 -27.82
CA TRP A 1110 18.20 6.95 -29.23
C TRP A 1110 17.19 8.03 -29.55
N LYS A 1111 16.20 8.21 -28.68
CA LYS A 1111 15.18 9.22 -28.92
C LYS A 1111 15.73 10.63 -28.81
N TYR A 1112 16.72 10.83 -27.95
CA TYR A 1112 17.30 12.15 -27.80
C TYR A 1112 18.05 12.57 -29.05
N GLN A 1113 18.77 11.65 -29.66
CA GLN A 1113 19.67 11.97 -30.75
C GLN A 1113 18.99 11.89 -32.11
N ARG A 1114 17.68 11.69 -32.17
CA ARG A 1114 16.94 11.92 -33.39
C ARG A 1114 16.83 13.40 -33.72
N TYR A 1115 16.98 14.26 -32.73
CA TYR A 1115 16.95 15.69 -32.98
C TYR A 1115 18.15 16.11 -33.82
N HIS A 1116 19.35 15.79 -33.35
CA HIS A 1116 20.56 16.13 -34.09
C HIS A 1116 20.63 15.41 -35.41
N PHE A 1117 19.92 14.28 -35.53
CA PHE A 1117 19.90 13.53 -36.77
C PHE A 1117 18.97 14.16 -37.79
N ILE A 1118 17.74 14.44 -37.38
CA ILE A 1118 16.73 14.93 -38.30
C ILE A 1118 16.97 16.37 -38.66
N MET A 1119 17.44 17.18 -37.70
CA MET A 1119 17.76 18.56 -37.98
C MET A 1119 19.04 18.72 -38.78
N ALA A 1120 19.82 17.65 -38.93
CA ALA A 1120 20.95 17.68 -39.85
C ALA A 1120 20.51 17.54 -41.29
N TYR A 1121 19.45 16.76 -41.55
CA TYR A 1121 18.99 16.55 -42.90
C TYR A 1121 18.16 17.69 -43.45
N HIS A 1122 17.88 18.72 -42.67
CA HIS A 1122 17.34 19.94 -43.24
C HIS A 1122 18.41 20.78 -43.90
N GLU A 1123 19.67 20.57 -43.53
CA GLU A 1123 20.79 21.35 -44.01
C GLU A 1123 21.66 20.58 -45.00
N LYS A 1124 21.49 19.27 -45.10
CA LYS A 1124 22.26 18.52 -46.07
C LYS A 1124 21.74 18.80 -47.48
N PRO A 1125 22.60 18.73 -48.49
CA PRO A 1125 22.13 18.90 -49.85
C PRO A 1125 21.27 17.74 -50.31
N VAL A 1126 20.60 17.99 -51.42
CA VAL A 1126 19.67 17.04 -52.01
C VAL A 1126 20.38 15.81 -52.52
N LEU A 1127 21.63 15.97 -52.89
CA LEU A 1127 22.24 15.10 -53.88
C LEU A 1127 23.35 14.28 -53.24
N PRO A 1128 23.50 13.00 -53.55
CA PRO A 1128 24.31 12.13 -52.70
C PRO A 1128 25.81 12.27 -52.95
N PRO A 1129 26.64 11.62 -52.14
CA PRO A 1129 28.07 11.94 -52.12
C PRO A 1129 28.90 11.41 -53.27
N PRO A 1130 28.35 10.81 -54.34
CA PRO A 1130 29.12 10.81 -55.60
C PRO A 1130 28.83 12.01 -56.47
N LEU A 1131 27.59 12.50 -56.40
CA LEU A 1131 27.13 13.63 -57.18
C LEU A 1131 27.06 14.91 -56.38
N ILE A 1132 27.45 14.89 -55.11
CA ILE A 1132 27.31 16.04 -54.24
C ILE A 1132 28.22 17.19 -54.65
N ILE A 1133 29.25 16.92 -55.46
CA ILE A 1133 30.17 17.97 -55.86
C ILE A 1133 29.47 19.00 -56.73
N LEU A 1134 28.38 18.62 -57.38
CA LEU A 1134 27.55 19.59 -58.08
C LEU A 1134 26.92 20.58 -57.11
N SER A 1135 26.60 20.12 -55.89
CA SER A 1135 25.97 20.97 -54.90
C SER A 1135 26.96 21.85 -54.16
N HIS A 1136 28.23 21.47 -54.10
CA HIS A 1136 29.24 22.30 -53.47
C HIS A 1136 29.74 23.41 -54.37
N ILE A 1137 29.60 23.26 -55.69
CA ILE A 1137 29.89 24.37 -56.60
C ILE A 1137 28.84 25.46 -56.43
N VAL A 1138 27.57 25.07 -56.38
CA VAL A 1138 26.49 26.02 -56.21
C VAL A 1138 26.56 26.70 -54.85
N SER A 1139 27.01 25.97 -53.83
CA SER A 1139 27.05 26.54 -52.49
C SER A 1139 28.14 27.60 -52.37
N LEU A 1140 29.19 27.49 -53.19
CA LEU A 1140 30.22 28.53 -53.24
C LEU A 1140 29.83 29.65 -54.19
N PHE A 1141 28.98 29.35 -55.18
CA PHE A 1141 28.57 30.35 -56.15
C PHE A 1141 27.65 31.39 -55.52
N CYS A 1142 26.64 30.94 -54.78
CA CYS A 1142 25.64 31.83 -54.21
C CYS A 1142 26.14 32.54 -52.95
N CYS A 1143 27.18 32.04 -52.30
CA CYS A 1143 27.66 32.64 -51.05
C CYS A 1143 28.56 33.84 -51.32
N VAL A 1144 29.53 33.68 -52.22
CA VAL A 1144 30.47 34.75 -52.52
C VAL A 1144 29.77 35.87 -53.28
N CYS A 1145 28.85 35.53 -54.17
CA CYS A 1145 28.19 36.52 -55.00
C CYS A 1145 27.30 37.43 -54.18
N LYS A 1146 26.44 36.84 -53.35
CA LYS A 1146 25.49 37.62 -52.56
C LYS A 1146 26.17 38.30 -51.38
N GLY A 1156 18.37 28.21 -38.82
CA GLY A 1156 17.80 27.08 -39.54
C GLY A 1156 16.34 27.31 -39.87
N PRO A 1157 15.49 26.30 -39.73
CA PRO A 1157 14.07 26.50 -40.02
C PRO A 1157 13.35 27.22 -38.90
N LYS A 1158 12.24 27.86 -39.26
CA LYS A 1158 11.41 28.61 -38.34
C LYS A 1158 9.97 28.14 -38.46
N LEU A 1159 9.22 28.39 -37.40
CA LEU A 1159 7.80 28.09 -37.33
C LEU A 1159 7.04 29.40 -37.51
N PHE A 1160 6.42 29.57 -38.67
CA PHE A 1160 5.71 30.79 -38.96
C PHE A 1160 4.31 30.73 -38.36
N LEU A 1161 3.88 31.86 -37.79
CA LEU A 1161 2.55 32.01 -37.25
C LEU A 1161 2.03 33.39 -37.60
N THR A 1162 0.78 33.44 -38.04
CA THR A 1162 0.12 34.73 -38.20
C THR A 1162 -0.25 35.28 -36.82
N GLU A 1163 -0.68 36.53 -36.80
CA GLU A 1163 -0.92 37.20 -35.53
C GLU A 1163 -2.13 36.63 -34.81
N GLU A 1164 -3.09 36.06 -35.53
CA GLU A 1164 -4.23 35.41 -34.90
C GLU A 1164 -3.96 33.97 -34.51
N ASP A 1165 -2.81 33.41 -34.91
CA ASP A 1165 -2.37 32.11 -34.42
C ASP A 1165 -1.37 32.21 -33.28
N GLN A 1166 -0.62 33.30 -33.19
CA GLN A 1166 0.15 33.55 -31.98
C GLN A 1166 -0.76 33.84 -30.80
N LYS A 1167 -1.88 34.52 -31.05
CA LYS A 1167 -2.82 34.81 -29.98
C LYS A 1167 -3.50 33.53 -29.50
N LYS A 1168 -3.87 32.65 -30.42
CA LYS A 1168 -4.45 31.38 -30.03
C LYS A 1168 -3.45 30.47 -29.35
N LEU A 1169 -2.15 30.68 -29.61
CA LEU A 1169 -1.13 29.84 -29.00
C LEU A 1169 -0.80 30.31 -27.59
N HIS A 1170 -0.75 31.62 -27.38
CA HIS A 1170 -0.50 32.15 -26.04
C HIS A 1170 -1.66 31.84 -25.11
N ASP A 1171 -2.88 31.80 -25.65
CA ASP A 1171 -4.02 31.43 -24.83
C ASP A 1171 -3.97 29.95 -24.47
N PHE A 1172 -3.42 29.13 -25.36
CA PHE A 1172 -3.26 27.71 -25.08
C PHE A 1172 -2.19 27.46 -24.04
N GLU A 1173 -1.07 28.17 -24.14
CA GLU A 1173 -0.01 28.04 -23.14
C GLU A 1173 -0.49 28.46 -21.77
N GLU A 1174 -1.23 29.56 -21.69
CA GLU A 1174 -1.73 30.02 -20.40
C GLU A 1174 -2.75 29.04 -19.83
N GLN A 1175 -3.63 28.51 -20.67
CA GLN A 1175 -4.68 27.63 -20.19
C GLN A 1175 -4.11 26.30 -19.69
N CYS A 1176 -3.06 25.80 -20.32
CA CYS A 1176 -2.52 24.51 -19.92
C CYS A 1176 -1.68 24.60 -18.65
N VAL A 1177 -1.14 25.78 -18.36
CA VAL A 1177 -0.45 25.98 -17.10
C VAL A 1177 -1.45 26.10 -15.97
N GLU A 1178 -2.57 26.79 -16.21
CA GLU A 1178 -3.62 26.88 -15.22
C GLU A 1178 -4.16 25.50 -14.89
N MET A 1179 -4.36 24.66 -15.90
CA MET A 1179 -4.81 23.30 -15.67
C MET A 1179 -3.76 22.45 -14.97
N TYR A 1180 -2.49 22.87 -15.01
CA TYR A 1180 -1.44 22.06 -14.41
C TYR A 1180 -1.45 22.20 -12.90
N PHE A 1181 -1.53 23.43 -12.41
CA PHE A 1181 -1.50 23.68 -10.98
C PHE A 1181 -2.81 23.31 -10.31
N ASP A 1182 -3.91 23.33 -11.04
CA ASP A 1182 -5.19 22.94 -10.47
C ASP A 1182 -5.24 21.42 -10.25
N GLU A 1183 -4.84 20.66 -11.26
CA GLU A 1183 -4.82 19.21 -11.12
C GLU A 1183 -3.71 18.73 -10.19
N LYS A 1184 -2.67 19.54 -10.00
CA LYS A 1184 -1.65 19.19 -9.03
C LYS A 1184 -2.16 19.39 -7.61
N ASP A 1185 -2.96 20.43 -7.41
CA ASP A 1185 -3.57 20.66 -6.10
C ASP A 1185 -4.73 19.73 -5.82
N ASP A 1186 -5.47 19.34 -6.86
CA ASP A 1186 -6.59 18.42 -6.66
C ASP A 1186 -6.10 17.00 -6.40
N LYS A 1187 -4.95 16.62 -6.95
CA LYS A 1187 -4.40 15.30 -6.69
C LYS A 1187 -3.80 15.21 -5.30
N PHE A 1188 -3.30 16.32 -4.77
CA PHE A 1188 -2.74 16.34 -3.43
C PHE A 1188 -3.83 16.36 -2.37
N ASN A 1189 -4.87 17.17 -2.57
CA ASN A 1189 -5.95 17.28 -1.61
C ASN A 1189 -6.87 16.08 -1.61
N SER A 1190 -6.81 15.22 -2.63
CA SER A 1190 -7.67 14.06 -2.75
C SER A 1190 -6.92 12.76 -2.50
N GLY A 1191 -5.65 12.83 -2.11
CA GLY A 1191 -4.93 11.65 -1.75
C GLY A 1191 -5.32 11.13 -0.37
N SER A 1192 -5.07 9.85 -0.16
CA SER A 1192 -5.38 9.25 1.13
C SER A 1192 -4.48 9.77 2.23
N GLU A 1193 -3.26 10.16 1.89
CA GLU A 1193 -2.34 10.66 2.90
C GLU A 1193 -2.81 12.00 3.46
N GLU A 1194 -3.33 12.86 2.60
CA GLU A 1194 -3.73 14.19 3.04
C GLU A 1194 -5.11 14.19 3.69
N ARG A 1195 -5.99 13.29 3.28
CA ARG A 1195 -7.32 13.23 3.88
C ARG A 1195 -7.26 12.68 5.30
N ILE A 1196 -6.32 11.77 5.57
CA ILE A 1196 -6.20 11.20 6.91
C ILE A 1196 -5.73 12.26 7.88
N ARG A 1197 -4.79 13.12 7.47
CA ARG A 1197 -4.20 14.06 8.41
C ARG A 1197 -5.11 15.25 8.68
N VAL A 1198 -5.87 15.68 7.67
CA VAL A 1198 -6.86 16.73 7.90
C VAL A 1198 -7.98 16.19 8.77
N THR A 1199 -8.30 14.91 8.64
CA THR A 1199 -9.17 14.26 9.62
C THR A 1199 -8.51 14.23 10.98
N PHE A 1200 -7.22 13.92 11.01
CA PHE A 1200 -6.50 13.86 12.28
C PHE A 1200 -6.49 15.21 12.98
N GLU A 1201 -6.34 16.29 12.22
CA GLU A 1201 -6.25 17.61 12.82
C GLU A 1201 -7.61 18.15 13.23
N ARG A 1202 -8.67 17.73 12.55
CA ARG A 1202 -10.01 18.19 12.91
C ARG A 1202 -10.56 17.39 14.09
N VAL A 1203 -10.34 16.08 14.11
CA VAL A 1203 -10.77 15.29 15.25
C VAL A 1203 -10.02 15.72 16.50
N GLU A 1204 -8.78 16.19 16.35
CA GLU A 1204 -8.07 16.75 17.50
C GLU A 1204 -8.77 17.97 18.04
N GLN A 1205 -9.14 18.90 17.17
CA GLN A 1205 -9.82 20.11 17.60
C GLN A 1205 -11.22 19.81 18.12
N MET A 1206 -11.89 18.82 17.54
CA MET A 1206 -13.22 18.44 18.01
C MET A 1206 -13.14 17.79 19.39
N SER A 1207 -12.06 17.04 19.66
CA SER A 1207 -11.85 16.50 20.99
C SER A 1207 -11.67 17.61 22.00
N ILE A 1208 -11.04 18.71 21.59
CA ILE A 1208 -10.85 19.84 22.49
C ILE A 1208 -12.20 20.51 22.79
N GLN A 1209 -13.01 20.72 21.75
CA GLN A 1209 -14.22 21.50 21.92
C GLN A 1209 -15.28 20.75 22.71
N ILE A 1210 -15.50 19.48 22.38
CA ILE A 1210 -16.56 18.70 23.03
C ILE A 1210 -16.27 18.55 24.51
N LYS A 1211 -15.01 18.30 24.87
CA LYS A 1211 -14.64 18.27 26.27
C LYS A 1211 -14.86 19.62 26.93
N GLU A 1212 -14.74 20.69 26.15
CA GLU A 1212 -14.88 22.04 26.66
C GLU A 1212 -16.33 22.52 26.55
N VAL A 1213 -17.09 21.99 25.60
CA VAL A 1213 -18.55 22.12 25.64
C VAL A 1213 -19.12 21.19 26.70
N GLY A 1214 -18.49 20.02 26.86
CA GLY A 1214 -18.88 19.09 27.91
C GLY A 1214 -18.67 19.65 29.29
N ASP A 1215 -17.78 20.64 29.44
CA ASP A 1215 -17.64 21.35 30.69
C ASP A 1215 -18.69 22.44 30.83
N ARG A 1216 -19.07 23.09 29.72
CA ARG A 1216 -20.13 24.08 29.81
C ARG A 1216 -21.46 23.45 30.20
N VAL A 1217 -21.79 22.30 29.63
CA VAL A 1217 -23.05 21.66 29.97
C VAL A 1217 -23.04 21.16 31.40
N ASN A 1218 -21.87 20.91 31.97
CA ASN A 1218 -21.75 20.68 33.40
C ASN A 1218 -21.88 21.98 34.19
N TYR A 1219 -21.57 23.13 33.59
CA TYR A 1219 -21.89 24.41 34.20
C TYR A 1219 -23.38 24.73 34.10
N ILE A 1220 -24.11 24.02 33.23
CA ILE A 1220 -25.56 24.19 33.15
C ILE A 1220 -26.25 23.50 34.31
N LYS A 1221 -25.81 22.27 34.67
CA LYS A 1221 -26.53 21.51 35.68
C LYS A 1221 -26.39 22.09 37.08
N ARG A 1222 -25.50 23.08 37.28
CA ARG A 1222 -25.51 23.78 38.55
C ARG A 1222 -26.78 24.62 38.70
N SER A 1223 -27.27 25.19 37.60
CA SER A 1223 -28.52 25.94 37.61
C SER A 1223 -29.76 25.04 37.54
N LEU A 1224 -29.60 23.77 37.16
CA LEU A 1224 -30.73 22.84 37.16
C LEU A 1224 -31.18 22.55 38.59
N GLN A 1225 -30.22 22.26 39.47
CA GLN A 1225 -30.55 22.08 40.89
C GLN A 1225 -31.07 23.37 41.50
N SER A 1226 -30.66 24.52 40.98
CA SER A 1226 -31.12 25.80 41.52
C SER A 1226 -32.54 26.10 41.07
N LEU A 1227 -32.80 26.00 39.76
CA LEU A 1227 -34.12 26.32 39.24
C LEU A 1227 -35.14 25.22 39.49
N ASP A 1228 -34.70 24.03 39.89
CA ASP A 1228 -35.64 23.01 40.37
C ASP A 1228 -36.10 23.31 41.79
N SER A 1229 -35.29 24.03 42.57
CA SER A 1229 -35.66 24.42 43.92
C SER A 1229 -36.74 25.50 43.88
N GLN B 2 -12.77 50.42 -42.35
CA GLN B 2 -11.69 50.96 -41.53
C GLN B 2 -11.12 49.92 -40.55
N LYS B 3 -11.45 48.64 -40.75
CA LYS B 3 -10.94 47.54 -39.94
C LYS B 3 -11.30 47.74 -38.46
N SER B 4 -12.52 48.20 -38.22
CA SER B 4 -13.01 48.37 -36.85
C SER B 4 -14.53 48.28 -36.88
N TRP B 5 -15.07 47.19 -36.33
CA TRP B 5 -16.51 47.05 -36.20
C TRP B 5 -17.07 48.01 -35.15
N ILE B 6 -16.26 48.38 -34.17
CA ILE B 6 -16.70 49.29 -33.13
C ILE B 6 -16.93 50.68 -33.71
N GLU B 7 -16.04 51.13 -34.61
CA GLU B 7 -16.10 52.50 -35.10
C GLU B 7 -17.31 52.73 -35.99
N SER B 8 -17.70 51.73 -36.78
CA SER B 8 -18.87 51.89 -37.63
C SER B 8 -20.19 51.85 -36.87
N THR B 9 -20.19 51.36 -35.63
CA THR B 9 -21.42 51.09 -34.89
C THR B 9 -21.51 51.83 -33.56
N LEU B 10 -20.42 51.87 -32.78
CA LEU B 10 -20.48 52.41 -31.43
C LEU B 10 -20.26 53.92 -31.47
N THR B 11 -20.19 54.54 -30.29
CA THR B 11 -20.32 55.99 -30.16
C THR B 11 -19.57 56.45 -28.93
N LYS B 12 -18.66 57.41 -29.10
CA LYS B 12 -18.30 58.33 -28.03
C LYS B 12 -19.15 59.57 -28.18
N ARG B 13 -19.00 60.49 -27.24
CA ARG B 13 -19.77 61.72 -27.33
C ARG B 13 -19.14 62.79 -26.43
N GLU B 14 -19.12 64.02 -26.93
CA GLU B 14 -18.42 65.13 -26.30
C GLU B 14 -19.37 66.30 -26.06
N CYS B 15 -19.10 67.08 -25.01
CA CYS B 15 -19.88 68.29 -24.69
C CYS B 15 -19.28 69.46 -25.46
N VAL B 16 -19.68 69.58 -26.72
CA VAL B 16 -19.08 70.58 -27.60
C VAL B 16 -19.58 72.00 -27.32
N TYR B 17 -20.73 72.14 -26.66
CA TYR B 17 -21.36 73.43 -26.39
C TYR B 17 -21.29 73.68 -24.89
N ILE B 18 -20.66 74.79 -24.49
CA ILE B 18 -20.23 75.01 -23.12
C ILE B 18 -21.15 76.03 -22.48
N ILE B 19 -21.94 75.57 -21.51
CA ILE B 19 -22.70 76.46 -20.63
C ILE B 19 -21.98 76.50 -19.28
N PRO B 20 -21.69 77.69 -18.72
CA PRO B 20 -20.98 77.71 -17.43
C PRO B 20 -21.78 77.19 -16.25
N SER B 21 -21.19 77.29 -15.06
CA SER B 21 -21.82 76.85 -13.83
C SER B 21 -22.89 77.86 -13.40
N SER B 22 -23.37 77.74 -12.16
CA SER B 22 -24.59 78.43 -11.76
C SER B 22 -24.49 79.96 -11.80
N LYS B 23 -23.74 80.55 -10.87
CA LYS B 23 -23.56 82.01 -10.86
C LYS B 23 -22.10 82.43 -10.64
N ASP B 24 -21.41 81.73 -9.74
CA ASP B 24 -20.33 82.34 -8.98
C ASP B 24 -18.96 81.80 -9.37
N PRO B 25 -18.04 82.62 -9.91
CA PRO B 25 -16.62 82.28 -9.80
C PRO B 25 -16.13 82.55 -8.38
N HIS B 26 -15.05 81.88 -7.99
CA HIS B 26 -14.76 81.75 -6.56
C HIS B 26 -14.26 83.08 -5.97
N ARG B 27 -13.07 83.54 -6.35
CA ARG B 27 -12.34 84.58 -5.63
C ARG B 27 -11.55 85.36 -6.68
N CYS B 28 -10.50 86.06 -6.25
CA CYS B 28 -9.53 86.60 -7.19
C CYS B 28 -10.15 87.62 -8.14
N LEU B 29 -10.38 88.83 -7.60
CA LEU B 29 -11.05 89.99 -8.17
C LEU B 29 -10.89 90.22 -9.69
N PRO B 30 -9.69 90.08 -10.31
CA PRO B 30 -9.62 90.38 -11.74
C PRO B 30 -10.40 89.38 -12.58
N GLY B 31 -11.71 89.67 -12.73
CA GLY B 31 -12.70 88.75 -13.24
C GLY B 31 -12.42 88.20 -14.63
N CYS B 32 -11.54 88.82 -15.41
CA CYS B 32 -11.35 88.41 -16.80
C CYS B 32 -10.57 87.11 -16.94
N GLN B 33 -9.91 86.63 -15.89
CA GLN B 33 -9.10 85.42 -15.93
C GLN B 33 -9.74 84.25 -15.18
N ILE B 34 -10.54 84.54 -14.16
CA ILE B 34 -11.10 83.49 -13.30
C ILE B 34 -12.29 82.78 -13.92
N CYS B 35 -12.91 83.35 -14.96
CA CYS B 35 -13.97 82.65 -15.67
C CYS B 35 -13.44 81.47 -16.47
N GLN B 36 -12.14 81.43 -16.72
CA GLN B 36 -11.49 80.32 -17.41
C GLN B 36 -10.81 79.34 -16.45
N GLN B 37 -10.39 79.82 -15.27
CA GLN B 37 -9.53 79.01 -14.40
C GLN B 37 -10.31 77.97 -13.61
N LEU B 38 -11.52 78.30 -13.16
CA LEU B 38 -12.26 77.45 -12.22
C LEU B 38 -13.70 77.16 -12.64
N VAL B 39 -14.33 78.03 -13.42
CA VAL B 39 -15.74 77.87 -13.75
C VAL B 39 -15.94 76.60 -14.57
N ARG B 40 -16.73 75.68 -14.05
CA ARG B 40 -17.01 74.44 -14.76
C ARG B 40 -17.99 74.70 -15.91
N CYS B 41 -18.03 73.76 -16.85
CA CYS B 41 -19.18 73.67 -17.72
C CYS B 41 -20.33 73.03 -16.97
N PHE B 42 -21.54 73.29 -17.44
CA PHE B 42 -22.69 72.52 -16.99
C PHE B 42 -22.65 71.10 -17.55
N CYS B 43 -21.80 70.88 -18.55
CA CYS B 43 -21.28 69.54 -18.84
C CYS B 43 -20.83 68.88 -17.54
N GLY B 44 -19.93 69.55 -16.82
CA GLY B 44 -19.40 69.11 -15.55
C GLY B 44 -17.89 69.28 -15.46
N ARG B 45 -17.18 69.12 -16.56
CA ARG B 45 -15.75 69.42 -16.63
C ARG B 45 -15.54 70.92 -16.88
N LEU B 46 -14.30 71.35 -16.69
CA LEU B 46 -13.96 72.76 -16.81
C LEU B 46 -13.57 73.10 -18.25
N VAL B 47 -13.39 74.39 -18.51
CA VAL B 47 -13.37 74.89 -19.88
C VAL B 47 -12.05 74.59 -20.61
N LYS B 48 -10.97 74.30 -19.88
CA LYS B 48 -9.68 74.06 -20.52
C LYS B 48 -9.48 72.62 -20.97
N GLN B 49 -10.45 71.73 -20.73
CA GLN B 49 -10.33 70.32 -21.08
C GLN B 49 -11.27 69.87 -22.19
N HIS B 50 -12.09 70.77 -22.75
CA HIS B 50 -12.97 70.39 -23.84
C HIS B 50 -12.19 70.22 -25.14
N ALA B 51 -11.52 71.29 -25.58
CA ALA B 51 -10.59 71.36 -26.70
C ALA B 51 -11.26 71.33 -28.08
N CYS B 52 -12.54 71.00 -28.16
CA CYS B 52 -13.53 71.64 -29.05
C CYS B 52 -13.02 72.21 -30.37
N PHE B 53 -12.58 71.35 -31.29
CA PHE B 53 -12.05 71.78 -32.59
C PHE B 53 -12.90 72.84 -33.29
N THR B 54 -14.23 72.80 -33.13
CA THR B 54 -15.07 73.88 -33.66
C THR B 54 -15.06 75.09 -32.72
N ALA B 55 -15.37 74.89 -31.44
CA ALA B 55 -15.48 76.00 -30.49
C ALA B 55 -14.15 76.37 -29.86
N SER B 56 -13.02 75.79 -30.32
CA SER B 56 -11.73 76.27 -29.87
C SER B 56 -11.43 77.66 -30.42
N LEU B 57 -11.98 77.99 -31.58
CA LEU B 57 -11.89 79.34 -32.13
C LEU B 57 -12.84 80.31 -31.44
N ALA B 58 -13.78 79.81 -30.64
CA ALA B 58 -14.73 80.65 -29.92
C ALA B 58 -14.31 80.94 -28.48
N MET B 59 -13.41 80.14 -27.90
CA MET B 59 -12.95 80.41 -26.55
C MET B 59 -11.97 81.56 -26.46
N LYS B 60 -11.40 82.00 -27.59
CA LYS B 60 -10.47 83.12 -27.55
C LYS B 60 -11.17 84.45 -27.35
N TYR B 61 -12.42 84.58 -27.81
CA TYR B 61 -13.14 85.84 -27.66
C TYR B 61 -13.36 86.17 -26.18
N SER B 62 -14.29 85.46 -25.53
CA SER B 62 -14.20 85.20 -24.10
C SER B 62 -14.54 83.74 -23.82
N ASP B 63 -15.57 83.25 -24.50
CA ASP B 63 -16.08 81.88 -24.39
C ASP B 63 -17.15 81.73 -25.46
N VAL B 64 -17.78 80.57 -25.51
CA VAL B 64 -18.98 80.39 -26.32
C VAL B 64 -20.15 81.12 -25.65
N LYS B 65 -21.14 81.52 -26.45
CA LYS B 65 -22.44 81.95 -25.95
C LYS B 65 -22.38 83.14 -24.99
N LEU B 66 -22.38 84.35 -25.56
CA LEU B 66 -22.47 85.61 -24.82
C LEU B 66 -23.55 85.60 -23.72
N GLY B 67 -23.61 86.66 -22.92
CA GLY B 67 -23.79 86.53 -21.48
C GLY B 67 -25.15 86.11 -20.95
N GLU B 68 -25.85 87.01 -20.24
CA GLU B 68 -26.92 86.64 -19.29
C GLU B 68 -27.82 85.49 -19.77
N HIS B 69 -28.17 85.48 -21.05
CA HIS B 69 -28.79 84.31 -21.70
C HIS B 69 -30.13 83.91 -21.05
N PHE B 70 -30.91 84.90 -20.59
CA PHE B 70 -32.37 84.78 -20.52
C PHE B 70 -32.82 83.56 -19.70
N ASN B 71 -32.70 83.71 -18.38
CA ASN B 71 -32.50 82.65 -17.39
C ASN B 71 -33.23 81.34 -17.65
N GLN B 72 -34.37 81.38 -18.33
CA GLN B 72 -35.03 80.14 -18.75
C GLN B 72 -34.11 79.30 -19.64
N ALA B 73 -33.24 79.95 -20.43
CA ALA B 73 -32.39 79.26 -21.39
C ALA B 73 -31.09 78.76 -20.80
N ILE B 74 -30.84 78.98 -19.50
CA ILE B 74 -29.60 78.50 -18.88
C ILE B 74 -29.64 76.99 -18.72
N GLU B 75 -30.79 76.45 -18.35
CA GLU B 75 -30.98 75.01 -18.12
C GLU B 75 -30.94 74.21 -19.42
N GLU B 76 -30.91 74.87 -20.58
CA GLU B 76 -31.20 74.27 -21.88
C GLU B 76 -30.29 73.11 -22.27
N TRP B 77 -29.18 72.87 -21.57
CA TRP B 77 -28.29 71.76 -21.94
C TRP B 77 -28.99 70.43 -21.67
N SER B 78 -29.43 69.77 -22.74
CA SER B 78 -29.73 68.35 -22.70
C SER B 78 -28.63 67.61 -23.45
N VAL B 79 -28.40 66.36 -23.05
CA VAL B 79 -27.41 65.54 -23.73
C VAL B 79 -27.85 65.17 -25.14
N GLU B 80 -29.14 65.33 -25.46
CA GLU B 80 -29.59 65.10 -26.83
C GLU B 80 -29.28 66.29 -27.73
N LYS B 81 -29.44 67.50 -27.21
CA LYS B 81 -29.38 68.70 -28.04
C LYS B 81 -27.95 69.14 -28.29
N HIS B 82 -27.17 69.30 -27.21
CA HIS B 82 -25.91 70.03 -27.23
C HIS B 82 -24.75 69.15 -26.77
N THR B 83 -24.71 67.91 -27.26
CA THR B 83 -23.65 66.98 -26.89
C THR B 83 -23.48 66.04 -28.07
N GLU B 84 -22.37 66.19 -28.80
CA GLU B 84 -22.25 65.69 -30.17
C GLU B 84 -21.53 64.35 -30.20
N GLN B 85 -22.04 63.44 -31.03
CA GLN B 85 -21.52 62.09 -31.13
C GLN B 85 -20.33 62.02 -32.07
N SER B 86 -19.53 60.97 -31.93
CA SER B 86 -18.22 60.86 -32.56
C SER B 86 -17.78 59.40 -32.52
N PRO B 87 -16.80 59.00 -33.37
CA PRO B 87 -16.38 57.58 -33.35
C PRO B 87 -15.56 57.15 -32.14
N THR B 88 -14.98 55.95 -32.22
CA THR B 88 -14.65 55.04 -31.13
C THR B 88 -13.99 55.61 -29.86
N ASP B 89 -12.70 55.97 -29.92
CA ASP B 89 -11.90 56.45 -28.79
C ASP B 89 -11.55 55.39 -27.74
N ALA B 90 -12.16 54.22 -27.76
CA ALA B 90 -11.83 53.23 -26.74
C ALA B 90 -12.34 51.84 -27.07
N TYR B 91 -11.41 50.89 -27.17
CA TYR B 91 -11.66 49.47 -26.98
C TYR B 91 -10.33 48.75 -26.86
N GLY B 92 -10.31 47.72 -26.02
CA GLY B 92 -9.11 46.90 -25.89
C GLY B 92 -9.19 46.06 -24.63
N VAL B 93 -8.06 45.53 -24.25
CA VAL B 93 -7.93 44.78 -23.01
C VAL B 93 -7.55 45.75 -21.90
N ILE B 94 -8.13 45.55 -20.73
CA ILE B 94 -8.02 46.44 -19.58
C ILE B 94 -7.31 45.68 -18.48
N ASN B 95 -6.32 44.88 -18.88
CA ASN B 95 -5.56 43.96 -18.05
C ASN B 95 -5.14 44.57 -16.72
N PHE B 96 -5.62 43.99 -15.63
CA PHE B 96 -5.27 44.44 -14.29
C PHE B 96 -3.88 43.96 -13.92
N GLN B 97 -3.22 44.72 -13.05
CA GLN B 97 -1.87 44.37 -12.65
C GLN B 97 -1.91 43.08 -11.83
N GLY B 98 -1.11 42.11 -12.25
CA GLY B 98 -1.22 40.75 -11.75
C GLY B 98 -1.12 40.59 -10.24
N GLY B 99 -2.19 40.04 -9.66
CA GLY B 99 -2.19 39.61 -8.28
C GLY B 99 -1.98 38.12 -8.21
N SER B 100 -3.07 37.37 -8.03
CA SER B 100 -2.99 35.92 -8.05
C SER B 100 -2.63 35.39 -9.44
N HIS B 101 -3.21 35.98 -10.48
CA HIS B 101 -2.99 35.52 -11.86
C HIS B 101 -3.05 36.75 -12.78
N SER B 102 -3.23 36.51 -14.08
CA SER B 102 -3.12 37.57 -15.08
C SER B 102 -4.38 38.44 -15.14
N TYR B 103 -5.56 37.83 -15.23
CA TYR B 103 -6.85 38.50 -15.05
C TYR B 103 -7.08 39.61 -16.09
N ARG B 104 -7.30 39.17 -17.33
CA ARG B 104 -7.64 40.08 -18.41
C ARG B 104 -9.14 40.42 -18.39
N ALA B 105 -9.50 41.44 -19.16
CA ALA B 105 -10.91 41.83 -19.31
C ALA B 105 -11.01 42.78 -20.49
N LYS B 106 -12.24 43.14 -20.85
CA LYS B 106 -12.53 44.00 -22.00
C LYS B 106 -13.30 45.25 -21.57
N TYR B 107 -13.39 46.22 -22.49
CA TYR B 107 -14.16 47.44 -22.28
C TYR B 107 -14.61 47.98 -23.64
N VAL B 108 -15.63 48.84 -23.61
CA VAL B 108 -16.21 49.41 -24.84
C VAL B 108 -16.29 50.93 -24.82
N ARG B 109 -16.79 51.53 -23.75
CA ARG B 109 -17.06 52.98 -23.72
C ARG B 109 -18.05 53.36 -24.84
N LEU B 110 -19.31 53.08 -24.57
CA LEU B 110 -20.41 53.41 -25.48
C LEU B 110 -21.31 54.48 -24.87
N SER B 111 -22.31 54.88 -25.64
CA SER B 111 -23.16 56.03 -25.36
C SER B 111 -24.31 55.63 -24.43
N TYR B 112 -25.28 56.51 -24.24
CA TYR B 112 -26.53 56.13 -23.60
C TYR B 112 -27.60 55.70 -24.60
N ASP B 113 -27.63 56.30 -25.79
CA ASP B 113 -28.69 56.05 -26.76
C ASP B 113 -28.35 54.88 -27.69
N THR B 114 -27.58 53.92 -27.21
CA THR B 114 -27.36 52.69 -27.97
C THR B 114 -28.66 51.92 -28.07
N LYS B 115 -28.98 51.45 -29.27
CA LYS B 115 -30.22 50.72 -29.46
C LYS B 115 -30.12 49.35 -28.77
N PRO B 116 -31.24 48.81 -28.27
CA PRO B 116 -31.14 47.49 -27.60
C PRO B 116 -30.68 46.37 -28.51
N GLU B 117 -30.92 46.46 -29.82
CA GLU B 117 -30.42 45.43 -30.71
C GLU B 117 -28.91 45.55 -30.91
N ILE B 118 -28.36 46.76 -30.81
CA ILE B 118 -26.94 46.95 -31.05
C ILE B 118 -26.13 46.43 -29.88
N ILE B 119 -26.58 46.71 -28.65
CA ILE B 119 -25.86 46.25 -27.48
C ILE B 119 -25.89 44.74 -27.38
N LEU B 120 -27.00 44.12 -27.81
CA LEU B 120 -27.05 42.67 -27.85
C LEU B 120 -26.12 42.11 -28.90
N GLN B 121 -25.98 42.80 -30.03
CA GLN B 121 -25.05 42.37 -31.07
C GLN B 121 -23.61 42.50 -30.60
N LEU B 122 -23.34 43.38 -29.63
CA LEU B 122 -21.98 43.58 -29.16
C LEU B 122 -21.48 42.38 -28.36
N LEU B 123 -22.26 41.96 -27.36
CA LEU B 123 -21.77 41.00 -26.39
C LEU B 123 -21.52 39.63 -27.01
N LEU B 124 -22.37 39.22 -27.94
CA LEU B 124 -22.32 37.85 -28.44
C LEU B 124 -21.27 37.67 -29.52
N LYS B 125 -21.41 38.40 -30.64
CA LYS B 125 -20.61 38.13 -31.82
C LYS B 125 -19.19 38.66 -31.67
N GLU B 126 -19.05 39.92 -31.23
CA GLU B 126 -17.73 40.56 -31.23
C GLU B 126 -16.83 39.98 -30.14
N TRP B 127 -17.33 39.92 -28.91
CA TRP B 127 -16.53 39.46 -27.78
C TRP B 127 -16.55 37.95 -27.62
N GLN B 128 -17.12 37.20 -28.56
CA GLN B 128 -17.00 35.75 -28.62
C GLN B 128 -17.54 35.09 -27.37
N MET B 129 -18.61 35.65 -26.82
CA MET B 129 -19.23 35.13 -25.61
C MET B 129 -20.35 34.16 -25.96
N GLU B 130 -20.60 33.23 -25.04
CA GLU B 130 -21.68 32.29 -25.21
C GLU B 130 -22.99 32.91 -24.71
N LEU B 131 -24.07 32.60 -25.40
CA LEU B 131 -25.37 33.08 -24.94
C LEU B 131 -25.70 32.39 -23.62
N PRO B 132 -26.05 33.13 -22.56
CA PRO B 132 -26.14 32.51 -21.25
C PRO B 132 -27.39 31.67 -21.08
N LYS B 133 -27.50 31.08 -19.89
CA LYS B 133 -28.70 30.39 -19.44
C LYS B 133 -29.21 30.96 -18.12
N LEU B 134 -28.65 32.07 -17.66
CA LEU B 134 -29.07 32.73 -16.42
C LEU B 134 -28.37 34.08 -16.33
N VAL B 135 -29.10 35.09 -15.88
CA VAL B 135 -28.55 36.41 -15.62
C VAL B 135 -28.83 36.74 -14.16
N ILE B 136 -27.77 36.92 -13.39
CA ILE B 136 -27.87 37.26 -11.96
C ILE B 136 -27.45 38.71 -11.84
N SER B 137 -28.43 39.62 -11.86
CA SER B 137 -28.17 41.04 -11.66
C SER B 137 -28.13 41.32 -10.17
N VAL B 138 -26.93 41.46 -9.63
CA VAL B 138 -26.77 41.81 -8.22
C VAL B 138 -27.03 43.29 -8.06
N HIS B 139 -27.67 43.67 -6.96
CA HIS B 139 -27.95 45.07 -6.69
C HIS B 139 -27.84 45.33 -5.20
N GLY B 140 -27.21 46.44 -4.86
CA GLY B 140 -27.09 46.84 -3.47
C GLY B 140 -26.73 48.29 -3.37
N GLY B 141 -26.12 48.65 -2.25
CA GLY B 141 -25.76 50.03 -1.96
C GLY B 141 -24.27 50.23 -2.09
N MET B 142 -23.88 51.39 -2.59
CA MET B 142 -22.48 51.69 -2.78
C MET B 142 -21.82 52.05 -1.45
N GLN B 143 -20.55 51.69 -1.35
CA GLN B 143 -19.59 52.17 -0.36
C GLN B 143 -19.94 51.86 1.10
N LYS B 144 -20.90 50.96 1.36
CA LYS B 144 -21.31 50.85 2.77
C LYS B 144 -20.31 50.08 3.65
N PHE B 145 -20.36 48.73 3.74
CA PHE B 145 -19.20 47.79 3.67
C PHE B 145 -19.39 46.51 4.54
N GLU B 146 -18.39 45.61 4.50
CA GLU B 146 -17.97 44.75 5.63
C GLU B 146 -19.07 43.78 6.10
N LEU B 147 -19.32 42.78 5.25
CA LEU B 147 -20.00 41.58 5.73
C LEU B 147 -19.22 40.92 6.86
N HIS B 148 -19.89 40.03 7.59
CA HIS B 148 -19.21 39.25 8.60
C HIS B 148 -18.38 38.14 7.93
N PRO B 149 -17.43 37.54 8.66
CA PRO B 149 -16.68 36.43 8.06
C PRO B 149 -17.51 35.19 7.81
N ARG B 150 -18.45 34.86 8.70
CA ARG B 150 -19.25 33.65 8.51
C ARG B 150 -20.19 33.79 7.32
N ILE B 151 -20.85 34.94 7.21
CA ILE B 151 -21.78 35.17 6.10
C ILE B 151 -21.05 35.38 4.78
N LYS B 152 -19.76 35.69 4.82
CA LYS B 152 -19.01 35.92 3.59
C LYS B 152 -18.74 34.62 2.85
N GLN B 153 -18.66 33.50 3.57
CA GLN B 153 -18.40 32.22 2.93
C GLN B 153 -19.66 31.67 2.26
N LEU B 154 -20.80 31.77 2.93
CA LEU B 154 -22.03 31.19 2.39
C LEU B 154 -22.53 31.97 1.18
N LEU B 155 -22.62 33.31 1.31
CA LEU B 155 -23.03 34.12 0.18
C LEU B 155 -21.98 34.12 -0.93
N GLY B 156 -20.72 33.87 -0.59
CA GLY B 156 -19.70 33.75 -1.62
C GLY B 156 -19.81 32.46 -2.39
N LYS B 157 -19.94 31.34 -1.67
CA LYS B 157 -20.00 30.04 -2.32
C LYS B 157 -21.30 29.88 -3.12
N GLY B 158 -22.40 30.42 -2.60
CA GLY B 158 -23.68 30.25 -3.28
C GLY B 158 -23.76 30.98 -4.60
N LEU B 159 -23.06 32.11 -4.72
CA LEU B 159 -23.12 32.87 -5.96
C LEU B 159 -22.30 32.20 -7.06
N ILE B 160 -21.26 31.47 -6.69
CA ILE B 160 -20.40 30.82 -7.68
C ILE B 160 -21.07 29.57 -8.21
N LYS B 161 -21.52 28.70 -7.31
CA LYS B 161 -22.12 27.44 -7.71
C LYS B 161 -23.45 27.63 -8.43
N ALA B 162 -24.06 28.81 -8.29
CA ALA B 162 -25.19 29.16 -9.13
C ALA B 162 -24.75 29.47 -10.56
N ALA B 163 -23.56 30.04 -10.73
CA ALA B 163 -23.13 30.53 -12.03
C ALA B 163 -22.32 29.52 -12.82
N VAL B 164 -21.52 28.70 -12.14
CA VAL B 164 -20.67 27.74 -12.86
C VAL B 164 -21.47 26.51 -13.28
N THR B 165 -22.52 26.18 -12.54
CA THR B 165 -23.36 25.03 -12.88
C THR B 165 -24.46 25.37 -13.87
N THR B 166 -24.69 26.67 -14.13
CA THR B 166 -25.67 27.12 -15.12
C THR B 166 -25.06 27.86 -16.29
N GLY B 167 -23.80 28.29 -16.19
CA GLY B 167 -23.23 29.13 -17.22
C GLY B 167 -23.91 30.47 -17.28
N ALA B 168 -23.75 31.26 -16.23
CA ALA B 168 -24.52 32.48 -16.03
C ALA B 168 -23.66 33.71 -16.26
N TRP B 169 -24.33 34.79 -16.65
CA TRP B 169 -23.79 36.13 -16.55
C TRP B 169 -24.17 36.73 -15.21
N ILE B 170 -23.24 37.47 -14.60
CA ILE B 170 -23.49 38.25 -13.40
C ILE B 170 -23.32 39.71 -13.78
N LEU B 171 -24.41 40.46 -13.73
CA LEU B 171 -24.37 41.90 -13.98
C LEU B 171 -24.14 42.62 -12.66
N THR B 172 -23.05 43.39 -12.60
CA THR B 172 -22.68 44.17 -11.42
C THR B 172 -22.66 45.65 -11.77
N GLY B 173 -22.29 46.47 -10.79
CA GLY B 173 -22.03 47.87 -11.04
C GLY B 173 -20.69 48.14 -11.68
N GLY B 174 -19.77 47.18 -11.63
CA GLY B 174 -18.48 47.34 -12.26
C GLY B 174 -17.45 47.94 -11.34
N VAL B 175 -17.70 49.17 -10.90
CA VAL B 175 -16.79 49.87 -10.02
C VAL B 175 -16.67 49.15 -8.69
N ASN B 176 -15.53 49.36 -8.02
CA ASN B 176 -15.17 48.61 -6.84
C ASN B 176 -15.95 49.02 -5.60
N THR B 177 -16.78 50.06 -5.66
CA THR B 177 -17.56 50.45 -4.49
C THR B 177 -18.77 49.55 -4.33
N GLY B 178 -19.05 49.18 -3.09
CA GLY B 178 -20.29 48.48 -2.76
C GLY B 178 -20.30 47.01 -3.10
N VAL B 179 -21.06 46.67 -4.14
CA VAL B 179 -21.43 45.28 -4.39
C VAL B 179 -20.30 44.51 -5.03
N ALA B 180 -19.67 45.09 -6.06
CA ALA B 180 -18.69 44.36 -6.85
C ALA B 180 -17.45 43.98 -6.05
N LYS B 181 -17.18 44.68 -4.95
CA LYS B 181 -16.08 44.26 -4.08
C LYS B 181 -16.38 42.90 -3.46
N HIS B 182 -17.63 42.65 -3.12
CA HIS B 182 -18.04 41.40 -2.50
C HIS B 182 -18.35 40.32 -3.52
N VAL B 183 -18.71 40.71 -4.75
CA VAL B 183 -18.86 39.74 -5.83
C VAL B 183 -17.52 39.19 -6.23
N GLY B 184 -16.51 40.06 -6.36
CA GLY B 184 -15.20 39.61 -6.78
C GLY B 184 -14.44 38.85 -5.72
N ASP B 185 -14.66 39.17 -4.45
CA ASP B 185 -13.99 38.43 -3.39
C ASP B 185 -14.59 37.02 -3.27
N ALA B 186 -15.84 36.85 -3.67
CA ALA B 186 -16.38 35.50 -3.85
C ALA B 186 -15.64 34.78 -4.96
N LEU B 187 -15.26 35.51 -6.01
CA LEU B 187 -14.48 34.91 -7.09
C LEU B 187 -13.04 34.65 -6.65
N LYS B 188 -12.52 35.41 -5.68
CA LYS B 188 -11.16 35.17 -5.20
C LYS B 188 -11.06 33.84 -4.47
N GLU B 189 -12.10 33.50 -3.71
CA GLU B 189 -12.05 32.32 -2.86
C GLU B 189 -12.21 31.04 -3.66
N HIS B 190 -13.20 30.99 -4.55
CA HIS B 190 -13.60 29.75 -5.21
C HIS B 190 -13.53 29.85 -6.73
N ALA B 191 -12.43 30.40 -7.25
CA ALA B 191 -12.27 30.57 -8.70
C ALA B 191 -12.24 29.23 -9.43
N SER B 192 -11.19 28.45 -9.21
CA SER B 192 -10.94 27.20 -9.93
C SER B 192 -11.02 27.42 -11.44
N ARG B 193 -10.37 28.49 -11.90
CA ARG B 193 -10.34 28.97 -13.30
C ARG B 193 -11.71 28.88 -13.99
N SER B 194 -12.80 29.07 -13.23
CA SER B 194 -14.14 28.96 -13.75
C SER B 194 -14.63 30.26 -14.39
N SER B 195 -13.73 31.18 -14.71
CA SER B 195 -14.08 32.33 -15.55
C SER B 195 -14.39 31.90 -16.98
N ARG B 196 -14.01 30.68 -17.37
CA ARG B 196 -14.44 30.14 -18.65
C ARG B 196 -15.97 30.02 -18.70
N LYS B 197 -16.58 29.69 -17.56
CA LYS B 197 -18.02 29.56 -17.43
C LYS B 197 -18.68 30.77 -16.79
N ILE B 198 -17.97 31.46 -15.90
CA ILE B 198 -18.49 32.67 -15.28
C ILE B 198 -18.04 33.86 -16.10
N CYS B 199 -19.00 34.67 -16.54
CA CYS B 199 -18.76 35.90 -17.27
C CYS B 199 -19.44 37.04 -16.51
N THR B 200 -18.75 37.59 -15.53
CA THR B 200 -19.24 38.76 -14.81
C THR B 200 -19.07 40.00 -15.68
N ILE B 201 -20.15 40.70 -15.94
CA ILE B 201 -20.18 41.89 -16.79
C ILE B 201 -20.46 43.07 -15.88
N GLY B 202 -19.48 43.95 -15.73
CA GLY B 202 -19.68 45.17 -14.99
C GLY B 202 -20.14 46.31 -15.87
N ILE B 203 -21.30 46.89 -15.55
CA ILE B 203 -21.78 48.08 -16.23
C ILE B 203 -21.56 49.23 -15.25
N ALA B 204 -20.53 50.01 -15.54
CA ALA B 204 -20.19 51.20 -14.78
C ALA B 204 -20.39 52.41 -15.67
N PRO B 205 -20.29 53.62 -15.14
CA PRO B 205 -20.17 54.80 -16.00
C PRO B 205 -18.72 55.06 -16.38
N TRP B 206 -18.56 55.93 -17.37
CA TRP B 206 -17.28 56.52 -17.76
C TRP B 206 -16.99 57.77 -16.94
N GLY B 207 -17.65 57.94 -15.81
CA GLY B 207 -17.66 59.14 -15.00
C GLY B 207 -16.73 58.96 -13.81
N VAL B 208 -17.27 58.48 -12.69
CA VAL B 208 -16.54 58.38 -11.42
C VAL B 208 -15.35 57.42 -11.48
N ILE B 209 -15.11 56.77 -12.61
CA ILE B 209 -13.98 55.85 -12.72
C ILE B 209 -12.69 56.64 -12.83
N GLU B 210 -11.66 56.18 -12.13
CA GLU B 210 -10.32 56.74 -12.22
C GLU B 210 -9.60 56.26 -13.47
N ASN B 211 -8.60 57.04 -13.88
CA ASN B 211 -7.72 56.69 -14.99
C ASN B 211 -8.49 56.43 -16.27
N ARG B 212 -9.51 57.26 -16.52
CA ARG B 212 -10.28 57.12 -17.75
C ARG B 212 -9.47 57.55 -18.97
N ASN B 213 -8.61 58.55 -18.80
CA ASN B 213 -7.79 59.02 -19.91
C ASN B 213 -6.68 58.04 -20.26
N ASP B 214 -6.32 57.14 -19.33
CA ASP B 214 -5.37 56.08 -19.62
C ASP B 214 -5.98 54.97 -20.46
N LEU B 215 -7.30 54.84 -20.45
CA LEU B 215 -8.00 53.86 -21.27
C LEU B 215 -8.30 54.38 -22.67
N VAL B 216 -7.90 55.62 -22.98
CA VAL B 216 -8.07 56.20 -24.30
C VAL B 216 -7.19 55.45 -25.28
N GLY B 217 -7.82 54.88 -26.32
CA GLY B 217 -7.07 54.19 -27.35
C GLY B 217 -7.87 53.23 -28.20
N ARG B 218 -7.57 53.21 -29.51
CA ARG B 218 -8.19 52.28 -30.44
C ARG B 218 -7.37 51.00 -30.48
N ASP B 219 -7.95 49.90 -30.01
CA ASP B 219 -7.29 48.60 -29.99
C ASP B 219 -5.99 48.66 -29.20
N VAL B 220 -6.12 48.95 -27.90
CA VAL B 220 -4.99 49.16 -27.01
C VAL B 220 -5.14 48.24 -25.81
N VAL B 221 -4.14 47.39 -25.59
CA VAL B 221 -4.04 46.59 -24.37
C VAL B 221 -3.46 47.50 -23.30
N ALA B 222 -4.32 48.18 -22.56
CA ALA B 222 -3.87 49.19 -21.61
C ALA B 222 -3.63 48.58 -20.23
N PRO B 223 -2.55 48.90 -19.53
CA PRO B 223 -2.42 48.49 -18.13
C PRO B 223 -3.24 49.38 -17.21
N TYR B 224 -3.69 48.78 -16.10
CA TYR B 224 -4.55 49.47 -15.16
C TYR B 224 -4.21 49.06 -13.74
N GLN B 225 -3.96 50.05 -12.88
CA GLN B 225 -3.50 49.81 -11.52
C GLN B 225 -4.67 49.68 -10.56
N THR B 226 -4.43 48.98 -9.44
CA THR B 226 -5.43 48.72 -8.41
C THR B 226 -5.00 49.27 -7.05
N LEU B 227 -4.21 50.34 -7.05
CA LEU B 227 -3.69 50.91 -5.80
C LEU B 227 -4.74 51.86 -5.21
N LEU B 228 -5.02 51.68 -3.91
CA LEU B 228 -5.97 52.55 -3.22
C LEU B 228 -5.38 53.94 -3.10
N ASN B 229 -5.87 54.87 -3.89
CA ASN B 229 -5.34 56.23 -3.91
C ASN B 229 -5.75 56.94 -2.62
N PRO B 230 -4.80 57.41 -1.78
CA PRO B 230 -5.22 57.99 -0.50
C PRO B 230 -5.98 59.29 -0.62
N LEU B 231 -5.45 60.25 -1.38
CA LEU B 231 -6.10 61.56 -1.46
C LEU B 231 -7.44 61.48 -2.16
N SER B 232 -7.61 60.51 -3.07
CA SER B 232 -8.83 60.45 -3.86
C SER B 232 -9.96 59.78 -3.10
N LYS B 233 -11.14 59.93 -3.66
CA LYS B 233 -12.37 59.32 -3.16
C LYS B 233 -13.11 58.57 -4.24
N LEU B 234 -12.63 58.63 -5.49
CA LEU B 234 -13.31 58.01 -6.61
C LEU B 234 -13.10 56.50 -6.57
N ASN B 235 -13.71 55.81 -7.52
CA ASN B 235 -13.79 54.35 -7.52
C ASN B 235 -12.98 53.77 -8.65
N VAL B 236 -12.44 52.58 -8.42
CA VAL B 236 -11.70 51.84 -9.43
C VAL B 236 -12.56 50.68 -9.90
N LEU B 237 -12.15 50.05 -11.01
CA LEU B 237 -12.80 48.84 -11.45
C LEU B 237 -12.31 47.66 -10.62
N ASN B 238 -13.14 46.61 -10.58
CA ASN B 238 -12.83 45.40 -9.85
C ASN B 238 -12.02 44.48 -10.75
N ASN B 239 -10.96 43.89 -10.18
CA ASN B 239 -10.01 43.16 -11.02
C ASN B 239 -10.63 41.87 -11.58
N LEU B 240 -11.51 41.23 -10.81
CA LEU B 240 -12.10 39.97 -11.23
C LEU B 240 -13.45 40.19 -11.91
N HIS B 241 -13.43 41.03 -12.93
CA HIS B 241 -14.46 41.04 -13.95
C HIS B 241 -13.83 40.61 -15.27
N SER B 242 -14.69 40.40 -16.27
CA SER B 242 -14.27 39.96 -17.59
C SER B 242 -14.66 40.92 -18.68
N HIS B 243 -15.70 41.73 -18.48
CA HIS B 243 -16.19 42.65 -19.50
C HIS B 243 -16.74 43.89 -18.81
N PHE B 244 -16.52 45.04 -19.44
CA PHE B 244 -16.94 46.32 -18.90
C PHE B 244 -17.73 47.09 -19.95
N ILE B 245 -18.85 47.66 -19.52
CA ILE B 245 -19.68 48.53 -20.35
C ILE B 245 -19.73 49.88 -19.65
N LEU B 246 -19.33 50.93 -20.38
CA LEU B 246 -19.08 52.25 -19.81
C LEU B 246 -19.91 53.28 -20.56
N VAL B 247 -20.82 53.93 -19.83
CA VAL B 247 -21.79 54.86 -20.40
C VAL B 247 -21.54 56.24 -19.82
N ASP B 248 -21.46 57.26 -20.69
CA ASP B 248 -21.24 58.64 -20.28
C ASP B 248 -22.43 59.47 -20.73
N ASP B 249 -23.07 60.18 -19.78
CA ASP B 249 -24.09 61.17 -20.15
C ASP B 249 -23.46 62.56 -20.21
N GLY B 250 -23.03 63.11 -19.07
CA GLY B 250 -22.19 64.30 -19.08
C GLY B 250 -20.71 64.05 -19.01
N THR B 251 -20.22 63.65 -17.83
CA THR B 251 -18.78 63.59 -17.56
C THR B 251 -18.55 62.96 -16.20
N VAL B 252 -17.32 63.07 -15.71
CA VAL B 252 -16.97 62.68 -14.35
C VAL B 252 -17.90 63.35 -13.36
N GLY B 253 -18.35 62.58 -12.37
CA GLY B 253 -19.53 62.93 -11.61
C GLY B 253 -20.75 62.51 -12.41
N LYS B 254 -21.91 63.09 -12.07
CA LYS B 254 -23.18 62.78 -12.74
C LYS B 254 -23.45 61.27 -12.66
N TYR B 255 -23.63 60.81 -11.43
CA TYR B 255 -23.69 59.38 -11.16
C TYR B 255 -25.09 58.82 -11.45
N GLY B 256 -25.50 58.96 -12.70
CA GLY B 256 -26.40 58.00 -13.30
C GLY B 256 -26.58 58.24 -14.78
N ALA B 257 -26.19 57.25 -15.57
CA ALA B 257 -26.61 57.10 -16.95
C ALA B 257 -26.93 55.66 -17.32
N GLU B 258 -26.44 54.68 -16.57
CA GLU B 258 -26.48 53.27 -16.92
C GLU B 258 -27.70 52.55 -16.38
N VAL B 259 -28.45 53.18 -15.46
CA VAL B 259 -29.59 52.54 -14.82
C VAL B 259 -30.64 52.14 -15.86
N ARG B 260 -30.79 52.95 -16.90
CA ARG B 260 -31.70 52.60 -17.99
C ARG B 260 -31.08 51.54 -18.90
N LEU B 261 -29.80 51.69 -19.25
CA LEU B 261 -29.20 50.84 -20.26
C LEU B 261 -28.94 49.44 -19.73
N ARG B 262 -28.51 49.31 -18.48
CA ARG B 262 -28.38 48.00 -17.87
C ARG B 262 -29.74 47.29 -17.81
N ARG B 263 -30.79 48.04 -17.50
CA ARG B 263 -32.12 47.45 -17.42
C ARG B 263 -32.61 47.05 -18.81
N GLU B 264 -32.31 47.85 -19.83
CA GLU B 264 -32.70 47.49 -21.19
C GLU B 264 -31.89 46.31 -21.71
N LEU B 265 -30.71 46.06 -21.15
CA LEU B 265 -29.97 44.85 -21.51
C LEU B 265 -30.68 43.60 -21.00
N GLU B 266 -31.27 43.69 -19.81
CA GLU B 266 -32.01 42.56 -19.27
C GLU B 266 -33.23 42.23 -20.13
N LYS B 267 -33.82 43.24 -20.76
CA LYS B 267 -34.95 42.99 -21.65
C LYS B 267 -34.52 42.22 -22.88
N THR B 268 -33.32 42.47 -23.39
CA THR B 268 -32.91 41.83 -24.64
C THR B 268 -32.55 40.36 -24.43
N ILE B 269 -31.97 40.02 -23.28
CA ILE B 269 -31.60 38.63 -23.02
C ILE B 269 -32.86 37.79 -22.81
N ASN B 270 -33.84 38.32 -22.09
CA ASN B 270 -35.07 37.61 -21.79
C ASN B 270 -35.95 37.43 -23.02
N GLN B 271 -35.67 38.15 -24.11
CA GLN B 271 -36.35 37.92 -25.38
C GLN B 271 -35.62 36.91 -26.26
N GLN B 272 -34.41 36.49 -25.89
CA GLN B 272 -33.67 35.48 -26.64
C GLN B 272 -33.99 34.09 -26.11
N ARG B 273 -33.98 33.13 -27.03
CA ARG B 273 -34.26 31.75 -26.66
C ARG B 273 -33.08 31.15 -25.93
N ILE B 274 -33.39 30.44 -24.83
CA ILE B 274 -32.35 29.84 -24.01
C ILE B 274 -31.65 28.69 -24.72
N HIS B 275 -32.29 28.09 -25.72
CA HIS B 275 -31.73 26.95 -26.44
C HIS B 275 -32.53 26.79 -27.72
N ALA B 276 -31.94 26.12 -28.71
CA ALA B 276 -32.55 25.96 -30.02
C ALA B 276 -33.62 24.86 -30.05
N ARG B 277 -34.06 24.39 -28.88
CA ARG B 277 -35.15 23.43 -28.75
C ARG B 277 -36.18 23.87 -27.74
N ILE B 278 -35.90 24.92 -26.96
CA ILE B 278 -36.73 25.34 -25.84
C ILE B 278 -37.30 26.70 -26.19
N GLY B 279 -38.64 26.82 -26.11
CA GLY B 279 -39.28 28.08 -26.41
C GLY B 279 -39.19 29.10 -25.29
N GLN B 280 -38.93 28.64 -24.08
CA GLN B 280 -38.81 29.52 -22.94
C GLN B 280 -37.61 30.44 -23.10
N GLY B 281 -37.75 31.69 -22.62
CA GLY B 281 -36.67 32.64 -22.70
C GLY B 281 -35.73 32.55 -21.53
N VAL B 282 -34.59 33.25 -21.67
CA VAL B 282 -33.55 33.23 -20.65
C VAL B 282 -34.10 33.90 -19.39
N PRO B 283 -34.09 33.25 -18.23
CA PRO B 283 -34.59 33.93 -17.03
C PRO B 283 -33.58 34.91 -16.48
N VAL B 284 -34.09 35.95 -15.84
CA VAL B 284 -33.30 36.97 -15.18
C VAL B 284 -33.73 37.00 -13.72
N VAL B 285 -32.75 36.99 -12.81
CA VAL B 285 -32.99 37.05 -11.38
C VAL B 285 -32.29 38.31 -10.86
N ALA B 286 -32.75 38.78 -9.71
CA ALA B 286 -32.16 39.94 -9.03
C ALA B 286 -31.78 39.54 -7.61
N LEU B 287 -30.47 39.57 -7.33
CA LEU B 287 -29.94 39.30 -6.01
C LEU B 287 -29.69 40.62 -5.30
N ILE B 288 -30.05 40.69 -4.02
CA ILE B 288 -30.04 41.93 -3.27
C ILE B 288 -29.13 41.74 -2.07
N PHE B 289 -27.97 42.40 -2.10
CA PHE B 289 -27.13 42.57 -0.93
C PHE B 289 -27.51 43.87 -0.25
N GLU B 290 -26.70 44.30 0.72
CA GLU B 290 -26.82 45.57 1.43
C GLU B 290 -27.15 46.73 0.48
N GLY B 291 -28.32 47.33 0.68
CA GLY B 291 -28.96 48.15 -0.34
C GLY B 291 -28.94 49.64 -0.10
N GLY B 292 -30.02 50.34 -0.44
CA GLY B 292 -30.05 51.78 -0.31
C GLY B 292 -31.39 52.39 -0.68
N PRO B 293 -31.44 53.73 -0.75
CA PRO B 293 -32.72 54.38 -1.06
C PRO B 293 -33.13 54.20 -2.52
N ASN B 294 -32.18 54.29 -3.45
CA ASN B 294 -32.48 54.04 -4.85
C ASN B 294 -32.66 52.56 -5.16
N VAL B 295 -32.27 51.68 -4.25
CA VAL B 295 -32.45 50.24 -4.44
C VAL B 295 -33.93 49.89 -4.39
N ILE B 296 -34.68 50.55 -3.50
CA ILE B 296 -36.07 50.20 -3.29
C ILE B 296 -36.91 50.54 -4.52
N LEU B 297 -36.55 51.61 -5.23
CA LEU B 297 -37.22 51.91 -6.49
C LEU B 297 -36.83 50.92 -7.59
N THR B 298 -35.68 50.27 -7.45
CA THR B 298 -35.25 49.27 -8.44
C THR B 298 -35.94 47.93 -8.20
N VAL B 299 -36.08 47.54 -6.93
CA VAL B 299 -36.76 46.28 -6.61
C VAL B 299 -38.22 46.34 -7.05
N LEU B 300 -38.88 47.46 -6.80
CA LEU B 300 -40.29 47.59 -7.16
C LEU B 300 -40.49 47.71 -8.66
N GLU B 301 -39.49 48.24 -9.38
CA GLU B 301 -39.59 48.34 -10.83
C GLU B 301 -39.48 46.98 -11.50
N TYR B 302 -38.81 46.03 -10.85
CA TYR B 302 -38.73 44.67 -11.38
C TYR B 302 -40.08 43.97 -11.27
N LEU B 303 -40.73 44.09 -10.12
CA LEU B 303 -41.97 43.37 -9.87
C LEU B 303 -43.13 43.91 -10.69
N GLN B 304 -43.10 45.21 -11.00
CA GLN B 304 -44.16 45.84 -11.80
C GLN B 304 -43.68 45.89 -13.24
N GLU B 305 -43.81 44.75 -13.92
CA GLU B 305 -43.38 44.62 -15.30
C GLU B 305 -43.91 43.31 -15.85
N SER B 306 -44.18 43.31 -17.16
CA SER B 306 -44.45 42.09 -17.91
C SER B 306 -43.24 41.80 -18.79
N PRO B 307 -42.48 40.70 -18.56
CA PRO B 307 -42.61 39.63 -17.57
C PRO B 307 -42.16 40.05 -16.15
N PRO B 308 -42.80 39.52 -15.08
CA PRO B 308 -42.34 39.87 -13.72
C PRO B 308 -41.03 39.23 -13.29
N VAL B 309 -39.92 39.91 -13.56
CA VAL B 309 -38.59 39.50 -13.09
C VAL B 309 -38.63 39.28 -11.58
N PRO B 310 -38.24 38.13 -11.04
CA PRO B 310 -38.24 37.96 -9.58
C PRO B 310 -37.03 38.59 -8.92
N VAL B 311 -37.04 38.55 -7.59
CA VAL B 311 -36.04 39.18 -6.75
C VAL B 311 -35.70 38.23 -5.62
N VAL B 312 -34.40 38.04 -5.39
CA VAL B 312 -33.88 37.29 -4.25
C VAL B 312 -33.26 38.30 -3.30
N VAL B 313 -33.66 38.25 -2.04
CA VAL B 313 -33.19 39.17 -1.02
C VAL B 313 -32.43 38.38 0.03
N CYS B 314 -31.26 38.89 0.41
CA CYS B 314 -30.46 38.32 1.47
C CYS B 314 -30.73 39.05 2.78
N GLU B 315 -30.22 38.47 3.87
CA GLU B 315 -30.25 39.12 5.17
C GLU B 315 -28.90 38.88 5.85
N GLY B 316 -28.74 39.51 7.02
CA GLY B 316 -27.51 39.41 7.78
C GLY B 316 -26.51 40.51 7.51
N THR B 317 -26.59 41.15 6.34
CA THR B 317 -25.68 42.26 6.04
C THR B 317 -26.08 43.49 6.85
N GLY B 318 -27.31 43.94 6.66
CA GLY B 318 -27.93 44.98 7.47
C GLY B 318 -27.97 46.32 6.79
N ARG B 319 -29.04 46.54 6.04
CA ARG B 319 -29.44 47.80 5.43
C ARG B 319 -30.83 47.47 4.86
N ALA B 320 -31.35 48.32 3.96
CA ALA B 320 -32.54 48.01 3.16
C ALA B 320 -32.67 46.55 2.73
N ALA B 321 -31.58 45.84 2.47
CA ALA B 321 -31.66 44.38 2.33
C ALA B 321 -32.35 43.76 3.53
N ASP B 322 -31.93 44.16 4.73
CA ASP B 322 -32.53 43.63 5.94
C ASP B 322 -33.89 44.24 6.24
N LEU B 323 -34.20 45.40 5.64
CA LEU B 323 -35.56 45.90 5.72
C LEU B 323 -36.50 45.00 4.95
N LEU B 324 -36.13 44.62 3.72
CA LEU B 324 -36.96 43.70 2.94
C LEU B 324 -37.04 42.33 3.62
N ALA B 325 -36.04 41.98 4.44
CA ALA B 325 -36.12 40.75 5.22
C ALA B 325 -37.13 40.89 6.35
N TYR B 326 -37.13 42.04 7.03
CA TYR B 326 -38.00 42.23 8.18
C TYR B 326 -39.44 42.49 7.76
N ILE B 327 -39.62 43.31 6.72
CA ILE B 327 -40.96 43.65 6.26
C ILE B 327 -41.65 42.41 5.68
N HIS B 328 -40.91 41.60 4.94
CA HIS B 328 -41.46 40.38 4.37
C HIS B 328 -41.75 39.34 5.45
N LYS B 329 -41.06 39.42 6.59
CA LYS B 329 -41.16 38.37 7.61
C LYS B 329 -42.47 38.47 8.38
N GLN B 330 -42.80 39.66 8.88
CA GLN B 330 -43.98 39.85 9.72
C GLN B 330 -45.23 40.05 8.88
N THR B 331 -45.46 39.16 7.93
CA THR B 331 -46.54 39.34 6.96
C THR B 331 -46.96 37.98 6.44
N GLU B 332 -48.25 37.70 6.49
CA GLU B 332 -48.82 36.47 5.96
C GLU B 332 -49.08 36.68 4.47
N GLU B 333 -49.94 35.85 3.87
CA GLU B 333 -50.26 35.99 2.45
C GLU B 333 -50.88 37.36 2.17
N GLY B 334 -51.16 37.62 0.89
CA GLY B 334 -51.20 38.98 0.38
C GLY B 334 -52.32 39.88 0.89
N GLY B 335 -52.34 40.11 2.20
CA GLY B 335 -53.16 41.14 2.80
C GLY B 335 -52.33 42.34 3.23
N ASN B 336 -53.02 43.34 3.79
CA ASN B 336 -52.39 44.63 4.05
C ASN B 336 -51.26 44.59 5.06
N LEU B 337 -51.57 44.33 6.33
CA LEU B 337 -50.62 44.55 7.41
C LEU B 337 -50.91 43.60 8.55
N PRO B 338 -49.93 43.40 9.48
CA PRO B 338 -50.26 42.93 10.82
C PRO B 338 -50.83 44.06 11.66
N ASP B 339 -50.96 43.85 12.99
CA ASP B 339 -51.40 44.90 13.90
C ASP B 339 -50.62 46.19 13.67
N ALA B 340 -51.25 47.32 14.02
CA ALA B 340 -50.74 48.62 13.60
C ALA B 340 -49.45 48.97 14.33
N ALA B 341 -48.32 48.67 13.69
CA ALA B 341 -46.99 48.98 14.20
C ALA B 341 -46.22 49.87 13.23
N GLU B 342 -46.93 50.77 12.54
CA GLU B 342 -46.27 51.69 11.64
C GLU B 342 -45.25 52.59 12.33
N PRO B 343 -45.49 53.10 13.55
CA PRO B 343 -44.42 53.82 14.25
C PRO B 343 -43.18 52.97 14.51
N ASP B 344 -43.31 51.64 14.46
CA ASP B 344 -42.15 50.76 14.54
C ASP B 344 -41.52 50.50 13.18
N ILE B 345 -42.28 50.65 12.10
CA ILE B 345 -41.75 50.45 10.76
C ILE B 345 -41.02 51.71 10.29
N ILE B 346 -41.73 52.85 10.28
CA ILE B 346 -41.17 54.07 9.73
C ILE B 346 -40.00 54.53 10.59
N SER B 347 -40.00 54.18 11.88
CA SER B 347 -38.82 54.45 12.70
C SER B 347 -37.63 53.62 12.22
N THR B 348 -37.88 52.38 11.83
CA THR B 348 -36.81 51.53 11.33
C THR B 348 -36.33 51.97 9.96
N ILE B 349 -37.20 52.63 9.18
CA ILE B 349 -36.79 53.16 7.87
C ILE B 349 -35.84 54.33 8.04
N LYS B 350 -36.09 55.20 9.02
CA LYS B 350 -35.30 56.42 9.17
C LYS B 350 -34.01 56.22 9.96
N LYS B 351 -33.78 55.05 10.55
CA LYS B 351 -32.47 54.77 11.14
C LYS B 351 -31.44 54.39 10.09
N THR B 352 -31.87 53.89 8.94
CA THR B 352 -30.94 53.62 7.85
C THR B 352 -30.43 54.93 7.23
N PHE B 353 -31.34 55.76 6.73
CA PHE B 353 -31.03 57.10 6.26
C PHE B 353 -32.03 58.06 6.87
N ASN B 354 -31.55 59.25 7.24
CA ASN B 354 -32.38 60.22 7.93
C ASN B 354 -33.39 60.81 6.95
N PHE B 355 -34.62 60.32 7.00
CA PHE B 355 -35.73 60.85 6.22
C PHE B 355 -36.64 61.76 7.05
N GLY B 356 -37.12 61.26 8.18
CA GLY B 356 -37.77 62.10 9.18
C GLY B 356 -39.27 62.22 9.07
N GLN B 357 -39.97 61.10 8.96
CA GLN B 357 -41.42 61.00 9.10
C GLN B 357 -42.20 61.62 7.93
N SER B 358 -41.53 62.30 6.99
CA SER B 358 -42.21 63.03 5.92
C SER B 358 -42.14 62.25 4.61
N GLU B 359 -40.94 61.91 4.16
CA GLU B 359 -40.74 61.01 3.04
C GLU B 359 -40.33 59.60 3.47
N ALA B 360 -40.13 59.36 4.77
CA ALA B 360 -40.07 57.98 5.23
C ALA B 360 -41.41 57.29 5.04
N VAL B 361 -42.50 58.06 5.10
CA VAL B 361 -43.81 57.56 4.69
C VAL B 361 -43.81 57.24 3.20
N HIS B 362 -43.09 58.04 2.40
CA HIS B 362 -43.03 57.75 0.97
C HIS B 362 -42.31 56.44 0.68
N LEU B 363 -41.38 56.03 1.56
CA LEU B 363 -40.77 54.71 1.41
C LEU B 363 -41.76 53.60 1.77
N PHE B 364 -42.71 53.89 2.65
CA PHE B 364 -43.62 52.86 3.13
C PHE B 364 -44.63 52.44 2.07
N GLN B 365 -44.99 53.33 1.14
CA GLN B 365 -45.81 52.89 0.02
C GLN B 365 -45.03 51.97 -0.92
N THR B 366 -43.70 52.05 -0.91
CA THR B 366 -42.90 51.08 -1.66
C THR B 366 -42.71 49.80 -0.87
N MET B 367 -42.65 49.89 0.46
CA MET B 367 -42.53 48.70 1.28
C MET B 367 -43.84 47.92 1.35
N MET B 368 -44.98 48.56 1.10
CA MET B 368 -46.25 47.83 1.09
C MET B 368 -46.54 47.19 -0.26
N GLU B 369 -45.84 47.61 -1.32
CA GLU B 369 -45.92 46.91 -2.60
C GLU B 369 -44.85 45.85 -2.75
N CYS B 370 -43.86 45.80 -1.84
CA CYS B 370 -42.85 44.75 -1.84
C CYS B 370 -43.16 43.64 -0.84
N MET B 371 -44.04 43.89 0.14
CA MET B 371 -44.66 42.81 0.89
C MET B 371 -45.84 42.20 0.15
N LYS B 372 -46.26 42.81 -0.97
CA LYS B 372 -47.49 42.42 -1.64
C LYS B 372 -47.28 41.18 -2.51
N LYS B 373 -46.13 41.11 -3.18
CA LYS B 373 -45.83 40.07 -4.16
C LYS B 373 -44.86 39.04 -3.61
N LYS B 374 -45.09 38.62 -2.36
CA LYS B 374 -44.27 37.67 -1.61
C LYS B 374 -43.82 36.45 -2.42
N GLU B 375 -44.66 36.01 -3.36
CA GLU B 375 -44.33 34.82 -4.15
C GLU B 375 -43.08 35.05 -4.99
N LEU B 376 -42.82 36.29 -5.39
CA LEU B 376 -41.64 36.64 -6.19
C LEU B 376 -40.48 37.12 -5.33
N ILE B 377 -40.60 37.06 -4.02
CA ILE B 377 -39.56 37.48 -3.09
C ILE B 377 -39.10 36.26 -2.32
N THR B 378 -37.79 36.02 -2.33
CA THR B 378 -37.19 34.87 -1.65
C THR B 378 -36.15 35.39 -0.67
N VAL B 379 -36.46 35.28 0.61
CA VAL B 379 -35.55 35.68 1.69
C VAL B 379 -34.74 34.46 2.11
N PHE B 380 -33.46 34.66 2.35
CA PHE B 380 -32.54 33.57 2.69
C PHE B 380 -32.08 33.76 4.13
N HIS B 381 -32.78 33.10 5.05
CA HIS B 381 -32.46 33.21 6.48
C HIS B 381 -31.21 32.40 6.79
N ILE B 382 -30.18 33.08 7.28
CA ILE B 382 -28.89 32.47 7.58
C ILE B 382 -28.82 32.23 9.08
N GLY B 383 -28.50 30.99 9.45
CA GLY B 383 -28.41 30.58 10.83
C GLY B 383 -29.28 29.37 11.15
N SER B 384 -30.07 28.90 10.17
CA SER B 384 -30.88 27.71 10.32
C SER B 384 -30.81 26.84 9.08
N GLU B 385 -29.68 26.92 8.35
CA GLU B 385 -29.45 26.29 7.05
C GLU B 385 -30.69 26.31 6.17
N ASP B 386 -31.39 27.44 6.16
CA ASP B 386 -32.70 27.53 5.55
C ASP B 386 -32.57 27.54 4.03
N HIS B 387 -33.11 26.50 3.40
CA HIS B 387 -33.16 26.36 1.95
C HIS B 387 -31.79 26.13 1.32
N GLN B 388 -30.77 25.87 2.13
CA GLN B 388 -29.60 25.12 1.67
C GLN B 388 -28.84 25.75 0.50
N ASP B 389 -27.97 26.74 0.77
CA ASP B 389 -27.03 27.17 -0.26
C ASP B 389 -27.70 27.90 -1.42
N ILE B 390 -27.74 29.23 -1.30
CA ILE B 390 -28.47 30.19 -2.12
C ILE B 390 -28.55 29.85 -3.61
N ASP B 391 -27.56 29.10 -4.14
CA ASP B 391 -27.67 28.68 -5.54
C ASP B 391 -28.94 27.86 -5.77
N VAL B 392 -29.36 27.08 -4.77
CA VAL B 392 -30.68 26.46 -4.81
C VAL B 392 -31.75 27.53 -4.81
N ALA B 393 -31.59 28.54 -3.95
CA ALA B 393 -32.63 29.53 -3.75
C ALA B 393 -32.69 30.55 -4.90
N ILE B 394 -31.57 30.79 -5.58
CA ILE B 394 -31.63 31.61 -6.79
C ILE B 394 -32.44 30.89 -7.86
N LEU B 395 -32.13 29.63 -8.07
CA LEU B 395 -32.73 28.85 -9.13
C LEU B 395 -34.14 28.42 -8.78
N THR B 396 -34.44 28.25 -7.48
CA THR B 396 -35.80 27.96 -7.07
C THR B 396 -36.70 29.17 -7.22
N ALA B 397 -36.15 30.38 -7.09
CA ALA B 397 -36.95 31.59 -7.17
C ALA B 397 -37.47 31.83 -8.58
N LEU B 398 -36.83 31.25 -9.59
CA LEU B 398 -37.30 31.33 -10.96
C LEU B 398 -38.39 30.32 -11.26
N LEU B 399 -38.84 29.55 -10.27
CA LEU B 399 -39.86 28.53 -10.43
C LEU B 399 -41.11 28.79 -9.60
N LYS B 400 -40.99 29.52 -8.49
CA LYS B 400 -42.14 29.73 -7.61
C LYS B 400 -43.11 30.75 -8.19
N GLY B 401 -42.60 31.93 -8.55
CA GLY B 401 -43.43 32.96 -9.13
C GLY B 401 -43.62 32.76 -10.62
N THR B 402 -44.11 33.82 -11.27
CA THR B 402 -44.37 33.89 -12.72
C THR B 402 -45.04 32.62 -13.22
N ASN B 403 -46.26 32.38 -12.75
CA ASN B 403 -46.98 31.11 -12.86
C ASN B 403 -46.91 30.50 -14.25
N ALA B 404 -46.29 29.32 -14.34
CA ALA B 404 -46.12 28.62 -15.59
C ALA B 404 -46.23 27.13 -15.32
N SER B 405 -46.24 26.36 -16.40
CA SER B 405 -46.42 24.92 -16.28
C SER B 405 -45.23 24.28 -15.58
N ALA B 406 -45.47 23.10 -15.01
CA ALA B 406 -44.37 22.30 -14.50
C ALA B 406 -43.48 21.82 -15.64
N PHE B 407 -44.04 21.64 -16.82
CA PHE B 407 -43.24 21.43 -18.01
C PHE B 407 -42.27 22.59 -18.21
N ASP B 408 -42.76 23.81 -18.01
CA ASP B 408 -41.88 24.97 -18.13
C ASP B 408 -40.89 25.03 -16.99
N GLN B 409 -41.25 24.48 -15.83
CA GLN B 409 -40.30 24.39 -14.72
C GLN B 409 -39.25 23.33 -14.96
N LEU B 410 -39.63 22.23 -15.63
CA LEU B 410 -38.73 21.10 -15.80
C LEU B 410 -37.74 21.34 -16.93
N ILE B 411 -38.23 21.85 -18.05
CA ILE B 411 -37.36 22.10 -19.19
C ILE B 411 -36.38 23.23 -18.88
N LEU B 412 -36.73 24.11 -17.96
CA LEU B 412 -35.78 25.13 -17.54
C LEU B 412 -34.61 24.50 -16.80
N THR B 413 -34.90 23.56 -15.89
CA THR B 413 -33.84 22.82 -15.21
C THR B 413 -33.06 21.95 -16.19
N LEU B 414 -33.70 21.54 -17.29
CA LEU B 414 -33.02 20.69 -18.26
C LEU B 414 -31.93 21.46 -18.98
N ALA B 415 -32.16 22.74 -19.26
CA ALA B 415 -31.14 23.55 -19.89
C ALA B 415 -30.01 23.87 -18.93
N TRP B 416 -30.32 24.05 -17.65
CA TRP B 416 -29.30 24.29 -16.65
C TRP B 416 -28.48 23.05 -16.33
N ASP B 417 -28.96 21.87 -16.70
CA ASP B 417 -28.30 20.60 -16.37
C ASP B 417 -28.17 20.46 -14.85
N ARG B 418 -29.31 20.59 -14.18
CA ARG B 418 -29.43 20.53 -12.72
C ARG B 418 -30.55 19.57 -12.36
N VAL B 419 -30.20 18.39 -11.86
CA VAL B 419 -31.21 17.41 -11.49
C VAL B 419 -31.66 17.61 -10.05
N ASP B 420 -30.76 18.05 -9.17
CA ASP B 420 -31.13 18.17 -7.76
C ASP B 420 -32.15 19.27 -7.53
N ILE B 421 -32.24 20.25 -8.42
CA ILE B 421 -33.36 21.19 -8.37
C ILE B 421 -34.60 20.53 -8.94
N ALA B 422 -34.44 19.73 -10.01
CA ALA B 422 -35.59 19.12 -10.64
C ALA B 422 -36.17 18.00 -9.80
N LYS B 423 -35.31 17.25 -9.10
CA LYS B 423 -35.80 16.15 -8.30
C LYS B 423 -36.50 16.63 -7.03
N ASN B 424 -35.96 17.66 -6.40
CA ASN B 424 -36.39 18.09 -5.09
C ASN B 424 -37.36 19.27 -5.11
N HIS B 425 -37.56 19.91 -6.27
CA HIS B 425 -38.45 21.06 -6.35
C HIS B 425 -39.36 21.08 -7.56
N VAL B 426 -39.23 20.14 -8.50
CA VAL B 426 -40.19 19.96 -9.57
C VAL B 426 -40.95 18.65 -9.40
N PHE B 427 -40.25 17.58 -9.06
CA PHE B 427 -40.87 16.29 -8.76
C PHE B 427 -41.11 16.16 -7.26
N VAL B 428 -41.92 17.08 -6.77
CA VAL B 428 -42.40 17.06 -5.41
C VAL B 428 -43.76 16.38 -5.41
N TYR B 429 -44.23 16.00 -4.23
CA TYR B 429 -45.55 15.39 -4.17
C TYR B 429 -46.62 16.45 -4.37
N GLY B 430 -47.63 16.10 -5.18
CA GLY B 430 -48.76 16.98 -5.45
C GLY B 430 -48.72 17.62 -6.81
N GLN B 431 -47.60 17.54 -7.52
CA GLN B 431 -47.48 18.18 -8.82
C GLN B 431 -48.22 17.36 -9.87
N GLN B 432 -49.04 18.04 -10.68
CA GLN B 432 -49.84 17.41 -11.71
C GLN B 432 -49.21 17.64 -13.07
N TRP B 433 -49.16 16.58 -13.88
CA TRP B 433 -48.49 16.59 -15.17
C TRP B 433 -49.49 16.41 -16.30
N LEU B 434 -49.21 17.04 -17.43
CA LEU B 434 -50.00 16.84 -18.63
C LEU B 434 -49.68 15.48 -19.24
N VAL B 435 -50.42 15.12 -20.29
CA VAL B 435 -50.36 13.75 -20.81
C VAL B 435 -49.07 13.54 -21.61
N GLY B 436 -48.72 14.50 -22.47
CA GLY B 436 -47.56 14.37 -23.34
C GLY B 436 -46.40 15.27 -22.97
N SER B 437 -46.40 15.86 -21.78
CA SER B 437 -45.33 16.78 -21.39
C SER B 437 -44.06 16.02 -21.00
N LEU B 438 -44.21 14.98 -20.19
CA LEU B 438 -43.04 14.22 -19.76
C LEU B 438 -42.39 13.49 -20.93
N GLU B 439 -43.17 13.15 -21.96
CA GLU B 439 -42.58 12.56 -23.16
C GLU B 439 -41.77 13.60 -23.92
N GLN B 440 -42.30 14.80 -24.07
CA GLN B 440 -41.55 15.86 -24.74
C GLN B 440 -40.30 16.21 -23.94
N ALA B 441 -40.32 16.02 -22.63
CA ALA B 441 -39.12 16.23 -21.83
C ALA B 441 -38.08 15.16 -22.11
N MET B 442 -38.52 13.92 -22.33
CA MET B 442 -37.60 12.84 -22.63
C MET B 442 -36.96 13.04 -24.00
N LEU B 443 -37.75 13.46 -24.98
CA LEU B 443 -37.21 13.69 -26.31
C LEU B 443 -36.19 14.82 -26.30
N ASP B 444 -36.37 15.80 -25.43
CA ASP B 444 -35.41 16.89 -25.34
C ASP B 444 -34.17 16.45 -24.60
N ALA B 445 -34.32 15.62 -23.57
CA ALA B 445 -33.20 15.21 -22.76
C ALA B 445 -32.30 14.19 -23.48
N LEU B 446 -32.88 13.38 -24.37
CA LEU B 446 -32.07 12.44 -25.11
C LEU B 446 -31.22 13.15 -26.17
N VAL B 447 -31.79 14.16 -26.81
CA VAL B 447 -31.05 14.90 -27.83
C VAL B 447 -29.96 15.73 -27.20
N MET B 448 -30.26 16.41 -26.10
CA MET B 448 -29.32 17.29 -25.45
C MET B 448 -28.26 16.56 -24.64
N ASP B 449 -28.23 15.23 -24.69
CA ASP B 449 -27.19 14.44 -24.03
C ASP B 449 -27.23 14.66 -22.52
N ARG B 450 -28.45 14.68 -21.97
CA ARG B 450 -28.70 14.90 -20.56
C ARG B 450 -29.05 13.55 -19.94
N VAL B 451 -28.03 12.84 -19.47
CA VAL B 451 -28.20 11.46 -19.06
C VAL B 451 -28.95 11.39 -17.74
N SER B 452 -28.59 12.24 -16.79
CA SER B 452 -29.17 12.16 -15.45
C SER B 452 -30.62 12.61 -15.40
N PHE B 453 -31.12 13.26 -16.45
CA PHE B 453 -32.55 13.56 -16.55
C PHE B 453 -33.32 12.41 -17.17
N VAL B 454 -32.68 11.64 -18.06
CA VAL B 454 -33.29 10.42 -18.55
C VAL B 454 -33.47 9.45 -17.39
N LYS B 455 -32.50 9.39 -16.49
CA LYS B 455 -32.62 8.59 -15.29
C LYS B 455 -33.76 9.08 -14.41
N LEU B 456 -33.98 10.40 -14.36
CA LEU B 456 -35.00 10.95 -13.49
C LEU B 456 -36.39 10.78 -14.06
N LEU B 457 -36.54 10.89 -15.37
CA LEU B 457 -37.86 10.80 -15.98
C LEU B 457 -38.35 9.37 -16.07
N ILE B 458 -37.43 8.41 -16.16
CA ILE B 458 -37.82 7.00 -16.14
C ILE B 458 -38.32 6.62 -14.75
N GLU B 459 -37.65 7.11 -13.71
CA GLU B 459 -38.07 6.80 -12.35
C GLU B 459 -39.39 7.46 -11.99
N ASN B 460 -39.73 8.57 -12.63
CA ASN B 460 -40.93 9.34 -12.31
C ASN B 460 -42.09 9.07 -13.26
N GLY B 461 -42.00 8.01 -14.07
CA GLY B 461 -43.17 7.48 -14.75
C GLY B 461 -43.05 7.29 -16.24
N VAL B 462 -42.07 7.91 -16.88
CA VAL B 462 -41.94 7.78 -18.33
C VAL B 462 -41.54 6.36 -18.67
N SER B 463 -42.34 5.71 -19.51
CA SER B 463 -42.03 4.40 -20.06
C SER B 463 -41.46 4.56 -21.46
N MET B 464 -40.32 3.92 -21.70
CA MET B 464 -39.69 3.98 -23.01
C MET B 464 -40.43 3.13 -24.04
N HIS B 465 -41.22 2.16 -23.59
CA HIS B 465 -41.99 1.33 -24.51
C HIS B 465 -43.07 2.14 -25.21
N LYS B 466 -43.82 2.94 -24.44
CA LYS B 466 -44.85 3.79 -25.01
C LYS B 466 -44.27 5.04 -25.66
N PHE B 467 -43.05 5.41 -25.28
CA PHE B 467 -42.46 6.66 -25.75
C PHE B 467 -41.85 6.52 -27.13
N LEU B 468 -40.95 5.56 -27.29
CA LEU B 468 -40.04 5.54 -28.42
C LEU B 468 -40.77 5.00 -29.65
N THR B 469 -41.30 5.92 -30.45
CA THR B 469 -42.00 5.59 -31.67
C THR B 469 -41.01 5.61 -32.84
N ILE B 470 -41.52 5.34 -34.04
CA ILE B 470 -40.67 5.33 -35.23
C ILE B 470 -40.35 6.77 -35.60
N PRO B 471 -41.34 7.68 -35.74
CA PRO B 471 -40.98 9.06 -36.11
C PRO B 471 -40.16 9.77 -35.06
N ARG B 472 -40.32 9.45 -33.79
CA ARG B 472 -39.49 10.08 -32.78
C ARG B 472 -38.04 9.60 -32.90
N LEU B 473 -37.85 8.29 -33.11
CA LEU B 473 -36.51 7.74 -33.29
C LEU B 473 -35.92 8.12 -34.64
N GLU B 474 -36.74 8.48 -35.63
CA GLU B 474 -36.23 9.15 -36.81
C GLU B 474 -35.54 10.45 -36.43
N GLU B 475 -36.10 11.16 -35.45
CA GLU B 475 -35.57 12.47 -35.07
C GLU B 475 -34.24 12.34 -34.34
N LEU B 476 -34.13 11.37 -33.45
CA LEU B 476 -32.93 11.21 -32.62
C LEU B 476 -31.68 11.09 -33.46
N TYR B 477 -31.76 10.48 -34.64
CA TYR B 477 -30.63 10.47 -35.56
C TYR B 477 -30.46 11.82 -36.25
N ASN B 478 -31.57 12.48 -36.57
CA ASN B 478 -31.56 13.70 -37.36
C ASN B 478 -31.64 14.94 -36.46
N THR B 479 -30.60 15.12 -35.67
CA THR B 479 -30.42 16.34 -34.89
C THR B 479 -28.98 16.81 -35.03
N LYS B 480 -28.82 18.10 -35.23
CA LYS B 480 -27.57 18.78 -35.03
C LYS B 480 -27.56 19.58 -33.74
N GLN B 481 -28.64 19.52 -32.97
CA GLN B 481 -28.79 20.26 -31.72
C GLN B 481 -28.29 19.41 -30.54
N GLY B 482 -27.05 18.96 -30.66
CA GLY B 482 -26.42 18.19 -29.63
C GLY B 482 -25.03 17.75 -30.05
N PRO B 483 -24.35 16.99 -29.20
CA PRO B 483 -23.06 16.43 -29.60
C PRO B 483 -23.25 15.33 -30.63
N THR B 484 -22.94 15.64 -31.88
CA THR B 484 -23.18 14.72 -32.99
C THR B 484 -21.90 13.98 -33.35
N ASN B 485 -22.08 12.91 -34.11
CA ASN B 485 -20.97 12.16 -34.67
C ASN B 485 -20.74 12.64 -36.09
N PRO B 486 -19.56 13.17 -36.44
CA PRO B 486 -19.30 13.52 -37.85
C PRO B 486 -19.04 12.32 -38.74
N MET B 487 -19.03 11.11 -38.17
CA MET B 487 -18.70 9.90 -38.89
C MET B 487 -19.92 9.15 -39.41
N LEU B 488 -21.11 9.41 -38.85
CA LEU B 488 -22.29 8.68 -39.26
C LEU B 488 -22.69 9.01 -40.68
N PHE B 489 -22.47 10.26 -41.11
CA PHE B 489 -22.82 10.64 -42.47
C PHE B 489 -21.89 10.00 -43.49
N HIS B 490 -20.64 9.72 -43.09
CA HIS B 490 -19.73 9.00 -43.98
C HIS B 490 -20.11 7.54 -44.11
N LEU B 491 -20.71 6.97 -43.06
CA LEU B 491 -21.13 5.57 -43.11
C LEU B 491 -22.40 5.41 -43.95
N ILE B 492 -23.24 6.43 -44.01
CA ILE B 492 -24.49 6.33 -44.75
C ILE B 492 -24.24 6.46 -46.25
N ARG B 493 -23.32 7.32 -46.65
CA ARG B 493 -22.99 7.44 -48.07
C ARG B 493 -22.21 6.24 -48.60
N ASP B 494 -21.58 5.47 -47.71
CA ASP B 494 -20.88 4.27 -48.12
C ASP B 494 -21.82 3.10 -48.41
N VAL B 495 -23.05 3.16 -47.92
CA VAL B 495 -24.04 2.11 -48.13
C VAL B 495 -25.16 2.52 -49.06
N LYS B 496 -25.16 3.77 -49.55
CA LYS B 496 -26.11 4.24 -50.55
C LYS B 496 -25.42 4.60 -51.86
N GLN B 497 -24.21 4.08 -52.07
CA GLN B 497 -23.50 4.16 -53.35
C GLN B 497 -23.10 5.58 -53.74
N GLY B 498 -23.23 6.56 -52.84
CA GLY B 498 -22.68 7.89 -53.03
C GLY B 498 -23.70 9.00 -53.19
N ASN B 499 -24.97 8.71 -53.40
CA ASN B 499 -25.97 9.77 -53.59
C ASN B 499 -26.18 10.53 -52.28
N LEU B 500 -26.14 11.87 -52.33
CA LEU B 500 -26.24 12.70 -51.14
C LEU B 500 -26.98 13.98 -51.51
N PRO B 501 -28.30 14.04 -51.30
CA PRO B 501 -29.00 15.33 -51.44
C PRO B 501 -28.68 16.24 -50.28
N PRO B 502 -28.83 17.56 -50.45
CA PRO B 502 -28.32 18.48 -49.41
C PRO B 502 -29.12 18.46 -48.12
N GLY B 503 -30.44 18.23 -48.18
CA GLY B 503 -31.22 18.17 -46.96
C GLY B 503 -31.06 16.83 -46.24
N TYR B 504 -31.55 15.78 -46.89
CA TYR B 504 -31.32 14.39 -46.50
C TYR B 504 -31.64 14.11 -45.02
N LYS B 505 -32.93 14.10 -44.71
CA LYS B 505 -33.36 13.46 -43.48
C LYS B 505 -33.01 11.98 -43.54
N ILE B 506 -32.32 11.48 -42.52
CA ILE B 506 -31.92 10.07 -42.47
C ILE B 506 -33.15 9.22 -42.19
N THR B 507 -33.23 8.09 -42.87
CA THR B 507 -34.25 7.08 -42.64
C THR B 507 -33.65 5.89 -41.90
N LEU B 508 -34.52 5.09 -41.29
CA LEU B 508 -34.06 3.91 -40.58
C LEU B 508 -33.70 2.77 -41.51
N ILE B 509 -34.19 2.79 -42.74
CA ILE B 509 -33.70 1.84 -43.74
C ILE B 509 -32.23 2.08 -43.99
N ASP B 510 -31.77 3.32 -43.84
CA ASP B 510 -30.37 3.65 -44.08
C ASP B 510 -29.50 3.30 -42.89
N ILE B 511 -30.03 3.44 -41.68
CA ILE B 511 -29.29 3.08 -40.48
C ILE B 511 -29.04 1.59 -40.45
N GLY B 512 -30.05 0.79 -40.81
CA GLY B 512 -29.89 -0.64 -40.83
C GLY B 512 -28.82 -1.10 -41.77
N LEU B 513 -28.65 -0.41 -42.89
CA LEU B 513 -27.57 -0.75 -43.81
C LEU B 513 -26.22 -0.41 -43.22
N VAL B 514 -26.16 0.57 -42.31
CA VAL B 514 -24.92 0.87 -41.61
C VAL B 514 -24.61 -0.23 -40.61
N ILE B 515 -25.62 -0.68 -39.86
CA ILE B 515 -25.39 -1.70 -38.84
C ILE B 515 -24.95 -3.00 -39.49
N GLU B 516 -25.60 -3.38 -40.60
CA GLU B 516 -25.20 -4.58 -41.32
C GLU B 516 -23.81 -4.44 -41.91
N TYR B 517 -23.37 -3.23 -42.19
CA TYR B 517 -22.02 -3.03 -42.69
C TYR B 517 -21.01 -3.12 -41.56
N LEU B 518 -21.37 -2.65 -40.37
CA LEU B 518 -20.44 -2.65 -39.25
C LEU B 518 -20.35 -4.03 -38.62
N MET B 519 -21.49 -4.71 -38.45
CA MET B 519 -21.47 -6.02 -37.82
C MET B 519 -20.85 -7.06 -38.72
N GLY B 520 -20.92 -6.87 -40.03
CA GLY B 520 -20.24 -7.73 -40.97
C GLY B 520 -20.83 -9.11 -41.07
N GLY B 521 -20.39 -9.87 -42.06
CA GLY B 521 -20.85 -11.24 -42.21
C GLY B 521 -22.27 -11.28 -42.71
N THR B 522 -23.06 -12.18 -42.12
CA THR B 522 -24.45 -12.39 -42.48
C THR B 522 -25.41 -11.72 -41.50
N TYR B 523 -25.00 -10.62 -40.91
CA TYR B 523 -25.87 -9.91 -39.99
C TYR B 523 -26.99 -9.24 -40.76
N ARG B 524 -28.21 -9.36 -40.27
CA ARG B 524 -29.39 -8.75 -40.87
C ARG B 524 -30.12 -7.98 -39.78
N CYS B 525 -30.12 -6.66 -39.87
CA CYS B 525 -30.79 -5.85 -38.88
C CYS B 525 -32.30 -5.93 -39.05
N THR B 526 -33.01 -5.47 -38.03
CA THR B 526 -34.47 -5.48 -38.06
C THR B 526 -35.05 -4.33 -38.85
N TYR B 527 -34.21 -3.48 -39.44
CA TYR B 527 -34.65 -2.34 -40.24
C TYR B 527 -34.75 -2.66 -41.72
N THR B 528 -33.98 -3.64 -42.19
CA THR B 528 -33.89 -3.95 -43.61
C THR B 528 -34.57 -5.27 -43.96
N ARG B 529 -35.56 -5.66 -43.17
CA ARG B 529 -36.32 -6.88 -43.39
C ARG B 529 -37.71 -6.52 -43.91
N LYS B 530 -38.42 -7.55 -44.37
CA LYS B 530 -39.68 -7.33 -45.08
C LYS B 530 -40.74 -6.74 -44.18
N ARG B 531 -40.77 -7.17 -42.91
CA ARG B 531 -41.84 -6.73 -42.01
C ARG B 531 -41.73 -5.25 -41.68
N PHE B 532 -40.51 -4.72 -41.62
CA PHE B 532 -40.31 -3.33 -41.23
C PHE B 532 -40.55 -2.38 -42.41
N ARG B 533 -40.17 -2.80 -43.61
CA ARG B 533 -40.29 -1.92 -44.77
C ARG B 533 -41.75 -1.61 -45.11
N LEU B 534 -42.64 -2.56 -44.88
CA LEU B 534 -44.04 -2.35 -45.23
C LEU B 534 -44.73 -1.44 -44.21
N ILE B 535 -44.45 -1.63 -42.92
CA ILE B 535 -45.02 -0.75 -41.90
C ILE B 535 -44.32 0.60 -41.90
N TYR B 536 -43.12 0.69 -42.45
CA TYR B 536 -42.47 1.99 -42.66
C TYR B 536 -43.12 2.76 -43.80
N ASN B 537 -43.67 2.05 -44.78
CA ASN B 537 -44.41 2.69 -45.87
C ASN B 537 -45.77 3.20 -45.41
N SER B 538 -46.38 2.53 -44.43
CA SER B 538 -47.73 2.88 -44.01
C SER B 538 -47.75 4.21 -43.26
N LEU B 539 -46.74 4.46 -42.43
CA LEU B 539 -46.71 5.67 -41.62
C LEU B 539 -46.15 6.84 -42.42
N GLU B 613 -49.16 -0.49 -29.94
CA GLU B 613 -49.36 -0.31 -31.39
C GLU B 613 -48.15 -0.85 -32.17
N THR B 614 -48.34 -1.10 -33.47
CA THR B 614 -47.25 -1.59 -34.30
C THR B 614 -46.29 -0.50 -34.72
N LYS B 615 -46.62 0.76 -34.50
CA LYS B 615 -45.72 1.87 -34.78
C LYS B 615 -44.71 2.09 -33.65
N ARG B 616 -44.81 1.35 -32.56
CA ARG B 616 -43.82 1.35 -31.50
C ARG B 616 -42.85 0.19 -31.75
N PHE B 617 -41.91 0.00 -30.83
CA PHE B 617 -40.91 -1.07 -30.89
C PHE B 617 -41.11 -2.05 -29.75
N PRO B 618 -40.83 -3.34 -29.96
CA PRO B 618 -40.98 -4.28 -28.84
C PRO B 618 -39.89 -4.14 -27.80
N TYR B 619 -38.66 -3.85 -28.22
CA TYR B 619 -37.51 -3.71 -27.33
C TYR B 619 -36.88 -2.34 -27.60
N PRO B 620 -37.34 -1.28 -26.92
CA PRO B 620 -36.86 0.05 -27.28
C PRO B 620 -35.42 0.30 -26.88
N LEU B 621 -34.97 -0.28 -25.79
CA LEU B 621 -33.62 -0.02 -25.32
C LEU B 621 -32.56 -0.75 -26.12
N ASN B 622 -32.95 -1.70 -26.98
CA ASN B 622 -32.04 -2.20 -27.99
C ASN B 622 -31.87 -1.20 -29.12
N GLU B 623 -32.88 -0.39 -29.37
CA GLU B 623 -32.87 0.55 -30.48
C GLU B 623 -32.10 1.81 -30.15
N LEU B 624 -32.14 2.24 -28.88
CA LEU B 624 -31.42 3.42 -28.45
C LEU B 624 -29.96 3.12 -28.14
N LEU B 625 -29.65 1.89 -27.72
CA LEU B 625 -28.28 1.52 -27.44
C LEU B 625 -27.44 1.55 -28.71
N ILE B 626 -28.03 1.14 -29.84
CA ILE B 626 -27.33 1.29 -31.11
C ILE B 626 -27.21 2.76 -31.45
N TRP B 627 -28.26 3.52 -31.19
CA TRP B 627 -28.25 4.95 -31.48
C TRP B 627 -27.15 5.66 -30.73
N ALA B 628 -27.02 5.37 -29.43
CA ALA B 628 -26.02 6.04 -28.63
C ALA B 628 -24.62 5.68 -29.06
N CYS B 629 -24.44 4.48 -29.60
CA CYS B 629 -23.13 4.05 -30.05
C CYS B 629 -22.79 4.68 -31.40
N LEU B 630 -23.75 4.73 -32.31
CA LEU B 630 -23.51 5.31 -33.61
C LEU B 630 -23.31 6.81 -33.54
N MET B 631 -23.97 7.48 -32.59
CA MET B 631 -23.77 8.89 -32.34
C MET B 631 -22.60 9.17 -31.40
N LYS B 632 -21.87 8.15 -30.98
CA LYS B 632 -20.66 8.32 -30.18
C LYS B 632 -20.96 9.03 -28.87
N ARG B 633 -22.06 8.63 -28.24
CA ARG B 633 -22.49 9.14 -26.93
C ARG B 633 -22.29 8.03 -25.92
N GLN B 634 -21.08 7.96 -25.38
CA GLN B 634 -20.69 6.83 -24.53
C GLN B 634 -21.39 6.86 -23.18
N VAL B 635 -21.51 8.03 -22.56
CA VAL B 635 -22.13 8.10 -21.25
C VAL B 635 -23.61 7.76 -21.36
N MET B 636 -24.23 8.08 -22.49
CA MET B 636 -25.60 7.67 -22.73
C MET B 636 -25.68 6.17 -23.00
N ALA B 637 -24.65 5.62 -23.64
CA ALA B 637 -24.65 4.21 -23.97
C ALA B 637 -24.44 3.33 -22.75
N ARG B 638 -23.56 3.75 -21.84
CA ARG B 638 -23.38 2.99 -20.61
C ARG B 638 -24.63 3.00 -19.76
N PHE B 639 -25.43 4.06 -19.85
CA PHE B 639 -26.65 4.13 -19.05
C PHE B 639 -27.73 3.26 -19.66
N LEU B 640 -27.91 3.34 -20.97
CA LEU B 640 -28.93 2.56 -21.65
C LEU B 640 -28.58 1.09 -21.73
N TRP B 641 -27.33 0.72 -21.45
CA TRP B 641 -26.95 -0.68 -21.41
C TRP B 641 -27.48 -1.36 -20.16
N GLN B 642 -27.44 -0.67 -19.02
CA GLN B 642 -27.85 -1.28 -17.78
C GLN B 642 -29.34 -1.56 -17.72
N HIS B 643 -30.13 -0.86 -18.51
CA HIS B 643 -31.57 -1.03 -18.52
C HIS B 643 -31.96 -1.90 -19.70
N GLY B 644 -32.76 -2.92 -19.43
CA GLY B 644 -33.21 -3.86 -20.43
C GLY B 644 -32.61 -5.22 -20.21
N GLU B 645 -32.99 -6.14 -21.10
CA GLU B 645 -32.57 -7.52 -21.04
C GLU B 645 -31.42 -7.76 -22.02
N GLU B 646 -30.78 -8.92 -21.87
CA GLU B 646 -29.68 -9.35 -22.74
C GLU B 646 -28.48 -8.42 -22.59
N SER B 647 -27.98 -8.32 -21.36
CA SER B 647 -26.93 -7.35 -21.07
C SER B 647 -25.60 -7.78 -21.66
N MET B 648 -25.26 -9.06 -21.56
CA MET B 648 -23.97 -9.53 -22.05
C MET B 648 -23.93 -9.54 -23.57
N ALA B 649 -25.07 -9.70 -24.21
CA ALA B 649 -25.13 -9.64 -25.66
C ALA B 649 -25.01 -8.22 -26.18
N LYS B 650 -25.70 -7.27 -25.57
CA LYS B 650 -25.62 -5.88 -26.02
C LYS B 650 -24.23 -5.32 -25.86
N ALA B 651 -23.48 -5.80 -24.88
CA ALA B 651 -22.12 -5.34 -24.69
C ALA B 651 -21.20 -5.83 -25.79
N LEU B 652 -21.45 -7.03 -26.30
CA LEU B 652 -20.63 -7.58 -27.35
C LEU B 652 -20.99 -6.99 -28.71
N VAL B 653 -22.25 -6.62 -28.90
CA VAL B 653 -22.65 -5.89 -30.09
C VAL B 653 -21.99 -4.52 -30.11
N ALA B 654 -22.07 -3.80 -29.00
CA ALA B 654 -21.45 -2.49 -28.91
C ALA B 654 -19.93 -2.57 -29.06
N CYS B 655 -19.31 -3.63 -28.55
CA CYS B 655 -17.88 -3.82 -28.79
C CYS B 655 -17.60 -3.96 -30.28
N LYS B 656 -18.51 -4.57 -31.02
CA LYS B 656 -18.32 -4.75 -32.45
C LYS B 656 -18.63 -3.48 -33.20
N ILE B 657 -19.63 -2.73 -32.77
CA ILE B 657 -20.02 -1.54 -33.52
C ILE B 657 -18.94 -0.48 -33.42
N TYR B 658 -18.42 -0.22 -32.22
CA TYR B 658 -17.34 0.74 -32.09
C TYR B 658 -16.07 0.26 -32.78
N ARG B 659 -15.80 -1.04 -32.76
CA ARG B 659 -14.59 -1.55 -33.39
C ARG B 659 -14.63 -1.34 -34.88
N SER B 660 -15.79 -1.53 -35.49
CA SER B 660 -15.91 -1.32 -36.93
C SER B 660 -15.83 0.15 -37.28
N MET B 661 -16.37 1.02 -36.43
CA MET B 661 -16.23 2.45 -36.67
C MET B 661 -14.81 2.92 -36.42
N ALA B 662 -14.06 2.24 -35.58
CA ALA B 662 -12.66 2.58 -35.38
C ALA B 662 -11.83 2.18 -36.59
N TYR B 663 -12.22 1.11 -37.27
CA TYR B 663 -11.54 0.69 -38.49
C TYR B 663 -11.91 1.58 -39.66
N GLU B 664 -13.13 2.11 -39.69
CA GLU B 664 -13.52 3.04 -40.72
C GLU B 664 -12.88 4.41 -40.52
N ALA B 665 -12.56 4.76 -39.27
CA ALA B 665 -11.99 6.07 -39.00
C ALA B 665 -10.59 6.19 -39.57
N LYS B 666 -9.80 5.12 -39.46
CA LYS B 666 -8.44 5.15 -40.00
C LYS B 666 -8.48 5.21 -41.52
N GLN B 667 -9.39 4.48 -42.14
CA GLN B 667 -9.55 4.48 -43.58
C GLN B 667 -10.51 5.56 -44.03
N SER B 668 -10.26 6.79 -43.59
CA SER B 668 -11.10 7.92 -44.01
C SER B 668 -10.31 9.20 -43.81
N ASP B 669 -10.45 10.12 -44.75
CA ASP B 669 -9.68 11.35 -44.78
C ASP B 669 -10.43 12.41 -43.97
N LEU B 670 -10.16 12.44 -42.67
CA LEU B 670 -10.71 13.45 -41.78
C LEU B 670 -9.57 14.11 -41.01
N VAL B 671 -9.78 15.40 -40.67
CA VAL B 671 -8.82 16.11 -39.84
C VAL B 671 -8.89 15.66 -38.38
N ASP B 672 -10.01 15.08 -37.97
CA ASP B 672 -10.19 14.51 -36.64
C ASP B 672 -10.27 12.99 -36.80
N ASP B 673 -9.26 12.28 -36.28
CA ASP B 673 -9.25 10.83 -36.39
C ASP B 673 -10.33 10.21 -35.51
N THR B 674 -10.23 10.43 -34.19
CA THR B 674 -11.19 9.91 -33.23
C THR B 674 -11.28 8.38 -33.28
N SER B 675 -10.21 7.72 -33.72
CA SER B 675 -10.18 6.27 -33.75
C SER B 675 -9.71 5.68 -32.43
N GLU B 676 -8.81 6.38 -31.73
CA GLU B 676 -8.39 5.95 -30.41
C GLU B 676 -9.48 6.15 -29.37
N GLU B 677 -10.42 7.06 -29.63
CA GLU B 677 -11.55 7.23 -28.73
C GLU B 677 -12.55 6.09 -28.91
N LEU B 678 -12.78 5.68 -30.16
CA LEU B 678 -13.70 4.59 -30.42
C LEU B 678 -13.10 3.25 -29.99
N LYS B 679 -11.79 3.08 -30.16
CA LYS B 679 -11.14 1.84 -29.75
C LYS B 679 -11.16 1.68 -28.25
N GLN B 680 -11.08 2.79 -27.51
CA GLN B 680 -11.23 2.74 -26.06
C GLN B 680 -12.67 2.42 -25.69
N TYR B 681 -13.62 2.94 -26.45
CA TYR B 681 -15.03 2.65 -26.18
C TYR B 681 -15.36 1.20 -26.51
N SER B 682 -14.68 0.62 -27.49
CA SER B 682 -14.90 -0.80 -27.80
C SER B 682 -14.37 -1.69 -26.69
N ASN B 683 -13.25 -1.32 -26.09
CA ASN B 683 -12.65 -2.11 -25.03
C ASN B 683 -13.37 -1.92 -23.70
N ASP B 684 -14.20 -0.89 -23.56
CA ASP B 684 -14.96 -0.72 -22.34
C ASP B 684 -16.13 -1.67 -22.28
N PHE B 685 -16.88 -1.79 -23.37
CA PHE B 685 -17.97 -2.75 -23.41
C PHE B 685 -17.45 -4.18 -23.47
N GLY B 686 -16.30 -4.37 -24.10
CA GLY B 686 -15.69 -5.69 -24.10
C GLY B 686 -15.33 -6.14 -22.71
N GLN B 687 -14.85 -5.23 -21.88
CA GLN B 687 -14.51 -5.58 -20.51
C GLN B 687 -15.76 -5.84 -19.68
N LEU B 688 -16.88 -5.21 -20.04
CA LEU B 688 -18.13 -5.49 -19.35
C LEU B 688 -18.63 -6.88 -19.67
N ALA B 689 -18.42 -7.33 -20.91
CA ALA B 689 -18.87 -8.65 -21.30
C ALA B 689 -18.08 -9.74 -20.58
N VAL B 690 -16.78 -9.52 -20.41
CA VAL B 690 -15.94 -10.48 -19.73
C VAL B 690 -16.31 -10.56 -18.26
N GLU B 691 -16.61 -9.42 -17.65
CA GLU B 691 -16.91 -9.38 -16.23
C GLU B 691 -18.29 -9.94 -15.93
N LEU B 692 -19.19 -9.95 -16.89
CA LEU B 692 -20.46 -10.63 -16.73
C LEU B 692 -20.34 -12.13 -16.95
N LEU B 693 -19.44 -12.56 -17.82
CA LEU B 693 -19.18 -13.98 -17.99
C LEU B 693 -18.49 -14.55 -16.77
N GLU B 694 -17.59 -13.78 -16.16
CA GLU B 694 -16.95 -14.21 -14.93
C GLU B 694 -17.95 -14.31 -13.80
N GLN B 695 -18.93 -13.41 -13.76
CA GLN B 695 -19.95 -13.46 -12.74
C GLN B 695 -20.90 -14.62 -12.96
N SER B 696 -21.22 -14.92 -14.21
CA SER B 696 -22.11 -16.03 -14.53
C SER B 696 -21.42 -17.37 -14.33
N PHE B 697 -20.11 -17.42 -14.53
CA PHE B 697 -19.37 -18.67 -14.39
C PHE B 697 -19.19 -19.07 -12.94
N ARG B 698 -19.12 -18.10 -12.03
CA ARG B 698 -19.00 -18.39 -10.61
C ARG B 698 -20.30 -18.89 -10.01
N GLN B 699 -21.43 -18.47 -10.57
CA GLN B 699 -22.74 -18.84 -10.05
C GLN B 699 -23.10 -20.26 -10.44
N ASP B 700 -23.01 -20.58 -11.73
CA ASP B 700 -23.23 -21.93 -12.23
C ASP B 700 -22.44 -22.10 -13.51
N GLU B 701 -21.55 -23.10 -13.52
CA GLU B 701 -20.69 -23.31 -14.68
C GLU B 701 -21.48 -23.75 -15.90
N THR B 702 -22.48 -24.59 -15.70
CA THR B 702 -23.21 -25.17 -16.81
C THR B 702 -24.14 -24.16 -17.46
N MET B 703 -24.79 -23.33 -16.66
CA MET B 703 -25.73 -22.35 -17.21
C MET B 703 -25.01 -21.21 -17.88
N ALA B 704 -23.78 -20.93 -17.46
CA ALA B 704 -22.97 -19.92 -18.13
C ALA B 704 -22.54 -20.38 -19.51
N MET B 705 -22.27 -21.67 -19.68
CA MET B 705 -21.95 -22.18 -20.99
C MET B 705 -23.15 -22.15 -21.92
N LYS B 706 -24.36 -22.22 -21.37
CA LYS B 706 -25.56 -22.03 -22.18
C LYS B 706 -25.69 -20.58 -22.63
N LEU B 707 -25.22 -19.63 -21.83
CA LEU B 707 -25.33 -18.23 -22.20
C LEU B 707 -24.47 -17.90 -23.40
N LEU B 708 -23.43 -18.70 -23.64
CA LEU B 708 -22.51 -18.46 -24.74
C LEU B 708 -23.08 -18.84 -26.09
N THR B 709 -24.11 -19.70 -26.13
CA THR B 709 -24.52 -20.35 -27.38
C THR B 709 -26.02 -20.37 -27.66
N TYR B 710 -26.85 -19.68 -26.88
CA TYR B 710 -28.26 -19.58 -27.23
C TYR B 710 -28.47 -18.47 -28.25
N GLU B 711 -29.37 -18.70 -29.19
CA GLU B 711 -29.70 -17.66 -30.15
C GLU B 711 -30.45 -16.52 -29.47
N LEU B 712 -30.21 -15.33 -29.99
CA LEU B 712 -30.58 -14.11 -29.29
C LEU B 712 -31.92 -13.53 -29.74
N LYS B 713 -32.32 -13.76 -31.00
CA LYS B 713 -33.65 -13.46 -31.52
C LYS B 713 -33.94 -11.97 -31.71
N ASN B 714 -33.01 -11.12 -31.31
CA ASN B 714 -33.08 -9.69 -31.48
C ASN B 714 -31.83 -9.14 -32.13
N TRP B 715 -30.83 -9.97 -32.39
CA TRP B 715 -29.53 -9.59 -32.90
C TRP B 715 -29.15 -10.50 -34.05
N SER B 716 -30.11 -10.73 -34.94
CA SER B 716 -29.92 -11.50 -36.17
C SER B 716 -29.59 -12.96 -35.87
N ASN B 717 -30.22 -13.51 -34.84
CA ASN B 717 -30.11 -14.93 -34.52
C ASN B 717 -28.66 -15.32 -34.27
N SER B 718 -27.89 -14.38 -33.77
CA SER B 718 -26.46 -14.58 -33.57
C SER B 718 -26.23 -15.14 -32.17
N THR B 719 -24.99 -15.08 -31.72
CA THR B 719 -24.53 -15.87 -30.60
C THR B 719 -23.41 -15.10 -29.93
N CYS B 720 -23.40 -15.15 -28.59
CA CYS B 720 -22.43 -14.37 -27.84
C CYS B 720 -21.00 -14.76 -28.14
N LEU B 721 -20.74 -16.04 -28.44
CA LEU B 721 -19.44 -16.40 -28.98
C LEU B 721 -19.21 -15.80 -30.35
N LYS B 722 -20.20 -15.94 -31.24
CA LYS B 722 -20.04 -15.47 -32.61
C LYS B 722 -19.87 -13.96 -32.67
N LEU B 723 -20.40 -13.24 -31.68
CA LEU B 723 -20.24 -11.80 -31.64
C LEU B 723 -18.88 -11.42 -31.10
N ALA B 724 -18.37 -12.17 -30.14
CA ALA B 724 -17.06 -11.88 -29.56
C ALA B 724 -15.93 -12.31 -30.46
N VAL B 725 -16.09 -13.45 -31.15
CA VAL B 725 -15.11 -13.86 -32.13
C VAL B 725 -15.10 -12.90 -33.31
N SER B 726 -16.25 -12.30 -33.61
CA SER B 726 -16.33 -11.30 -34.66
C SER B 726 -15.59 -10.03 -34.27
N SER B 727 -15.62 -9.69 -32.99
CA SER B 727 -14.89 -8.54 -32.47
C SER B 727 -13.43 -8.83 -32.18
N ARG B 728 -13.00 -10.09 -32.30
CA ARG B 728 -11.67 -10.51 -31.91
C ARG B 728 -11.38 -10.12 -30.47
N LEU B 729 -12.38 -10.26 -29.63
CA LEU B 729 -12.30 -9.90 -28.22
C LEU B 729 -11.71 -11.10 -27.49
N ARG B 730 -10.38 -11.10 -27.41
CA ARG B 730 -9.66 -12.28 -26.95
C ARG B 730 -9.95 -12.68 -25.50
N PRO B 731 -10.13 -11.77 -24.54
CA PRO B 731 -10.33 -12.21 -23.16
C PRO B 731 -11.62 -12.95 -22.90
N PHE B 732 -12.58 -12.90 -23.82
CA PHE B 732 -13.84 -13.62 -23.69
C PHE B 732 -13.68 -15.05 -24.17
N VAL B 733 -13.04 -15.23 -25.31
CA VAL B 733 -12.81 -16.55 -25.88
C VAL B 733 -11.76 -17.30 -25.09
N ALA B 734 -10.79 -16.60 -24.53
CA ALA B 734 -9.78 -17.21 -23.68
C ALA B 734 -10.23 -17.37 -22.24
N HIS B 735 -11.46 -16.99 -21.92
CA HIS B 735 -11.95 -17.12 -20.57
C HIS B 735 -12.27 -18.58 -20.30
N THR B 736 -12.14 -18.98 -19.04
CA THR B 736 -12.23 -20.39 -18.71
C THR B 736 -13.61 -20.97 -18.95
N CYS B 737 -14.63 -20.14 -19.11
CA CYS B 737 -15.96 -20.66 -19.41
C CYS B 737 -16.05 -21.14 -20.85
N THR B 738 -15.54 -20.35 -21.80
CA THR B 738 -15.58 -20.76 -23.19
C THR B 738 -14.66 -21.92 -23.44
N GLN B 739 -13.55 -22.00 -22.70
CA GLN B 739 -12.61 -23.08 -22.89
C GLN B 739 -13.15 -24.40 -22.38
N MET B 740 -14.00 -24.37 -21.36
CA MET B 740 -14.71 -25.57 -20.96
C MET B 740 -15.75 -25.99 -21.98
N LEU B 741 -16.38 -25.01 -22.63
CA LEU B 741 -17.34 -25.33 -23.68
C LEU B 741 -16.64 -25.89 -24.91
N LEU B 742 -15.50 -25.31 -25.27
CA LEU B 742 -14.75 -25.80 -26.39
C LEU B 742 -14.19 -27.19 -26.11
N SER B 743 -13.80 -27.44 -24.86
CA SER B 743 -13.30 -28.75 -24.49
C SER B 743 -14.41 -29.80 -24.51
N ASP B 744 -15.65 -29.39 -24.29
CA ASP B 744 -16.76 -30.33 -24.28
C ASP B 744 -17.33 -30.56 -25.68
N MET B 745 -17.24 -29.58 -26.57
CA MET B 745 -17.57 -29.83 -27.96
C MET B 745 -16.53 -30.69 -28.63
N TRP B 746 -15.30 -30.69 -28.13
CA TRP B 746 -14.24 -31.54 -28.65
C TRP B 746 -14.54 -33.00 -28.35
N MET B 747 -15.07 -33.28 -27.17
CA MET B 747 -15.39 -34.64 -26.79
C MET B 747 -16.53 -35.20 -27.63
N GLY B 748 -17.45 -34.35 -28.06
CA GLY B 748 -18.65 -34.86 -28.67
C GLY B 748 -19.49 -35.57 -27.64
N ARG B 749 -20.00 -36.73 -28.02
CA ARG B 749 -20.78 -37.57 -27.13
C ARG B 749 -19.94 -38.61 -26.41
N LEU B 750 -18.62 -38.47 -26.44
CA LEU B 750 -17.73 -39.31 -25.66
C LEU B 750 -17.50 -38.66 -24.31
N ASN B 751 -17.49 -39.48 -23.27
CA ASN B 751 -17.26 -39.02 -21.91
C ASN B 751 -15.78 -39.21 -21.61
N MET B 752 -14.99 -38.29 -22.12
CA MET B 752 -13.54 -38.37 -22.03
C MET B 752 -12.99 -38.04 -20.65
N ARG B 753 -13.86 -37.84 -19.66
CA ARG B 753 -13.41 -37.77 -18.29
C ARG B 753 -13.11 -39.17 -17.74
N LYS B 754 -13.90 -40.16 -18.15
CA LYS B 754 -13.71 -41.54 -17.75
C LYS B 754 -13.30 -42.44 -18.91
N ASN B 755 -12.73 -41.87 -19.96
CA ASN B 755 -12.06 -42.61 -21.01
C ASN B 755 -10.59 -42.19 -21.03
N SER B 756 -9.86 -42.70 -22.02
CA SER B 756 -8.46 -42.35 -22.22
C SER B 756 -8.21 -42.18 -23.71
N TRP B 757 -7.18 -41.40 -24.02
CA TRP B 757 -6.77 -41.26 -25.41
C TRP B 757 -6.24 -42.55 -25.99
N TYR B 758 -5.76 -43.47 -25.13
CA TYR B 758 -5.43 -44.81 -25.58
C TYR B 758 -6.65 -45.49 -26.20
N LYS B 759 -7.81 -45.31 -25.57
CA LYS B 759 -9.01 -46.03 -25.98
C LYS B 759 -9.61 -45.46 -27.26
N VAL B 760 -9.46 -44.17 -27.50
CA VAL B 760 -9.98 -43.55 -28.70
C VAL B 760 -9.18 -43.99 -29.91
N ILE B 761 -7.86 -44.02 -29.79
CA ILE B 761 -7.01 -44.48 -30.88
C ILE B 761 -7.23 -45.95 -31.13
N LEU B 762 -7.34 -46.75 -30.07
CA LEU B 762 -7.55 -48.17 -30.22
C LEU B 762 -8.88 -48.46 -30.91
N SER B 763 -9.89 -47.65 -30.65
CA SER B 763 -11.20 -47.86 -31.23
C SER B 763 -11.29 -47.41 -32.68
N ILE B 764 -10.36 -46.58 -33.13
CA ILE B 764 -10.28 -46.26 -34.54
C ILE B 764 -9.79 -47.46 -35.32
N LEU B 765 -8.80 -48.16 -34.77
CA LEU B 765 -8.22 -49.30 -35.45
C LEU B 765 -9.08 -50.54 -35.29
N VAL B 766 -9.77 -50.66 -34.15
CA VAL B 766 -10.65 -51.77 -33.84
C VAL B 766 -12.06 -51.23 -33.73
N PRO B 767 -12.84 -51.20 -34.81
CA PRO B 767 -14.19 -50.66 -34.75
C PRO B 767 -15.10 -51.32 -33.72
N PRO B 768 -14.98 -52.64 -33.45
CA PRO B 768 -15.83 -53.19 -32.38
C PRO B 768 -15.44 -52.76 -30.98
N ALA B 769 -14.29 -52.12 -30.80
CA ALA B 769 -13.94 -51.58 -29.50
C ALA B 769 -14.66 -50.26 -29.20
N ILE B 770 -15.39 -49.72 -30.17
CA ILE B 770 -16.15 -48.49 -29.96
C ILE B 770 -17.18 -48.72 -28.86
N LEU B 771 -17.84 -49.88 -28.88
CA LEU B 771 -19.00 -50.15 -28.06
C LEU B 771 -18.65 -50.39 -26.59
N MET B 772 -17.37 -50.35 -26.22
CA MET B 772 -16.94 -50.45 -24.83
C MET B 772 -16.56 -49.10 -24.23
N LEU B 773 -17.03 -48.01 -24.83
CA LEU B 773 -16.66 -46.66 -24.42
C LEU B 773 -17.83 -45.99 -23.73
N GLU B 774 -17.55 -45.35 -22.60
CA GLU B 774 -18.58 -44.64 -21.86
C GLU B 774 -18.93 -43.35 -22.58
N TYR B 775 -20.22 -43.11 -22.77
CA TYR B 775 -20.72 -41.93 -23.45
C TYR B 775 -21.46 -41.03 -22.46
N LYS B 776 -21.99 -39.94 -22.99
CA LYS B 776 -22.72 -38.94 -22.22
C LYS B 776 -24.21 -39.04 -22.50
N THR B 777 -25.01 -38.74 -21.50
CA THR B 777 -26.46 -38.81 -21.60
C THR B 777 -27.00 -37.51 -22.19
N LYS B 778 -28.30 -37.51 -22.47
CA LYS B 778 -28.94 -36.32 -23.01
C LYS B 778 -28.91 -35.16 -22.02
N ALA B 779 -29.01 -35.45 -20.73
CA ALA B 779 -29.00 -34.41 -19.71
C ALA B 779 -27.61 -33.90 -19.41
N GLU B 780 -26.56 -34.61 -19.84
CA GLU B 780 -25.19 -34.18 -19.68
C GLU B 780 -24.70 -33.43 -20.91
N MET B 781 -25.62 -33.03 -21.80
CA MET B 781 -25.30 -32.36 -23.05
C MET B 781 -26.30 -31.26 -23.35
N SER B 782 -27.02 -30.77 -22.35
CA SER B 782 -27.98 -29.71 -22.60
C SER B 782 -27.30 -28.38 -22.88
N HIS B 783 -26.03 -28.24 -22.53
CA HIS B 783 -25.29 -26.99 -22.70
C HIS B 783 -24.38 -26.99 -23.91
N ILE B 784 -24.39 -28.04 -24.72
CA ILE B 784 -23.48 -28.20 -25.84
C ILE B 784 -24.29 -28.05 -27.12
N PRO B 785 -23.92 -27.16 -28.04
CA PRO B 785 -24.63 -27.10 -29.30
C PRO B 785 -24.36 -28.32 -30.16
N GLN B 786 -25.38 -28.67 -30.94
CA GLN B 786 -25.36 -29.86 -31.77
C GLN B 786 -25.88 -29.52 -33.16
N SER B 787 -25.78 -30.51 -34.04
CA SER B 787 -26.40 -30.42 -35.35
C SER B 787 -27.86 -30.84 -35.26
N GLN B 788 -28.59 -30.62 -36.36
CA GLN B 788 -30.00 -30.95 -36.38
C GLN B 788 -30.21 -32.46 -36.31
N ASP B 789 -29.54 -33.21 -37.20
CA ASP B 789 -29.67 -34.66 -37.21
C ASP B 789 -28.94 -35.31 -36.04
N ALA B 790 -27.93 -34.65 -35.48
CA ALA B 790 -27.31 -35.13 -34.25
C ALA B 790 -28.21 -34.94 -33.05
N HIS B 791 -29.11 -33.95 -33.10
CA HIS B 791 -30.10 -33.79 -32.05
C HIS B 791 -31.15 -34.90 -32.11
N GLN B 792 -31.53 -35.31 -33.32
CA GLN B 792 -32.49 -36.40 -33.47
C GLN B 792 -31.97 -37.70 -32.88
N MET B 793 -30.65 -37.89 -32.88
CA MET B 793 -30.06 -39.07 -32.26
C MET B 793 -30.16 -39.03 -30.75
N THR B 794 -30.29 -37.85 -30.14
CA THR B 794 -30.34 -37.70 -28.70
C THR B 794 -31.76 -37.66 -28.14
N MET B 795 -32.74 -37.24 -28.95
CA MET B 795 -34.12 -37.17 -28.46
C MET B 795 -34.68 -38.53 -28.10
N GLU B 796 -34.14 -39.60 -28.68
CA GLU B 796 -34.59 -40.96 -28.40
C GLU B 796 -33.62 -41.64 -27.43
N LYS B 836 -27.44 -46.89 -19.18
CA LYS B 836 -26.81 -47.39 -20.40
C LYS B 836 -27.87 -47.46 -21.53
N LYS B 837 -28.12 -46.31 -22.13
CA LYS B 837 -29.02 -46.14 -23.27
C LYS B 837 -28.20 -46.23 -24.57
N LEU B 838 -28.71 -45.68 -25.68
CA LEU B 838 -27.98 -45.57 -26.94
C LEU B 838 -27.70 -46.92 -27.59
N PRO B 839 -28.68 -47.52 -28.28
CA PRO B 839 -28.41 -48.77 -29.00
C PRO B 839 -27.29 -48.69 -30.03
N ILE B 840 -27.06 -49.82 -30.70
CA ILE B 840 -25.79 -50.09 -31.37
C ILE B 840 -25.51 -49.07 -32.47
N THR B 841 -26.45 -48.88 -33.39
CA THR B 841 -26.17 -48.03 -34.54
C THR B 841 -26.11 -46.56 -34.18
N ARG B 842 -26.53 -46.17 -32.97
CA ARG B 842 -26.37 -44.80 -32.52
C ARG B 842 -24.96 -44.54 -32.01
N LYS B 843 -24.33 -45.56 -31.44
CA LYS B 843 -23.01 -45.38 -30.85
C LYS B 843 -21.92 -45.25 -31.90
N PHE B 844 -22.17 -45.69 -33.14
CA PHE B 844 -21.23 -45.47 -34.21
C PHE B 844 -21.30 -44.05 -34.73
N TYR B 845 -22.50 -43.48 -34.81
CA TYR B 845 -22.64 -42.09 -35.21
C TYR B 845 -22.00 -41.18 -34.17
N ALA B 846 -22.13 -41.52 -32.90
CA ALA B 846 -21.60 -40.69 -31.84
C ALA B 846 -20.09 -40.66 -31.86
N PHE B 847 -19.47 -41.76 -32.25
CA PHE B 847 -18.02 -41.88 -32.20
C PHE B 847 -17.36 -41.16 -33.37
N TYR B 848 -17.75 -41.53 -34.59
CA TYR B 848 -17.07 -41.05 -35.77
C TYR B 848 -17.37 -39.60 -36.11
N HIS B 849 -18.32 -38.98 -35.42
CA HIS B 849 -18.64 -37.58 -35.62
C HIS B 849 -18.16 -36.72 -34.47
N ALA B 850 -17.54 -37.30 -33.46
CA ALA B 850 -16.90 -36.52 -32.43
C ALA B 850 -15.68 -35.82 -33.01
N PRO B 851 -15.43 -34.55 -32.69
CA PRO B 851 -14.24 -33.89 -33.23
C PRO B 851 -12.94 -34.51 -32.75
N ILE B 852 -12.91 -35.04 -31.52
CA ILE B 852 -11.70 -35.68 -31.04
C ILE B 852 -11.36 -36.90 -31.86
N VAL B 853 -12.36 -37.58 -32.39
CA VAL B 853 -12.13 -38.79 -33.16
C VAL B 853 -11.75 -38.44 -34.58
N LYS B 854 -12.38 -37.42 -35.15
CA LYS B 854 -11.98 -36.94 -36.46
C LYS B 854 -10.54 -36.48 -36.48
N PHE B 855 -10.04 -36.01 -35.34
CA PHE B 855 -8.66 -35.55 -35.26
C PHE B 855 -7.68 -36.70 -35.36
N TRP B 856 -7.79 -37.67 -34.45
CA TRP B 856 -6.88 -38.80 -34.44
C TRP B 856 -7.01 -39.64 -35.69
N PHE B 857 -8.18 -39.63 -36.31
CA PHE B 857 -8.42 -40.38 -37.52
C PHE B 857 -7.84 -39.68 -38.74
N ASN B 858 -7.56 -38.38 -38.63
CA ASN B 858 -6.76 -37.65 -39.60
C ASN B 858 -5.28 -37.64 -39.24
N THR B 859 -4.98 -37.69 -37.95
CA THR B 859 -3.60 -37.67 -37.49
C THR B 859 -2.88 -38.97 -37.80
N LEU B 860 -3.54 -40.09 -37.59
CA LEU B 860 -2.95 -41.38 -37.89
C LEU B 860 -2.75 -41.55 -39.38
N ALA B 861 -3.66 -41.02 -40.18
CA ALA B 861 -3.51 -41.05 -41.62
C ALA B 861 -2.42 -40.12 -42.09
N TYR B 862 -2.19 -39.04 -41.37
CA TYR B 862 -1.12 -38.12 -41.72
C TYR B 862 0.25 -38.66 -41.35
N LEU B 863 0.34 -39.37 -40.23
CA LEU B 863 1.60 -39.97 -39.86
C LEU B 863 1.96 -41.12 -40.80
N GLY B 864 0.98 -41.93 -41.17
CA GLY B 864 1.21 -42.94 -42.17
C GLY B 864 1.57 -42.35 -43.52
N PHE B 865 1.05 -41.17 -43.81
CA PHE B 865 1.44 -40.46 -45.02
C PHE B 865 2.91 -40.08 -45.01
N LEU B 866 3.39 -39.48 -43.91
CA LEU B 866 4.79 -39.08 -43.85
C LEU B 866 5.73 -40.27 -43.85
N MET B 867 5.31 -41.38 -43.27
CA MET B 867 6.15 -42.56 -43.29
C MET B 867 6.32 -43.07 -44.71
N LEU B 868 5.27 -43.00 -45.51
CA LEU B 868 5.37 -43.41 -46.90
C LEU B 868 6.15 -42.41 -47.71
N TYR B 869 5.89 -41.13 -47.51
CA TYR B 869 6.52 -40.09 -48.29
C TYR B 869 7.97 -39.86 -47.89
N THR B 870 8.36 -40.33 -46.72
CA THR B 870 9.76 -40.41 -46.34
C THR B 870 10.42 -41.61 -47.02
N PHE B 871 9.70 -42.71 -47.14
CA PHE B 871 10.21 -43.88 -47.84
C PHE B 871 10.45 -43.58 -49.32
N VAL B 872 9.49 -42.89 -49.96
CA VAL B 872 9.58 -42.59 -51.38
C VAL B 872 10.83 -41.77 -51.67
N VAL B 873 11.18 -40.85 -50.79
CA VAL B 873 12.19 -39.86 -51.07
C VAL B 873 13.59 -40.32 -50.69
N LEU B 874 13.69 -41.33 -49.82
CA LEU B 874 14.97 -41.89 -49.43
C LEU B 874 15.40 -43.04 -50.32
N VAL B 875 14.45 -43.79 -50.82
CA VAL B 875 14.70 -44.96 -51.64
C VAL B 875 14.82 -44.52 -53.09
N LYS B 876 15.60 -45.29 -53.86
CA LYS B 876 15.79 -45.01 -55.28
C LYS B 876 14.46 -44.96 -56.01
N MET B 877 14.33 -43.98 -56.89
CA MET B 877 13.14 -43.79 -57.70
C MET B 877 13.39 -44.32 -59.09
N GLU B 878 12.50 -45.18 -59.56
CA GLU B 878 12.54 -45.72 -60.90
C GLU B 878 11.69 -44.85 -61.81
N GLN B 879 11.44 -45.31 -63.03
CA GLN B 879 10.71 -44.49 -64.00
C GLN B 879 9.26 -44.33 -63.60
N LEU B 880 8.59 -45.45 -63.35
CA LEU B 880 7.19 -45.43 -62.96
C LEU B 880 7.10 -45.28 -61.44
N PRO B 881 6.10 -44.59 -60.91
CA PRO B 881 6.01 -44.47 -59.45
C PRO B 881 5.73 -45.81 -58.81
N SER B 882 6.20 -45.94 -57.58
CA SER B 882 5.94 -47.12 -56.80
C SER B 882 4.56 -47.06 -56.18
N VAL B 883 4.16 -48.14 -55.53
CA VAL B 883 2.85 -48.19 -54.90
C VAL B 883 2.82 -47.23 -53.73
N GLN B 884 3.95 -47.07 -53.04
CA GLN B 884 4.03 -46.10 -51.96
C GLN B 884 3.86 -44.69 -52.48
N GLU B 885 4.36 -44.42 -53.68
CA GLU B 885 4.36 -43.07 -54.22
C GLU B 885 3.01 -42.68 -54.78
N TRP B 886 2.22 -43.64 -55.27
CA TRP B 886 0.88 -43.32 -55.71
C TRP B 886 -0.04 -43.02 -54.54
N ILE B 887 0.16 -43.71 -53.41
CA ILE B 887 -0.62 -43.41 -52.22
C ILE B 887 -0.34 -41.98 -51.77
N VAL B 888 0.90 -41.53 -51.91
CA VAL B 888 1.27 -40.17 -51.55
C VAL B 888 0.55 -39.18 -52.45
N ILE B 889 0.52 -39.45 -53.74
CA ILE B 889 -0.13 -38.56 -54.69
C ILE B 889 -1.62 -38.53 -54.44
N ALA B 890 -2.19 -39.69 -54.13
CA ALA B 890 -3.61 -39.77 -53.84
C ALA B 890 -3.98 -38.99 -52.59
N TYR B 891 -3.07 -38.93 -51.63
CA TYR B 891 -3.31 -38.15 -50.43
C TYR B 891 -3.31 -36.66 -50.74
N ILE B 892 -2.23 -36.16 -51.34
CA ILE B 892 -2.07 -34.73 -51.55
C ILE B 892 -3.12 -34.22 -52.52
N PHE B 893 -3.55 -35.04 -53.47
CA PHE B 893 -4.61 -34.64 -54.38
C PHE B 893 -5.92 -34.49 -53.63
N THR B 894 -6.33 -35.54 -52.92
CA THR B 894 -7.56 -35.50 -52.17
C THR B 894 -7.47 -34.58 -50.97
N TYR B 895 -6.26 -34.36 -50.44
CA TYR B 895 -6.07 -33.36 -49.42
C TYR B 895 -6.26 -31.96 -49.97
N ALA B 896 -5.89 -31.75 -51.23
CA ALA B 896 -6.04 -30.44 -51.84
C ALA B 896 -7.49 -30.12 -52.13
N ILE B 897 -8.29 -31.13 -52.47
CA ILE B 897 -9.70 -30.91 -52.73
C ILE B 897 -10.39 -30.43 -51.47
N GLU B 898 -10.01 -30.98 -50.32
CA GLU B 898 -10.64 -30.59 -49.07
C GLU B 898 -10.28 -29.16 -48.69
N LYS B 899 -9.08 -28.71 -49.06
CA LYS B 899 -8.71 -27.33 -48.80
C LYS B 899 -9.52 -26.38 -49.68
N VAL B 900 -9.84 -26.79 -50.91
CA VAL B 900 -10.70 -25.99 -51.75
C VAL B 900 -12.09 -25.90 -51.15
N ARG B 901 -12.56 -26.99 -50.54
CA ARG B 901 -13.88 -27.01 -49.94
C ARG B 901 -13.93 -26.15 -48.68
N GLU B 902 -12.85 -26.10 -47.91
CA GLU B 902 -12.83 -25.23 -46.73
C GLU B 902 -12.95 -23.77 -47.11
N VAL B 903 -12.41 -23.39 -48.26
CA VAL B 903 -12.47 -21.99 -48.68
C VAL B 903 -13.89 -21.63 -49.05
N PHE B 904 -14.48 -22.39 -49.97
CA PHE B 904 -15.78 -22.02 -50.51
C PHE B 904 -16.88 -22.11 -49.45
N MET B 905 -16.88 -23.18 -48.66
CA MET B 905 -17.91 -23.40 -47.63
C MET B 905 -17.37 -23.06 -46.25
N SER B 906 -17.12 -21.76 -45.99
CA SER B 906 -16.75 -21.37 -44.62
C SER B 906 -17.70 -20.41 -43.90
N GLU B 907 -17.67 -19.12 -44.21
CA GLU B 907 -18.50 -18.16 -43.49
C GLU B 907 -19.21 -17.11 -44.33
N ALA B 908 -18.43 -16.32 -45.06
CA ALA B 908 -18.87 -15.02 -45.53
C ALA B 908 -19.32 -15.10 -46.99
N GLY B 909 -20.45 -14.49 -47.29
CA GLY B 909 -21.06 -14.66 -48.61
C GLY B 909 -20.18 -14.20 -49.75
N LYS B 910 -19.33 -13.20 -49.51
CA LYS B 910 -18.48 -12.69 -50.57
C LYS B 910 -17.33 -13.67 -50.81
N ILE B 911 -17.19 -14.10 -52.07
CA ILE B 911 -16.23 -15.13 -52.41
C ILE B 911 -14.81 -14.64 -52.22
N SER B 912 -14.54 -13.37 -52.55
CA SER B 912 -13.20 -12.83 -52.37
C SER B 912 -12.88 -12.54 -50.91
N GLN B 913 -13.89 -12.38 -50.07
CA GLN B 913 -13.66 -12.29 -48.63
C GLN B 913 -13.34 -13.63 -48.02
N LYS B 914 -13.83 -14.72 -48.61
CA LYS B 914 -13.42 -16.05 -48.18
C LYS B 914 -11.93 -16.26 -48.41
N ILE B 915 -11.39 -15.67 -49.47
CA ILE B 915 -9.98 -15.80 -49.81
C ILE B 915 -9.10 -15.09 -48.78
N LYS B 916 -9.46 -13.86 -48.42
CA LYS B 916 -8.58 -13.03 -47.61
C LYS B 916 -8.45 -13.56 -46.19
N VAL B 917 -9.48 -14.24 -45.68
CA VAL B 917 -9.41 -14.79 -44.34
C VAL B 917 -8.52 -16.03 -44.32
N TRP B 918 -8.60 -16.85 -45.37
CA TRP B 918 -7.94 -18.15 -45.34
C TRP B 918 -6.44 -18.04 -45.55
N PHE B 919 -5.97 -17.08 -46.35
CA PHE B 919 -4.56 -16.84 -46.54
C PHE B 919 -3.95 -15.98 -45.45
N SER B 920 -4.65 -15.81 -44.32
CA SER B 920 -4.14 -15.05 -43.20
C SER B 920 -3.50 -15.93 -42.14
N ASP B 921 -3.70 -17.24 -42.22
CA ASP B 921 -3.10 -18.18 -41.29
C ASP B 921 -1.77 -18.68 -41.85
N TYR B 922 -0.91 -19.14 -40.95
CA TYR B 922 0.42 -19.54 -41.37
C TYR B 922 0.40 -20.84 -42.18
N PHE B 923 -0.16 -21.89 -41.60
CA PHE B 923 -0.10 -23.20 -42.23
C PHE B 923 -1.03 -23.35 -43.41
N ASN B 924 -1.96 -22.43 -43.60
CA ASN B 924 -2.79 -22.47 -44.80
C ASN B 924 -2.05 -21.90 -45.99
N VAL B 925 -1.20 -20.90 -45.76
CA VAL B 925 -0.31 -20.43 -46.81
C VAL B 925 0.74 -21.47 -47.11
N SER B 926 1.24 -22.13 -46.08
CA SER B 926 2.26 -23.16 -46.25
C SER B 926 1.69 -24.38 -46.98
N ASP B 927 0.41 -24.68 -46.77
CA ASP B 927 -0.22 -25.77 -47.52
C ASP B 927 -0.36 -25.44 -48.99
N THR B 928 -0.61 -24.17 -49.30
CA THR B 928 -0.77 -23.77 -50.69
C THR B 928 0.54 -23.92 -51.45
N ILE B 929 1.65 -23.53 -50.85
CA ILE B 929 2.96 -23.70 -51.46
C ILE B 929 3.30 -25.19 -51.53
N ALA B 930 2.89 -25.95 -50.53
CA ALA B 930 3.24 -27.37 -50.50
C ALA B 930 2.44 -28.16 -51.52
N ILE B 931 1.19 -27.80 -51.73
CA ILE B 931 0.36 -28.52 -52.68
C ILE B 931 0.74 -28.17 -54.11
N ILE B 932 0.99 -26.89 -54.36
CA ILE B 932 1.32 -26.47 -55.72
C ILE B 932 2.67 -27.02 -56.12
N SER B 933 3.66 -26.91 -55.23
CA SER B 933 5.01 -27.35 -55.57
C SER B 933 5.12 -28.85 -55.66
N PHE B 934 4.19 -29.61 -55.09
CA PHE B 934 4.23 -31.05 -55.25
C PHE B 934 3.90 -31.45 -56.68
N PHE B 935 2.87 -30.84 -57.27
CA PHE B 935 2.45 -31.22 -58.60
C PHE B 935 3.30 -30.57 -59.67
N VAL B 936 3.96 -29.46 -59.35
CA VAL B 936 5.08 -29.01 -60.16
C VAL B 936 6.17 -30.06 -60.18
N GLY B 937 6.45 -30.65 -59.02
CA GLY B 937 7.47 -31.67 -58.95
C GLY B 937 7.01 -32.99 -59.54
N PHE B 938 5.76 -33.37 -59.29
CA PHE B 938 5.25 -34.58 -59.90
C PHE B 938 5.14 -34.43 -61.41
N GLY B 939 4.87 -33.22 -61.89
CA GLY B 939 4.79 -33.01 -63.32
C GLY B 939 6.13 -33.20 -64.00
N LEU B 940 7.17 -32.58 -63.45
CA LEU B 940 8.51 -32.75 -63.98
C LEU B 940 8.98 -34.19 -63.82
N ARG B 941 8.54 -34.84 -62.75
CA ARG B 941 8.94 -36.21 -62.48
C ARG B 941 8.28 -37.16 -63.47
N PHE B 942 6.96 -37.11 -63.54
CA PHE B 942 6.20 -38.10 -64.28
C PHE B 942 6.23 -37.84 -65.77
N GLY B 943 5.97 -36.60 -66.17
CA GLY B 943 5.91 -36.25 -67.57
C GLY B 943 7.26 -35.88 -68.13
N ALA B 944 8.18 -36.85 -68.13
CA ALA B 944 9.51 -36.62 -68.68
C ALA B 944 9.97 -37.83 -69.46
N LYS B 945 10.71 -37.57 -70.53
CA LYS B 945 11.25 -38.61 -71.38
C LYS B 945 12.42 -39.28 -70.69
N TRP B 946 12.24 -40.55 -70.35
CA TRP B 946 13.23 -41.33 -69.63
C TRP B 946 14.38 -41.72 -70.57
N ASN B 947 15.51 -42.08 -69.96
CA ASN B 947 16.76 -42.31 -70.68
C ASN B 947 17.04 -43.79 -70.93
N TYR B 948 16.69 -44.65 -69.98
CA TYR B 948 16.77 -46.11 -70.04
C TYR B 948 18.20 -46.64 -69.96
N ILE B 949 19.20 -45.78 -69.81
CA ILE B 949 20.59 -46.22 -69.66
C ILE B 949 21.14 -45.86 -68.29
N ASN B 950 20.80 -44.68 -67.78
CA ASN B 950 21.18 -44.25 -66.43
C ASN B 950 20.19 -43.19 -65.98
N ALA B 951 19.65 -43.36 -64.78
CA ALA B 951 18.84 -42.30 -64.21
C ALA B 951 19.72 -41.13 -63.80
N TYR B 952 19.11 -39.95 -63.74
CA TYR B 952 19.75 -38.70 -63.37
C TYR B 952 20.79 -38.25 -64.39
N ASP B 953 20.63 -38.70 -65.63
CA ASP B 953 21.10 -37.94 -66.78
C ASP B 953 19.99 -37.07 -67.36
N ASN B 954 18.74 -37.33 -66.99
CA ASN B 954 17.63 -36.46 -67.32
C ASN B 954 17.52 -35.39 -66.25
N HIS B 955 17.88 -34.17 -66.59
CA HIS B 955 17.86 -33.08 -65.64
C HIS B 955 16.44 -32.64 -65.29
N VAL B 956 15.45 -33.04 -66.08
CA VAL B 956 14.06 -32.74 -65.76
C VAL B 956 13.57 -33.68 -64.68
N PHE B 957 14.04 -34.92 -64.69
CA PHE B 957 13.66 -35.87 -63.65
C PHE B 957 14.35 -35.55 -62.35
N VAL B 958 15.60 -35.09 -62.40
CA VAL B 958 16.30 -34.68 -61.20
C VAL B 958 15.57 -33.54 -60.53
N ALA B 959 15.18 -32.53 -61.31
CA ALA B 959 14.50 -31.38 -60.77
C ALA B 959 13.16 -31.76 -60.17
N GLY B 960 12.49 -32.75 -60.75
CA GLY B 960 11.26 -33.23 -60.16
C GLY B 960 11.48 -33.95 -58.86
N ARG B 961 12.54 -34.76 -58.79
CA ARG B 961 12.85 -35.46 -57.57
C ARG B 961 13.32 -34.50 -56.48
N LEU B 962 14.13 -33.51 -56.82
CA LEU B 962 14.64 -32.60 -55.81
C LEU B 962 13.54 -31.72 -55.25
N ILE B 963 12.45 -31.53 -55.98
CA ILE B 963 11.32 -30.80 -55.43
C ILE B 963 10.63 -31.65 -54.39
N TYR B 964 10.56 -32.97 -54.61
CA TYR B 964 10.03 -33.85 -53.56
C TYR B 964 10.85 -33.76 -52.29
N CYS B 965 12.17 -33.70 -52.45
CA CYS B 965 13.05 -33.69 -51.29
C CYS B 965 12.93 -32.40 -50.51
N LEU B 966 12.57 -31.31 -51.18
CA LEU B 966 12.34 -30.04 -50.53
C LEU B 966 10.88 -29.84 -50.13
N ASN B 967 9.94 -30.41 -50.87
CA ASN B 967 8.53 -30.30 -50.52
C ASN B 967 8.20 -31.04 -49.22
N ILE B 968 8.98 -32.06 -48.88
CA ILE B 968 8.67 -32.85 -47.70
C ILE B 968 8.96 -32.08 -46.42
N ILE B 969 9.72 -31.00 -46.49
CA ILE B 969 9.95 -30.18 -45.31
C ILE B 969 8.65 -29.53 -44.87
N PHE B 970 7.83 -29.11 -45.84
CA PHE B 970 6.55 -28.50 -45.53
C PHE B 970 5.68 -29.42 -44.70
N TRP B 971 5.76 -30.72 -44.97
CA TRP B 971 4.89 -31.69 -44.34
C TRP B 971 5.42 -32.19 -43.01
N TYR B 972 6.71 -32.03 -42.70
CA TYR B 972 7.17 -32.27 -41.34
C TYR B 972 6.89 -31.10 -40.43
N VAL B 973 7.07 -29.87 -40.92
CA VAL B 973 6.79 -28.70 -40.13
C VAL B 973 5.30 -28.63 -39.80
N ARG B 974 4.48 -29.21 -40.66
CA ARG B 974 3.05 -29.35 -40.44
C ARG B 974 2.72 -30.27 -39.27
N LEU B 975 3.68 -31.03 -38.75
CA LEU B 975 3.43 -31.79 -37.54
C LEU B 975 3.34 -30.89 -36.31
N LEU B 976 3.96 -29.72 -36.36
CA LEU B 976 3.78 -28.72 -35.31
C LEU B 976 2.34 -28.23 -35.28
N ASP B 977 1.73 -28.16 -36.45
CA ASP B 977 0.32 -27.83 -36.59
C ASP B 977 -0.54 -28.89 -35.90
N PHE B 978 -0.14 -30.15 -35.98
CA PHE B 978 -0.83 -31.19 -35.24
C PHE B 978 -0.47 -31.18 -33.77
N LEU B 979 0.77 -30.82 -33.45
CA LEU B 979 1.22 -30.78 -32.08
C LEU B 979 0.61 -29.64 -31.30
N ALA B 980 0.09 -28.63 -31.98
CA ALA B 980 -0.41 -27.44 -31.32
C ALA B 980 -1.80 -27.61 -30.74
N VAL B 981 -2.36 -28.81 -30.80
CA VAL B 981 -3.61 -29.10 -30.14
C VAL B 981 -3.41 -29.29 -28.65
N ASN B 982 -2.19 -29.59 -28.22
CA ASN B 982 -1.95 -29.83 -26.81
C ASN B 982 -1.93 -28.51 -26.04
N GLN B 983 -2.30 -28.58 -24.76
CA GLN B 983 -2.36 -27.39 -23.94
C GLN B 983 -0.98 -26.84 -23.65
N GLN B 984 0.01 -27.70 -23.55
CA GLN B 984 1.37 -27.30 -23.20
C GLN B 984 2.23 -27.03 -24.42
N ALA B 985 2.15 -27.88 -25.44
CA ALA B 985 2.98 -27.69 -26.63
C ALA B 985 2.50 -26.53 -27.49
N GLY B 986 1.21 -26.29 -27.53
CA GLY B 986 0.62 -25.32 -28.41
C GLY B 986 1.16 -23.92 -28.26
N PRO B 987 1.18 -23.40 -27.04
CA PRO B 987 1.72 -22.06 -26.82
C PRO B 987 3.19 -21.93 -27.17
N TYR B 988 3.98 -22.99 -27.13
CA TYR B 988 5.38 -22.88 -27.56
C TYR B 988 5.50 -22.80 -29.06
N VAL B 989 4.65 -23.50 -29.80
CA VAL B 989 4.69 -23.43 -31.25
C VAL B 989 4.33 -22.03 -31.73
N MET B 990 3.32 -21.43 -31.12
CA MET B 990 2.97 -20.05 -31.44
C MET B 990 4.02 -19.09 -30.93
N MET B 991 4.79 -19.51 -29.94
CA MET B 991 5.84 -18.67 -29.40
C MET B 991 7.04 -18.60 -30.32
N ILE B 992 7.40 -19.70 -30.98
CA ILE B 992 8.54 -19.72 -31.89
C ILE B 992 8.38 -18.66 -32.97
N GLY B 993 7.18 -18.50 -33.49
CA GLY B 993 6.98 -17.52 -34.53
C GLY B 993 7.08 -16.09 -34.03
N LYS B 994 6.61 -15.85 -32.81
CA LYS B 994 6.66 -14.51 -32.26
C LYS B 994 8.07 -14.11 -31.88
N MET B 995 8.91 -15.08 -31.52
CA MET B 995 10.29 -14.79 -31.19
C MET B 995 11.14 -14.53 -32.42
N VAL B 996 10.84 -15.18 -33.53
CA VAL B 996 11.53 -14.91 -34.78
C VAL B 996 11.30 -13.46 -35.20
N ALA B 997 10.06 -13.01 -35.11
CA ALA B 997 9.75 -11.64 -35.50
C ALA B 997 10.40 -10.62 -34.59
N ASN B 998 10.55 -10.95 -33.31
CA ASN B 998 11.06 -9.99 -32.35
C ASN B 998 12.58 -9.87 -32.39
N MET B 999 13.28 -10.91 -32.81
CA MET B 999 14.73 -10.90 -32.85
C MET B 999 15.28 -10.55 -34.22
N PHE B 1000 14.45 -10.07 -35.13
CA PHE B 1000 14.89 -9.84 -36.50
C PHE B 1000 16.08 -8.91 -36.55
N TYR B 1001 16.03 -7.81 -35.82
CA TYR B 1001 17.02 -6.76 -35.97
C TYR B 1001 18.31 -7.08 -35.23
N ILE B 1002 18.28 -7.97 -34.25
CA ILE B 1002 19.52 -8.47 -33.68
C ILE B 1002 20.21 -9.38 -34.69
N VAL B 1003 19.43 -10.19 -35.40
CA VAL B 1003 19.98 -11.10 -36.39
C VAL B 1003 20.50 -10.34 -37.60
N VAL B 1004 19.88 -9.21 -37.93
CA VAL B 1004 20.40 -8.37 -39.01
C VAL B 1004 21.78 -7.85 -38.63
N ILE B 1005 21.94 -7.41 -37.39
CA ILE B 1005 23.24 -6.93 -36.94
C ILE B 1005 24.26 -8.04 -37.01
N MET B 1006 23.87 -9.26 -36.63
CA MET B 1006 24.78 -10.39 -36.72
C MET B 1006 25.18 -10.69 -38.16
N ALA B 1007 24.33 -10.33 -39.11
CA ALA B 1007 24.63 -10.55 -40.52
C ALA B 1007 25.56 -9.50 -41.08
N LEU B 1008 25.50 -8.27 -40.57
CA LEU B 1008 26.43 -7.24 -41.01
C LEU B 1008 27.82 -7.45 -40.43
N VAL B 1009 27.89 -7.94 -39.20
CA VAL B 1009 29.17 -8.32 -38.61
C VAL B 1009 29.77 -9.49 -39.38
N LEU B 1010 28.92 -10.37 -39.90
CA LEU B 1010 29.38 -11.47 -40.72
C LEU B 1010 30.05 -10.98 -41.98
N LEU B 1011 29.44 -10.02 -42.68
CA LEU B 1011 30.01 -9.49 -43.90
C LEU B 1011 31.18 -8.57 -43.64
N SER B 1012 31.24 -7.94 -42.47
CA SER B 1012 32.38 -7.11 -42.11
C SER B 1012 33.65 -7.93 -41.95
N PHE B 1013 33.53 -9.22 -41.71
CA PHE B 1013 34.66 -10.11 -41.58
C PHE B 1013 34.95 -10.94 -42.81
N GLY B 1014 33.92 -11.40 -43.51
CA GLY B 1014 34.15 -12.29 -44.63
C GLY B 1014 34.81 -11.62 -45.81
N VAL B 1015 34.48 -10.36 -46.04
CA VAL B 1015 34.96 -9.63 -47.21
C VAL B 1015 36.46 -9.38 -47.07
N PRO B 1016 36.97 -8.93 -45.93
CA PRO B 1016 38.42 -8.76 -45.82
C PRO B 1016 39.18 -10.06 -45.77
N ARG B 1017 38.63 -11.10 -45.18
CA ARG B 1017 39.34 -12.37 -45.11
C ARG B 1017 39.50 -12.98 -46.49
N LYS B 1018 38.45 -12.92 -47.30
CA LYS B 1018 38.55 -13.40 -48.66
C LYS B 1018 39.46 -12.52 -49.49
N ALA B 1019 39.48 -11.24 -49.19
CA ALA B 1019 40.30 -10.30 -49.96
C ALA B 1019 41.77 -10.46 -49.63
N ILE B 1020 42.09 -10.70 -48.37
CA ILE B 1020 43.48 -10.83 -47.96
C ILE B 1020 44.02 -12.19 -48.35
N LEU B 1021 43.24 -13.25 -48.17
CA LEU B 1021 43.74 -14.60 -48.37
C LEU B 1021 43.72 -15.03 -49.84
N TYR B 1022 42.87 -14.44 -50.65
CA TYR B 1022 42.72 -14.78 -52.07
C TYR B 1022 42.85 -13.51 -52.91
N PRO B 1023 44.06 -13.07 -53.20
CA PRO B 1023 44.26 -11.80 -53.93
C PRO B 1023 44.24 -11.88 -55.44
N HIS B 1024 43.96 -13.03 -56.05
CA HIS B 1024 44.19 -13.25 -57.47
C HIS B 1024 42.98 -13.90 -58.11
N GLU B 1025 41.81 -13.35 -57.83
CA GLU B 1025 40.55 -13.95 -58.21
C GLU B 1025 39.91 -13.17 -59.34
N GLU B 1026 39.41 -13.90 -60.32
CA GLU B 1026 38.57 -13.32 -61.34
C GLU B 1026 37.17 -13.13 -60.79
N PRO B 1027 36.36 -12.30 -61.42
CA PRO B 1027 34.96 -12.18 -60.98
C PRO B 1027 34.21 -13.49 -61.21
N SER B 1028 33.59 -13.97 -60.15
CA SER B 1028 32.80 -15.19 -60.20
C SER B 1028 31.79 -15.14 -59.08
N TRP B 1029 30.70 -15.88 -59.26
CA TRP B 1029 29.69 -15.96 -58.22
C TRP B 1029 30.16 -16.77 -57.02
N SER B 1030 31.31 -17.43 -57.12
CA SER B 1030 31.91 -18.09 -55.97
C SER B 1030 32.36 -17.10 -54.93
N LEU B 1031 32.62 -15.85 -55.33
CA LEU B 1031 33.02 -14.83 -54.37
C LEU B 1031 31.88 -14.50 -53.42
N ALA B 1032 30.65 -14.57 -53.89
CA ALA B 1032 29.51 -14.35 -53.01
C ALA B 1032 29.38 -15.47 -51.99
N LYS B 1033 29.75 -16.68 -52.39
CA LYS B 1033 29.71 -17.82 -51.49
C LYS B 1033 30.78 -17.71 -50.43
N ASP B 1034 32.00 -17.37 -50.84
CA ASP B 1034 33.15 -17.48 -49.96
C ASP B 1034 33.19 -16.41 -48.89
N ILE B 1035 32.59 -15.24 -49.13
CA ILE B 1035 32.56 -14.20 -48.11
C ILE B 1035 31.50 -14.43 -47.05
N VAL B 1036 30.63 -15.41 -47.23
CA VAL B 1036 29.52 -15.66 -46.34
C VAL B 1036 29.72 -17.01 -45.65
N PHE B 1037 30.26 -17.98 -46.40
CA PHE B 1037 30.22 -19.37 -46.01
C PHE B 1037 30.94 -19.61 -44.69
N HIS B 1038 32.27 -19.51 -44.67
CA HIS B 1038 33.00 -19.83 -43.45
C HIS B 1038 32.62 -18.96 -42.25
N PRO B 1039 32.42 -17.64 -42.38
CA PRO B 1039 32.05 -16.85 -41.21
C PRO B 1039 30.72 -17.20 -40.61
N TYR B 1040 29.85 -17.86 -41.36
CA TYR B 1040 28.56 -18.26 -40.82
C TYR B 1040 28.70 -19.48 -39.93
N TRP B 1041 29.55 -20.42 -40.33
CA TRP B 1041 29.73 -21.65 -39.58
C TRP B 1041 30.55 -21.43 -38.33
N MET B 1042 31.21 -20.28 -38.21
CA MET B 1042 31.89 -19.90 -36.98
C MET B 1042 30.93 -19.53 -35.88
N ILE B 1043 29.73 -19.06 -36.22
CA ILE B 1043 28.71 -18.77 -35.20
C ILE B 1043 28.33 -20.04 -34.47
N PHE B 1044 28.51 -21.19 -35.11
CA PHE B 1044 27.91 -22.45 -34.66
C PHE B 1044 28.95 -23.44 -34.17
N GLY B 1045 30.11 -22.95 -33.79
CA GLY B 1045 31.12 -23.76 -33.13
C GLY B 1045 32.36 -24.05 -33.95
N GLU B 1046 32.36 -23.82 -35.25
CA GLU B 1046 33.47 -24.22 -36.10
C GLU B 1046 34.49 -23.10 -36.21
N VAL B 1047 35.62 -23.26 -35.53
CA VAL B 1047 36.67 -22.24 -35.53
C VAL B 1047 37.56 -22.32 -36.75
N TYR B 1048 37.57 -23.45 -37.46
CA TYR B 1048 38.50 -23.71 -38.55
C TYR B 1048 39.94 -23.49 -38.08
N ALA B 1049 40.31 -24.32 -37.11
CA ALA B 1049 41.49 -24.06 -36.30
C ALA B 1049 42.76 -24.10 -37.12
N TYR B 1050 42.83 -24.97 -38.11
CA TYR B 1050 44.02 -25.16 -38.92
C TYR B 1050 43.97 -24.39 -40.24
N GLU B 1051 42.97 -23.53 -40.41
CA GLU B 1051 42.97 -22.55 -41.48
C GLU B 1051 43.25 -21.15 -40.97
N ILE B 1052 43.21 -20.94 -39.66
CA ILE B 1052 43.76 -19.75 -39.05
C ILE B 1052 45.27 -19.81 -39.18
N ASP B 1053 45.89 -18.66 -39.48
CA ASP B 1053 47.34 -18.58 -39.57
C ASP B 1053 47.85 -19.55 -40.63
N VAL B 1054 47.47 -19.26 -41.87
CA VAL B 1054 47.78 -20.11 -43.00
C VAL B 1054 49.27 -20.29 -43.24
N CYS B 1055 50.11 -19.46 -42.64
CA CYS B 1055 51.55 -19.54 -42.77
C CYS B 1055 52.19 -20.39 -41.67
N ALA B 1056 51.38 -21.03 -40.82
CA ALA B 1056 51.90 -21.91 -39.80
C ALA B 1056 52.27 -23.27 -40.37
N ASN B 1057 52.95 -24.07 -39.57
CA ASN B 1057 53.45 -25.36 -40.03
C ASN B 1057 52.35 -26.42 -40.07
N ASP B 1058 51.38 -26.33 -39.17
CA ASP B 1058 50.27 -27.27 -39.12
C ASP B 1058 49.07 -26.81 -39.93
N SER B 1059 49.26 -25.88 -40.85
CA SER B 1059 48.16 -25.36 -41.63
C SER B 1059 47.73 -26.31 -42.74
N THR B 1060 46.44 -26.37 -42.97
CA THR B 1060 45.85 -27.13 -44.06
C THR B 1060 45.69 -26.30 -45.33
N LEU B 1061 46.08 -25.03 -45.31
CA LEU B 1061 46.09 -24.15 -46.48
C LEU B 1061 47.47 -23.53 -46.64
N PRO B 1062 48.50 -24.34 -46.90
CA PRO B 1062 49.86 -23.79 -46.95
C PRO B 1062 50.17 -23.00 -48.20
N THR B 1063 49.39 -23.15 -49.26
CA THR B 1063 49.59 -22.40 -50.50
C THR B 1063 48.94 -21.04 -50.47
N ILE B 1064 48.03 -20.81 -49.52
CA ILE B 1064 47.39 -19.52 -49.34
C ILE B 1064 48.28 -18.54 -48.60
N CYS B 1065 49.35 -19.02 -47.97
CA CYS B 1065 50.29 -18.14 -47.32
C CYS B 1065 50.91 -17.19 -48.32
N GLY B 1066 50.93 -15.92 -47.97
CA GLY B 1066 51.38 -14.90 -48.87
C GLY B 1066 51.54 -13.57 -48.18
N PRO B 1067 51.63 -12.49 -48.96
CA PRO B 1067 51.80 -11.16 -48.37
C PRO B 1067 50.57 -10.74 -47.59
N GLY B 1068 50.76 -10.54 -46.29
CA GLY B 1068 49.75 -9.91 -45.48
C GLY B 1068 48.70 -10.84 -44.91
N THR B 1069 48.89 -12.14 -44.99
CA THR B 1069 47.91 -13.07 -44.45
C THR B 1069 48.01 -13.22 -42.95
N TRP B 1070 48.94 -12.54 -42.30
CA TRP B 1070 49.02 -12.47 -40.86
C TRP B 1070 47.94 -11.60 -40.24
N LEU B 1071 47.17 -10.88 -41.04
CA LEU B 1071 46.12 -10.02 -40.51
C LEU B 1071 44.88 -10.81 -40.12
N THR B 1072 44.66 -11.95 -40.74
CA THR B 1072 43.40 -12.66 -40.63
C THR B 1072 43.19 -13.32 -39.26
N PRO B 1073 44.22 -13.77 -38.55
CA PRO B 1073 43.97 -14.19 -37.16
C PRO B 1073 43.49 -13.08 -36.27
N PHE B 1074 43.98 -11.85 -36.47
CA PHE B 1074 43.48 -10.73 -35.70
C PHE B 1074 42.04 -10.40 -36.07
N LEU B 1075 41.68 -10.57 -37.35
CA LEU B 1075 40.34 -10.25 -37.79
C LEU B 1075 39.33 -11.23 -37.22
N GLN B 1076 39.70 -12.49 -37.16
CA GLN B 1076 38.81 -13.53 -36.68
C GLN B 1076 38.71 -13.53 -35.17
N ALA B 1077 39.72 -13.05 -34.48
CA ALA B 1077 39.62 -12.88 -33.04
C ALA B 1077 38.59 -11.83 -32.69
N VAL B 1078 38.59 -10.73 -33.43
CA VAL B 1078 37.62 -9.67 -33.20
C VAL B 1078 36.24 -10.13 -33.60
N TYR B 1079 36.13 -10.92 -34.67
CA TYR B 1079 34.84 -11.35 -35.17
C TYR B 1079 34.09 -12.19 -34.14
N LEU B 1080 34.76 -13.20 -33.60
CA LEU B 1080 34.11 -14.12 -32.69
C LEU B 1080 33.87 -13.52 -31.32
N PHE B 1081 34.70 -12.59 -30.90
CA PHE B 1081 34.38 -11.80 -29.73
C PHE B 1081 33.05 -11.08 -29.91
N VAL B 1082 32.86 -10.47 -31.07
CA VAL B 1082 31.61 -9.76 -31.31
C VAL B 1082 30.45 -10.73 -31.44
N GLN B 1083 30.67 -11.88 -32.05
CA GLN B 1083 29.55 -12.77 -32.32
C GLN B 1083 29.13 -13.55 -31.09
N TYR B 1084 30.02 -14.35 -30.51
CA TYR B 1084 29.61 -15.09 -29.31
C TYR B 1084 29.49 -14.18 -28.10
N ILE B 1085 30.54 -13.45 -27.79
CA ILE B 1085 30.61 -12.81 -26.49
C ILE B 1085 29.69 -11.60 -26.40
N ILE B 1086 29.35 -10.95 -27.52
CA ILE B 1086 28.44 -9.82 -27.50
C ILE B 1086 27.08 -10.25 -28.03
N MET B 1087 27.03 -10.69 -29.29
CA MET B 1087 25.76 -10.77 -29.99
C MET B 1087 24.95 -12.01 -29.66
N VAL B 1088 25.61 -13.14 -29.43
CA VAL B 1088 24.88 -14.33 -29.00
C VAL B 1088 24.36 -14.13 -27.57
N ASN B 1089 25.14 -13.51 -26.70
CA ASN B 1089 24.70 -13.31 -25.33
C ASN B 1089 23.70 -12.19 -25.22
N LEU B 1090 23.77 -11.22 -26.13
CA LEU B 1090 22.71 -10.22 -26.23
C LEU B 1090 21.40 -10.86 -26.64
N LEU B 1091 21.47 -11.94 -27.40
CA LEU B 1091 20.30 -12.62 -27.90
C LEU B 1091 19.73 -13.59 -26.87
N ILE B 1092 20.58 -14.20 -26.06
CA ILE B 1092 20.12 -14.91 -24.89
C ILE B 1092 19.40 -13.95 -23.96
N ALA B 1093 20.01 -12.80 -23.68
CA ALA B 1093 19.42 -11.81 -22.80
C ALA B 1093 18.12 -11.25 -23.34
N PHE B 1094 18.02 -11.09 -24.66
CA PHE B 1094 16.77 -10.66 -25.26
C PHE B 1094 15.65 -11.63 -24.97
N PHE B 1095 15.89 -12.93 -25.16
CA PHE B 1095 14.83 -13.90 -24.94
C PHE B 1095 14.43 -14.01 -23.48
N ASN B 1096 15.39 -13.89 -22.57
CA ASN B 1096 15.05 -14.02 -21.16
C ASN B 1096 14.08 -12.94 -20.73
N ASN B 1097 14.33 -11.71 -21.11
CA ASN B 1097 13.58 -10.56 -20.63
C ASN B 1097 12.37 -10.24 -21.49
N VAL B 1098 12.13 -11.02 -22.53
CA VAL B 1098 10.91 -10.95 -23.33
C VAL B 1098 10.09 -12.23 -23.21
N TYR B 1099 10.56 -13.21 -22.43
CA TYR B 1099 9.92 -14.51 -22.37
C TYR B 1099 8.51 -14.43 -21.79
N LEU B 1100 8.36 -13.78 -20.64
CA LEU B 1100 7.10 -13.82 -19.93
C LEU B 1100 5.97 -13.15 -20.69
N GLN B 1101 6.26 -12.07 -21.40
CA GLN B 1101 5.21 -11.36 -22.10
C GLN B 1101 4.91 -11.93 -23.47
N VAL B 1102 5.81 -12.73 -24.02
CA VAL B 1102 5.51 -13.47 -25.23
C VAL B 1102 4.85 -14.80 -24.91
N LYS B 1103 5.25 -15.45 -23.81
CA LYS B 1103 4.56 -16.65 -23.37
C LYS B 1103 3.13 -16.34 -22.98
N ALA B 1104 2.90 -15.17 -22.39
CA ALA B 1104 1.55 -14.77 -22.03
C ALA B 1104 0.71 -14.48 -23.24
N ILE B 1105 1.22 -13.68 -24.18
CA ILE B 1105 0.48 -13.39 -25.39
C ILE B 1105 0.20 -14.67 -26.16
N SER B 1106 1.14 -15.61 -26.13
CA SER B 1106 0.97 -16.85 -26.89
C SER B 1106 -0.09 -17.74 -26.27
N ASN B 1107 -0.27 -17.67 -24.95
CA ASN B 1107 -1.34 -18.45 -24.34
C ASN B 1107 -2.71 -17.92 -24.74
N ILE B 1108 -2.90 -16.61 -24.76
CA ILE B 1108 -4.19 -16.05 -25.15
C ILE B 1108 -4.45 -16.29 -26.63
N VAL B 1109 -3.43 -16.18 -27.46
CA VAL B 1109 -3.63 -16.42 -28.89
C VAL B 1109 -3.94 -17.88 -29.14
N TRP B 1110 -3.33 -18.78 -28.38
CA TRP B 1110 -3.64 -20.19 -28.52
C TRP B 1110 -5.07 -20.48 -28.09
N LYS B 1111 -5.48 -19.90 -26.97
CA LYS B 1111 -6.82 -20.15 -26.47
C LYS B 1111 -7.88 -19.50 -27.36
N TYR B 1112 -7.56 -18.38 -28.00
CA TYR B 1112 -8.52 -17.74 -28.88
C TYR B 1112 -8.80 -18.58 -30.10
N GLN B 1113 -7.77 -19.19 -30.66
CA GLN B 1113 -7.88 -19.88 -31.93
C GLN B 1113 -8.27 -21.34 -31.80
N ARG B 1114 -8.60 -21.80 -30.59
CA ARG B 1114 -9.28 -23.08 -30.44
C ARG B 1114 -10.70 -23.02 -30.93
N TYR B 1115 -11.29 -21.84 -30.98
CA TYR B 1115 -12.64 -21.71 -31.50
C TYR B 1115 -12.68 -22.05 -32.98
N HIS B 1116 -11.87 -21.36 -33.77
CA HIS B 1116 -11.83 -21.62 -35.20
C HIS B 1116 -11.32 -23.03 -35.50
N PHE B 1117 -10.59 -23.61 -34.58
CA PHE B 1117 -10.10 -24.97 -34.74
C PHE B 1117 -11.18 -25.99 -34.48
N ILE B 1118 -11.84 -25.89 -33.34
CA ILE B 1118 -12.81 -26.89 -32.92
C ILE B 1118 -14.08 -26.77 -33.72
N MET B 1119 -14.50 -25.55 -34.05
CA MET B 1119 -15.68 -25.35 -34.87
C MET B 1119 -15.44 -25.69 -36.33
N ALA B 1120 -14.20 -25.91 -36.73
CA ALA B 1120 -13.92 -26.43 -38.06
C ALA B 1120 -14.17 -27.93 -38.12
N TYR B 1121 -13.91 -28.66 -37.05
CA TYR B 1121 -14.09 -30.10 -37.04
C TYR B 1121 -15.54 -30.53 -36.87
N HIS B 1122 -16.47 -29.61 -36.67
CA HIS B 1122 -17.87 -29.97 -36.78
C HIS B 1122 -18.31 -30.06 -38.23
N GLU B 1123 -17.58 -29.42 -39.13
CA GLU B 1123 -17.93 -29.37 -40.54
C GLU B 1123 -17.05 -30.24 -41.41
N LYS B 1124 -15.93 -30.73 -40.89
CA LYS B 1124 -15.10 -31.62 -41.66
C LYS B 1124 -15.75 -32.98 -41.79
N PRO B 1125 -15.49 -33.70 -42.88
CA PRO B 1125 -16.04 -35.05 -42.99
C PRO B 1125 -15.38 -36.02 -42.03
N VAL B 1126 -16.03 -37.16 -41.90
CA VAL B 1126 -15.61 -38.21 -40.98
C VAL B 1126 -14.29 -38.81 -41.41
N LEU B 1127 -14.00 -38.77 -42.69
CA LEU B 1127 -13.13 -39.74 -43.30
C LEU B 1127 -11.86 -39.06 -43.80
N PRO B 1128 -10.66 -39.65 -43.64
CA PRO B 1128 -9.44 -38.87 -43.78
C PRO B 1128 -9.04 -38.66 -45.22
N PRO B 1129 -8.00 -37.84 -45.47
CA PRO B 1129 -7.74 -37.35 -46.83
C PRO B 1129 -7.10 -38.33 -47.81
N PRO B 1130 -6.93 -39.63 -47.51
CA PRO B 1130 -6.82 -40.58 -48.62
C PRO B 1130 -8.15 -41.15 -49.05
N LEU B 1131 -9.06 -41.29 -48.09
CA LEU B 1131 -10.38 -41.85 -48.31
C LEU B 1131 -11.47 -40.79 -48.38
N ILE B 1132 -11.10 -39.52 -48.26
CA ILE B 1132 -12.08 -38.45 -48.20
C ILE B 1132 -12.84 -38.27 -49.50
N ILE B 1133 -12.32 -38.81 -50.61
CA ILE B 1133 -12.98 -38.65 -51.90
C ILE B 1133 -14.31 -39.37 -51.91
N LEU B 1134 -14.48 -40.37 -51.05
CA LEU B 1134 -15.79 -40.99 -50.87
C LEU B 1134 -16.78 -40.00 -50.29
N SER B 1135 -16.32 -39.09 -49.44
CA SER B 1135 -17.19 -38.11 -48.79
C SER B 1135 -17.51 -36.93 -49.68
N HIS B 1136 -16.67 -36.64 -50.67
CA HIS B 1136 -16.94 -35.56 -51.60
C HIS B 1136 -17.89 -35.96 -52.71
N ILE B 1137 -17.99 -37.26 -53.00
CA ILE B 1137 -19.02 -37.74 -53.92
C ILE B 1137 -20.40 -37.57 -53.29
N VAL B 1138 -20.52 -37.97 -52.02
CA VAL B 1138 -21.79 -37.87 -51.31
C VAL B 1138 -22.17 -36.41 -51.11
N SER B 1139 -21.19 -35.53 -50.91
CA SER B 1139 -21.50 -34.12 -50.67
C SER B 1139 -22.02 -33.45 -51.92
N LEU B 1140 -21.65 -33.93 -53.11
CA LEU B 1140 -22.21 -33.43 -54.36
C LEU B 1140 -23.52 -34.13 -54.70
N PHE B 1141 -23.71 -35.35 -54.20
CA PHE B 1141 -24.92 -36.10 -54.50
C PHE B 1141 -26.13 -35.49 -53.79
N CYS B 1142 -26.01 -35.21 -52.48
CA CYS B 1142 -27.12 -34.70 -51.69
C CYS B 1142 -27.40 -33.22 -51.92
N CYS B 1143 -26.43 -32.47 -52.46
CA CYS B 1143 -26.62 -31.03 -52.62
C CYS B 1143 -27.40 -30.72 -53.89
N VAL B 1144 -27.00 -31.32 -55.01
CA VAL B 1144 -27.68 -31.05 -56.29
C VAL B 1144 -29.08 -31.65 -56.29
N CYS B 1145 -29.24 -32.83 -55.68
CA CYS B 1145 -30.53 -33.51 -55.71
C CYS B 1145 -31.58 -32.74 -54.91
N LYS B 1146 -31.26 -32.37 -53.68
CA LYS B 1146 -32.21 -31.71 -52.81
C LYS B 1146 -32.39 -30.24 -53.22
N GLY B 1156 -24.37 -23.42 -38.74
CA GLY B 1156 -23.65 -24.53 -38.14
C GLY B 1156 -24.47 -25.18 -37.03
N PRO B 1157 -23.86 -25.55 -35.91
CA PRO B 1157 -24.63 -26.16 -34.83
C PRO B 1157 -25.40 -25.12 -34.03
N LYS B 1158 -26.45 -25.60 -33.38
CA LYS B 1158 -27.33 -24.78 -32.57
C LYS B 1158 -27.47 -25.40 -31.19
N LEU B 1159 -27.83 -24.56 -30.24
CA LEU B 1159 -28.09 -24.96 -28.87
C LEU B 1159 -29.60 -24.99 -28.67
N PHE B 1160 -30.16 -26.19 -28.58
CA PHE B 1160 -31.60 -26.34 -28.44
C PHE B 1160 -32.00 -26.17 -26.98
N LEU B 1161 -33.10 -25.47 -26.77
CA LEU B 1161 -33.68 -25.29 -25.45
C LEU B 1161 -35.18 -25.39 -25.54
N THR B 1162 -35.78 -26.13 -24.61
CA THR B 1162 -37.22 -26.11 -24.49
C THR B 1162 -37.66 -24.80 -23.85
N GLU B 1163 -38.98 -24.57 -23.87
CA GLU B 1163 -39.49 -23.28 -23.42
C GLU B 1163 -39.33 -23.09 -21.92
N GLU B 1164 -39.29 -24.18 -21.14
CA GLU B 1164 -39.03 -24.07 -19.72
C GLU B 1164 -37.56 -24.02 -19.37
N ASP B 1165 -36.67 -24.22 -20.34
CA ASP B 1165 -35.24 -24.00 -20.15
C ASP B 1165 -34.78 -22.64 -20.65
N GLN B 1166 -35.48 -22.07 -21.64
CA GLN B 1166 -35.23 -20.67 -21.97
C GLN B 1166 -35.67 -19.75 -20.84
N LYS B 1167 -36.75 -20.11 -20.16
CA LYS B 1167 -37.23 -19.29 -19.04
C LYS B 1167 -36.25 -19.37 -17.87
N LYS B 1168 -35.73 -20.57 -17.59
CA LYS B 1168 -34.73 -20.70 -16.54
C LYS B 1168 -33.41 -20.03 -16.91
N LEU B 1169 -33.15 -19.86 -18.20
CA LEU B 1169 -31.90 -19.23 -18.62
C LEU B 1169 -31.99 -17.72 -18.57
N HIS B 1170 -33.15 -17.17 -18.96
CA HIS B 1170 -33.33 -15.72 -18.87
C HIS B 1170 -33.36 -15.26 -17.42
N ASP B 1171 -33.88 -16.09 -16.53
CA ASP B 1171 -33.85 -15.75 -15.11
C ASP B 1171 -32.44 -15.80 -14.57
N PHE B 1172 -31.60 -16.68 -15.11
CA PHE B 1172 -30.21 -16.76 -14.70
C PHE B 1172 -29.41 -15.57 -15.20
N GLU B 1173 -29.64 -15.16 -16.45
CA GLU B 1173 -28.98 -13.99 -16.99
C GLU B 1173 -29.35 -12.74 -16.22
N GLU B 1174 -30.63 -12.58 -15.88
CA GLU B 1174 -31.04 -11.40 -15.13
C GLU B 1174 -30.46 -11.41 -13.73
N GLN B 1175 -30.43 -12.57 -13.08
CA GLN B 1175 -29.96 -12.64 -11.71
C GLN B 1175 -28.46 -12.37 -11.61
N CYS B 1176 -27.70 -12.79 -12.60
CA CYS B 1176 -26.25 -12.63 -12.54
C CYS B 1176 -25.84 -11.20 -12.85
N VAL B 1177 -26.65 -10.47 -13.61
CA VAL B 1177 -26.39 -9.06 -13.84
C VAL B 1177 -26.72 -8.25 -12.58
N GLU B 1178 -27.82 -8.60 -11.91
CA GLU B 1178 -28.15 -7.95 -10.65
C GLU B 1178 -27.05 -8.15 -9.63
N MET B 1179 -26.51 -9.37 -9.54
CA MET B 1179 -25.41 -9.63 -8.63
C MET B 1179 -24.13 -8.93 -9.05
N TYR B 1180 -24.03 -8.51 -10.31
CA TYR B 1180 -22.80 -7.88 -10.78
C TYR B 1180 -22.71 -6.45 -10.28
N PHE B 1181 -23.80 -5.69 -10.44
CA PHE B 1181 -23.80 -4.30 -10.04
C PHE B 1181 -23.87 -4.12 -8.53
N ASP B 1182 -24.41 -5.09 -7.82
CA ASP B 1182 -24.46 -5.02 -6.37
C ASP B 1182 -23.08 -5.24 -5.77
N GLU B 1183 -22.36 -6.25 -6.23
CA GLU B 1183 -21.02 -6.51 -5.74
C GLU B 1183 -20.03 -5.47 -6.24
N LYS B 1184 -20.33 -4.79 -7.35
CA LYS B 1184 -19.48 -3.71 -7.81
C LYS B 1184 -19.64 -2.48 -6.92
N ASP B 1185 -20.87 -2.24 -6.46
CA ASP B 1185 -21.14 -1.14 -5.56
C ASP B 1185 -20.69 -1.44 -4.14
N ASP B 1186 -20.77 -2.71 -3.72
CA ASP B 1186 -20.33 -3.07 -2.38
C ASP B 1186 -18.81 -3.08 -2.26
N LYS B 1187 -18.11 -3.36 -3.35
CA LYS B 1187 -16.65 -3.33 -3.34
C LYS B 1187 -16.12 -1.89 -3.34
N PHE B 1188 -16.87 -0.98 -3.95
CA PHE B 1188 -16.49 0.43 -3.98
C PHE B 1188 -16.76 1.10 -2.65
N ASN B 1189 -17.93 0.85 -2.07
CA ASN B 1189 -18.31 1.48 -0.81
C ASN B 1189 -17.57 0.90 0.39
N SER B 1190 -16.92 -0.25 0.24
CA SER B 1190 -16.20 -0.91 1.31
C SER B 1190 -14.69 -0.81 1.16
N GLY B 1191 -14.22 -0.08 0.15
CA GLY B 1191 -12.80 0.14 0.02
C GLY B 1191 -12.28 1.17 1.01
N SER B 1192 -10.98 1.10 1.27
CA SER B 1192 -10.36 2.04 2.19
C SER B 1192 -10.34 3.45 1.61
N GLU B 1193 -10.28 3.57 0.29
CA GLU B 1193 -10.22 4.89 -0.32
C GLU B 1193 -11.55 5.63 -0.14
N GLU B 1194 -12.67 4.93 -0.25
CA GLU B 1194 -13.97 5.57 -0.16
C GLU B 1194 -14.39 5.79 1.28
N ARG B 1195 -13.97 4.93 2.20
CA ARG B 1195 -14.34 5.11 3.60
C ARG B 1195 -13.60 6.29 4.23
N ILE B 1196 -12.37 6.56 3.78
CA ILE B 1196 -11.62 7.68 4.32
C ILE B 1196 -12.27 9.00 3.91
N ARG B 1197 -12.74 9.09 2.66
CA ARG B 1197 -13.24 10.37 2.18
C ARG B 1197 -14.63 10.68 2.70
N VAL B 1198 -15.46 9.66 2.88
CA VAL B 1198 -16.76 9.88 3.50
C VAL B 1198 -16.59 10.23 4.97
N THR B 1199 -15.55 9.69 5.61
CA THR B 1199 -15.15 10.17 6.93
C THR B 1199 -14.67 11.62 6.84
N PHE B 1200 -13.89 11.92 5.81
CA PHE B 1200 -13.37 13.27 5.62
C PHE B 1200 -14.49 14.28 5.44
N GLU B 1201 -15.54 13.90 4.69
CA GLU B 1201 -16.62 14.83 4.41
C GLU B 1201 -17.57 14.98 5.58
N ARG B 1202 -17.69 13.95 6.41
CA ARG B 1202 -18.57 14.04 7.58
C ARG B 1202 -17.89 14.77 8.72
N VAL B 1203 -16.61 14.49 8.95
CA VAL B 1203 -15.88 15.22 9.98
C VAL B 1203 -15.80 16.70 9.62
N GLU B 1204 -15.79 17.03 8.33
CA GLU B 1204 -15.84 18.43 7.92
C GLU B 1204 -17.15 19.07 8.36
N GLN B 1205 -18.27 18.39 8.08
CA GLN B 1205 -19.58 18.94 8.45
C GLN B 1205 -19.77 18.94 9.95
N MET B 1206 -19.19 17.96 10.66
CA MET B 1206 -19.29 17.94 12.11
C MET B 1206 -18.46 19.06 12.73
N SER B 1207 -17.34 19.41 12.10
CA SER B 1207 -16.56 20.56 12.57
C SER B 1207 -17.36 21.84 12.42
N ILE B 1208 -18.18 21.92 11.36
CA ILE B 1208 -19.01 23.10 11.16
C ILE B 1208 -20.09 23.18 12.23
N GLN B 1209 -20.75 22.05 12.52
CA GLN B 1209 -21.90 22.09 13.41
C GLN B 1209 -21.50 22.33 14.85
N ILE B 1210 -20.48 21.64 15.34
CA ILE B 1210 -20.08 21.73 16.73
C ILE B 1210 -19.61 23.14 17.05
N LYS B 1211 -18.86 23.76 16.14
CA LYS B 1211 -18.47 25.15 16.32
C LYS B 1211 -19.69 26.05 16.32
N GLU B 1212 -20.74 25.65 15.60
CA GLU B 1212 -21.96 26.43 15.48
C GLU B 1212 -22.97 26.07 16.56
N VAL B 1213 -22.91 24.84 17.07
CA VAL B 1213 -23.58 24.51 18.33
C VAL B 1213 -22.79 25.09 19.49
N GLY B 1214 -21.47 25.10 19.37
CA GLY B 1214 -20.62 25.72 20.37
C GLY B 1214 -20.85 27.20 20.50
N ASP B 1215 -21.38 27.84 19.45
CA ASP B 1215 -21.80 29.23 19.54
C ASP B 1215 -23.18 29.36 20.17
N ARG B 1216 -24.07 28.40 19.91
CA ARG B 1216 -25.38 28.45 20.57
C ARG B 1216 -25.25 28.28 22.07
N VAL B 1217 -24.40 27.36 22.53
CA VAL B 1217 -24.27 27.16 23.96
C VAL B 1217 -23.59 28.35 24.62
N ASN B 1218 -22.83 29.13 23.85
CA ASN B 1218 -22.37 30.43 24.32
C ASN B 1218 -23.48 31.48 24.31
N TYR B 1219 -24.50 31.30 23.47
CA TYR B 1219 -25.70 32.11 23.56
C TYR B 1219 -26.58 31.70 24.74
N ILE B 1220 -26.35 30.51 25.29
CA ILE B 1220 -27.07 30.08 26.49
C ILE B 1220 -26.52 30.80 27.73
N LYS B 1221 -25.20 30.91 27.85
CA LYS B 1221 -24.62 31.45 29.08
C LYS B 1221 -24.89 32.94 29.26
N ARG B 1222 -25.42 33.63 28.24
CA ARG B 1222 -25.88 34.99 28.48
C ARG B 1222 -27.12 35.01 29.37
N SER B 1223 -27.98 34.00 29.24
CA SER B 1223 -29.14 33.86 30.12
C SER B 1223 -28.80 33.23 31.46
N LEU B 1224 -27.65 32.58 31.59
CA LEU B 1224 -27.24 32.03 32.89
C LEU B 1224 -26.93 33.15 33.87
N GLN B 1225 -26.18 34.15 33.43
CA GLN B 1225 -25.93 35.32 34.27
C GLN B 1225 -27.22 36.10 34.53
N SER B 1226 -28.19 36.02 33.62
CA SER B 1226 -29.44 36.73 33.81
C SER B 1226 -30.33 36.00 34.82
N LEU B 1227 -30.54 34.70 34.62
CA LEU B 1227 -31.41 33.93 35.50
C LEU B 1227 -30.76 33.61 36.83
N ASP B 1228 -29.45 33.77 36.97
CA ASP B 1228 -28.81 33.70 38.27
C ASP B 1228 -29.06 34.96 39.09
N SER B 1229 -29.28 36.09 38.42
CA SER B 1229 -29.59 37.35 39.10
C SER B 1229 -30.99 37.30 39.70
N GLN C 2 -56.99 -29.23 -19.63
CA GLN C 2 -56.93 -28.03 -20.46
C GLN C 2 -55.62 -27.25 -20.29
N LYS C 3 -54.62 -27.86 -19.68
CA LYS C 3 -53.30 -27.26 -19.48
C LYS C 3 -53.40 -25.95 -18.70
N SER C 4 -54.26 -25.93 -17.68
CA SER C 4 -54.41 -24.77 -16.83
C SER C 4 -54.90 -25.23 -15.47
N TRP C 5 -54.04 -25.16 -14.46
CA TRP C 5 -54.46 -25.48 -13.10
C TRP C 5 -55.39 -24.41 -12.55
N ILE C 6 -55.27 -23.18 -13.04
CA ILE C 6 -56.13 -22.10 -12.55
C ILE C 6 -57.56 -22.33 -12.99
N GLU C 7 -57.75 -22.79 -14.23
CA GLU C 7 -59.10 -22.90 -14.79
C GLU C 7 -59.90 -24.00 -14.11
N SER C 8 -59.27 -25.10 -13.74
CA SER C 8 -59.98 -26.17 -13.05
C SER C 8 -60.35 -25.83 -11.62
N THR C 9 -59.72 -24.83 -11.02
CA THR C 9 -59.84 -24.55 -9.59
C THR C 9 -60.35 -23.15 -9.28
N LEU C 10 -59.86 -22.13 -9.97
CA LEU C 10 -60.17 -20.75 -9.62
C LEU C 10 -61.47 -20.32 -10.30
N THR C 11 -61.84 -19.05 -10.13
CA THR C 11 -63.18 -18.58 -10.43
C THR C 11 -63.14 -17.10 -10.81
N LYS C 12 -63.69 -16.76 -11.97
CA LYS C 12 -64.23 -15.43 -12.20
C LYS C 12 -65.71 -15.47 -11.90
N ARG C 13 -66.35 -14.32 -11.99
CA ARG C 13 -67.78 -14.29 -11.73
C ARG C 13 -68.38 -13.01 -12.30
N GLU C 14 -69.57 -13.14 -12.88
CA GLU C 14 -70.22 -12.06 -13.63
C GLU C 14 -71.62 -11.80 -13.08
N CYS C 15 -72.07 -10.54 -13.19
CA CYS C 15 -73.42 -10.14 -12.78
C CYS C 15 -74.38 -10.38 -13.94
N VAL C 16 -74.82 -11.62 -14.08
CA VAL C 16 -75.63 -12.01 -15.23
C VAL C 16 -77.07 -11.51 -15.14
N TYR C 17 -77.56 -11.18 -13.94
CA TYR C 17 -78.93 -10.76 -13.70
C TYR C 17 -78.91 -9.29 -13.30
N ILE C 18 -79.61 -8.46 -14.08
CA ILE C 18 -79.45 -7.01 -14.04
C ILE C 18 -80.64 -6.40 -13.32
N ILE C 19 -80.40 -5.85 -12.14
CA ILE C 19 -81.36 -5.01 -11.43
C ILE C 19 -80.92 -3.55 -11.61
N PRO C 20 -81.81 -2.64 -12.04
CA PRO C 20 -81.37 -1.25 -12.22
C PRO C 20 -81.03 -0.52 -10.92
N SER C 21 -80.73 0.77 -11.06
CA SER C 21 -80.38 1.62 -9.93
C SER C 21 -81.65 1.99 -9.16
N SER C 22 -81.55 2.96 -8.26
CA SER C 22 -82.60 3.19 -7.25
C SER C 22 -83.95 3.58 -7.84
N LYS C 23 -84.08 4.81 -8.36
CA LYS C 23 -85.32 5.25 -8.98
C LYS C 23 -85.11 5.97 -10.30
N ASP C 24 -84.07 6.80 -10.39
CA ASP C 24 -84.11 7.97 -11.26
C ASP C 24 -83.14 7.85 -12.43
N PRO C 25 -83.61 7.82 -13.69
CA PRO C 25 -82.74 8.22 -14.80
C PRO C 25 -82.59 9.73 -14.81
N HIS C 26 -81.50 10.21 -15.41
CA HIS C 26 -81.06 11.58 -15.12
C HIS C 26 -82.00 12.62 -15.77
N ARG C 27 -82.01 12.72 -17.08
CA ARG C 27 -82.57 13.86 -17.82
C ARG C 27 -83.13 13.32 -19.12
N CYS C 28 -83.31 14.19 -20.12
CA CYS C 28 -83.56 13.73 -21.49
C CYS C 28 -84.87 12.96 -21.60
N LEU C 29 -85.98 13.71 -21.59
CA LEU C 29 -87.38 13.31 -21.57
C LEU C 29 -87.74 12.02 -22.31
N PRO C 30 -87.25 11.74 -23.55
CA PRO C 30 -87.70 10.50 -24.21
C PRO C 30 -87.21 9.25 -23.50
N GLY C 31 -88.01 8.84 -22.50
CA GLY C 31 -87.63 7.84 -21.51
C GLY C 31 -87.21 6.49 -22.06
N CYS C 32 -87.56 6.18 -23.32
CA CYS C 32 -87.31 4.84 -23.84
C CYS C 32 -85.85 4.56 -24.18
N GLN C 33 -85.01 5.60 -24.23
CA GLN C 33 -83.60 5.46 -24.58
C GLN C 33 -82.67 5.66 -23.39
N ILE C 34 -83.09 6.47 -22.41
CA ILE C 34 -82.23 6.84 -21.28
C ILE C 34 -82.12 5.74 -20.22
N CYS C 35 -83.03 4.77 -20.24
CA CYS C 35 -82.91 3.63 -19.32
C CYS C 35 -81.75 2.73 -19.70
N GLN C 36 -81.24 2.84 -20.93
CA GLN C 36 -80.08 2.09 -21.38
C GLN C 36 -78.80 2.91 -21.34
N GLN C 37 -78.89 4.24 -21.44
CA GLN C 37 -77.71 5.07 -21.63
C GLN C 37 -76.93 5.29 -20.34
N LEU C 38 -77.64 5.48 -19.22
CA LEU C 38 -77.01 5.92 -17.96
C LEU C 38 -77.36 5.05 -16.77
N VAL C 39 -78.51 4.39 -16.75
CA VAL C 39 -78.96 3.65 -15.57
C VAL C 39 -78.01 2.50 -15.29
N ARG C 40 -77.39 2.52 -14.11
CA ARG C 40 -76.48 1.45 -13.74
C ARG C 40 -77.24 0.19 -13.36
N CYS C 41 -76.55 -0.94 -13.36
CA CYS C 41 -77.04 -2.09 -12.63
C CYS C 41 -76.78 -1.88 -11.14
N PHE C 42 -77.56 -2.57 -10.32
CA PHE C 42 -77.24 -2.68 -8.91
C PHE C 42 -76.02 -3.56 -8.70
N CYS C 43 -75.63 -4.32 -9.73
CA CYS C 43 -74.25 -4.79 -9.87
C CYS C 43 -73.29 -3.65 -9.59
N GLY C 44 -73.46 -2.55 -10.34
CA GLY C 44 -72.65 -1.35 -10.22
C GLY C 44 -72.21 -0.80 -11.56
N ARG C 45 -71.95 -1.68 -12.54
CA ARG C 45 -71.69 -1.26 -13.91
C ARG C 45 -73.00 -1.04 -14.67
N LEU C 46 -72.90 -0.39 -15.82
CA LEU C 46 -74.06 -0.04 -16.62
C LEU C 46 -74.44 -1.18 -17.56
N VAL C 47 -75.58 -1.02 -18.22
CA VAL C 47 -76.22 -2.15 -18.89
C VAL C 47 -75.55 -2.54 -20.21
N LYS C 48 -74.77 -1.64 -20.82
CA LYS C 48 -74.15 -1.95 -22.10
C LYS C 48 -72.82 -2.69 -21.97
N GLN C 49 -72.35 -2.97 -20.76
CA GLN C 49 -71.07 -3.63 -20.55
C GLN C 49 -71.18 -5.04 -19.97
N HIS C 50 -72.40 -5.54 -19.73
CA HIS C 50 -72.55 -6.90 -19.22
C HIS C 50 -72.28 -7.92 -20.32
N ALA C 51 -73.06 -7.86 -21.40
CA ALA C 51 -72.93 -8.63 -22.63
C ALA C 51 -73.37 -10.09 -22.54
N CYS C 52 -73.57 -10.61 -21.32
CA CYS C 52 -74.66 -11.53 -20.97
C CYS C 52 -75.17 -12.45 -22.07
N PHE C 53 -74.36 -13.42 -22.51
CA PHE C 53 -74.74 -14.35 -23.56
C PHE C 53 -76.14 -14.95 -23.40
N THR C 54 -76.59 -15.19 -22.16
CA THR C 54 -77.97 -15.62 -21.95
C THR C 54 -78.93 -14.43 -22.00
N ALA C 55 -78.69 -13.40 -21.22
CA ALA C 55 -79.60 -12.26 -21.13
C ALA C 55 -79.33 -11.20 -22.21
N SER C 56 -78.43 -11.46 -23.17
CA SER C 56 -78.30 -10.56 -24.31
C SER C 56 -79.54 -10.62 -25.20
N LEU C 57 -80.22 -11.77 -25.23
CA LEU C 57 -81.49 -11.88 -25.93
C LEU C 57 -82.65 -11.26 -25.16
N ALA C 58 -82.43 -10.91 -23.88
CA ALA C 58 -83.46 -10.27 -23.06
C ALA C 58 -83.35 -8.76 -23.02
N MET C 59 -82.19 -8.19 -23.34
CA MET C 59 -82.06 -6.74 -23.36
C MET C 59 -82.72 -6.08 -24.56
N LYS C 60 -83.08 -6.85 -25.60
CA LYS C 60 -83.72 -6.26 -26.77
C LYS C 60 -85.18 -5.90 -26.49
N TYR C 61 -85.84 -6.64 -25.60
CA TYR C 61 -87.25 -6.37 -25.31
C TYR C 61 -87.41 -4.99 -24.69
N SER C 62 -87.03 -4.83 -23.42
CA SER C 62 -86.56 -3.54 -22.91
C SER C 62 -85.32 -3.77 -22.05
N ASP C 63 -85.37 -4.81 -21.23
CA ASP C 63 -84.30 -5.21 -20.32
C ASP C 63 -84.73 -6.55 -19.70
N VAL C 64 -83.92 -7.07 -18.79
CA VAL C 64 -84.34 -8.19 -17.97
C VAL C 64 -85.35 -7.70 -16.93
N LYS C 65 -86.22 -8.61 -16.47
CA LYS C 65 -87.04 -8.39 -15.29
C LYS C 65 -87.96 -7.18 -15.37
N LEU C 66 -89.15 -7.38 -15.95
CA LEU C 66 -90.22 -6.39 -16.01
C LEU C 66 -90.47 -5.67 -14.68
N GLY C 67 -91.34 -4.66 -14.67
CA GLY C 67 -91.08 -3.42 -13.96
C GLY C 67 -91.14 -3.41 -12.45
N GLU C 68 -92.13 -2.72 -11.85
CA GLU C 68 -92.07 -2.24 -10.47
C GLU C 68 -91.45 -3.23 -9.48
N HIS C 69 -91.75 -4.52 -9.62
CA HIS C 69 -91.02 -5.60 -8.94
C HIS C 69 -91.07 -5.47 -7.41
N PHE C 70 -92.21 -5.00 -6.86
CA PHE C 70 -92.66 -5.38 -5.51
C PHE C 70 -91.60 -5.06 -4.45
N ASN C 71 -91.50 -3.76 -4.14
CA ASN C 71 -90.32 -3.08 -3.63
C ASN C 71 -89.44 -3.87 -2.66
N GLN C 72 -90.01 -4.80 -1.90
CA GLN C 72 -89.19 -5.70 -1.09
C GLN C 72 -88.21 -6.49 -1.94
N ALA C 73 -88.59 -6.81 -3.18
CA ALA C 73 -87.76 -7.65 -4.06
C ALA C 73 -86.72 -6.87 -4.85
N ILE C 74 -86.63 -5.55 -4.67
CA ILE C 74 -85.63 -4.75 -5.39
C ILE C 74 -84.24 -5.03 -4.83
N GLU C 75 -84.14 -5.14 -3.51
CA GLU C 75 -82.88 -5.36 -2.80
C GLU C 75 -82.31 -6.76 -3.05
N GLU C 76 -83.07 -7.65 -3.69
CA GLU C 76 -82.84 -9.09 -3.71
C GLU C 76 -81.48 -9.51 -4.29
N TRP C 77 -80.73 -8.62 -4.94
CA TRP C 77 -79.42 -9.01 -5.49
C TRP C 77 -78.45 -9.30 -4.37
N SER C 78 -78.17 -10.58 -4.15
CA SER C 78 -76.99 -11.01 -3.42
C SER C 78 -76.00 -11.59 -4.43
N VAL C 79 -74.72 -11.49 -4.08
CA VAL C 79 -73.68 -12.07 -4.93
C VAL C 79 -73.72 -13.59 -4.93
N GLU C 80 -74.41 -14.21 -3.96
CA GLU C 80 -74.57 -15.66 -3.98
C GLU C 80 -75.67 -16.09 -4.94
N LYS C 81 -76.77 -15.32 -4.99
CA LYS C 81 -77.95 -15.76 -5.72
C LYS C 81 -77.84 -15.47 -7.21
N HIS C 82 -77.53 -14.22 -7.57
CA HIS C 82 -77.71 -13.69 -8.91
C HIS C 82 -76.40 -13.19 -9.50
N THR C 83 -75.32 -13.95 -9.31
CA THR C 83 -74.01 -13.57 -9.81
C THR C 83 -73.26 -14.86 -10.09
N GLU C 84 -73.08 -15.19 -11.38
CA GLU C 84 -72.77 -16.55 -11.82
C GLU C 84 -71.28 -16.74 -12.03
N GLN C 85 -70.77 -17.89 -11.59
CA GLN C 85 -69.35 -18.19 -11.65
C GLN C 85 -68.97 -18.75 -13.02
N SER C 86 -67.67 -18.67 -13.33
CA SER C 86 -67.18 -18.93 -14.67
C SER C 86 -65.67 -19.14 -14.58
N PRO C 87 -65.04 -19.77 -15.62
CA PRO C 87 -63.59 -20.02 -15.53
C PRO C 87 -62.70 -18.78 -15.69
N THR C 88 -61.39 -19.02 -15.86
CA THR C 88 -60.28 -18.15 -15.47
C THR C 88 -60.35 -16.65 -15.77
N ASP C 89 -60.20 -16.26 -17.05
CA ASP C 89 -60.16 -14.87 -17.51
C ASP C 89 -58.90 -14.08 -17.11
N ALA C 90 -58.08 -14.58 -16.20
CA ALA C 90 -56.90 -13.81 -15.83
C ALA C 90 -55.87 -14.62 -15.05
N TYR C 91 -54.67 -14.71 -15.61
CA TYR C 91 -53.44 -14.98 -14.86
C TYR C 91 -52.26 -14.69 -15.77
N GLY C 92 -51.19 -14.18 -15.17
CA GLY C 92 -49.96 -13.95 -15.91
C GLY C 92 -49.05 -13.02 -15.13
N VAL C 93 -48.07 -12.50 -15.83
CA VAL C 93 -47.16 -11.52 -15.27
C VAL C 93 -47.73 -10.14 -15.52
N ILE C 94 -47.60 -9.27 -14.51
CA ILE C 94 -48.21 -7.94 -14.50
C ILE C 94 -47.07 -6.92 -14.50
N ASN C 95 -46.02 -7.23 -15.26
CA ASN C 95 -44.77 -6.50 -15.34
C ASN C 95 -44.97 -4.99 -15.44
N PHE C 96 -44.46 -4.27 -14.44
CA PHE C 96 -44.56 -2.83 -14.42
C PHE C 96 -43.52 -2.23 -15.36
N GLN C 97 -43.82 -1.04 -15.87
CA GLN C 97 -42.93 -0.38 -16.81
C GLN C 97 -41.66 0.02 -16.07
N GLY C 98 -40.52 -0.39 -16.62
CA GLY C 98 -39.25 -0.33 -15.91
C GLY C 98 -38.85 1.04 -15.42
N GLY C 99 -38.67 1.14 -14.10
CA GLY C 99 -38.07 2.30 -13.48
C GLY C 99 -36.62 2.03 -13.17
N SER C 100 -36.35 1.70 -11.90
CA SER C 100 -34.99 1.32 -11.53
C SER C 100 -34.57 -0.01 -12.15
N HIS C 101 -35.49 -0.98 -12.21
CA HIS C 101 -35.18 -2.31 -12.74
C HIS C 101 -36.46 -2.84 -13.40
N SER C 102 -36.51 -4.16 -13.64
CA SER C 102 -37.58 -4.78 -14.42
C SER C 102 -38.86 -4.95 -13.61
N TYR C 103 -38.77 -5.53 -12.41
CA TYR C 103 -39.86 -5.53 -11.42
C TYR C 103 -41.11 -6.26 -11.93
N ARG C 104 -40.97 -7.58 -12.04
CA ARG C 104 -42.09 -8.44 -12.41
C ARG C 104 -42.97 -8.74 -11.19
N ALA C 105 -44.15 -9.28 -11.46
CA ALA C 105 -45.07 -9.71 -10.41
C ALA C 105 -46.15 -10.58 -11.04
N LYS C 106 -47.02 -11.15 -10.19
CA LYS C 106 -48.07 -12.07 -10.61
C LYS C 106 -49.45 -11.55 -10.18
N TYR C 107 -50.50 -12.18 -10.74
CA TYR C 107 -51.87 -11.87 -10.36
C TYR C 107 -52.73 -13.10 -10.62
N VAL C 108 -53.92 -13.13 -9.98
CA VAL C 108 -54.82 -14.27 -10.08
C VAL C 108 -56.24 -13.87 -10.50
N ARG C 109 -56.84 -12.85 -9.86
CA ARG C 109 -58.25 -12.52 -10.07
C ARG C 109 -59.13 -13.73 -9.72
N LEU C 110 -59.33 -13.91 -8.41
CA LEU C 110 -60.18 -14.96 -7.89
C LEU C 110 -61.42 -14.37 -7.22
N SER C 111 -62.29 -15.25 -6.74
CA SER C 111 -63.62 -14.91 -6.25
C SER C 111 -63.56 -14.48 -4.79
N TYR C 112 -64.72 -14.34 -4.14
CA TYR C 112 -64.76 -14.20 -2.69
C TYR C 112 -64.92 -15.53 -1.96
N ASP C 113 -65.66 -16.48 -2.55
CA ASP C 113 -65.97 -17.73 -1.89
C ASP C 113 -64.92 -18.81 -2.14
N THR C 114 -63.67 -18.41 -2.34
CA THR C 114 -62.58 -19.37 -2.42
C THR C 114 -62.40 -20.03 -1.07
N LYS C 115 -62.26 -21.35 -1.06
CA LYS C 115 -62.11 -22.06 0.20
C LYS C 115 -60.73 -21.77 0.78
N PRO C 116 -60.58 -21.76 2.12
CA PRO C 116 -59.25 -21.45 2.68
C PRO C 116 -58.18 -22.46 2.32
N GLU C 117 -58.54 -23.71 2.03
CA GLU C 117 -57.56 -24.68 1.59
C GLU C 117 -57.10 -24.41 0.17
N ILE C 118 -57.98 -23.85 -0.67
CA ILE C 118 -57.64 -23.64 -2.07
C ILE C 118 -56.69 -22.45 -2.20
N ILE C 119 -56.93 -21.37 -1.45
CA ILE C 119 -56.06 -20.21 -1.53
C ILE C 119 -54.68 -20.54 -0.99
N LEU C 120 -54.61 -21.39 0.03
CA LEU C 120 -53.31 -21.84 0.53
C LEU C 120 -52.59 -22.69 -0.49
N GLN C 121 -53.34 -23.51 -1.23
CA GLN C 121 -52.75 -24.34 -2.28
C GLN C 121 -52.23 -23.47 -3.44
N LEU C 122 -52.79 -22.27 -3.60
CA LEU C 122 -52.38 -21.40 -4.70
C LEU C 122 -50.98 -20.85 -4.47
N LEU C 123 -50.75 -20.25 -3.30
CA LEU C 123 -49.54 -19.47 -3.09
C LEU C 123 -48.29 -20.33 -3.09
N LEU C 124 -48.37 -21.54 -2.55
CA LEU C 124 -47.18 -22.35 -2.32
C LEU C 124 -46.78 -23.11 -3.58
N LYS C 125 -47.66 -23.98 -4.08
CA LYS C 125 -47.28 -24.92 -5.13
C LYS C 125 -47.19 -24.26 -6.49
N GLU C 126 -48.21 -23.47 -6.86
CA GLU C 126 -48.29 -22.94 -8.21
C GLU C 126 -47.25 -21.84 -8.44
N TRP C 127 -47.21 -20.86 -7.54
CA TRP C 127 -46.33 -19.71 -7.70
C TRP C 127 -44.92 -19.96 -7.14
N GLN C 128 -44.61 -21.20 -6.75
CA GLN C 128 -43.24 -21.61 -6.42
C GLN C 128 -42.67 -20.76 -5.29
N MET C 129 -43.51 -20.41 -4.32
CA MET C 129 -43.10 -19.60 -3.19
C MET C 129 -42.70 -20.49 -2.02
N GLU C 130 -41.83 -19.96 -1.19
CA GLU C 130 -41.40 -20.66 0.02
C GLU C 130 -42.40 -20.39 1.14
N LEU C 131 -42.63 -21.41 1.94
CA LEU C 131 -43.51 -21.22 3.09
C LEU C 131 -42.82 -20.27 4.07
N PRO C 132 -43.46 -19.20 4.51
CA PRO C 132 -42.74 -18.17 5.26
C PRO C 132 -42.43 -18.59 6.69
N LYS C 133 -41.76 -17.68 7.39
CA LYS C 133 -41.54 -17.77 8.83
C LYS C 133 -42.06 -16.55 9.56
N LEU C 134 -42.79 -15.66 8.89
CA LEU C 134 -43.37 -14.47 9.48
C LEU C 134 -44.31 -13.84 8.47
N VAL C 135 -45.45 -13.35 8.95
CA VAL C 135 -46.41 -12.60 8.15
C VAL C 135 -46.60 -11.25 8.80
N ILE C 136 -46.25 -10.19 8.09
CA ILE C 136 -46.39 -8.82 8.57
C ILE C 136 -47.53 -8.20 7.79
N SER C 137 -48.74 -8.25 8.36
CA SER C 137 -49.90 -7.62 7.74
C SER C 137 -49.92 -6.15 8.15
N VAL C 138 -49.50 -5.28 7.24
CA VAL C 138 -49.56 -3.85 7.49
C VAL C 138 -50.98 -3.37 7.30
N HIS C 139 -51.42 -2.44 8.13
CA HIS C 139 -52.76 -1.89 8.04
C HIS C 139 -52.74 -0.42 8.39
N GLY C 140 -53.45 0.37 7.60
CA GLY C 140 -53.56 1.78 7.87
C GLY C 140 -54.75 2.36 7.13
N GLY C 141 -54.66 3.66 6.87
CA GLY C 141 -55.74 4.39 6.22
C GLY C 141 -55.37 4.74 4.79
N MET C 142 -56.35 4.68 3.91
CA MET C 142 -56.11 4.98 2.51
C MET C 142 -55.98 6.48 2.30
N GLN C 143 -55.15 6.84 1.32
CA GLN C 143 -55.08 8.14 0.67
C GLN C 143 -54.71 9.30 1.60
N LYS C 144 -54.23 9.05 2.83
CA LYS C 144 -54.08 10.21 3.71
C LYS C 144 -52.87 11.08 3.40
N PHE C 145 -51.65 10.81 3.89
CA PHE C 145 -50.35 10.81 3.14
C PHE C 145 -49.13 11.22 4.02
N GLU C 146 -47.93 11.23 3.41
CA GLU C 146 -46.82 12.15 3.71
C GLU C 146 -46.29 12.02 5.15
N LEU C 147 -45.60 10.91 5.40
CA LEU C 147 -44.70 10.84 6.54
C LEU C 147 -43.64 11.93 6.46
N HIS C 148 -42.97 12.18 7.58
CA HIS C 148 -41.85 13.10 7.60
C HIS C 148 -40.62 12.42 6.99
N PRO C 149 -39.60 13.19 6.59
CA PRO C 149 -38.39 12.54 6.06
C PRO C 149 -37.61 11.75 7.11
N ARG C 150 -37.55 12.23 8.35
CA ARG C 150 -36.78 11.52 9.37
C ARG C 150 -37.45 10.21 9.73
N ILE C 151 -38.76 10.22 9.92
CA ILE C 151 -39.49 9.00 10.27
C ILE C 151 -39.60 8.04 9.09
N LYS C 152 -39.38 8.51 7.86
CA LYS C 152 -39.48 7.64 6.70
C LYS C 152 -38.30 6.69 6.61
N GLN C 153 -37.13 7.08 7.15
CA GLN C 153 -35.96 6.22 7.11
C GLN C 153 -36.04 5.11 8.14
N LEU C 154 -36.49 5.44 9.36
CA LEU C 154 -36.51 4.45 10.43
C LEU C 154 -37.59 3.40 10.20
N LEU C 155 -38.81 3.85 9.90
CA LEU C 155 -39.89 2.91 9.60
C LEU C 155 -39.64 2.18 8.28
N GLY C 156 -38.88 2.76 7.37
CA GLY C 156 -38.53 2.06 6.15
C GLY C 156 -37.51 0.98 6.39
N LYS C 157 -36.43 1.31 7.11
CA LYS C 157 -35.36 0.36 7.35
C LYS C 157 -35.83 -0.78 8.25
N GLY C 158 -36.68 -0.48 9.23
CA GLY C 158 -37.11 -1.49 10.17
C GLY C 158 -38.01 -2.54 9.55
N LEU C 159 -38.78 -2.17 8.53
CA LEU C 159 -39.68 -3.13 7.90
C LEU C 159 -38.92 -4.09 7.00
N ILE C 160 -37.79 -3.65 6.45
CA ILE C 160 -37.01 -4.50 5.55
C ILE C 160 -36.20 -5.51 6.35
N LYS C 161 -35.46 -5.04 7.34
CA LYS C 161 -34.60 -5.91 8.11
C LYS C 161 -35.39 -6.88 8.97
N ALA C 162 -36.69 -6.62 9.18
CA ALA C 162 -37.57 -7.61 9.77
C ALA C 162 -37.88 -8.72 8.78
N ALA C 163 -37.96 -8.41 7.49
CA ALA C 163 -38.44 -9.36 6.50
C ALA C 163 -37.31 -10.12 5.83
N VAL C 164 -36.16 -9.50 5.62
CA VAL C 164 -35.06 -10.18 4.93
C VAL C 164 -34.32 -11.11 5.87
N THR C 165 -34.31 -10.82 7.16
CA THR C 165 -33.64 -11.66 8.14
C THR C 165 -34.52 -12.78 8.65
N THR C 166 -35.82 -12.75 8.36
CA THR C 166 -36.75 -13.81 8.72
C THR C 166 -37.37 -14.52 7.53
N GLY C 167 -37.27 -13.97 6.33
CA GLY C 167 -37.95 -14.55 5.19
C GLY C 167 -39.44 -14.44 5.35
N ALA C 168 -39.95 -13.21 5.33
CA ALA C 168 -41.33 -12.91 5.69
C ALA C 168 -42.16 -12.57 4.45
N TRP C 169 -43.46 -12.82 4.58
CA TRP C 169 -44.45 -12.23 3.71
C TRP C 169 -44.96 -10.93 4.33
N ILE C 170 -45.17 -9.92 3.49
CA ILE C 170 -45.79 -8.67 3.90
C ILE C 170 -47.11 -8.58 3.15
N LEU C 171 -48.22 -8.65 3.89
CA LEU C 171 -49.55 -8.48 3.32
C LEU C 171 -49.93 -7.01 3.34
N THR C 172 -50.19 -6.44 2.17
CA THR C 172 -50.59 -5.05 2.02
C THR C 172 -51.98 -4.98 1.41
N GLY C 173 -52.45 -3.75 1.17
CA GLY C 173 -53.65 -3.54 0.41
C GLY C 173 -53.48 -3.69 -1.10
N GLY C 174 -52.25 -3.64 -1.58
CA GLY C 174 -51.98 -3.83 -2.99
C GLY C 174 -52.00 -2.53 -3.76
N VAL C 175 -53.15 -1.87 -3.76
CA VAL C 175 -53.31 -0.61 -4.48
C VAL C 175 -52.41 0.46 -3.89
N ASN C 176 -52.07 1.43 -4.72
CA ASN C 176 -51.08 2.43 -4.38
C ASN C 176 -51.57 3.47 -3.38
N THR C 177 -52.85 3.47 -3.01
CA THR C 177 -53.33 4.43 -2.03
C THR C 177 -52.95 4.01 -0.62
N GLY C 178 -52.54 4.98 0.18
CA GLY C 178 -52.33 4.75 1.60
C GLY C 178 -51.05 4.04 1.96
N VAL C 179 -51.18 2.79 2.38
CA VAL C 179 -50.10 2.08 3.06
C VAL C 179 -49.06 1.60 2.06
N ALA C 180 -49.49 0.98 0.96
CA ALA C 180 -48.56 0.32 0.05
C ALA C 180 -47.63 1.30 -0.64
N LYS C 181 -47.99 2.58 -0.70
CA LYS C 181 -47.06 3.58 -1.22
C LYS C 181 -45.84 3.70 -0.32
N HIS C 182 -46.05 3.61 0.99
CA HIS C 182 -44.98 3.74 1.96
C HIS C 182 -44.26 2.42 2.20
N VAL C 183 -44.94 1.29 1.97
CA VAL C 183 -44.28 0.00 2.03
C VAL C 183 -43.31 -0.16 0.88
N GLY C 184 -43.74 0.25 -0.32
CA GLY C 184 -42.89 0.09 -1.49
C GLY C 184 -41.75 1.08 -1.54
N ASP C 185 -41.93 2.28 -1.00
CA ASP C 185 -40.84 3.25 -0.97
C ASP C 185 -39.78 2.82 0.03
N ALA C 186 -40.16 2.07 1.05
CA ALA C 186 -39.17 1.39 1.87
C ALA C 186 -38.39 0.37 1.07
N LEU C 187 -39.06 -0.31 0.13
CA LEU C 187 -38.36 -1.23 -0.75
C LEU C 187 -37.51 -0.50 -1.78
N LYS C 188 -37.85 0.74 -2.13
CA LYS C 188 -37.04 1.49 -3.08
C LYS C 188 -35.70 1.84 -2.49
N GLU C 189 -35.67 2.17 -1.20
CA GLU C 189 -34.45 2.65 -0.57
C GLU C 189 -33.45 1.53 -0.31
N HIS C 190 -33.93 0.42 0.25
CA HIS C 190 -33.05 -0.63 0.78
C HIS C 190 -33.33 -1.99 0.14
N ALA C 191 -33.49 -2.01 -1.19
CA ALA C 191 -33.79 -3.27 -1.88
C ALA C 191 -32.67 -4.28 -1.75
N SER C 192 -31.52 -4.00 -2.35
CA SER C 192 -30.39 -4.93 -2.44
C SER C 192 -30.84 -6.29 -2.97
N ARG C 193 -31.64 -6.25 -4.04
CA ARG C 193 -32.27 -7.40 -4.70
C ARG C 193 -32.82 -8.44 -3.73
N SER C 194 -33.29 -7.99 -2.56
CA SER C 194 -33.78 -8.88 -1.53
C SER C 194 -35.26 -9.26 -1.73
N SER C 195 -35.79 -9.06 -2.93
CA SER C 195 -37.09 -9.63 -3.28
C SER C 195 -37.03 -11.15 -3.38
N ARG C 196 -35.83 -11.73 -3.46
CA ARG C 196 -35.70 -13.18 -3.36
C ARG C 196 -36.17 -13.67 -2.00
N LYS C 197 -35.95 -12.87 -0.96
CA LYS C 197 -36.37 -13.19 0.40
C LYS C 197 -37.63 -12.46 0.81
N ILE C 198 -37.86 -11.26 0.29
CA ILE C 198 -39.07 -10.50 0.59
C ILE C 198 -40.10 -10.83 -0.47
N CYS C 199 -41.27 -11.27 -0.03
CA CYS C 199 -42.40 -11.56 -0.89
C CYS C 199 -43.60 -10.75 -0.39
N THR C 200 -43.69 -9.50 -0.82
CA THR C 200 -44.84 -8.66 -0.51
C THR C 200 -46.02 -9.09 -1.36
N ILE C 201 -47.12 -9.44 -0.72
CA ILE C 201 -48.34 -9.92 -1.38
C ILE C 201 -49.39 -8.85 -1.18
N GLY C 202 -49.79 -8.20 -2.26
CA GLY C 202 -50.87 -7.24 -2.21
C GLY C 202 -52.21 -7.89 -2.47
N ILE C 203 -53.14 -7.76 -1.54
CA ILE C 203 -54.51 -8.21 -1.72
C ILE C 203 -55.33 -6.95 -1.94
N ALA C 204 -55.70 -6.72 -3.18
CA ALA C 204 -56.53 -5.60 -3.59
C ALA C 204 -57.84 -6.16 -4.12
N PRO C 205 -58.83 -5.32 -4.39
CA PRO C 205 -59.98 -5.77 -5.18
C PRO C 205 -59.72 -5.65 -6.67
N TRP C 206 -60.59 -6.29 -7.45
CA TRP C 206 -60.68 -6.15 -8.89
C TRP C 206 -61.60 -4.97 -9.27
N GLY C 207 -61.84 -4.07 -8.32
CA GLY C 207 -62.81 -3.00 -8.41
C GLY C 207 -62.13 -1.69 -8.74
N VAL C 208 -61.74 -0.94 -7.73
CA VAL C 208 -61.17 0.41 -7.88
C VAL C 208 -59.85 0.44 -8.65
N ILE C 209 -59.32 -0.72 -9.05
CA ILE C 209 -58.07 -0.75 -9.80
C ILE C 209 -58.32 -0.29 -11.22
N GLU C 210 -57.39 0.52 -11.74
CA GLU C 210 -57.40 0.95 -13.12
C GLU C 210 -56.87 -0.13 -14.05
N ASN C 211 -57.25 -0.03 -15.32
CA ASN C 211 -56.75 -0.90 -16.38
C ASN C 211 -57.00 -2.36 -16.07
N ARG C 212 -58.18 -2.66 -15.53
CA ARG C 212 -58.53 -4.04 -15.24
C ARG C 212 -58.79 -4.82 -16.52
N ASN C 213 -59.35 -4.16 -17.54
CA ASN C 213 -59.62 -4.84 -18.80
C ASN C 213 -58.35 -5.12 -19.59
N ASP C 214 -57.26 -4.41 -19.29
CA ASP C 214 -55.97 -4.69 -19.90
C ASP C 214 -55.31 -5.92 -19.31
N LEU C 215 -55.70 -6.32 -18.09
CA LEU C 215 -55.20 -7.53 -17.47
C LEU C 215 -55.99 -8.76 -17.86
N VAL C 216 -57.01 -8.61 -18.72
CA VAL C 216 -57.80 -9.73 -19.21
C VAL C 216 -56.92 -10.59 -20.09
N GLY C 217 -56.79 -11.87 -19.73
CA GLY C 217 -56.02 -12.80 -20.54
C GLY C 217 -55.58 -14.07 -19.83
N ARG C 218 -55.64 -15.18 -20.54
CA ARG C 218 -55.18 -16.47 -20.04
C ARG C 218 -53.69 -16.62 -20.38
N ASP C 219 -52.84 -16.64 -19.34
CA ASP C 219 -51.40 -16.79 -19.50
C ASP C 219 -50.84 -15.67 -20.40
N VAL C 220 -50.97 -14.44 -19.91
CA VAL C 220 -50.59 -13.25 -20.66
C VAL C 220 -49.64 -12.42 -19.81
N VAL C 221 -48.44 -12.17 -20.34
CA VAL C 221 -47.50 -11.23 -19.75
C VAL C 221 -47.94 -9.83 -20.17
N ALA C 222 -48.80 -9.21 -19.36
CA ALA C 222 -49.40 -7.94 -19.74
C ALA C 222 -48.55 -6.76 -19.27
N PRO C 223 -48.32 -5.72 -20.09
CA PRO C 223 -47.69 -4.51 -19.57
C PRO C 223 -48.68 -3.65 -18.80
N TYR C 224 -48.16 -2.91 -17.82
CA TYR C 224 -48.98 -2.09 -16.95
C TYR C 224 -48.26 -0.79 -16.62
N GLN C 225 -48.94 0.33 -16.83
CA GLN C 225 -48.35 1.65 -16.69
C GLN C 225 -48.54 2.18 -15.27
N THR C 226 -47.65 3.10 -14.89
CA THR C 226 -47.66 3.70 -13.55
C THR C 226 -47.79 5.22 -13.62
N LEU C 227 -48.45 5.74 -14.65
CA LEU C 227 -48.58 7.17 -14.84
C LEU C 227 -49.76 7.68 -14.02
N LEU C 228 -49.53 8.75 -13.26
CA LEU C 228 -50.58 9.35 -12.45
C LEU C 228 -51.61 10.01 -13.37
N ASN C 229 -52.77 9.37 -13.50
CA ASN C 229 -53.79 9.87 -14.40
C ASN C 229 -54.41 11.14 -13.82
N PRO C 230 -54.35 12.29 -14.50
CA PRO C 230 -54.84 13.53 -13.86
C PRO C 230 -56.35 13.54 -13.65
N LEU C 231 -57.13 13.25 -14.69
CA LEU C 231 -58.58 13.34 -14.56
C LEU C 231 -59.14 12.30 -13.59
N SER C 232 -58.45 11.16 -13.46
CA SER C 232 -58.98 10.07 -12.66
C SER C 232 -58.70 10.30 -11.18
N LYS C 233 -59.36 9.49 -10.38
CA LYS C 233 -59.21 9.45 -8.93
C LYS C 233 -58.97 8.03 -8.43
N LEU C 234 -59.03 7.03 -9.31
CA LEU C 234 -58.89 5.65 -8.91
C LEU C 234 -57.43 5.34 -8.62
N ASN C 235 -57.16 4.11 -8.18
CA ASN C 235 -55.88 3.71 -7.64
C ASN C 235 -55.20 2.73 -8.58
N VAL C 236 -53.87 2.78 -8.60
CA VAL C 236 -53.06 1.85 -9.37
C VAL C 236 -52.40 0.87 -8.42
N LEU C 237 -51.84 -0.21 -8.98
CA LEU C 237 -51.04 -1.12 -8.17
C LEU C 237 -49.66 -0.52 -7.93
N ASN C 238 -49.03 -0.99 -6.86
CA ASN C 238 -47.69 -0.55 -6.50
C ASN C 238 -46.66 -1.40 -7.23
N ASN C 239 -45.64 -0.74 -7.79
CA ASN C 239 -44.73 -1.45 -8.68
C ASN C 239 -43.88 -2.47 -7.93
N LEU C 240 -43.52 -2.18 -6.68
CA LEU C 240 -42.66 -3.08 -5.91
C LEU C 240 -43.48 -4.01 -5.03
N HIS C 241 -44.39 -4.72 -5.68
CA HIS C 241 -44.94 -5.95 -5.13
C HIS C 241 -44.50 -7.10 -6.01
N SER C 242 -44.79 -8.32 -5.54
CA SER C 242 -44.41 -9.53 -6.24
C SER C 242 -45.61 -10.40 -6.59
N HIS C 243 -46.71 -10.29 -5.87
CA HIS C 243 -47.88 -11.12 -6.08
C HIS C 243 -49.12 -10.32 -5.75
N PHE C 244 -50.19 -10.53 -6.52
CA PHE C 244 -51.44 -9.80 -6.37
C PHE C 244 -52.59 -10.79 -6.28
N ILE C 245 -53.49 -10.54 -5.32
CA ILE C 245 -54.72 -11.31 -5.16
C ILE C 245 -55.86 -10.33 -5.31
N LEU C 246 -56.77 -10.61 -6.24
CA LEU C 246 -57.79 -9.67 -6.68
C LEU C 246 -59.16 -10.30 -6.54
N VAL C 247 -60.00 -9.73 -5.70
CA VAL C 247 -61.31 -10.27 -5.32
C VAL C 247 -62.38 -9.29 -5.78
N ASP C 248 -63.39 -9.81 -6.47
CA ASP C 248 -64.51 -9.00 -6.96
C ASP C 248 -65.80 -9.52 -6.34
N ASP C 249 -66.55 -8.64 -5.66
CA ASP C 249 -67.90 -8.99 -5.21
C ASP C 249 -68.94 -8.51 -6.22
N GLY C 250 -69.10 -7.19 -6.38
CA GLY C 250 -69.86 -6.65 -7.49
C GLY C 250 -69.06 -6.25 -8.70
N THR C 251 -68.32 -5.13 -8.58
CA THR C 251 -67.69 -4.50 -9.73
C THR C 251 -66.82 -3.34 -9.25
N VAL C 252 -66.37 -2.52 -10.21
CA VAL C 252 -65.68 -1.27 -9.91
C VAL C 252 -66.51 -0.44 -8.94
N GLY C 253 -65.84 0.15 -7.95
CA GLY C 253 -66.51 0.61 -6.76
C GLY C 253 -66.70 -0.57 -5.83
N LYS C 254 -67.63 -0.43 -4.88
CA LYS C 254 -67.93 -1.48 -3.90
C LYS C 254 -66.66 -1.89 -3.16
N TYR C 255 -66.12 -0.91 -2.42
CA TYR C 255 -64.80 -1.05 -1.81
C TYR C 255 -64.87 -1.86 -0.51
N GLY C 256 -65.35 -3.09 -0.63
CA GLY C 256 -64.91 -4.15 0.24
C GLY C 256 -65.41 -5.51 -0.19
N ALA C 257 -64.47 -6.38 -0.50
CA ALA C 257 -64.69 -7.83 -0.58
C ALA C 257 -63.56 -8.64 0.03
N GLU C 258 -62.37 -8.05 0.18
CA GLU C 258 -61.15 -8.78 0.53
C GLU C 258 -60.90 -8.80 2.04
N VAL C 259 -61.62 -8.00 2.81
CA VAL C 259 -61.38 -7.88 4.24
C VAL C 259 -61.58 -9.23 4.93
N ARG C 260 -62.51 -10.03 4.43
CA ARG C 260 -62.70 -11.38 4.96
C ARG C 260 -61.65 -12.32 4.42
N LEU C 261 -61.34 -12.25 3.13
CA LEU C 261 -60.47 -13.25 2.51
C LEU C 261 -59.02 -13.07 2.91
N ARG C 262 -58.57 -11.81 3.02
CA ARG C 262 -57.23 -11.57 3.55
C ARG C 262 -57.10 -12.07 4.97
N ARG C 263 -58.13 -11.88 5.77
CA ARG C 263 -58.11 -12.33 7.15
C ARG C 263 -58.13 -13.85 7.24
N GLU C 264 -58.90 -14.50 6.36
CA GLU C 264 -58.91 -15.96 6.32
C GLU C 264 -57.60 -16.53 5.81
N LEU C 265 -56.83 -15.75 5.04
CA LEU C 265 -55.51 -16.20 4.64
C LEU C 265 -54.57 -16.25 5.84
N GLU C 266 -54.69 -15.30 6.76
CA GLU C 266 -53.87 -15.31 7.96
C GLU C 266 -54.17 -16.51 8.83
N LYS C 267 -55.41 -17.01 8.80
CA LYS C 267 -55.75 -18.20 9.57
C LYS C 267 -55.05 -19.43 9.00
N THR C 268 -54.90 -19.50 7.68
CA THR C 268 -54.33 -20.70 7.08
C THR C 268 -52.84 -20.80 7.31
N ILE C 269 -52.13 -19.67 7.30
CA ILE C 269 -50.69 -19.70 7.52
C ILE C 269 -50.37 -20.07 8.95
N ASN C 270 -51.14 -19.53 9.90
CA ASN C 270 -50.91 -19.79 11.32
C ASN C 270 -51.27 -21.23 11.72
N GLN C 271 -51.97 -21.97 10.87
CA GLN C 271 -52.21 -23.38 11.08
C GLN C 271 -51.14 -24.27 10.44
N GLN C 272 -50.25 -23.69 9.64
CA GLN C 272 -49.15 -24.44 9.04
C GLN C 272 -47.93 -24.43 9.96
N ARG C 273 -47.18 -25.52 9.93
CA ARG C 273 -45.98 -25.62 10.74
C ARG C 273 -44.87 -24.77 10.15
N ILE C 274 -44.18 -24.04 11.03
CA ILE C 274 -43.11 -23.15 10.61
C ILE C 274 -41.90 -23.92 10.09
N HIS C 275 -41.74 -25.17 10.50
CA HIS C 275 -40.60 -25.99 10.10
C HIS C 275 -40.95 -27.43 10.42
N ALA C 276 -40.26 -28.36 9.75
CA ALA C 276 -40.53 -29.78 9.88
C ALA C 276 -39.94 -30.40 11.16
N ARG C 277 -39.51 -29.57 12.11
CA ARG C 277 -39.04 -30.00 13.41
C ARG C 277 -39.70 -29.23 14.54
N ILE C 278 -40.43 -28.16 14.24
CA ILE C 278 -40.97 -27.23 15.22
C ILE C 278 -42.48 -27.36 15.18
N GLY C 279 -43.08 -27.63 16.34
CA GLY C 279 -44.53 -27.75 16.39
C GLY C 279 -45.27 -26.42 16.40
N GLN C 280 -44.56 -25.35 16.74
CA GLN C 280 -45.16 -24.02 16.76
C GLN C 280 -45.55 -23.60 15.36
N GLY C 281 -46.67 -22.87 15.26
CA GLY C 281 -47.14 -22.40 13.98
C GLY C 281 -46.52 -21.07 13.58
N VAL C 282 -46.74 -20.71 12.33
CA VAL C 282 -46.17 -19.48 11.77
C VAL C 282 -46.81 -18.29 12.48
N PRO C 283 -46.05 -17.39 13.09
CA PRO C 283 -46.68 -16.24 13.74
C PRO C 283 -47.11 -15.19 12.74
N VAL C 284 -48.16 -14.46 13.10
CA VAL C 284 -48.68 -13.36 12.31
C VAL C 284 -48.66 -12.12 13.19
N VAL C 285 -48.14 -11.03 12.66
CA VAL C 285 -48.09 -9.75 13.35
C VAL C 285 -48.88 -8.74 12.53
N ALA C 286 -49.32 -7.67 13.18
CA ALA C 286 -50.05 -6.59 12.54
C ALA C 286 -49.33 -5.27 12.83
N LEU C 287 -48.82 -4.64 11.77
CA LEU C 287 -48.16 -3.35 11.86
C LEU C 287 -49.16 -2.28 11.47
N ILE C 288 -49.19 -1.18 12.22
CA ILE C 288 -50.21 -0.15 12.08
C ILE C 288 -49.51 1.16 11.76
N PHE C 289 -49.66 1.63 10.53
CA PHE C 289 -49.32 2.98 10.15
C PHE C 289 -50.56 3.85 10.32
N GLU C 290 -50.50 5.09 9.80
CA GLU C 290 -51.60 6.05 9.76
C GLU C 290 -52.91 5.39 9.36
N GLY C 291 -53.89 5.41 10.25
CA GLY C 291 -55.03 4.50 10.20
C GLY C 291 -56.35 5.13 9.79
N GLY C 292 -57.44 4.70 10.41
CA GLY C 292 -58.75 5.19 10.02
C GLY C 292 -59.88 4.65 10.88
N PRO C 293 -61.12 4.93 10.49
CA PRO C 293 -62.26 4.44 11.29
C PRO C 293 -62.47 2.94 11.19
N ASN C 294 -62.31 2.37 9.99
CA ASN C 294 -62.40 0.93 9.83
C ASN C 294 -61.17 0.20 10.35
N VAL C 295 -60.08 0.92 10.61
CA VAL C 295 -58.88 0.31 11.16
C VAL C 295 -59.12 -0.14 12.59
N ILE C 296 -59.88 0.65 13.36
CA ILE C 296 -60.07 0.36 14.77
C ILE C 296 -60.89 -0.92 14.96
N LEU C 297 -61.82 -1.19 14.05
CA LEU C 297 -62.54 -2.46 14.10
C LEU C 297 -61.65 -3.63 13.68
N THR C 298 -60.59 -3.36 12.92
CA THR C 298 -59.66 -4.42 12.52
C THR C 298 -58.67 -4.74 13.63
N VAL C 299 -58.18 -3.71 14.33
CA VAL C 299 -57.25 -3.93 15.44
C VAL C 299 -57.93 -4.74 16.54
N LEU C 300 -59.17 -4.39 16.86
CA LEU C 300 -59.89 -5.07 17.94
C LEU C 300 -60.28 -6.49 17.54
N GLU C 301 -60.49 -6.73 16.24
CA GLU C 301 -60.84 -8.07 15.79
C GLU C 301 -59.66 -9.02 15.89
N TYR C 302 -58.43 -8.48 15.83
CA TYR C 302 -57.25 -9.32 16.00
C TYR C 302 -57.10 -9.78 17.45
N LEU C 303 -57.30 -8.86 18.38
CA LEU C 303 -57.07 -9.16 19.79
C LEU C 303 -58.15 -10.09 20.36
N GLN C 304 -59.36 -10.03 19.81
CA GLN C 304 -60.46 -10.89 20.25
C GLN C 304 -60.53 -12.08 19.31
N GLU C 305 -59.64 -13.03 19.54
CA GLU C 305 -59.55 -14.23 18.72
C GLU C 305 -58.65 -15.24 19.40
N SER C 306 -58.95 -16.52 19.17
CA SER C 306 -58.05 -17.61 19.54
C SER C 306 -57.44 -18.17 18.25
N PRO C 307 -56.12 -18.04 18.01
CA PRO C 307 -55.05 -17.43 18.83
C PRO C 307 -55.05 -15.90 18.78
N PRO C 308 -54.66 -15.21 19.89
CA PRO C 308 -54.61 -13.75 19.85
C PRO C 308 -53.45 -13.16 19.06
N VAL C 309 -53.68 -12.91 17.78
CA VAL C 309 -52.72 -12.23 16.91
C VAL C 309 -52.33 -10.89 17.54
N PRO C 310 -51.04 -10.60 17.75
CA PRO C 310 -50.68 -9.30 18.32
C PRO C 310 -50.68 -8.19 17.29
N VAL C 311 -50.46 -6.97 17.78
CA VAL C 311 -50.53 -5.75 17.00
C VAL C 311 -49.36 -4.86 17.40
N VAL C 312 -48.65 -4.34 16.40
CA VAL C 312 -47.60 -3.34 16.58
C VAL C 312 -48.14 -2.03 16.05
N VAL C 313 -48.07 -0.98 16.87
CA VAL C 313 -48.58 0.33 16.52
C VAL C 313 -47.41 1.30 16.47
N CYS C 314 -47.37 2.11 15.42
CA CYS C 314 -46.38 3.16 15.28
C CYS C 314 -46.96 4.49 15.75
N GLU C 315 -46.08 5.48 15.85
CA GLU C 315 -46.50 6.85 16.13
C GLU C 315 -45.67 7.78 15.27
N GLY C 316 -45.99 9.08 15.34
CA GLY C 316 -45.32 10.08 14.57
C GLY C 316 -45.97 10.41 13.24
N THR C 317 -46.76 9.48 12.69
CA THR C 317 -47.46 9.75 11.43
C THR C 317 -48.63 10.71 11.67
N GLY C 318 -49.53 10.31 12.56
CA GLY C 318 -50.60 11.17 13.06
C GLY C 318 -51.93 10.88 12.42
N ARG C 319 -52.66 9.95 13.04
CA ARG C 319 -54.05 9.61 12.78
C ARG C 319 -54.37 8.61 13.90
N ALA C 320 -55.46 7.86 13.78
CA ALA C 320 -55.76 6.71 14.63
C ALA C 320 -54.55 5.89 15.06
N ALA C 321 -53.52 5.77 14.23
CA ALA C 321 -52.24 5.22 14.71
C ALA C 321 -51.78 5.99 15.94
N ASP C 322 -51.80 7.31 15.87
CA ASP C 322 -51.36 8.12 17.00
C ASP C 322 -52.41 8.19 18.10
N LEU C 323 -53.67 7.86 17.80
CA LEU C 323 -54.64 7.69 18.87
C LEU C 323 -54.28 6.47 19.71
N LEU C 324 -53.98 5.35 19.06
CA LEU C 324 -53.58 4.16 19.80
C LEU C 324 -52.27 4.39 20.56
N ALA C 325 -51.45 5.32 20.08
CA ALA C 325 -50.24 5.70 20.82
C ALA C 325 -50.59 6.51 22.06
N TYR C 326 -51.53 7.44 21.93
CA TYR C 326 -51.88 8.31 23.04
C TYR C 326 -52.74 7.60 24.08
N ILE C 327 -53.70 6.81 23.61
CA ILE C 327 -54.59 6.10 24.53
C ILE C 327 -53.82 5.04 25.32
N HIS C 328 -52.91 4.34 24.65
CA HIS C 328 -52.09 3.34 25.33
C HIS C 328 -51.09 3.98 26.29
N LYS C 329 -50.72 5.25 26.07
CA LYS C 329 -49.67 5.89 26.85
C LYS C 329 -50.15 6.27 28.24
N GLN C 330 -51.29 6.96 28.32
CA GLN C 330 -51.79 7.45 29.60
C GLN C 330 -52.58 6.38 30.35
N THR C 331 -52.00 5.20 30.50
CA THR C 331 -52.72 4.06 31.04
C THR C 331 -51.72 3.10 31.65
N GLU C 332 -51.96 2.72 32.90
CA GLU C 332 -51.13 1.75 33.61
C GLU C 332 -51.64 0.34 33.24
N GLU C 333 -51.31 -0.66 34.04
CA GLU C 333 -51.76 -2.02 33.79
C GLU C 333 -53.29 -2.08 33.79
N GLY C 334 -53.82 -3.27 33.51
CA GLY C 334 -55.15 -3.40 32.94
C GLY C 334 -56.32 -3.00 33.81
N GLY C 335 -56.35 -1.73 34.23
CA GLY C 335 -57.52 -1.13 34.84
C GLY C 335 -58.23 -0.19 33.87
N ASN C 336 -59.32 0.39 34.36
CA ASN C 336 -60.22 1.16 33.50
C ASN C 336 -59.59 2.39 32.87
N LEU C 337 -59.30 3.41 33.68
CA LEU C 337 -58.97 4.73 33.14
C LEU C 337 -58.05 5.45 34.11
N PRO C 338 -57.35 6.52 33.63
CA PRO C 338 -56.85 7.55 34.55
C PRO C 338 -57.99 8.47 34.99
N ASP C 339 -57.65 9.60 35.65
CA ASP C 339 -58.64 10.60 36.02
C ASP C 339 -59.56 10.95 34.84
N ALA C 340 -60.77 11.39 35.17
CA ALA C 340 -61.82 11.50 34.16
C ALA C 340 -61.54 12.62 33.18
N ALA C 341 -60.92 12.26 32.04
CA ALA C 341 -60.62 13.18 30.95
C ALA C 341 -61.27 12.74 29.66
N GLU C 342 -62.46 12.14 29.75
CA GLU C 342 -63.18 11.73 28.55
C GLU C 342 -63.52 12.89 27.63
N PRO C 343 -63.89 14.08 28.11
CA PRO C 343 -64.03 15.22 27.18
C PRO C 343 -62.74 15.57 26.45
N ASP C 344 -61.58 15.15 26.96
CA ASP C 344 -60.33 15.31 26.25
C ASP C 344 -60.04 14.15 25.30
N ILE C 345 -60.62 12.97 25.54
CA ILE C 345 -60.43 11.84 24.65
C ILE C 345 -61.37 11.93 23.45
N ILE C 346 -62.68 12.03 23.72
CA ILE C 346 -63.66 12.01 22.64
C ILE C 346 -63.52 13.25 21.77
N SER C 347 -63.00 14.35 22.33
CA SER C 347 -62.67 15.50 21.50
C SER C 347 -61.53 15.17 20.55
N THR C 348 -60.55 14.40 21.02
CA THR C 348 -59.43 14.02 20.18
C THR C 348 -59.85 13.00 19.12
N ILE C 349 -60.90 12.21 19.40
CA ILE C 349 -61.40 11.25 18.42
C ILE C 349 -62.09 11.99 17.27
N LYS C 350 -62.83 13.05 17.56
CA LYS C 350 -63.62 13.73 16.54
C LYS C 350 -62.83 14.76 15.74
N LYS C 351 -61.58 15.06 16.11
CA LYS C 351 -60.74 15.90 15.27
C LYS C 351 -60.15 15.12 14.11
N THR C 352 -60.03 13.79 14.24
CA THR C 352 -59.59 12.97 13.11
C THR C 352 -60.66 12.90 12.04
N PHE C 353 -61.85 12.40 12.39
CA PHE C 353 -63.01 12.40 11.53
C PHE C 353 -64.19 12.95 12.32
N ASN C 354 -65.03 13.74 11.66
CA ASN C 354 -66.15 14.40 12.33
C ASN C 354 -67.21 13.37 12.67
N PHE C 355 -67.23 12.95 13.93
CA PHE C 355 -68.26 12.06 14.47
C PHE C 355 -69.31 12.82 15.27
N GLY C 356 -68.88 13.61 16.26
CA GLY C 356 -69.74 14.57 16.91
C GLY C 356 -70.45 14.08 18.16
N GLN C 357 -69.71 13.49 19.10
CA GLN C 357 -70.17 13.18 20.46
C GLN C 357 -71.20 12.07 20.52
N SER C 358 -71.70 11.56 19.39
CA SER C 358 -72.78 10.57 19.38
C SER C 358 -72.24 9.18 19.09
N GLU C 359 -71.52 9.00 17.98
CA GLU C 359 -70.79 7.78 17.70
C GLU C 359 -69.29 7.92 17.94
N ALA C 360 -68.81 9.11 18.31
CA ALA C 360 -67.46 9.19 18.84
C ALA C 360 -67.38 8.46 20.18
N VAL C 361 -68.49 8.42 20.91
CA VAL C 361 -68.60 7.55 22.07
C VAL C 361 -68.52 6.09 21.65
N HIS C 362 -69.08 5.75 20.48
CA HIS C 362 -69.01 4.37 20.01
C HIS C 362 -67.58 3.96 19.69
N LEU C 363 -66.72 4.91 19.31
CA LEU C 363 -65.30 4.60 19.14
C LEU C 363 -64.63 4.36 20.49
N PHE C 364 -65.13 4.99 21.55
CA PHE C 364 -64.47 4.92 22.84
C PHE C 364 -64.62 3.54 23.48
N GLN C 365 -65.71 2.82 23.20
CA GLN C 365 -65.79 1.44 23.66
C GLN C 365 -64.80 0.55 22.93
N THR C 366 -64.35 0.94 21.75
CA THR C 366 -63.27 0.22 21.07
C THR C 366 -61.91 0.66 21.59
N MET C 367 -61.78 1.93 21.99
CA MET C 367 -60.53 2.40 22.55
C MET C 367 -60.31 1.91 23.97
N MET C 368 -61.36 1.51 24.69
CA MET C 368 -61.20 0.97 26.03
C MET C 368 -60.93 -0.53 26.01
N GLU C 369 -61.19 -1.21 24.89
CA GLU C 369 -60.78 -2.59 24.72
C GLU C 369 -59.41 -2.72 24.06
N CYS C 370 -58.86 -1.62 23.52
CA CYS C 370 -57.51 -1.62 22.97
C CYS C 370 -56.48 -1.08 23.95
N MET C 371 -56.89 -0.35 24.99
CA MET C 371 -56.04 -0.11 26.15
C MET C 371 -56.06 -1.28 27.11
N LYS C 372 -56.92 -2.27 26.90
CA LYS C 372 -57.15 -3.34 27.86
C LYS C 372 -56.07 -4.41 27.76
N LYS C 373 -55.66 -4.73 26.54
CA LYS C 373 -54.73 -5.82 26.25
C LYS C 373 -53.33 -5.32 25.93
N LYS C 374 -52.87 -4.33 26.70
CA LYS C 374 -51.57 -3.67 26.54
C LYS C 374 -50.41 -4.62 26.25
N GLU C 375 -50.46 -5.85 26.79
CA GLU C 375 -49.37 -6.78 26.58
C GLU C 375 -49.21 -7.16 25.12
N LEU C 376 -50.30 -7.14 24.36
CA LEU C 376 -50.28 -7.46 22.94
C LEU C 376 -50.14 -6.22 22.06
N ILE C 377 -49.96 -5.04 22.65
CA ILE C 377 -49.80 -3.78 21.93
C ILE C 377 -48.39 -3.28 22.19
N THR C 378 -47.67 -2.98 21.11
CA THR C 378 -46.30 -2.49 21.18
C THR C 378 -46.23 -1.16 20.45
N VAL C 379 -46.06 -0.09 21.21
CA VAL C 379 -45.92 1.25 20.66
C VAL C 379 -44.43 1.54 20.49
N PHE C 380 -44.08 2.17 19.38
CA PHE C 380 -42.68 2.46 19.03
C PHE C 380 -42.46 3.96 19.08
N HIS C 381 -42.00 4.45 20.24
CA HIS C 381 -41.77 5.88 20.42
C HIS C 381 -40.50 6.30 19.68
N ILE C 382 -40.66 7.22 18.73
CA ILE C 382 -39.57 7.69 17.90
C ILE C 382 -39.08 9.03 18.44
N GLY C 383 -37.79 9.13 18.68
CA GLY C 383 -37.18 10.32 19.23
C GLY C 383 -36.36 10.06 20.48
N SER C 384 -36.39 8.82 20.97
CA SER C 384 -35.59 8.41 22.13
C SER C 384 -34.95 7.05 21.90
N GLU C 385 -34.69 6.71 20.62
CA GLU C 385 -34.22 5.40 20.15
C GLU C 385 -34.85 4.25 20.93
N ASP C 386 -36.15 4.35 21.18
CA ASP C 386 -36.83 3.45 22.09
C ASP C 386 -37.01 2.09 21.44
N HIS C 387 -36.36 1.08 22.01
CA HIS C 387 -36.47 -0.32 21.60
C HIS C 387 -35.82 -0.57 20.25
N GLN C 388 -35.07 0.39 19.71
CA GLN C 388 -34.00 0.09 18.76
C GLN C 388 -34.45 -0.61 17.48
N ASP C 389 -34.99 0.13 16.50
CA ASP C 389 -35.16 -0.45 15.16
C ASP C 389 -36.26 -1.50 15.11
N ILE C 390 -37.46 -1.06 14.77
CA ILE C 390 -38.74 -1.77 14.82
C ILE C 390 -38.67 -3.25 14.47
N ASP C 391 -37.70 -3.67 13.65
CA ASP C 391 -37.54 -5.10 13.38
C ASP C 391 -37.33 -5.88 14.67
N VAL C 392 -36.63 -5.28 15.64
CA VAL C 392 -36.58 -5.85 16.98
C VAL C 392 -37.98 -5.85 17.59
N ALA C 393 -38.70 -4.75 17.43
CA ALA C 393 -39.98 -4.60 18.10
C ALA C 393 -41.09 -5.40 17.44
N ILE C 394 -40.99 -5.65 16.13
CA ILE C 394 -41.94 -6.57 15.50
C ILE C 394 -41.74 -7.97 16.05
N LEU C 395 -40.49 -8.42 16.11
CA LEU C 395 -40.19 -9.77 16.50
C LEU C 395 -40.28 -9.94 18.02
N THR C 396 -40.05 -8.88 18.78
CA THR C 396 -40.25 -8.95 20.22
C THR C 396 -41.72 -9.02 20.58
N ALA C 397 -42.59 -8.43 19.76
CA ALA C 397 -44.02 -8.41 20.05
C ALA C 397 -44.65 -9.78 19.94
N LEU C 398 -44.02 -10.69 19.19
CA LEU C 398 -44.48 -12.06 19.10
C LEU C 398 -44.02 -12.92 20.27
N LEU C 399 -43.36 -12.32 21.26
CA LEU C 399 -42.84 -13.02 22.43
C LEU C 399 -43.43 -12.53 23.73
N LYS C 400 -43.89 -11.28 23.80
CA LYS C 400 -44.39 -10.73 25.05
C LYS C 400 -45.78 -11.27 25.37
N GLY C 401 -46.71 -11.14 24.43
CA GLY C 401 -48.05 -11.63 24.62
C GLY C 401 -48.16 -13.12 24.33
N THR C 402 -49.41 -13.58 24.20
CA THR C 402 -49.79 -14.96 23.89
C THR C 402 -48.97 -15.96 24.70
N ASN C 403 -49.14 -15.91 26.03
CA ASN C 403 -48.28 -16.55 27.02
C ASN C 403 -47.91 -17.98 26.66
N ALA C 404 -46.61 -18.20 26.45
CA ALA C 404 -46.09 -19.51 26.09
C ALA C 404 -44.73 -19.68 26.75
N SER C 405 -44.18 -20.87 26.62
CA SER C 405 -42.92 -21.19 27.27
C SER C 405 -41.78 -20.39 26.67
N ALA C 406 -40.72 -20.25 27.46
CA ALA C 406 -39.49 -19.68 26.92
C ALA C 406 -38.87 -20.61 25.89
N PHE C 407 -39.10 -21.91 26.03
CA PHE C 407 -38.76 -22.84 24.96
C PHE C 407 -39.49 -22.45 23.68
N ASP C 408 -40.76 -22.08 23.79
CA ASP C 408 -41.50 -21.65 22.61
C ASP C 408 -40.99 -20.29 22.11
N GLN C 409 -40.47 -19.46 23.02
CA GLN C 409 -39.87 -18.21 22.60
C GLN C 409 -38.52 -18.42 21.93
N LEU C 410 -37.76 -19.43 22.38
CA LEU C 410 -36.41 -19.64 21.89
C LEU C 410 -36.41 -20.35 20.54
N ILE C 411 -37.23 -21.39 20.41
CA ILE C 411 -37.29 -22.14 19.16
C ILE C 411 -37.89 -21.28 18.05
N LEU C 412 -38.70 -20.29 18.40
CA LEU C 412 -39.20 -19.36 17.40
C LEU C 412 -38.06 -18.53 16.83
N THR C 413 -37.20 -18.02 17.70
CA THR C 413 -36.01 -17.30 17.24
C THR C 413 -35.06 -18.22 16.48
N LEU C 414 -35.09 -19.52 16.79
CA LEU C 414 -34.19 -20.45 16.12
C LEU C 414 -34.58 -20.61 14.65
N ALA C 415 -35.88 -20.60 14.36
CA ALA C 415 -36.32 -20.68 12.98
C ALA C 415 -36.03 -19.40 12.22
N TRP C 416 -36.11 -18.25 12.89
CA TRP C 416 -35.81 -16.98 12.27
C TRP C 416 -34.31 -16.78 12.05
N ASP C 417 -33.48 -17.57 12.72
CA ASP C 417 -32.02 -17.42 12.65
C ASP C 417 -31.62 -16.02 13.12
N ARG C 418 -32.09 -15.67 14.33
CA ARG C 418 -31.85 -14.38 14.95
C ARG C 418 -31.36 -14.62 16.38
N VAL C 419 -30.08 -14.36 16.62
CA VAL C 419 -29.52 -14.56 17.95
C VAL C 419 -29.67 -13.31 18.80
N ASP C 420 -29.58 -12.13 18.19
CA ASP C 420 -29.64 -10.89 18.96
C ASP C 420 -31.01 -10.66 19.60
N ILE C 421 -32.07 -11.26 19.05
CA ILE C 421 -33.34 -11.27 19.76
C ILE C 421 -33.29 -12.33 20.86
N ALA C 422 -32.68 -13.47 20.59
CA ALA C 422 -32.65 -14.54 21.57
C ALA C 422 -31.72 -14.21 22.72
N LYS C 423 -30.61 -13.53 22.45
CA LYS C 423 -29.67 -13.22 23.52
C LYS C 423 -30.21 -12.12 24.43
N ASN C 424 -30.84 -11.10 23.85
CA ASN C 424 -31.21 -9.90 24.57
C ASN C 424 -32.65 -9.88 25.04
N HIS C 425 -33.48 -10.83 24.61
CA HIS C 425 -34.89 -10.84 24.99
C HIS C 425 -35.44 -12.21 25.35
N VAL C 426 -34.67 -13.29 25.20
CA VAL C 426 -35.03 -14.59 25.74
C VAL C 426 -34.11 -14.99 26.88
N PHE C 427 -32.81 -14.77 26.71
CA PHE C 427 -31.83 -15.01 27.78
C PHE C 427 -31.58 -13.73 28.55
N VAL C 428 -32.67 -13.24 29.16
CA VAL C 428 -32.63 -12.13 30.07
C VAL C 428 -32.54 -12.68 31.47
N TYR C 429 -32.20 -11.83 32.43
CA TYR C 429 -32.14 -12.30 33.80
C TYR C 429 -33.55 -12.50 34.34
N GLY C 430 -33.75 -13.62 35.05
CA GLY C 430 -35.02 -13.94 35.68
C GLY C 430 -35.78 -15.02 34.95
N GLN C 431 -35.38 -15.38 33.74
CA GLN C 431 -36.12 -16.38 32.98
C GLN C 431 -35.80 -17.78 33.51
N GLN C 432 -36.85 -18.57 33.73
CA GLN C 432 -36.73 -19.91 34.27
C GLN C 432 -36.90 -20.93 33.17
N TRP C 433 -36.04 -21.95 33.17
CA TRP C 433 -35.97 -22.95 32.12
C TRP C 433 -36.36 -24.32 32.66
N LEU C 434 -36.99 -25.13 31.81
CA LEU C 434 -37.30 -26.50 32.15
C LEU C 434 -36.01 -27.33 32.09
N VAL C 435 -36.13 -28.61 32.48
CA VAL C 435 -34.93 -29.43 32.66
C VAL C 435 -34.37 -29.87 31.32
N GLY C 436 -35.23 -30.31 30.39
CA GLY C 436 -34.79 -30.83 29.11
C GLY C 436 -35.11 -29.93 27.94
N SER C 437 -35.47 -28.68 28.16
CA SER C 437 -35.83 -27.78 27.07
C SER C 437 -34.60 -27.27 26.33
N LEU C 438 -33.59 -26.84 27.08
CA LEU C 438 -32.39 -26.32 26.44
C LEU C 438 -31.64 -27.41 25.69
N GLU C 439 -31.78 -28.66 26.13
CA GLU C 439 -31.19 -29.76 25.36
C GLU C 439 -31.93 -29.98 24.05
N GLN C 440 -33.26 -29.94 24.09
CA GLN C 440 -34.02 -30.07 22.85
C GLN C 440 -33.76 -28.90 21.92
N ALA C 441 -33.40 -27.74 22.47
CA ALA C 441 -33.01 -26.62 21.63
C ALA C 441 -31.66 -26.86 20.95
N MET C 442 -30.75 -27.52 21.65
CA MET C 442 -29.45 -27.83 21.07
C MET C 442 -29.59 -28.86 19.96
N LEU C 443 -30.42 -29.88 20.18
CA LEU C 443 -30.62 -30.89 19.17
C LEU C 443 -31.24 -30.31 17.91
N ASP C 444 -32.08 -29.30 18.07
CA ASP C 444 -32.69 -28.66 16.91
C ASP C 444 -31.70 -27.75 16.22
N ALA C 445 -30.86 -27.07 16.98
CA ALA C 445 -29.92 -26.12 16.41
C ALA C 445 -28.76 -26.80 15.70
N LEU C 446 -28.37 -27.99 16.14
CA LEU C 446 -27.31 -28.71 15.45
C LEU C 446 -27.79 -29.25 14.12
N VAL C 447 -29.02 -29.74 14.06
CA VAL C 447 -29.56 -30.28 12.83
C VAL C 447 -29.80 -29.17 11.82
N MET C 448 -30.37 -28.07 12.26
CA MET C 448 -30.73 -26.96 11.39
C MET C 448 -29.53 -26.12 10.97
N ASP C 449 -28.31 -26.51 11.34
CA ASP C 449 -27.10 -25.82 10.91
C ASP C 449 -27.09 -24.38 11.42
N ARG C 450 -27.49 -24.21 12.68
CA ARG C 450 -27.59 -22.91 13.33
C ARG C 450 -26.40 -22.79 14.28
N VAL C 451 -25.30 -22.27 13.77
CA VAL C 451 -24.05 -22.31 14.50
C VAL C 451 -24.07 -21.31 15.66
N SER C 452 -24.58 -20.10 15.41
CA SER C 452 -24.53 -19.06 16.41
C SER C 452 -25.50 -19.28 17.57
N PHE C 453 -26.43 -20.22 17.44
CA PHE C 453 -27.26 -20.62 18.56
C PHE C 453 -26.60 -21.72 19.37
N VAL C 454 -25.79 -22.56 18.74
CA VAL C 454 -24.98 -23.51 19.49
C VAL C 454 -24.00 -22.75 20.37
N LYS C 455 -23.44 -21.66 19.84
CA LYS C 455 -22.58 -20.81 20.64
C LYS C 455 -23.34 -20.18 21.80
N LEU C 456 -24.61 -19.84 21.59
CA LEU C 456 -25.39 -19.16 22.62
C LEU C 456 -25.86 -20.12 23.70
N LEU C 457 -26.20 -21.35 23.33
CA LEU C 457 -26.72 -22.30 24.30
C LEU C 457 -25.62 -22.90 25.15
N ILE C 458 -24.39 -22.99 24.62
CA ILE C 458 -23.27 -23.44 25.42
C ILE C 458 -22.91 -22.40 26.47
N GLU C 459 -22.94 -21.12 26.09
CA GLU C 459 -22.63 -20.06 27.05
C GLU C 459 -23.68 -19.92 28.12
N ASN C 460 -24.92 -20.32 27.84
CA ASN C 460 -26.03 -20.13 28.77
C ASN C 460 -26.37 -21.41 29.54
N GLY C 461 -25.50 -22.41 29.51
CA GLY C 461 -25.57 -23.51 30.46
C GLY C 461 -25.56 -24.90 29.89
N VAL C 462 -25.84 -25.06 28.61
CA VAL C 462 -25.89 -26.40 28.02
C VAL C 462 -24.49 -26.98 28.00
N SER C 463 -24.33 -28.15 28.61
CA SER C 463 -23.10 -28.91 28.56
C SER C 463 -23.23 -30.00 27.51
N MET C 464 -22.24 -30.08 26.62
CA MET C 464 -22.24 -31.10 25.60
C MET C 464 -21.90 -32.48 26.14
N HIS C 465 -21.26 -32.54 27.31
CA HIS C 465 -20.93 -33.82 27.92
C HIS C 465 -22.19 -34.56 28.36
N LYS C 466 -23.09 -33.85 29.05
CA LYS C 466 -24.35 -34.44 29.48
C LYS C 466 -25.35 -34.53 28.34
N PHE C 467 -25.17 -33.75 27.29
CA PHE C 467 -26.15 -33.69 26.22
C PHE C 467 -25.99 -34.84 25.22
N LEU C 468 -24.79 -34.99 24.69
CA LEU C 468 -24.58 -35.79 23.49
C LEU C 468 -24.55 -37.26 23.87
N THR C 469 -25.71 -37.91 23.75
CA THR C 469 -25.85 -39.32 24.04
C THR C 469 -25.67 -40.12 22.76
N ILE C 470 -25.80 -41.44 22.87
CA ILE C 470 -25.63 -42.31 21.70
C ILE C 470 -26.88 -42.18 20.83
N PRO C 471 -28.10 -42.34 21.36
CA PRO C 471 -29.27 -42.21 20.48
C PRO C 471 -29.46 -40.83 19.89
N ARG C 472 -29.04 -39.79 20.60
CA ARG C 472 -29.14 -38.46 20.02
C ARG C 472 -28.16 -38.30 18.87
N LEU C 473 -26.93 -38.79 19.03
CA LEU C 473 -25.94 -38.73 17.97
C LEU C 473 -26.24 -39.72 16.84
N GLU C 474 -27.04 -40.76 17.11
CA GLU C 474 -27.63 -41.52 16.01
C GLU C 474 -28.50 -40.64 15.14
N GLU C 475 -29.21 -39.69 15.75
CA GLU C 475 -30.14 -38.85 15.01
C GLU C 475 -29.41 -37.86 14.14
N LEU C 476 -28.34 -37.26 14.67
CA LEU C 476 -27.64 -36.20 13.95
C LEU C 476 -27.15 -36.66 12.59
N TYR C 477 -26.80 -37.94 12.43
CA TYR C 477 -26.49 -38.47 11.11
C TYR C 477 -27.75 -38.71 10.30
N ASN C 478 -28.83 -39.14 10.95
CA ASN C 478 -30.06 -39.55 10.27
C ASN C 478 -31.07 -38.41 10.28
N THR C 479 -30.73 -37.34 9.59
CA THR C 479 -31.65 -36.25 9.32
C THR C 479 -31.55 -35.86 7.85
N LYS C 480 -32.70 -35.66 7.23
CA LYS C 480 -32.80 -34.94 5.98
C LYS C 480 -33.34 -33.53 6.19
N GLN C 481 -33.59 -33.14 7.42
CA GLN C 481 -34.13 -31.83 7.76
C GLN C 481 -33.00 -30.82 8.01
N GLY C 482 -32.13 -30.72 7.01
CA GLY C 482 -31.03 -29.79 7.07
C GLY C 482 -30.15 -29.91 5.84
N PRO C 483 -29.08 -29.13 5.78
CA PRO C 483 -28.13 -29.30 4.68
C PRO C 483 -27.35 -30.59 4.82
N THR C 484 -27.69 -31.59 4.02
CA THR C 484 -27.11 -32.92 4.12
C THR C 484 -26.00 -33.09 3.11
N ASN C 485 -25.20 -34.13 3.33
CA ASN C 485 -24.18 -34.54 2.40
C ASN C 485 -24.72 -35.66 1.54
N PRO C 486 -24.80 -35.52 0.21
CA PRO C 486 -25.23 -36.66 -0.62
C PRO C 486 -24.16 -37.72 -0.79
N MET C 487 -22.98 -37.52 -0.21
CA MET C 487 -21.85 -38.41 -0.38
C MET C 487 -21.73 -39.43 0.74
N LEU C 488 -22.33 -39.17 1.90
CA LEU C 488 -22.18 -40.07 3.03
C LEU C 488 -22.84 -41.40 2.77
N PHE C 489 -23.96 -41.41 2.04
CA PHE C 489 -24.64 -42.67 1.75
C PHE C 489 -23.85 -43.51 0.76
N HIS C 490 -23.05 -42.87 -0.10
CA HIS C 490 -22.18 -43.63 -0.99
C HIS C 490 -21.01 -44.24 -0.23
N LEU C 491 -20.57 -43.60 0.83
CA LEU C 491 -19.47 -44.13 1.63
C LEU C 491 -19.92 -45.29 2.50
N ILE C 492 -21.19 -45.32 2.89
CA ILE C 492 -21.69 -46.36 3.76
C ILE C 492 -21.93 -47.65 2.98
N ARG C 493 -22.41 -47.54 1.75
CA ARG C 493 -22.61 -48.73 0.92
C ARG C 493 -21.29 -49.31 0.43
N ASP C 494 -20.21 -48.52 0.43
CA ASP C 494 -18.91 -49.04 0.05
C ASP C 494 -18.26 -49.87 1.14
N VAL C 495 -18.71 -49.74 2.38
CA VAL C 495 -18.16 -50.48 3.51
C VAL C 495 -19.11 -51.54 4.04
N LYS C 496 -20.31 -51.66 3.47
CA LYS C 496 -21.25 -52.74 3.81
C LYS C 496 -21.51 -53.66 2.62
N GLN C 497 -20.61 -53.66 1.64
CA GLN C 497 -20.59 -54.62 0.54
C GLN C 497 -21.78 -54.48 -0.40
N GLY C 498 -22.60 -53.43 -0.27
CA GLY C 498 -23.63 -53.11 -1.24
C GLY C 498 -25.05 -53.24 -0.76
N ASN C 499 -25.31 -53.86 0.38
CA ASN C 499 -26.68 -54.03 0.85
C ASN C 499 -27.26 -52.68 1.26
N LEU C 500 -28.47 -52.37 0.78
CA LEU C 500 -29.11 -51.07 1.03
C LEU C 500 -30.61 -51.27 1.16
N PRO C 501 -31.14 -51.42 2.37
CA PRO C 501 -32.60 -51.41 2.53
C PRO C 501 -33.14 -50.00 2.38
N PRO C 502 -34.43 -49.85 2.02
CA PRO C 502 -34.92 -48.52 1.66
C PRO C 502 -35.01 -47.55 2.82
N GLY C 503 -35.33 -48.03 4.03
CA GLY C 503 -35.39 -47.13 5.17
C GLY C 503 -34.02 -46.78 5.71
N TYR C 504 -33.34 -47.79 6.25
CA TYR C 504 -31.92 -47.74 6.62
C TYR C 504 -31.57 -46.54 7.51
N LYS C 505 -32.02 -46.60 8.76
CA LYS C 505 -31.42 -45.76 9.78
C LYS C 505 -29.94 -46.11 9.92
N ILE C 506 -29.08 -45.11 9.83
CA ILE C 506 -27.64 -45.32 9.93
C ILE C 506 -27.29 -45.63 11.39
N THR C 507 -26.38 -46.58 11.58
CA THR C 507 -25.82 -46.91 12.87
C THR C 507 -24.41 -46.38 12.98
N LEU C 508 -23.93 -46.27 14.21
CA LEU C 508 -22.57 -45.80 14.43
C LEU C 508 -21.53 -46.86 14.16
N ILE C 509 -21.92 -48.14 14.14
CA ILE C 509 -21.01 -49.17 13.66
C ILE C 509 -20.70 -48.94 12.20
N ASP C 510 -21.62 -48.34 11.45
CA ASP C 510 -21.42 -48.09 10.03
C ASP C 510 -20.59 -46.83 9.79
N ILE C 511 -20.76 -45.82 10.65
CA ILE C 511 -19.96 -44.61 10.53
C ILE C 511 -18.50 -44.91 10.80
N GLY C 512 -18.22 -45.73 11.80
CA GLY C 512 -16.85 -46.09 12.12
C GLY C 512 -16.15 -46.78 10.98
N LEU C 513 -16.88 -47.58 10.22
CA LEU C 513 -16.29 -48.23 9.06
C LEU C 513 -16.00 -47.22 7.96
N VAL C 514 -16.73 -46.11 7.94
CA VAL C 514 -16.43 -45.03 6.99
C VAL C 514 -15.16 -44.31 7.41
N ILE C 515 -15.03 -44.03 8.70
CA ILE C 515 -13.86 -43.29 9.19
C ILE C 515 -12.60 -44.11 8.98
N GLU C 516 -12.67 -45.41 9.29
CA GLU C 516 -11.52 -46.28 9.06
C GLU C 516 -11.19 -46.41 7.58
N TYR C 517 -12.18 -46.23 6.71
CA TYR C 517 -11.91 -46.26 5.28
C TYR C 517 -11.26 -44.96 4.82
N LEU C 518 -11.67 -43.84 5.41
CA LEU C 518 -11.15 -42.55 5.00
C LEU C 518 -9.76 -42.30 5.58
N MET C 519 -9.56 -42.64 6.85
CA MET C 519 -8.27 -42.41 7.47
C MET C 519 -7.21 -43.35 6.93
N GLY C 520 -7.60 -44.53 6.48
CA GLY C 520 -6.69 -45.43 5.81
C GLY C 520 -5.67 -46.05 6.74
N GLY C 521 -4.96 -47.05 6.23
CA GLY C 521 -3.91 -47.67 7.01
C GLY C 521 -4.49 -48.54 8.11
N THR C 522 -3.89 -48.45 9.30
CA THR C 522 -4.29 -49.22 10.46
C THR C 522 -5.12 -48.41 11.43
N TYR C 523 -5.88 -47.45 10.93
CA TYR C 523 -6.73 -46.66 11.80
C TYR C 523 -7.89 -47.51 12.29
N ARG C 524 -8.18 -47.41 13.59
CA ARG C 524 -9.27 -48.13 14.21
C ARG C 524 -10.10 -47.13 15.01
N CYS C 525 -11.31 -46.85 14.55
CA CYS C 525 -12.17 -45.91 15.25
C CYS C 525 -12.71 -46.52 16.53
N THR C 526 -13.24 -45.65 17.38
CA THR C 526 -13.81 -46.07 18.66
C THR C 526 -15.20 -46.66 18.52
N TYR C 527 -15.73 -46.75 17.30
CA TYR C 527 -17.05 -47.31 17.06
C TYR C 527 -17.01 -48.79 16.72
N THR C 528 -15.90 -49.27 16.17
CA THR C 528 -15.78 -50.64 15.70
C THR C 528 -14.90 -51.50 16.59
N ARG C 529 -14.80 -51.14 17.87
CA ARG C 529 -14.02 -51.89 18.84
C ARG C 529 -14.96 -52.65 19.77
N LYS C 530 -14.36 -53.54 20.56
CA LYS C 530 -15.15 -54.49 21.33
C LYS C 530 -15.97 -53.78 22.41
N ARG C 531 -15.41 -52.75 23.02
CA ARG C 531 -16.09 -52.09 24.14
C ARG C 531 -17.34 -51.36 23.68
N PHE C 532 -17.34 -50.83 22.47
CA PHE C 532 -18.47 -50.05 21.99
C PHE C 532 -19.61 -50.94 21.49
N ARG C 533 -19.26 -52.07 20.86
CA ARG C 533 -20.27 -52.94 20.28
C ARG C 533 -21.16 -53.57 21.33
N LEU C 534 -20.60 -53.86 22.51
CA LEU C 534 -21.40 -54.52 23.56
C LEU C 534 -22.34 -53.53 24.24
N ILE C 535 -21.87 -52.30 24.50
CA ILE C 535 -22.74 -51.29 25.09
C ILE C 535 -23.71 -50.73 24.05
N TYR C 536 -23.41 -50.89 22.76
CA TYR C 536 -24.36 -50.56 21.71
C TYR C 536 -25.49 -51.59 21.63
N ASN C 537 -25.20 -52.84 21.99
CA ASN C 537 -26.22 -53.87 22.05
C ASN C 537 -27.15 -53.68 23.25
N SER C 538 -26.62 -53.12 24.34
CA SER C 538 -27.41 -53.02 25.58
C SER C 538 -28.52 -51.98 25.44
N LEU C 539 -28.23 -50.87 24.77
CA LEU C 539 -29.21 -49.79 24.64
C LEU C 539 -30.18 -50.07 23.51
N GLU C 613 -22.83 -41.32 32.88
CA GLU C 613 -23.28 -42.65 32.49
C GLU C 613 -22.44 -43.18 31.33
N THR C 614 -22.47 -44.50 31.11
CA THR C 614 -21.72 -45.10 30.01
C THR C 614 -22.41 -44.94 28.67
N LYS C 615 -23.66 -44.49 28.64
CA LYS C 615 -24.36 -44.21 27.40
C LYS C 615 -24.01 -42.83 26.84
N ARG C 616 -23.22 -42.04 27.55
CA ARG C 616 -22.68 -40.79 27.05
C ARG C 616 -21.28 -41.06 26.48
N PHE C 617 -20.61 -39.99 26.02
CA PHE C 617 -19.27 -40.07 25.47
C PHE C 617 -18.28 -39.32 26.36
N PRO C 618 -17.02 -39.78 26.45
CA PRO C 618 -16.07 -39.04 27.27
C PRO C 618 -15.61 -37.74 26.63
N TYR C 619 -15.47 -37.71 25.31
CA TYR C 619 -15.03 -36.53 24.56
C TYR C 619 -16.07 -36.25 23.49
N PRO C 620 -17.10 -35.47 23.80
CA PRO C 620 -18.19 -35.30 22.82
C PRO C 620 -17.81 -34.49 21.61
N LEU C 621 -16.93 -33.50 21.79
CA LEU C 621 -16.59 -32.62 20.69
C LEU C 621 -15.63 -33.26 19.71
N ASN C 622 -15.04 -34.42 20.04
CA ASN C 622 -14.38 -35.23 19.03
C ASN C 622 -15.39 -35.96 18.17
N GLU C 623 -16.57 -36.25 18.72
CA GLU C 623 -17.58 -37.03 18.02
C GLU C 623 -18.37 -36.17 17.05
N LEU C 624 -18.59 -34.91 17.41
CA LEU C 624 -19.33 -34.00 16.56
C LEU C 624 -18.45 -33.38 15.48
N LEU C 625 -17.15 -33.24 15.74
CA LEU C 625 -16.25 -32.71 14.75
C LEU C 625 -16.12 -33.63 13.55
N ILE C 626 -16.15 -34.94 13.80
CA ILE C 626 -16.20 -35.89 12.69
C ILE C 626 -17.54 -35.78 11.99
N TRP C 627 -18.61 -35.62 12.78
CA TRP C 627 -19.95 -35.52 12.22
C TRP C 627 -20.06 -34.32 11.28
N ALA C 628 -19.55 -33.18 11.71
CA ALA C 628 -19.66 -31.98 10.91
C ALA C 628 -18.85 -32.08 9.64
N CYS C 629 -17.76 -32.85 9.67
CA CYS C 629 -16.94 -33.01 8.48
C CYS C 629 -17.58 -34.00 7.52
N LEU C 630 -18.13 -35.10 8.04
CA LEU C 630 -18.75 -36.08 7.16
C LEU C 630 -20.05 -35.56 6.55
N MET C 631 -20.75 -34.69 7.25
CA MET C 631 -21.94 -34.02 6.72
C MET C 631 -21.60 -32.76 5.94
N LYS C 632 -20.33 -32.44 5.76
CA LYS C 632 -19.89 -31.33 4.93
C LYS C 632 -20.47 -30.00 5.44
N ARG C 633 -20.43 -29.84 6.75
CA ARG C 633 -20.88 -28.61 7.41
C ARG C 633 -19.64 -27.91 7.96
N GLN C 634 -19.02 -27.10 7.11
CA GLN C 634 -17.73 -26.51 7.42
C GLN C 634 -17.82 -25.45 8.50
N VAL C 635 -18.84 -24.60 8.46
CA VAL C 635 -18.96 -23.54 9.45
C VAL C 635 -19.24 -24.14 10.82
N MET C 636 -19.94 -25.27 10.86
CA MET C 636 -20.12 -25.98 12.12
C MET C 636 -18.83 -26.64 12.55
N ALA C 637 -18.02 -27.10 11.60
CA ALA C 637 -16.79 -27.78 11.94
C ALA C 637 -15.73 -26.82 12.44
N ARG C 638 -15.63 -25.63 11.87
CA ARG C 638 -14.69 -24.65 12.38
C ARG C 638 -15.07 -24.21 13.79
N PHE C 639 -16.35 -24.22 14.12
CA PHE C 639 -16.76 -23.82 15.46
C PHE C 639 -16.49 -24.90 16.48
N LEU C 640 -16.81 -26.14 16.14
CA LEU C 640 -16.60 -27.26 17.04
C LEU C 640 -15.13 -27.62 17.18
N TRP C 641 -14.27 -27.12 16.29
CA TRP C 641 -12.84 -27.35 16.41
C TRP C 641 -12.24 -26.53 17.54
N GLN C 642 -12.69 -25.27 17.69
CA GLN C 642 -12.11 -24.39 18.68
C GLN C 642 -12.42 -24.83 20.10
N HIS C 643 -13.48 -25.59 20.30
CA HIS C 643 -13.89 -26.05 21.61
C HIS C 643 -13.42 -27.47 21.80
N GLY C 644 -12.76 -27.71 22.93
CA GLY C 644 -12.22 -29.01 23.28
C GLY C 644 -10.71 -29.00 23.25
N GLU C 645 -10.16 -30.17 23.56
CA GLU C 645 -8.73 -30.37 23.65
C GLU C 645 -8.21 -31.02 22.37
N GLU C 646 -6.89 -31.02 22.23
CA GLU C 646 -6.20 -31.62 21.08
C GLU C 646 -6.57 -30.91 19.79
N SER C 647 -6.28 -29.61 19.76
CA SER C 647 -6.71 -28.79 18.63
C SER C 647 -5.89 -29.09 17.38
N MET C 648 -4.58 -29.24 17.52
CA MET C 648 -3.73 -29.45 16.36
C MET C 648 -3.93 -30.85 15.79
N ALA C 649 -4.32 -31.80 16.62
CA ALA C 649 -4.60 -33.14 16.14
C ALA C 649 -5.92 -33.21 15.39
N LYS C 650 -6.97 -32.58 15.92
CA LYS C 650 -8.26 -32.61 15.26
C LYS C 650 -8.22 -31.94 13.90
N ALA C 651 -7.35 -30.94 13.75
CA ALA C 651 -7.22 -30.26 12.47
C ALA C 651 -6.57 -31.16 11.43
N LEU C 652 -5.66 -32.03 11.85
CA LEU C 652 -4.99 -32.91 10.92
C LEU C 652 -5.86 -34.12 10.58
N VAL C 653 -6.71 -34.54 11.50
CA VAL C 653 -7.72 -35.56 11.20
C VAL C 653 -8.70 -35.03 10.18
N ALA C 654 -9.22 -33.83 10.42
CA ALA C 654 -10.16 -33.23 9.48
C ALA C 654 -9.53 -32.98 8.12
N CYS C 655 -8.26 -32.62 8.09
CA CYS C 655 -7.57 -32.50 6.82
C CYS C 655 -7.55 -33.82 6.07
N LYS C 656 -7.45 -34.92 6.81
CA LYS C 656 -7.42 -36.23 6.19
C LYS C 656 -8.80 -36.68 5.79
N ILE C 657 -9.81 -36.37 6.60
CA ILE C 657 -11.16 -36.84 6.31
C ILE C 657 -11.69 -36.17 5.04
N TYR C 658 -11.55 -34.86 4.93
CA TYR C 658 -12.00 -34.18 3.72
C TYR C 658 -11.17 -34.59 2.51
N ARG C 659 -9.87 -34.84 2.70
CA ARG C 659 -9.03 -35.23 1.57
C ARG C 659 -9.47 -36.57 1.00
N SER C 660 -9.82 -37.50 1.87
CA SER C 660 -10.27 -38.80 1.41
C SER C 660 -11.63 -38.71 0.74
N MET C 661 -12.51 -37.85 1.25
CA MET C 661 -13.79 -37.65 0.59
C MET C 661 -13.64 -36.91 -0.73
N ALA C 662 -12.59 -36.10 -0.88
CA ALA C 662 -12.35 -35.45 -2.15
C ALA C 662 -11.83 -36.43 -3.18
N TYR C 663 -11.10 -37.45 -2.74
CA TYR C 663 -10.64 -38.50 -3.63
C TYR C 663 -11.76 -39.44 -4.01
N GLU C 664 -12.71 -39.67 -3.10
CA GLU C 664 -13.87 -40.50 -3.42
C GLU C 664 -14.84 -39.76 -4.33
N ALA C 665 -14.85 -38.43 -4.29
CA ALA C 665 -15.78 -37.67 -5.11
C ALA C 665 -15.44 -37.78 -6.58
N LYS C 666 -14.15 -37.74 -6.91
CA LYS C 666 -13.73 -37.86 -8.30
C LYS C 666 -14.02 -39.25 -8.83
N GLN C 667 -13.79 -40.28 -8.01
CA GLN C 667 -14.06 -41.66 -8.38
C GLN C 667 -15.49 -42.05 -8.04
N SER C 668 -16.45 -41.26 -8.49
CA SER C 668 -17.86 -41.56 -8.26
C SER C 668 -18.69 -40.82 -9.29
N ASP C 669 -19.73 -41.49 -9.78
CA ASP C 669 -20.55 -40.97 -10.87
C ASP C 669 -21.69 -40.17 -10.26
N LEU C 670 -21.44 -38.87 -10.04
CA LEU C 670 -22.43 -37.93 -9.56
C LEU C 670 -22.48 -36.73 -10.49
N VAL C 671 -23.68 -36.13 -10.60
CA VAL C 671 -23.84 -34.91 -11.38
C VAL C 671 -23.24 -33.71 -10.66
N ASP C 672 -23.09 -33.79 -9.34
CA ASP C 672 -22.43 -32.76 -8.53
C ASP C 672 -21.11 -33.33 -8.04
N ASP C 673 -20.00 -32.76 -8.52
CA ASP C 673 -18.69 -33.24 -8.11
C ASP C 673 -18.41 -32.89 -6.66
N THR C 674 -18.39 -31.59 -6.35
CA THR C 674 -18.13 -31.10 -4.99
C THR C 674 -16.79 -31.58 -4.45
N SER C 675 -15.85 -31.87 -5.34
CA SER C 675 -14.50 -32.27 -4.92
C SER C 675 -13.60 -31.07 -4.68
N GLU C 676 -13.79 -29.99 -5.44
CA GLU C 676 -13.04 -28.78 -5.21
C GLU C 676 -13.49 -28.07 -3.94
N GLU C 677 -14.72 -28.32 -3.50
CA GLU C 677 -15.18 -27.76 -2.23
C GLU C 677 -14.56 -28.50 -1.06
N LEU C 678 -14.45 -29.82 -1.17
CA LEU C 678 -13.85 -30.62 -0.12
C LEU C 678 -12.35 -30.40 -0.06
N LYS C 679 -11.69 -30.25 -1.22
CA LYS C 679 -10.26 -30.02 -1.25
C LYS C 679 -9.91 -28.67 -0.66
N GLN C 680 -10.78 -27.68 -0.82
CA GLN C 680 -10.58 -26.40 -0.15
C GLN C 680 -10.79 -26.53 1.35
N TYR C 681 -11.73 -27.36 1.75
CA TYR C 681 -11.97 -27.57 3.18
C TYR C 681 -10.83 -28.34 3.82
N SER C 682 -10.18 -29.22 3.06
CA SER C 682 -9.03 -29.94 3.57
C SER C 682 -7.85 -29.02 3.78
N ASN C 683 -7.67 -28.06 2.90
CA ASN C 683 -6.56 -27.12 3.00
C ASN C 683 -6.81 -26.03 4.03
N ASP C 684 -8.05 -25.87 4.49
CA ASP C 684 -8.32 -24.89 5.54
C ASP C 684 -7.90 -25.42 6.90
N PHE C 685 -8.23 -26.67 7.21
CA PHE C 685 -7.78 -27.26 8.46
C PHE C 685 -6.30 -27.56 8.42
N GLY C 686 -5.76 -27.87 7.24
CA GLY C 686 -4.34 -28.05 7.13
C GLY C 686 -3.58 -26.78 7.45
N GLN C 687 -4.10 -25.64 7.03
CA GLN C 687 -3.46 -24.37 7.32
C GLN C 687 -3.57 -24.03 8.80
N LEU C 688 -4.63 -24.50 9.46
CA LEU C 688 -4.76 -24.27 10.89
C LEU C 688 -3.74 -25.09 11.66
N ALA C 689 -3.42 -26.28 11.19
CA ALA C 689 -2.45 -27.12 11.85
C ALA C 689 -1.06 -26.52 11.76
N VAL C 690 -0.72 -25.95 10.61
CA VAL C 690 0.57 -25.34 10.41
C VAL C 690 0.72 -24.11 11.29
N GLU C 691 -0.35 -23.33 11.40
CA GLU C 691 -0.29 -22.09 12.16
C GLU C 691 -0.27 -22.33 13.65
N LEU C 692 -0.75 -23.50 14.11
CA LEU C 692 -0.59 -23.87 15.51
C LEU C 692 0.79 -24.43 15.79
N LEU C 693 1.40 -25.11 14.82
CA LEU C 693 2.76 -25.56 14.98
C LEU C 693 3.74 -24.39 14.99
N GLU C 694 3.47 -23.38 14.17
CA GLU C 694 4.29 -22.18 14.17
C GLU C 694 4.15 -21.44 15.49
N GLN C 695 2.96 -21.45 16.07
CA GLN C 695 2.76 -20.78 17.35
C GLN C 695 3.42 -21.56 18.48
N SER C 696 3.39 -22.88 18.41
CA SER C 696 4.01 -23.72 19.43
C SER C 696 5.53 -23.69 19.33
N PHE C 697 6.05 -23.53 18.11
CA PHE C 697 7.49 -23.53 17.91
C PHE C 697 8.14 -22.24 18.39
N ARG C 698 7.42 -21.13 18.34
CA ARG C 698 7.93 -19.87 18.83
C ARG C 698 7.97 -19.80 20.34
N GLN C 699 7.06 -20.52 21.01
CA GLN C 699 6.99 -20.49 22.47
C GLN C 699 8.08 -21.34 23.10
N ASP C 700 8.21 -22.58 22.65
CA ASP C 700 9.27 -23.47 23.10
C ASP C 700 9.56 -24.48 22.00
N GLU C 701 10.81 -24.51 21.54
CA GLU C 701 11.16 -25.39 20.44
C GLU C 701 11.08 -26.85 20.84
N THR C 702 11.49 -27.17 22.06
CA THR C 702 11.58 -28.56 22.49
C THR C 702 10.20 -29.14 22.75
N MET C 703 9.31 -28.36 23.35
CA MET C 703 7.99 -28.86 23.67
C MET C 703 7.12 -28.99 22.44
N ALA C 704 7.40 -28.19 21.41
CA ALA C 704 6.69 -28.32 20.15
C ALA C 704 7.07 -29.59 19.43
N MET C 705 8.33 -30.00 19.54
CA MET C 705 8.73 -31.28 18.95
C MET C 705 8.11 -32.46 19.68
N LYS C 706 7.78 -32.30 20.96
CA LYS C 706 7.03 -33.33 21.65
C LYS C 706 5.59 -33.40 21.17
N LEU C 707 5.03 -32.28 20.72
CA LEU C 707 3.66 -32.28 20.25
C LEU C 707 3.52 -33.07 18.97
N LEU C 708 4.61 -33.21 18.22
CA LEU C 708 4.58 -33.91 16.94
C LEU C 708 4.51 -35.41 17.09
N THR C 709 4.89 -35.96 18.25
CA THR C 709 5.14 -37.39 18.37
C THR C 709 4.53 -38.07 19.60
N TYR C 710 3.70 -37.41 20.39
CA TYR C 710 3.02 -38.09 21.47
C TYR C 710 1.78 -38.80 20.95
N GLU C 711 1.50 -39.98 21.48
CA GLU C 711 0.29 -40.69 21.12
C GLU C 711 -0.93 -39.96 21.64
N LEU C 712 -2.01 -40.05 20.87
CA LEU C 712 -3.16 -39.19 21.05
C LEU C 712 -4.27 -39.82 21.89
N LYS C 713 -4.40 -41.15 21.88
CA LYS C 713 -5.27 -41.93 22.77
C LYS C 713 -6.76 -41.78 22.49
N ASN C 714 -7.11 -40.92 21.55
CA ASN C 714 -8.48 -40.73 21.10
C ASN C 714 -8.59 -40.84 19.59
N TRP C 715 -7.48 -41.02 18.88
CA TRP C 715 -7.40 -41.03 17.44
C TRP C 715 -6.60 -42.23 16.98
N SER C 716 -6.88 -43.38 17.59
CA SER C 716 -6.28 -44.66 17.22
C SER C 716 -4.79 -44.69 17.49
N ASN C 717 -4.38 -44.06 18.59
CA ASN C 717 -3.00 -44.10 19.06
C ASN C 717 -2.05 -43.58 18.00
N SER C 718 -2.53 -42.65 17.19
CA SER C 718 -1.78 -42.13 16.07
C SER C 718 -0.97 -40.92 16.54
N THR C 719 -0.48 -40.15 15.59
CA THR C 719 0.59 -39.19 15.83
C THR C 719 0.42 -38.05 14.84
N CYS C 720 0.66 -36.84 15.32
CA CYS C 720 0.42 -35.66 14.49
C CYS C 720 1.30 -35.66 13.24
N LEU C 721 2.52 -36.20 13.31
CA LEU C 721 3.27 -36.43 12.09
C LEU C 721 2.60 -37.47 11.21
N LYS C 722 2.23 -38.60 11.81
CA LYS C 722 1.67 -39.69 11.04
C LYS C 722 0.34 -39.30 10.39
N LEU C 723 -0.37 -38.36 10.99
CA LEU C 723 -1.62 -37.89 10.40
C LEU C 723 -1.37 -36.91 9.26
N ALA C 724 -0.34 -36.08 9.40
CA ALA C 724 -0.02 -35.11 8.37
C ALA C 724 0.68 -35.75 7.18
N VAL C 725 1.55 -36.73 7.44
CA VAL C 725 2.16 -37.48 6.36
C VAL C 725 1.12 -38.29 5.63
N SER C 726 0.09 -38.74 6.34
CA SER C 726 -1.01 -39.47 5.72
C SER C 726 -1.83 -38.56 4.82
N SER C 727 -1.96 -37.30 5.18
CA SER C 727 -2.64 -36.31 4.38
C SER C 727 -1.77 -35.73 3.27
N ARG C 728 -0.48 -36.05 3.26
CA ARG C 728 0.47 -35.43 2.35
C ARG C 728 0.44 -33.92 2.48
N LEU C 729 0.30 -33.45 3.71
CA LEU C 729 0.21 -32.03 4.01
C LEU C 729 1.63 -31.51 4.13
N ARG C 730 2.16 -31.08 3.00
CA ARG C 730 3.59 -30.75 2.89
C ARG C 730 4.05 -29.61 3.78
N PRO C 731 3.29 -28.53 3.99
CA PRO C 731 3.81 -27.42 4.80
C PRO C 731 4.03 -27.74 6.27
N PHE C 732 3.48 -28.83 6.78
CA PHE C 732 3.66 -29.25 8.16
C PHE C 732 4.96 -30.03 8.31
N VAL C 733 5.21 -30.96 7.38
CA VAL C 733 6.41 -31.77 7.40
C VAL C 733 7.62 -30.96 6.98
N ALA C 734 7.43 -29.98 6.11
CA ALA C 734 8.50 -29.08 5.72
C ALA C 734 8.68 -27.92 6.67
N HIS C 735 7.91 -27.86 7.75
CA HIS C 735 8.05 -26.78 8.70
C HIS C 735 9.28 -27.00 9.54
N THR C 736 9.88 -25.91 10.00
CA THR C 736 11.18 -26.00 10.65
C THR C 736 11.14 -26.76 11.95
N CYS C 737 9.97 -26.97 12.53
CA CYS C 737 9.90 -27.76 13.76
C CYS C 737 10.08 -29.24 13.48
N THR C 738 9.42 -29.76 12.45
CA THR C 738 9.58 -31.17 12.13
C THR C 738 10.96 -31.46 11.58
N GLN C 739 11.56 -30.49 10.90
CA GLN C 739 12.88 -30.68 10.33
C GLN C 739 13.94 -30.72 11.42
N MET C 740 13.73 -30.00 12.51
CA MET C 740 14.62 -30.14 13.66
C MET C 740 14.44 -31.49 14.34
N LEU C 741 13.22 -32.00 14.36
CA LEU C 741 12.99 -33.32 14.93
C LEU C 741 13.59 -34.40 14.06
N LEU C 742 13.44 -34.27 12.75
CA LEU C 742 14.02 -35.24 11.84
C LEU C 742 15.53 -35.18 11.89
N SER C 743 16.10 -34.00 12.08
CA SER C 743 17.55 -33.85 12.18
C SER C 743 18.06 -34.46 13.47
N ASP C 744 17.26 -34.48 14.52
CA ASP C 744 17.67 -35.05 15.80
C ASP C 744 17.46 -36.54 15.88
N MET C 745 16.47 -37.08 15.18
CA MET C 745 16.37 -38.53 15.05
C MET C 745 17.46 -39.10 14.17
N TRP C 746 18.01 -38.29 13.26
CA TRP C 746 19.11 -38.70 12.42
C TRP C 746 20.37 -38.90 13.24
N MET C 747 20.60 -38.02 14.22
CA MET C 747 21.76 -38.12 15.07
C MET C 747 21.72 -39.36 15.94
N GLY C 748 20.53 -39.79 16.34
CA GLY C 748 20.43 -40.82 17.33
C GLY C 748 20.90 -40.29 18.67
N ARG C 749 21.71 -41.09 19.35
CA ARG C 749 22.31 -40.71 20.61
C ARG C 749 23.68 -40.08 20.45
N LEU C 750 24.06 -39.70 19.24
CA LEU C 750 25.28 -38.96 19.00
C LEU C 750 24.98 -37.47 19.07
N ASN C 751 25.88 -36.73 19.70
CA ASN C 751 25.74 -35.29 19.83
C ASN C 751 26.54 -34.66 18.69
N MET C 752 25.92 -34.66 17.51
CA MET C 752 26.58 -34.20 16.29
C MET C 752 26.69 -32.69 16.20
N ARG C 753 26.31 -31.96 17.25
CA ARG C 753 26.62 -30.54 17.32
C ARG C 753 28.08 -30.33 17.68
N LYS C 754 28.62 -31.19 18.55
CA LYS C 754 30.02 -31.13 18.97
C LYS C 754 30.83 -32.33 18.48
N ASN C 755 30.37 -32.99 17.43
CA ASN C 755 31.16 -33.97 16.69
C ASN C 755 31.34 -33.48 15.26
N SER C 756 31.93 -34.32 14.43
CA SER C 756 32.13 -34.03 13.03
C SER C 756 31.85 -35.29 12.21
N TRP C 757 31.51 -35.09 10.95
CA TRP C 757 31.31 -36.22 10.06
C TRP C 757 32.63 -36.95 9.79
N TYR C 758 33.77 -36.27 9.96
CA TYR C 758 35.06 -36.95 9.94
C TYR C 758 35.10 -38.04 11.01
N LYS C 759 34.58 -37.73 12.20
CA LYS C 759 34.72 -38.63 13.33
C LYS C 759 33.79 -39.83 13.23
N VAL C 760 32.63 -39.66 12.60
CA VAL C 760 31.69 -40.77 12.44
C VAL C 760 32.22 -41.78 11.45
N ILE C 761 32.78 -41.29 10.34
CA ILE C 761 33.36 -42.19 9.34
C ILE C 761 34.59 -42.87 9.92
N LEU C 762 35.42 -42.12 10.64
CA LEU C 762 36.62 -42.71 11.23
C LEU C 762 36.26 -43.79 12.24
N SER C 763 35.17 -43.62 12.97
CA SER C 763 34.78 -44.58 13.99
C SER C 763 34.12 -45.81 13.41
N ILE C 764 33.67 -45.74 12.16
CA ILE C 764 33.19 -46.95 11.49
C ILE C 764 34.36 -47.86 11.17
N LEU C 765 35.46 -47.26 10.72
CA LEU C 765 36.62 -48.03 10.32
C LEU C 765 37.45 -48.45 11.53
N VAL C 766 37.46 -47.61 12.57
CA VAL C 766 38.18 -47.86 13.81
C VAL C 766 37.15 -48.01 14.92
N PRO C 767 36.67 -49.22 15.22
CA PRO C 767 35.65 -49.39 16.26
C PRO C 767 36.07 -48.87 17.63
N PRO C 768 37.34 -48.94 18.04
CA PRO C 768 37.68 -48.34 19.34
C PRO C 768 37.63 -46.81 19.35
N ALA C 769 37.53 -46.16 18.20
CA ALA C 769 37.36 -44.71 18.19
C ALA C 769 35.93 -44.29 18.51
N ILE C 770 35.01 -45.23 18.63
CA ILE C 770 33.63 -44.92 18.99
C ILE C 770 33.60 -44.27 20.36
N LEU C 771 34.40 -44.77 21.30
CA LEU C 771 34.32 -44.40 22.69
C LEU C 771 34.89 -43.01 22.98
N MET C 772 35.39 -42.29 21.98
CA MET C 772 35.86 -40.92 22.12
C MET C 772 34.86 -39.91 21.56
N LEU C 773 33.60 -40.31 21.42
CA LEU C 773 32.57 -39.47 20.82
C LEU C 773 31.61 -38.98 21.88
N GLU C 774 31.30 -37.69 21.84
CA GLU C 774 30.36 -37.11 22.78
C GLU C 774 28.95 -37.51 22.42
N TYR C 775 28.21 -37.99 23.41
CA TYR C 775 26.84 -38.44 23.25
C TYR C 775 25.87 -37.49 23.95
N LYS C 776 24.59 -37.84 23.89
CA LYS C 776 23.52 -37.06 24.49
C LYS C 776 23.00 -37.76 25.74
N THR C 777 22.56 -36.97 26.70
CA THR C 777 22.05 -37.49 27.95
C THR C 777 20.57 -37.84 27.82
N LYS C 778 20.03 -38.46 28.87
CA LYS C 778 18.62 -38.82 28.87
C LYS C 778 17.72 -37.58 28.81
N ALA C 779 18.13 -36.50 29.46
CA ALA C 779 17.34 -35.28 29.48
C ALA C 779 17.45 -34.48 28.19
N GLU C 780 18.44 -34.78 27.36
CA GLU C 780 18.61 -34.14 26.06
C GLU C 780 17.92 -34.94 24.96
N MET C 781 17.07 -35.91 25.33
CA MET C 781 16.41 -36.79 24.38
C MET C 781 14.97 -37.07 24.82
N SER C 782 14.40 -36.20 25.64
CA SER C 782 13.03 -36.42 26.06
C SER C 782 12.03 -36.14 24.95
N HIS C 783 12.46 -35.43 23.90
CA HIS C 783 11.58 -35.05 22.81
C HIS C 783 11.75 -35.92 21.58
N ILE C 784 12.59 -36.95 21.64
CA ILE C 784 12.92 -37.77 20.50
C ILE C 784 12.28 -39.14 20.70
N PRO C 785 11.49 -39.64 19.76
CA PRO C 785 10.96 -40.99 19.92
C PRO C 785 12.05 -42.04 19.78
N GLN C 786 11.87 -43.13 20.49
CA GLN C 786 12.84 -44.20 20.57
C GLN C 786 12.13 -45.54 20.43
N SER C 787 12.93 -46.59 20.34
CA SER C 787 12.43 -47.95 20.40
C SER C 787 12.25 -48.38 21.84
N GLN C 788 11.61 -49.54 22.02
CA GLN C 788 11.37 -50.04 23.37
C GLN C 788 12.67 -50.44 24.04
N ASP C 789 13.49 -51.26 23.38
CA ASP C 789 14.75 -51.69 23.96
C ASP C 789 15.80 -50.59 23.93
N ALA C 790 15.67 -49.62 23.03
CA ALA C 790 16.53 -48.44 23.07
C ALA C 790 16.18 -47.52 24.24
N HIS C 791 14.93 -47.56 24.70
CA HIS C 791 14.55 -46.82 25.89
C HIS C 791 15.15 -47.46 27.13
N GLN C 792 15.20 -48.79 27.18
CA GLN C 792 15.80 -49.49 28.31
C GLN C 792 17.27 -49.13 28.48
N MET C 793 17.95 -48.82 27.37
CA MET C 793 19.34 -48.40 27.43
C MET C 793 19.50 -47.02 28.05
N THR C 794 18.45 -46.20 28.01
CA THR C 794 18.51 -44.83 28.52
C THR C 794 18.00 -44.70 29.95
N MET C 795 17.12 -45.59 30.40
CA MET C 795 16.60 -45.51 31.76
C MET C 795 17.68 -45.69 32.81
N GLU C 796 18.77 -46.36 32.47
CA GLU C 796 19.89 -46.58 33.39
C GLU C 796 21.02 -45.60 33.10
N LYS C 836 29.38 -37.67 32.24
CA LYS C 836 29.90 -38.75 31.42
C LYS C 836 29.41 -40.11 31.96
N LYS C 837 28.16 -40.44 31.60
CA LYS C 837 27.49 -41.68 31.94
C LYS C 837 27.70 -42.68 30.79
N LEU C 838 26.84 -43.70 30.67
CA LEU C 838 26.84 -44.64 29.54
C LEU C 838 28.08 -45.51 29.49
N PRO C 839 28.15 -46.58 30.30
CA PRO C 839 29.29 -47.51 30.21
C PRO C 839 29.50 -48.12 28.84
N ILE C 840 30.51 -48.98 28.75
CA ILE C 840 31.16 -49.31 27.49
C ILE C 840 30.18 -49.99 26.52
N THR C 841 29.51 -51.05 26.97
CA THR C 841 28.68 -51.80 26.04
C THR C 841 27.40 -51.07 25.66
N ARG C 842 27.08 -49.96 26.33
CA ARG C 842 25.95 -49.13 25.92
C ARG C 842 26.33 -48.21 24.78
N LYS C 843 27.58 -47.77 24.72
CA LYS C 843 28.01 -46.82 23.72
C LYS C 843 28.17 -47.46 22.35
N PHE C 844 28.29 -48.78 22.29
CA PHE C 844 28.30 -49.46 20.99
C PHE C 844 26.90 -49.58 20.42
N TYR C 845 25.90 -49.84 21.28
CA TYR C 845 24.53 -49.88 20.82
C TYR C 845 24.08 -48.50 20.35
N ALA C 846 24.55 -47.45 21.02
CA ALA C 846 24.14 -46.09 20.66
C ALA C 846 24.69 -45.69 19.31
N PHE C 847 25.88 -46.18 18.98
CA PHE C 847 26.56 -45.76 17.75
C PHE C 847 25.99 -46.47 16.53
N TYR C 848 25.99 -47.80 16.56
CA TYR C 848 25.64 -48.58 15.40
C TYR C 848 24.16 -48.58 15.08
N HIS C 849 23.32 -48.06 15.96
CA HIS C 849 21.90 -47.95 15.73
C HIS C 849 21.46 -46.53 15.43
N ALA C 850 22.39 -45.58 15.44
CA ALA C 850 22.06 -44.24 14.99
C ALA C 850 21.82 -44.25 13.48
N PRO C 851 20.80 -43.56 12.99
CA PRO C 851 20.59 -43.55 11.54
C PRO C 851 21.71 -42.91 10.77
N ILE C 852 22.40 -41.92 11.34
CA ILE C 852 23.51 -41.30 10.64
C ILE C 852 24.64 -42.29 10.44
N VAL C 853 24.80 -43.25 11.35
CA VAL C 853 25.86 -44.21 11.26
C VAL C 853 25.49 -45.32 10.30
N LYS C 854 24.23 -45.76 10.34
CA LYS C 854 23.75 -46.73 9.37
C LYS C 854 23.90 -46.22 7.94
N PHE C 855 23.83 -44.90 7.76
CA PHE C 855 23.95 -44.34 6.43
C PHE C 855 25.36 -44.46 5.90
N TRP C 856 26.33 -43.90 6.62
CA TRP C 856 27.71 -43.94 6.18
C TRP C 856 28.26 -45.35 6.12
N PHE C 857 27.70 -46.25 6.91
CA PHE C 857 28.12 -47.62 6.95
C PHE C 857 27.53 -48.41 5.78
N ASN C 858 26.46 -47.90 5.17
CA ASN C 858 25.96 -48.36 3.88
C ASN C 858 26.58 -47.63 2.71
N THR C 859 26.94 -46.37 2.92
CA THR C 859 27.52 -45.55 1.85
C THR C 859 28.92 -46.00 1.52
N LEU C 860 29.72 -46.27 2.54
CA LEU C 860 31.08 -46.72 2.31
C LEU C 860 31.10 -48.10 1.67
N ALA C 861 30.15 -48.94 2.02
CA ALA C 861 30.03 -50.24 1.39
C ALA C 861 29.53 -50.13 -0.03
N TYR C 862 28.75 -49.10 -0.33
CA TYR C 862 28.26 -48.89 -1.68
C TYR C 862 29.35 -48.32 -2.58
N LEU C 863 30.18 -47.44 -2.04
CA LEU C 863 31.28 -46.91 -2.83
C LEU C 863 32.32 -47.99 -3.12
N GLY C 864 32.62 -48.81 -2.13
CA GLY C 864 33.48 -49.95 -2.37
C GLY C 864 32.90 -50.93 -3.34
N PHE C 865 31.58 -51.03 -3.37
CA PHE C 865 30.89 -51.86 -4.36
C PHE C 865 31.11 -51.33 -5.77
N LEU C 866 30.92 -50.04 -6.00
CA LEU C 866 31.10 -49.49 -7.33
C LEU C 866 32.55 -49.54 -7.78
N MET C 867 33.49 -49.41 -6.86
CA MET C 867 34.89 -49.51 -7.23
C MET C 867 35.22 -50.91 -7.72
N LEU C 868 34.61 -51.93 -7.11
CA LEU C 868 34.83 -53.29 -7.55
C LEU C 868 34.10 -53.56 -8.85
N TYR C 869 32.86 -53.11 -8.95
CA TYR C 869 32.04 -53.37 -10.11
C TYR C 869 32.45 -52.54 -11.32
N THR C 870 33.20 -51.48 -11.08
CA THR C 870 33.88 -50.77 -12.17
C THR C 870 35.12 -51.53 -12.61
N PHE C 871 35.83 -52.13 -11.68
CA PHE C 871 36.98 -52.95 -12.01
C PHE C 871 36.59 -54.17 -12.82
N VAL C 872 35.50 -54.84 -12.43
CA VAL C 872 35.05 -56.04 -13.11
C VAL C 872 34.74 -55.75 -14.57
N VAL C 873 34.17 -54.59 -14.85
CA VAL C 873 33.61 -54.32 -16.15
C VAL C 873 34.63 -53.70 -17.10
N LEU C 874 35.71 -53.14 -16.57
CA LEU C 874 36.78 -52.57 -17.38
C LEU C 874 37.86 -53.58 -17.71
N VAL C 875 38.10 -54.50 -16.82
CA VAL C 875 39.15 -55.51 -16.96
C VAL C 875 38.59 -56.69 -17.72
N LYS C 876 39.48 -57.39 -18.43
CA LYS C 876 39.09 -58.58 -19.18
C LYS C 876 38.42 -59.60 -18.28
N MET C 877 37.35 -60.19 -18.80
CA MET C 877 36.61 -61.21 -18.10
C MET C 877 36.97 -62.58 -18.64
N GLU C 878 37.34 -63.49 -17.75
CA GLU C 878 37.66 -64.85 -18.09
C GLU C 878 36.41 -65.70 -17.94
N GLN C 879 36.55 -67.03 -18.01
CA GLN C 879 35.38 -67.89 -17.97
C GLN C 879 34.73 -67.88 -16.60
N LEU C 880 35.52 -68.14 -15.56
CA LEU C 880 35.03 -68.16 -14.21
C LEU C 880 35.08 -66.74 -13.63
N PRO C 881 34.14 -66.34 -12.78
CA PRO C 881 34.22 -64.99 -12.22
C PRO C 881 35.42 -64.83 -11.32
N SER C 882 35.89 -63.60 -11.26
CA SER C 882 36.99 -63.26 -10.39
C SER C 882 36.48 -63.05 -8.97
N VAL C 883 37.42 -62.85 -8.05
CA VAL C 883 37.05 -62.64 -6.66
C VAL C 883 36.33 -61.31 -6.52
N GLN C 884 36.72 -60.33 -7.32
CA GLN C 884 36.03 -59.05 -7.31
C GLN C 884 34.59 -59.21 -7.79
N GLU C 885 34.37 -60.11 -8.74
CA GLU C 885 33.06 -60.24 -9.36
C GLU C 885 32.10 -61.03 -8.49
N TRP C 886 32.61 -61.96 -7.68
CA TRP C 886 31.73 -62.65 -6.75
C TRP C 886 31.27 -61.74 -5.62
N ILE C 887 32.14 -60.83 -5.18
CA ILE C 887 31.74 -59.86 -4.17
C ILE C 887 30.61 -58.99 -4.70
N VAL C 888 30.67 -58.66 -5.99
CA VAL C 888 29.61 -57.86 -6.62
C VAL C 888 28.30 -58.63 -6.60
N ILE C 889 28.35 -59.90 -6.96
CA ILE C 889 27.14 -60.72 -7.01
C ILE C 889 26.59 -60.90 -5.61
N ALA C 890 27.47 -61.07 -4.63
CA ALA C 890 27.03 -61.22 -3.25
C ALA C 890 26.36 -59.96 -2.73
N TYR C 891 26.80 -58.81 -3.20
CA TYR C 891 26.17 -57.55 -2.81
C TYR C 891 24.76 -57.44 -3.40
N ILE C 892 24.65 -57.57 -4.72
CA ILE C 892 23.37 -57.34 -5.38
C ILE C 892 22.36 -58.39 -4.97
N PHE C 893 22.81 -59.61 -4.68
CA PHE C 893 21.90 -60.62 -4.20
C PHE C 893 21.37 -60.27 -2.81
N THR C 894 22.27 -60.00 -1.88
CA THR C 894 21.87 -59.63 -0.53
C THR C 894 21.23 -58.25 -0.48
N TYR C 895 21.58 -57.38 -1.43
CA TYR C 895 20.89 -56.11 -1.55
C TYR C 895 19.46 -56.30 -2.03
N ALA C 896 19.23 -57.31 -2.86
CA ALA C 896 17.89 -57.57 -3.36
C ALA C 896 17.00 -58.16 -2.28
N ILE C 897 17.56 -58.96 -1.38
CA ILE C 897 16.78 -59.52 -0.29
C ILE C 897 16.25 -58.42 0.59
N GLU C 898 17.07 -57.40 0.85
CA GLU C 898 16.65 -56.32 1.72
C GLU C 898 15.55 -55.49 1.08
N LYS C 899 15.55 -55.38 -0.25
CA LYS C 899 14.47 -54.68 -0.91
C LYS C 899 13.17 -55.45 -0.81
N VAL C 900 13.24 -56.78 -0.84
CA VAL C 900 12.05 -57.60 -0.64
C VAL C 900 11.52 -57.40 0.78
N ARG C 901 12.43 -57.25 1.75
CA ARG C 901 12.02 -57.06 3.13
C ARG C 901 11.39 -55.69 3.35
N GLU C 902 11.88 -54.67 2.65
CA GLU C 902 11.28 -53.34 2.78
C GLU C 902 9.84 -53.34 2.29
N VAL C 903 9.53 -54.15 1.28
CA VAL C 903 8.18 -54.18 0.75
C VAL C 903 7.24 -54.83 1.75
N PHE C 904 7.57 -56.04 2.19
CA PHE C 904 6.66 -56.80 3.03
C PHE C 904 6.47 -56.14 4.39
N MET C 905 7.55 -55.71 5.02
CA MET C 905 7.51 -55.09 6.35
C MET C 905 7.61 -53.57 6.26
N SER C 906 6.57 -52.92 5.72
CA SER C 906 6.55 -51.46 5.76
C SER C 906 5.43 -50.80 6.55
N GLU C 907 4.20 -50.73 6.00
CA GLU C 907 3.11 -50.04 6.69
C GLU C 907 1.76 -50.75 6.68
N ALA C 908 1.23 -50.98 5.49
CA ALA C 908 -0.19 -51.20 5.29
C ALA C 908 -0.49 -52.68 5.20
N GLY C 909 -1.54 -53.12 5.90
CA GLY C 909 -1.81 -54.55 6.03
C GLY C 909 -2.06 -55.24 4.70
N LYS C 910 -2.59 -54.52 3.72
CA LYS C 910 -2.89 -55.12 2.43
C LYS C 910 -1.59 -55.30 1.65
N ILE C 911 -1.34 -56.53 1.20
CA ILE C 911 -0.06 -56.85 0.57
C ILE C 911 0.06 -56.16 -0.78
N SER C 912 -1.04 -56.05 -1.53
CA SER C 912 -0.99 -55.37 -2.81
C SER C 912 -0.91 -53.85 -2.66
N GLN C 913 -1.33 -53.31 -1.53
CA GLN C 913 -1.12 -51.89 -1.26
C GLN C 913 0.32 -51.60 -0.89
N LYS C 914 1.04 -52.57 -0.33
CA LYS C 914 2.47 -52.41 -0.12
C LYS C 914 3.20 -52.26 -1.44
N ILE C 915 2.72 -52.94 -2.48
CA ILE C 915 3.34 -52.91 -3.80
C ILE C 915 3.17 -51.53 -4.43
N LYS C 916 1.97 -50.96 -4.37
CA LYS C 916 1.67 -49.75 -5.13
C LYS C 916 2.41 -48.55 -4.57
N VAL C 917 2.70 -48.54 -3.27
CA VAL C 917 3.43 -47.42 -2.68
C VAL C 917 4.90 -47.49 -3.07
N TRP C 918 5.46 -48.69 -3.11
CA TRP C 918 6.91 -48.82 -3.27
C TRP C 918 7.35 -48.57 -4.71
N PHE C 919 6.55 -48.95 -5.69
CA PHE C 919 6.85 -48.66 -7.10
C PHE C 919 6.45 -47.25 -7.50
N SER C 920 6.19 -46.37 -6.54
CA SER C 920 5.86 -44.99 -6.84
C SER C 920 7.07 -44.07 -6.75
N ASP C 921 8.17 -44.53 -6.18
CA ASP C 921 9.40 -43.76 -6.09
C ASP C 921 10.28 -44.04 -7.30
N TYR C 922 11.17 -43.10 -7.59
CA TYR C 922 11.99 -43.22 -8.79
C TYR C 922 13.03 -44.32 -8.64
N PHE C 923 13.86 -44.23 -7.61
CA PHE C 923 14.99 -45.12 -7.47
C PHE C 923 14.60 -46.52 -7.03
N ASN C 924 13.37 -46.71 -6.56
CA ASN C 924 12.91 -48.06 -6.24
C ASN C 924 12.50 -48.80 -7.50
N VAL C 925 11.96 -48.09 -8.48
CA VAL C 925 11.71 -48.68 -9.78
C VAL C 925 13.02 -48.95 -10.49
N SER C 926 13.98 -48.03 -10.35
CA SER C 926 15.27 -48.18 -10.98
C SER C 926 16.07 -49.33 -10.36
N ASP C 927 15.88 -49.59 -9.07
CA ASP C 927 16.52 -50.73 -8.43
C ASP C 927 15.93 -52.04 -8.93
N THR C 928 14.64 -52.06 -9.23
CA THR C 928 14.01 -53.28 -9.70
C THR C 928 14.55 -53.67 -11.07
N ILE C 929 14.70 -52.69 -11.96
CA ILE C 929 15.28 -52.95 -13.28
C ILE C 929 16.75 -53.31 -13.13
N ALA C 930 17.44 -52.70 -12.19
CA ALA C 930 18.86 -52.95 -12.02
C ALA C 930 19.13 -54.32 -11.44
N ILE C 931 18.28 -54.77 -10.52
CA ILE C 931 18.49 -56.07 -9.89
C ILE C 931 18.11 -57.19 -10.84
N ILE C 932 17.00 -57.01 -11.56
CA ILE C 932 16.54 -58.06 -12.46
C ILE C 932 17.51 -58.20 -13.62
N SER C 933 17.92 -57.08 -14.21
CA SER C 933 18.80 -57.14 -15.37
C SER C 933 20.20 -57.59 -15.03
N PHE C 934 20.60 -57.52 -13.77
CA PHE C 934 21.91 -58.05 -13.40
C PHE C 934 21.94 -59.56 -13.50
N PHE C 935 20.90 -60.22 -12.99
CA PHE C 935 20.89 -61.67 -12.98
C PHE C 935 20.47 -62.26 -14.31
N VAL C 936 19.77 -61.48 -15.13
CA VAL C 936 19.66 -61.81 -16.54
C VAL C 936 21.03 -61.80 -17.17
N GLY C 937 21.85 -60.81 -16.82
CA GLY C 937 23.18 -60.73 -17.37
C GLY C 937 24.12 -61.75 -16.77
N PHE C 938 24.03 -61.96 -15.45
CA PHE C 938 24.84 -63.00 -14.83
C PHE C 938 24.45 -64.38 -15.33
N GLY C 939 23.17 -64.58 -15.63
CA GLY C 939 22.74 -65.86 -16.14
C GLY C 939 23.32 -66.17 -17.50
N LEU C 940 23.24 -65.21 -18.42
CA LEU C 940 23.84 -65.38 -19.73
C LEU C 940 25.35 -65.47 -19.63
N ARG C 941 25.92 -64.78 -18.67
CA ARG C 941 27.37 -64.79 -18.48
C ARG C 941 27.84 -66.13 -17.95
N PHE C 942 27.27 -66.55 -16.83
CA PHE C 942 27.78 -67.71 -16.10
C PHE C 942 27.32 -69.01 -16.75
N GLY C 943 26.04 -69.11 -17.06
CA GLY C 943 25.49 -70.33 -17.60
C GLY C 943 25.60 -70.39 -19.11
N ALA C 944 26.83 -70.39 -19.61
CA ALA C 944 27.06 -70.46 -21.05
C ALA C 944 28.23 -71.38 -21.35
N LYS C 945 28.11 -72.09 -22.47
CA LYS C 945 29.15 -73.02 -22.91
C LYS C 945 30.32 -72.22 -23.49
N TRP C 946 31.45 -72.29 -22.81
CA TRP C 946 32.65 -71.57 -23.17
C TRP C 946 33.31 -72.22 -24.39
N ASN C 947 34.17 -71.45 -25.05
CA ASN C 947 34.76 -71.81 -26.34
C ASN C 947 36.17 -72.36 -26.21
N TYR C 948 36.96 -71.81 -25.29
CA TYR C 948 38.31 -72.23 -24.92
C TYR C 948 39.36 -71.91 -25.99
N ILE C 949 38.99 -71.25 -27.09
CA ILE C 949 39.94 -70.86 -28.11
C ILE C 949 40.02 -69.34 -28.23
N ASN C 950 38.89 -68.65 -28.12
CA ASN C 950 38.85 -67.19 -28.12
C ASN C 950 37.56 -66.76 -27.42
N ALA C 951 37.68 -65.85 -26.47
CA ALA C 951 36.49 -65.27 -25.89
C ALA C 951 35.82 -64.34 -26.89
N TYR C 952 34.52 -64.14 -26.70
CA TYR C 952 33.68 -63.29 -27.53
C TYR C 952 33.52 -63.82 -28.95
N ASP C 953 33.68 -65.13 -29.11
CA ASP C 953 33.01 -65.86 -30.17
C ASP C 953 31.71 -66.47 -29.68
N ASN C 954 31.52 -66.55 -28.35
CA ASN C 954 30.24 -66.92 -27.76
C ASN C 954 29.38 -65.68 -27.62
N HIS C 955 28.36 -65.58 -28.45
CA HIS C 955 27.49 -64.41 -28.44
C HIS C 955 26.60 -64.37 -27.21
N VAL C 956 26.46 -65.48 -26.49
CA VAL C 956 25.71 -65.48 -25.26
C VAL C 956 26.53 -64.87 -24.13
N PHE C 957 27.84 -65.08 -24.16
CA PHE C 957 28.71 -64.48 -23.17
C PHE C 957 28.88 -62.99 -23.41
N VAL C 958 28.93 -62.58 -24.67
CA VAL C 958 29.01 -61.16 -24.99
C VAL C 958 27.78 -60.45 -24.47
N ALA C 959 26.61 -61.01 -24.73
CA ALA C 959 25.36 -60.39 -24.30
C ALA C 959 25.29 -60.31 -22.79
N GLY C 960 25.84 -61.29 -22.10
CA GLY C 960 25.89 -61.22 -20.65
C GLY C 960 26.83 -60.14 -20.16
N ARG C 961 27.98 -60.01 -20.81
CA ARG C 961 28.92 -58.96 -20.43
C ARG C 961 28.38 -57.58 -20.76
N LEU C 962 27.75 -57.42 -21.90
CA LEU C 962 27.25 -56.10 -22.28
C LEU C 962 26.11 -55.65 -21.40
N ILE C 963 25.41 -56.58 -20.76
CA ILE C 963 24.39 -56.18 -19.80
C ILE C 963 25.06 -55.64 -18.55
N TYR C 964 26.19 -56.20 -18.15
CA TYR C 964 26.94 -55.62 -17.04
C TYR C 964 27.37 -54.20 -17.34
N CYS C 965 27.80 -53.96 -18.57
CA CYS C 965 28.29 -52.65 -18.93
C CYS C 965 27.18 -51.62 -18.96
N LEU C 966 25.96 -52.06 -19.24
CA LEU C 966 24.81 -51.17 -19.20
C LEU C 966 24.12 -51.16 -17.85
N ASN C 967 24.18 -52.25 -17.10
CA ASN C 967 23.58 -52.28 -15.77
C ASN C 967 24.31 -51.38 -14.79
N ILE C 968 25.59 -51.11 -15.02
CA ILE C 968 26.36 -50.32 -14.09
C ILE C 968 25.96 -48.86 -14.12
N ILE C 969 25.27 -48.42 -15.16
CA ILE C 969 24.77 -47.04 -15.20
C ILE C 969 23.75 -46.84 -14.11
N PHE C 970 22.90 -47.84 -13.86
CA PHE C 970 21.89 -47.74 -12.83
C PHE C 970 22.52 -47.46 -11.47
N TRP C 971 23.69 -48.04 -11.23
CA TRP C 971 24.33 -47.96 -9.94
C TRP C 971 25.20 -46.71 -9.77
N TYR C 972 25.59 -46.03 -10.85
CA TYR C 972 26.19 -44.70 -10.69
C TYR C 972 25.15 -43.63 -10.50
N VAL C 973 24.03 -43.71 -11.21
CA VAL C 973 22.96 -42.75 -11.05
C VAL C 973 22.38 -42.84 -9.65
N ARG C 974 22.46 -44.01 -9.05
CA ARG C 974 22.07 -44.23 -7.68
C ARG C 974 22.95 -43.49 -6.68
N LEU C 975 24.09 -42.95 -7.10
CA LEU C 975 24.86 -42.10 -6.20
C LEU C 975 24.18 -40.76 -5.98
N LEU C 976 23.35 -40.30 -6.91
CA LEU C 976 22.53 -39.13 -6.70
C LEU C 976 21.53 -39.37 -5.58
N ASP C 977 21.05 -40.60 -5.48
CA ASP C 977 20.20 -41.04 -4.39
C ASP C 977 20.92 -40.92 -3.05
N PHE C 978 22.21 -41.21 -3.03
CA PHE C 978 23.01 -40.99 -1.82
C PHE C 978 23.34 -39.53 -1.63
N LEU C 979 23.54 -38.80 -2.73
CA LEU C 979 23.89 -37.39 -2.65
C LEU C 979 22.72 -36.54 -2.20
N ALA C 980 21.51 -37.04 -2.30
CA ALA C 980 20.32 -36.27 -2.00
C ALA C 980 20.03 -36.15 -0.52
N VAL C 981 20.90 -36.68 0.32
CA VAL C 981 20.78 -36.49 1.75
C VAL C 981 21.24 -35.11 2.17
N ASN C 982 22.05 -34.46 1.35
CA ASN C 982 22.56 -33.15 1.71
C ASN C 982 21.48 -32.09 1.54
N GLN C 983 21.60 -31.03 2.34
CA GLN C 983 20.60 -29.98 2.31
C GLN C 983 20.67 -29.17 1.03
N GLN C 984 21.86 -29.04 0.45
CA GLN C 984 22.06 -28.23 -0.74
C GLN C 984 21.98 -29.05 -2.01
N ALA C 985 22.58 -30.24 -2.04
CA ALA C 985 22.54 -31.06 -3.24
C ALA C 985 21.18 -31.67 -3.49
N GLY C 986 20.45 -32.00 -2.44
CA GLY C 986 19.21 -32.72 -2.55
C GLY C 986 18.16 -32.07 -3.42
N PRO C 987 17.88 -30.80 -3.16
CA PRO C 987 16.91 -30.09 -3.99
C PRO C 987 17.30 -29.98 -5.45
N TYR C 988 18.58 -30.00 -5.79
CA TYR C 988 18.96 -29.98 -7.20
C TYR C 988 18.71 -31.31 -7.88
N VAL C 989 18.90 -32.41 -7.16
CA VAL C 989 18.64 -33.73 -7.74
C VAL C 989 17.17 -33.89 -8.03
N MET C 990 16.31 -33.45 -7.11
CA MET C 990 14.88 -33.48 -7.36
C MET C 990 14.48 -32.46 -8.40
N MET C 991 15.31 -31.45 -8.60
CA MET C 991 15.04 -30.43 -9.59
C MET C 991 15.29 -30.94 -11.00
N ILE C 992 16.34 -31.74 -11.20
CA ILE C 992 16.66 -32.27 -12.51
C ILE C 992 15.48 -33.02 -13.09
N GLY C 993 14.79 -33.81 -12.27
CA GLY C 993 13.67 -34.57 -12.77
C GLY C 993 12.48 -33.69 -13.14
N LYS C 994 12.25 -32.63 -12.37
CA LYS C 994 11.14 -31.75 -12.65
C LYS C 994 11.37 -30.90 -13.88
N MET C 995 12.62 -30.60 -14.18
CA MET C 995 12.95 -29.83 -15.37
C MET C 995 12.86 -30.66 -16.64
N VAL C 996 13.17 -31.95 -16.55
CA VAL C 996 13.00 -32.83 -17.70
C VAL C 996 11.55 -32.91 -18.10
N ALA C 997 10.65 -33.04 -17.12
CA ALA C 997 9.24 -33.13 -17.42
C ALA C 997 8.70 -31.83 -18.00
N ASN C 998 9.24 -30.71 -17.58
CA ASN C 998 8.71 -29.42 -17.99
C ASN C 998 9.17 -29.01 -19.37
N MET C 999 10.34 -29.47 -19.80
CA MET C 999 10.87 -29.11 -21.11
C MET C 999 10.57 -30.13 -22.18
N PHE C 1000 9.68 -31.07 -21.92
CA PHE C 1000 9.44 -32.15 -22.87
C PHE C 1000 9.04 -31.63 -24.23
N TYR C 1001 8.11 -30.68 -24.27
CA TYR C 1001 7.53 -30.26 -25.52
C TYR C 1001 8.42 -29.30 -26.31
N ILE C 1002 9.37 -28.65 -25.64
CA ILE C 1002 10.40 -27.91 -26.37
C ILE C 1002 11.34 -28.89 -27.05
N VAL C 1003 11.67 -29.98 -26.37
CA VAL C 1003 12.56 -30.98 -26.91
C VAL C 1003 11.89 -31.75 -28.04
N VAL C 1004 10.58 -31.95 -27.96
CA VAL C 1004 9.85 -32.56 -29.07
C VAL C 1004 9.96 -31.70 -30.31
N ILE C 1005 9.81 -30.39 -30.15
CA ILE C 1005 9.94 -29.48 -31.29
C ILE C 1005 11.35 -29.55 -31.86
N MET C 1006 12.36 -29.64 -31.00
CA MET C 1006 13.72 -29.78 -31.46
C MET C 1006 13.94 -31.06 -32.23
N ALA C 1007 13.15 -32.09 -31.95
CA ALA C 1007 13.25 -33.37 -32.64
C ALA C 1007 12.57 -33.36 -33.99
N LEU C 1008 11.52 -32.58 -34.15
CA LEU C 1008 10.87 -32.44 -35.43
C LEU C 1008 11.68 -31.58 -36.38
N VAL C 1009 12.33 -30.55 -35.86
CA VAL C 1009 13.25 -29.75 -36.66
C VAL C 1009 14.43 -30.61 -37.09
N LEU C 1010 14.83 -31.56 -36.25
CA LEU C 1010 15.90 -32.49 -36.60
C LEU C 1010 15.52 -33.34 -37.79
N LEU C 1011 14.31 -33.89 -37.79
CA LEU C 1011 13.87 -34.72 -38.90
C LEU C 1011 13.52 -33.92 -40.13
N SER C 1012 13.15 -32.65 -39.97
CA SER C 1012 12.88 -31.79 -41.11
C SER C 1012 14.13 -31.50 -41.91
N PHE C 1013 15.30 -31.66 -41.31
CA PHE C 1013 16.57 -31.46 -41.98
C PHE C 1013 17.26 -32.74 -42.41
N GLY C 1014 17.18 -33.78 -41.60
CA GLY C 1014 17.92 -34.99 -41.92
C GLY C 1014 17.39 -35.72 -43.13
N VAL C 1015 16.08 -35.69 -43.33
CA VAL C 1015 15.43 -36.45 -44.39
C VAL C 1015 15.79 -35.84 -45.74
N PRO C 1016 15.74 -34.52 -45.92
CA PRO C 1016 16.17 -33.99 -47.22
C PRO C 1016 17.66 -34.08 -47.46
N ARG C 1017 18.47 -33.96 -46.43
CA ARG C 1017 19.92 -34.02 -46.63
C ARG C 1017 20.32 -35.42 -47.07
N LYS C 1018 19.75 -36.44 -46.46
CA LYS C 1018 20.04 -37.80 -46.87
C LYS C 1018 19.46 -38.08 -48.25
N ALA C 1019 18.34 -37.46 -48.57
CA ALA C 1019 17.70 -37.69 -49.85
C ALA C 1019 18.45 -37.03 -50.99
N ILE C 1020 18.98 -35.84 -50.74
CA ILE C 1020 19.70 -35.11 -51.77
C ILE C 1020 21.10 -35.68 -51.96
N LEU C 1021 21.77 -36.02 -50.87
CA LEU C 1021 23.17 -36.42 -50.95
C LEU C 1021 23.35 -37.88 -51.32
N TYR C 1022 22.34 -38.72 -51.05
CA TYR C 1022 22.40 -40.16 -51.31
C TYR C 1022 21.18 -40.56 -52.12
N PRO C 1023 21.20 -40.38 -53.44
CA PRO C 1023 20.02 -40.66 -54.26
C PRO C 1023 19.85 -42.09 -54.75
N HIS C 1024 20.70 -43.03 -54.36
CA HIS C 1024 20.78 -44.34 -55.00
C HIS C 1024 20.82 -45.44 -53.96
N GLU C 1025 19.90 -45.35 -53.00
CA GLU C 1025 19.91 -46.21 -51.84
C GLU C 1025 18.79 -47.23 -51.91
N GLU C 1026 19.12 -48.47 -51.60
CA GLU C 1026 18.12 -49.49 -51.40
C GLU C 1026 17.49 -49.31 -50.03
N PRO C 1027 16.31 -49.90 -49.80
CA PRO C 1027 15.74 -49.85 -48.46
C PRO C 1027 16.60 -50.61 -47.46
N SER C 1028 16.97 -49.93 -46.39
CA SER C 1028 17.76 -50.52 -45.34
C SER C 1028 17.50 -49.75 -44.06
N TRP C 1029 17.71 -50.42 -42.93
CA TRP C 1029 17.56 -49.75 -41.65
C TRP C 1029 18.65 -48.73 -41.39
N SER C 1030 19.68 -48.69 -42.22
CA SER C 1030 20.68 -47.63 -42.13
C SER C 1030 20.10 -46.27 -42.48
N LEU C 1031 19.01 -46.24 -43.24
CA LEU C 1031 18.37 -44.98 -43.56
C LEU C 1031 17.77 -44.32 -42.34
N ALA C 1032 17.29 -45.11 -41.39
CA ALA C 1032 16.77 -44.57 -40.14
C ALA C 1032 17.90 -43.96 -39.32
N LYS C 1033 19.08 -44.54 -39.41
CA LYS C 1033 20.24 -44.02 -38.69
C LYS C 1033 20.71 -42.72 -39.30
N ASP C 1034 20.81 -42.67 -40.63
CA ASP C 1034 21.48 -41.57 -41.29
C ASP C 1034 20.67 -40.29 -41.28
N ILE C 1035 19.34 -40.37 -41.20
CA ILE C 1035 18.53 -39.15 -41.15
C ILE C 1035 18.47 -38.53 -39.77
N VAL C 1036 19.03 -39.20 -38.77
CA VAL C 1036 18.95 -38.75 -37.38
C VAL C 1036 20.35 -38.41 -36.90
N PHE C 1037 21.33 -39.21 -37.33
CA PHE C 1037 22.65 -39.23 -36.71
C PHE C 1037 23.33 -37.88 -36.81
N HIS C 1038 23.77 -37.46 -38.00
CA HIS C 1038 24.51 -36.21 -38.10
C HIS C 1038 23.74 -34.99 -37.63
N PRO C 1039 22.45 -34.82 -37.91
CA PRO C 1039 21.75 -33.63 -37.43
C PRO C 1039 21.66 -33.53 -35.92
N TYR C 1040 21.80 -34.64 -35.22
CA TYR C 1040 21.76 -34.60 -33.76
C TYR C 1040 23.05 -34.07 -33.19
N TRP C 1041 24.17 -34.45 -33.77
CA TRP C 1041 25.47 -34.03 -33.29
C TRP C 1041 25.77 -32.59 -33.63
N MET C 1042 25.00 -32.00 -34.53
CA MET C 1042 25.09 -30.58 -34.82
C MET C 1042 24.54 -29.72 -33.70
N ILE C 1043 23.61 -30.24 -32.91
CA ILE C 1043 23.10 -29.51 -31.76
C ILE C 1043 24.22 -29.27 -30.75
N PHE C 1044 25.24 -30.11 -30.77
CA PHE C 1044 26.21 -30.21 -29.69
C PHE C 1044 27.59 -29.72 -30.11
N GLY C 1045 27.65 -28.92 -31.17
CA GLY C 1045 28.87 -28.24 -31.57
C GLY C 1045 29.49 -28.74 -32.85
N GLU C 1046 29.09 -29.89 -33.39
CA GLU C 1046 29.77 -30.46 -34.53
C GLU C 1046 29.12 -29.98 -35.82
N VAL C 1047 29.81 -29.09 -36.53
CA VAL C 1047 29.28 -28.53 -37.77
C VAL C 1047 29.52 -29.43 -38.97
N TYR C 1048 30.45 -30.38 -38.87
CA TYR C 1048 30.88 -31.20 -39.99
C TYR C 1048 31.31 -30.31 -41.16
N ALA C 1049 32.34 -29.54 -40.88
CA ALA C 1049 32.68 -28.40 -41.72
C ALA C 1049 33.09 -28.81 -43.11
N TYR C 1050 33.77 -29.94 -43.24
CA TYR C 1050 34.28 -30.40 -44.52
C TYR C 1050 33.37 -31.43 -45.18
N GLU C 1051 32.17 -31.64 -44.64
CA GLU C 1051 31.13 -32.36 -45.32
C GLU C 1051 30.03 -31.45 -45.83
N ILE C 1052 30.01 -30.19 -45.40
CA ILE C 1052 29.23 -29.16 -46.05
C ILE C 1052 29.85 -28.88 -47.40
N ASP C 1053 29.00 -28.68 -48.41
CA ASP C 1053 29.47 -28.34 -49.76
C ASP C 1053 30.40 -29.44 -50.28
N VAL C 1054 29.81 -30.62 -50.46
CA VAL C 1054 30.53 -31.80 -50.87
C VAL C 1054 31.23 -31.65 -52.21
N CYS C 1055 30.88 -30.65 -53.00
CA CYS C 1055 31.50 -30.39 -54.28
C CYS C 1055 32.68 -29.42 -54.19
N ALA C 1056 33.08 -29.04 -52.98
CA ALA C 1056 34.23 -28.17 -52.80
C ALA C 1056 35.52 -28.97 -52.90
N ASN C 1057 36.64 -28.24 -52.96
CA ASN C 1057 37.93 -28.88 -53.15
C ASN C 1057 38.47 -29.50 -51.87
N ASP C 1058 38.15 -28.91 -50.72
CA ASP C 1058 38.59 -29.41 -49.43
C ASP C 1058 37.58 -30.37 -48.80
N SER C 1059 36.68 -30.94 -49.59
CA SER C 1059 35.65 -31.81 -49.06
C SER C 1059 36.20 -33.21 -48.78
N THR C 1060 35.72 -33.80 -47.70
CA THR C 1060 36.02 -35.17 -47.33
C THR C 1060 35.02 -36.17 -47.90
N LEU C 1061 34.03 -35.70 -48.64
CA LEU C 1061 33.06 -36.55 -49.33
C LEU C 1061 33.00 -36.14 -50.80
N PRO C 1062 34.09 -36.32 -51.55
CA PRO C 1062 34.11 -35.85 -52.93
C PRO C 1062 33.33 -36.71 -53.90
N THR C 1063 33.01 -37.94 -53.54
CA THR C 1063 32.24 -38.83 -54.40
C THR C 1063 30.73 -38.62 -54.24
N ILE C 1064 30.32 -37.93 -53.17
CA ILE C 1064 28.92 -37.60 -52.96
C ILE C 1064 28.48 -36.42 -53.79
N CYS C 1065 29.43 -35.67 -54.36
CA CYS C 1065 29.08 -34.57 -55.24
C CYS C 1065 28.31 -35.07 -56.44
N GLY C 1066 27.20 -34.40 -56.72
CA GLY C 1066 26.32 -34.85 -57.76
C GLY C 1066 25.27 -33.81 -58.07
N PRO C 1067 24.21 -34.23 -58.78
CA PRO C 1067 23.16 -33.27 -59.13
C PRO C 1067 22.40 -32.79 -57.91
N GLY C 1068 22.48 -31.48 -57.68
CA GLY C 1068 21.64 -30.84 -56.70
C GLY C 1068 22.15 -30.84 -55.29
N THR C 1069 23.41 -31.21 -55.07
CA THR C 1069 23.96 -31.24 -53.72
C THR C 1069 24.35 -29.86 -53.23
N TRP C 1070 24.18 -28.83 -54.04
CA TRP C 1070 24.36 -27.46 -53.62
C TRP C 1070 23.24 -26.94 -52.72
N LEU C 1071 22.17 -27.70 -52.56
CA LEU C 1071 21.07 -27.28 -51.72
C LEU C 1071 21.36 -27.48 -50.24
N THR C 1072 22.24 -28.41 -49.90
CA THR C 1072 22.41 -28.84 -48.52
C THR C 1072 23.12 -27.82 -47.65
N PRO C 1073 24.04 -26.98 -48.16
CA PRO C 1073 24.52 -25.89 -47.31
C PRO C 1073 23.45 -24.90 -46.94
N PHE C 1074 22.50 -24.62 -47.82
CA PHE C 1074 21.39 -23.76 -47.47
C PHE C 1074 20.48 -24.40 -46.44
N LEU C 1075 20.31 -25.72 -46.52
CA LEU C 1075 19.44 -26.42 -45.59
C LEU C 1075 20.02 -26.43 -44.20
N GLN C 1076 21.33 -26.62 -44.10
CA GLN C 1076 22.00 -26.69 -42.83
C GLN C 1076 22.18 -25.33 -42.19
N ALA C 1077 22.23 -24.28 -43.00
CA ALA C 1077 22.26 -22.93 -42.45
C ALA C 1077 20.95 -22.61 -41.75
N VAL C 1078 19.83 -23.01 -42.35
CA VAL C 1078 18.54 -22.79 -41.76
C VAL C 1078 18.36 -23.66 -40.54
N TYR C 1079 18.89 -24.88 -40.58
CA TYR C 1079 18.71 -25.81 -39.48
C TYR C 1079 19.34 -25.30 -38.19
N LEU C 1080 20.59 -24.88 -38.27
CA LEU C 1080 21.31 -24.45 -37.08
C LEU C 1080 20.87 -23.10 -36.58
N PHE C 1081 20.40 -22.24 -37.46
CA PHE C 1081 19.73 -21.03 -37.00
C PHE C 1081 18.54 -21.38 -36.13
N VAL C 1082 17.74 -22.35 -36.56
CA VAL C 1082 16.58 -22.71 -35.78
C VAL C 1082 16.99 -23.41 -34.50
N GLN C 1083 18.04 -24.23 -34.53
CA GLN C 1083 18.37 -25.02 -33.36
C GLN C 1083 19.10 -24.21 -32.31
N TYR C 1084 20.25 -23.63 -32.63
CA TYR C 1084 20.95 -22.85 -31.62
C TYR C 1084 20.25 -21.52 -31.36
N ILE C 1085 20.04 -20.74 -32.42
CA ILE C 1085 19.67 -19.36 -32.23
C ILE C 1085 18.23 -19.21 -31.76
N ILE C 1086 17.35 -20.16 -32.07
CA ILE C 1086 15.96 -20.10 -31.61
C ILE C 1086 15.75 -21.08 -30.47
N MET C 1087 15.94 -22.37 -30.73
CA MET C 1087 15.42 -23.39 -29.84
C MET C 1087 16.30 -23.63 -28.61
N VAL C 1088 17.62 -23.55 -28.75
CA VAL C 1088 18.48 -23.64 -27.58
C VAL C 1088 18.30 -22.43 -26.69
N ASN C 1089 18.17 -21.24 -27.27
CA ASN C 1089 18.02 -20.04 -26.46
C ASN C 1089 16.61 -19.93 -25.89
N LEU C 1090 15.63 -20.48 -26.57
CA LEU C 1090 14.30 -20.61 -25.99
C LEU C 1090 14.32 -21.51 -24.78
N LEU C 1091 15.22 -22.48 -24.78
CA LEU C 1091 15.32 -23.45 -23.69
C LEU C 1091 16.13 -22.91 -22.53
N ILE C 1092 17.14 -22.09 -22.81
CA ILE C 1092 17.77 -21.32 -21.76
C ILE C 1092 16.75 -20.41 -21.09
N ALA C 1093 15.98 -19.69 -21.90
CA ALA C 1093 14.97 -18.77 -21.37
C ALA C 1093 13.89 -19.48 -20.60
N PHE C 1094 13.51 -20.68 -21.04
CA PHE C 1094 12.55 -21.47 -20.29
C PHE C 1094 13.05 -21.76 -18.88
N PHE C 1095 14.29 -22.22 -18.75
CA PHE C 1095 14.80 -22.57 -17.44
C PHE C 1095 14.96 -21.37 -16.54
N ASN C 1096 15.36 -20.22 -17.09
CA ASN C 1096 15.55 -19.04 -16.26
C ASN C 1096 14.25 -18.63 -15.58
N ASN C 1097 13.17 -18.59 -16.34
CA ASN C 1097 11.91 -18.05 -15.87
C ASN C 1097 11.02 -19.09 -15.21
N VAL C 1098 11.50 -20.33 -15.12
CA VAL C 1098 10.84 -21.38 -14.35
C VAL C 1098 11.71 -21.84 -13.18
N TYR C 1099 12.89 -21.25 -13.01
CA TYR C 1099 13.84 -21.71 -12.01
C TYR C 1099 13.30 -21.55 -10.60
N LEU C 1100 12.82 -20.36 -10.26
CA LEU C 1100 12.48 -20.05 -8.87
C LEU C 1100 11.32 -20.89 -8.38
N GLN C 1101 10.34 -21.18 -9.22
CA GLN C 1101 9.18 -21.92 -8.77
C GLN C 1101 9.39 -23.42 -8.81
N VAL C 1102 10.38 -23.91 -9.54
CA VAL C 1102 10.78 -25.30 -9.48
C VAL C 1102 11.77 -25.54 -8.36
N LYS C 1103 12.68 -24.59 -8.12
CA LYS C 1103 13.57 -24.68 -6.98
C LYS C 1103 12.79 -24.64 -5.67
N ALA C 1104 11.72 -23.84 -5.63
CA ALA C 1104 10.90 -23.76 -4.44
C ALA C 1104 10.13 -25.06 -4.22
N ILE C 1105 9.46 -25.56 -5.26
CA ILE C 1105 8.74 -26.82 -5.13
C ILE C 1105 9.68 -27.94 -4.74
N SER C 1106 10.90 -27.91 -5.26
CA SER C 1106 11.85 -28.98 -4.99
C SER C 1106 12.35 -28.94 -3.56
N ASN C 1107 12.41 -27.76 -2.95
CA ASN C 1107 12.79 -27.68 -1.55
C ASN C 1107 11.73 -28.30 -0.66
N ILE C 1108 10.46 -28.02 -0.92
CA ILE C 1108 9.40 -28.58 -0.09
C ILE C 1108 9.30 -30.08 -0.29
N VAL C 1109 9.46 -30.55 -1.53
CA VAL C 1109 9.40 -31.98 -1.80
C VAL C 1109 10.57 -32.68 -1.14
N TRP C 1110 11.74 -32.05 -1.13
CA TRP C 1110 12.88 -32.65 -0.46
C TRP C 1110 12.66 -32.72 1.04
N LYS C 1111 12.13 -31.65 1.62
CA LYS C 1111 11.90 -31.62 3.05
C LYS C 1111 10.80 -32.56 3.47
N TYR C 1112 9.80 -32.76 2.60
CA TYR C 1112 8.71 -33.67 2.93
C TYR C 1112 9.20 -35.10 3.01
N GLN C 1113 10.07 -35.50 2.11
CA GLN C 1113 10.47 -36.88 1.97
C GLN C 1113 11.66 -37.26 2.82
N ARG C 1114 12.14 -36.35 3.68
CA ARG C 1114 13.06 -36.74 4.73
C ARG C 1114 12.39 -37.57 5.80
N TYR C 1115 11.07 -37.47 5.93
CA TYR C 1115 10.36 -38.28 6.89
C TYR C 1115 10.43 -39.75 6.51
N HIS C 1116 10.01 -40.08 5.30
CA HIS C 1116 10.05 -41.46 4.84
C HIS C 1116 11.48 -41.97 4.72
N PHE C 1117 12.44 -41.06 4.60
CA PHE C 1117 13.84 -41.44 4.53
C PHE C 1117 14.39 -41.77 5.90
N ILE C 1118 14.20 -40.87 6.86
CA ILE C 1118 14.81 -41.02 8.17
C ILE C 1118 14.08 -42.08 8.98
N MET C 1119 12.77 -42.17 8.84
CA MET C 1119 12.01 -43.20 9.52
C MET C 1119 12.20 -44.58 8.91
N ALA C 1120 12.82 -44.65 7.74
CA ALA C 1120 13.21 -45.94 7.19
C ALA C 1120 14.47 -46.48 7.86
N TYR C 1121 15.38 -45.61 8.24
CA TYR C 1121 16.63 -46.03 8.85
C TYR C 1121 16.49 -46.38 10.33
N HIS C 1122 15.33 -46.21 10.93
CA HIS C 1122 15.11 -46.79 12.24
C HIS C 1122 14.80 -48.28 12.15
N GLU C 1123 14.37 -48.75 10.98
CA GLU C 1123 13.97 -50.13 10.77
C GLU C 1123 14.99 -50.91 9.97
N LYS C 1124 15.94 -50.25 9.31
CA LYS C 1124 16.96 -50.97 8.59
C LYS C 1124 17.93 -51.64 9.56
N PRO C 1125 18.53 -52.76 9.17
CA PRO C 1125 19.53 -53.37 10.04
C PRO C 1125 20.80 -52.56 10.10
N VAL C 1126 21.61 -52.93 11.08
CA VAL C 1126 22.85 -52.24 11.36
C VAL C 1126 23.86 -52.44 10.24
N LEU C 1127 23.74 -53.52 9.52
CA LEU C 1127 24.87 -54.10 8.84
C LEU C 1127 24.68 -54.02 7.33
N PRO C 1128 25.69 -53.71 6.53
CA PRO C 1128 25.43 -53.29 5.16
C PRO C 1128 25.18 -54.46 4.22
N PRO C 1129 24.81 -54.19 2.96
CA PRO C 1129 24.26 -55.24 2.11
C PRO C 1129 25.25 -56.22 1.50
N PRO C 1130 26.55 -56.24 1.86
CA PRO C 1130 27.30 -57.49 1.67
C PRO C 1130 27.24 -58.41 2.88
N LEU C 1131 27.16 -57.81 4.07
CA LEU C 1131 27.13 -58.53 5.32
C LEU C 1131 25.73 -58.61 5.92
N ILE C 1132 24.73 -58.06 5.24
CA ILE C 1132 23.38 -58.00 5.78
C ILE C 1132 22.74 -59.36 5.92
N ILE C 1133 23.28 -60.39 5.26
CA ILE C 1133 22.68 -61.71 5.33
C ILE C 1133 22.83 -62.28 6.72
N LEU C 1134 23.80 -61.80 7.49
CA LEU C 1134 23.88 -62.16 8.90
C LEU C 1134 22.68 -61.64 9.67
N SER C 1135 22.15 -60.47 9.27
CA SER C 1135 21.03 -59.87 9.97
C SER C 1135 19.69 -60.47 9.55
N HIS C 1136 19.60 -61.06 8.37
CA HIS C 1136 18.38 -61.71 7.94
C HIS C 1136 18.22 -63.11 8.51
N ILE C 1137 19.32 -63.75 8.92
CA ILE C 1137 19.22 -65.01 9.63
C ILE C 1137 18.64 -64.76 11.02
N VAL C 1138 19.13 -63.73 11.71
CA VAL C 1138 18.65 -63.39 13.04
C VAL C 1138 17.20 -62.94 12.99
N SER C 1139 16.82 -62.25 11.92
CA SER C 1139 15.45 -61.73 11.82
C SER C 1139 14.45 -62.86 11.64
N LEU C 1140 14.87 -63.97 11.04
CA LEU C 1140 14.00 -65.15 10.93
C LEU C 1140 14.09 -66.01 12.18
N PHE C 1141 15.20 -65.93 12.91
CA PHE C 1141 15.37 -66.73 14.12
C PHE C 1141 14.46 -66.25 15.24
N CYS C 1142 14.44 -64.94 15.50
CA CYS C 1142 13.67 -64.39 16.60
C CYS C 1142 12.17 -64.27 16.29
N CYS C 1143 11.78 -64.30 15.01
CA CYS C 1143 10.37 -64.14 14.66
C CYS C 1143 9.60 -65.44 14.81
N VAL C 1144 10.14 -66.52 14.26
CA VAL C 1144 9.46 -67.81 14.31
C VAL C 1144 9.46 -68.36 15.73
N CYS C 1145 10.56 -68.15 16.46
CA CYS C 1145 10.68 -68.72 17.81
C CYS C 1145 9.69 -68.06 18.77
N LYS C 1146 9.65 -66.74 18.80
CA LYS C 1146 8.80 -66.03 19.73
C LYS C 1146 7.35 -66.06 19.29
N GLY C 1156 6.33 -48.67 15.19
CA GLY C 1156 7.72 -48.21 15.12
C GLY C 1156 8.15 -47.59 16.44
N PRO C 1157 8.89 -46.48 16.41
CA PRO C 1157 9.30 -45.85 17.67
C PRO C 1157 8.17 -45.05 18.31
N LYS C 1158 8.30 -44.87 19.61
CA LYS C 1158 7.32 -44.14 20.41
C LYS C 1158 8.05 -43.08 21.22
N LEU C 1159 7.28 -42.07 21.61
CA LEU C 1159 7.74 -40.98 22.45
C LEU C 1159 7.21 -41.23 23.86
N PHE C 1160 8.10 -41.63 24.76
CA PHE C 1160 7.71 -41.92 26.12
C PHE C 1160 7.61 -40.64 26.93
N LEU C 1161 6.58 -40.56 27.76
CA LEU C 1161 6.39 -39.45 28.68
C LEU C 1161 5.89 -39.99 30.01
N THR C 1162 6.46 -39.49 31.09
CA THR C 1162 5.91 -39.77 32.40
C THR C 1162 4.64 -38.95 32.60
N GLU C 1163 3.92 -39.27 33.67
CA GLU C 1163 2.61 -38.65 33.88
C GLU C 1163 2.72 -37.18 34.22
N GLU C 1164 3.84 -36.73 34.78
CA GLU C 1164 4.05 -35.32 35.04
C GLU C 1164 4.62 -34.57 33.84
N ASP C 1165 5.01 -35.27 32.78
CA ASP C 1165 5.39 -34.65 31.52
C ASP C 1165 4.24 -34.63 30.51
N GLN C 1166 3.31 -35.57 30.59
CA GLN C 1166 2.08 -35.44 29.82
C GLN C 1166 1.25 -34.28 30.32
N LYS C 1167 1.25 -34.04 31.63
CA LYS C 1167 0.50 -32.93 32.17
C LYS C 1167 1.11 -31.60 31.76
N LYS C 1168 2.44 -31.51 31.77
CA LYS C 1168 3.10 -30.30 31.32
C LYS C 1168 2.94 -30.10 29.81
N LEU C 1169 2.71 -31.17 29.06
CA LEU C 1169 2.56 -31.05 27.62
C LEU C 1169 1.14 -30.62 27.24
N HIS C 1170 0.15 -31.16 27.94
CA HIS C 1170 -1.23 -30.75 27.68
C HIS C 1170 -1.45 -29.29 28.07
N ASP C 1171 -0.77 -28.83 29.11
CA ASP C 1171 -0.85 -27.42 29.48
C ASP C 1171 -0.19 -26.54 28.44
N PHE C 1172 0.86 -27.05 27.79
CA PHE C 1172 1.53 -26.30 26.74
C PHE C 1172 0.66 -26.23 25.49
N GLU C 1173 0.03 -27.34 25.11
CA GLU C 1173 -0.85 -27.35 23.96
C GLU C 1173 -2.03 -26.41 24.17
N GLU C 1174 -2.62 -26.41 25.36
CA GLU C 1174 -3.74 -25.51 25.62
C GLU C 1174 -3.30 -24.06 25.61
N GLN C 1175 -2.15 -23.77 26.18
CA GLN C 1175 -1.69 -22.39 26.27
C GLN C 1175 -1.35 -21.81 24.91
N CYS C 1176 -0.80 -22.63 24.01
CA CYS C 1176 -0.40 -22.12 22.71
C CYS C 1176 -1.58 -21.92 21.78
N VAL C 1177 -2.67 -22.64 22.00
CA VAL C 1177 -3.89 -22.41 21.25
C VAL C 1177 -4.56 -21.14 21.72
N GLU C 1178 -4.58 -20.91 23.03
CA GLU C 1178 -5.11 -19.67 23.57
C GLU C 1178 -4.36 -18.46 23.03
N MET C 1179 -3.03 -18.56 22.97
CA MET C 1179 -2.23 -17.49 22.40
C MET C 1179 -2.44 -17.34 20.90
N TYR C 1180 -2.96 -18.36 20.24
CA TYR C 1180 -3.13 -18.28 18.80
C TYR C 1180 -4.34 -17.42 18.44
N PHE C 1181 -5.47 -17.66 19.10
CA PHE C 1181 -6.68 -16.92 18.80
C PHE C 1181 -6.64 -15.50 19.34
N ASP C 1182 -5.86 -15.25 20.39
CA ASP C 1182 -5.73 -13.91 20.91
C ASP C 1182 -4.91 -13.03 19.98
N GLU C 1183 -3.78 -13.53 19.51
CA GLU C 1183 -2.96 -12.77 18.57
C GLU C 1183 -3.59 -12.69 17.19
N LYS C 1184 -4.49 -13.62 16.86
CA LYS C 1184 -5.22 -13.51 15.60
C LYS C 1184 -6.27 -12.42 15.68
N ASP C 1185 -6.89 -12.27 16.84
CA ASP C 1185 -7.87 -11.22 17.04
C ASP C 1185 -7.22 -9.86 17.26
N ASP C 1186 -6.03 -9.83 17.87
CA ASP C 1186 -5.34 -8.56 18.07
C ASP C 1186 -4.73 -8.04 16.78
N LYS C 1187 -4.35 -8.92 15.87
CA LYS C 1187 -3.82 -8.50 14.57
C LYS C 1187 -4.93 -7.98 13.66
N PHE C 1188 -6.14 -8.51 13.81
CA PHE C 1188 -7.27 -8.06 13.01
C PHE C 1188 -7.80 -6.72 13.52
N ASN C 1189 -7.93 -6.58 14.83
CA ASN C 1189 -8.47 -5.35 15.42
C ASN C 1189 -7.48 -4.20 15.36
N SER C 1190 -6.20 -4.46 15.10
CA SER C 1190 -5.17 -3.43 15.06
C SER C 1190 -4.70 -3.14 13.64
N GLY C 1191 -5.34 -3.74 12.64
CA GLY C 1191 -5.00 -3.42 11.27
C GLY C 1191 -5.60 -2.10 10.85
N SER C 1192 -4.99 -1.51 9.82
CA SER C 1192 -5.48 -0.24 9.30
C SER C 1192 -6.84 -0.39 8.63
N GLU C 1193 -7.12 -1.56 8.06
CA GLU C 1193 -8.39 -1.77 7.39
C GLU C 1193 -9.54 -1.77 8.38
N GLU C 1194 -9.35 -2.36 9.55
CA GLU C 1194 -10.43 -2.47 10.52
C GLU C 1194 -10.59 -1.19 11.34
N ARG C 1195 -9.51 -0.46 11.56
CA ARG C 1195 -9.61 0.78 12.33
C ARG C 1195 -10.31 1.87 11.53
N ILE C 1196 -10.15 1.88 10.20
CA ILE C 1196 -10.80 2.87 9.38
C ILE C 1196 -12.30 2.67 9.39
N ARG C 1197 -12.75 1.42 9.33
CA ARG C 1197 -14.18 1.16 9.19
C ARG C 1197 -14.92 1.34 10.50
N VAL C 1198 -14.29 1.02 11.63
CA VAL C 1198 -14.90 1.29 12.91
C VAL C 1198 -14.93 2.78 13.17
N THR C 1199 -13.96 3.51 12.66
CA THR C 1199 -14.05 4.97 12.63
C THR C 1199 -15.19 5.40 11.71
N PHE C 1200 -15.31 4.74 10.56
CA PHE C 1200 -16.37 5.07 9.61
C PHE C 1200 -17.74 4.87 10.22
N GLU C 1201 -17.92 3.79 11.00
CA GLU C 1201 -19.22 3.47 11.54
C GLU C 1201 -19.55 4.33 12.76
N ARG C 1202 -18.54 4.79 13.49
CA ARG C 1202 -18.79 5.65 14.64
C ARG C 1202 -19.02 7.09 14.22
N VAL C 1203 -18.25 7.59 13.25
CA VAL C 1203 -18.48 8.93 12.75
C VAL C 1203 -19.85 9.01 12.09
N GLU C 1204 -20.33 7.91 11.51
CA GLU C 1204 -21.68 7.88 10.98
C GLU C 1204 -22.71 8.09 12.09
N GLN C 1205 -22.57 7.35 13.18
CA GLN C 1205 -23.51 7.47 14.28
C GLN C 1205 -23.37 8.82 14.98
N MET C 1206 -22.15 9.36 15.04
CA MET C 1206 -21.96 10.68 15.63
C MET C 1206 -22.58 11.77 14.78
N SER C 1207 -22.55 11.60 13.46
CA SER C 1207 -23.23 12.55 12.58
C SER C 1207 -24.72 12.52 12.82
N ILE C 1208 -25.27 11.35 13.14
CA ILE C 1208 -26.70 11.24 13.43
C ILE C 1208 -27.02 11.96 14.73
N GLN C 1209 -26.22 11.74 15.76
CA GLN C 1209 -26.55 12.25 17.08
C GLN C 1209 -26.42 13.75 17.17
N ILE C 1210 -25.32 14.30 16.66
CA ILE C 1210 -25.05 15.73 16.78
C ILE C 1210 -26.10 16.53 16.02
N LYS C 1211 -26.50 16.06 14.85
CA LYS C 1211 -27.59 16.70 14.14
C LYS C 1211 -28.89 16.60 14.92
N GLU C 1212 -29.04 15.53 15.71
CA GLU C 1212 -30.23 15.30 16.50
C GLU C 1212 -30.13 15.93 17.88
N VAL C 1213 -28.91 16.09 18.40
CA VAL C 1213 -28.70 16.97 19.54
C VAL C 1213 -28.75 18.42 19.08
N GLY C 1214 -28.26 18.68 17.86
CA GLY C 1214 -28.35 20.00 17.27
C GLY C 1214 -29.78 20.45 17.05
N ASP C 1215 -30.71 19.50 16.95
CA ASP C 1215 -32.13 19.83 16.91
C ASP C 1215 -32.69 20.07 18.30
N ARG C 1216 -32.20 19.34 19.31
CA ARG C 1216 -32.65 19.59 20.67
C ARG C 1216 -32.22 20.97 21.15
N VAL C 1217 -30.99 21.38 20.85
CA VAL C 1217 -30.54 22.69 21.31
C VAL C 1217 -31.28 23.80 20.56
N ASN C 1218 -31.81 23.51 19.37
CA ASN C 1218 -32.75 24.42 18.73
C ASN C 1218 -34.12 24.37 19.37
N TYR C 1219 -34.48 23.27 20.03
CA TYR C 1219 -35.68 23.23 20.87
C TYR C 1219 -35.46 23.96 22.18
N ILE C 1220 -34.21 24.23 22.55
CA ILE C 1220 -33.92 25.03 23.74
C ILE C 1220 -34.18 26.51 23.48
N LYS C 1221 -33.76 27.02 22.31
CA LYS C 1221 -33.85 28.46 22.07
C LYS C 1221 -35.28 28.94 21.90
N ARG C 1222 -36.26 28.04 21.80
CA ARG C 1222 -37.65 28.49 21.85
C ARG C 1222 -38.00 28.98 23.25
N SER C 1223 -37.44 28.35 24.28
CA SER C 1223 -37.64 28.81 25.66
C SER C 1223 -36.73 29.97 26.04
N LEU C 1224 -35.67 30.24 25.27
CA LEU C 1224 -34.83 31.40 25.55
C LEU C 1224 -35.58 32.69 25.26
N GLN C 1225 -36.27 32.76 24.13
CA GLN C 1225 -37.11 33.91 23.83
C GLN C 1225 -38.28 34.01 24.82
N SER C 1226 -38.73 32.88 25.37
CA SER C 1226 -39.83 32.90 26.33
C SER C 1226 -39.36 33.39 27.69
N LEU C 1227 -38.29 32.81 28.21
CA LEU C 1227 -37.79 33.17 29.54
C LEU C 1227 -37.04 34.49 29.54
N ASP C 1228 -36.67 35.03 28.38
CA ASP C 1228 -36.17 36.39 28.30
C ASP C 1228 -37.29 37.41 28.41
N SER C 1229 -38.51 37.03 28.01
CA SER C 1229 -39.67 37.91 28.12
C SER C 1229 -40.08 38.05 29.59
N GLN D 2 1.91 -41.49 52.66
CA GLN D 2 0.72 -41.93 51.95
C GLN D 2 0.53 -41.21 50.60
N LYS D 3 1.58 -40.52 50.14
CA LYS D 3 1.56 -39.83 48.84
C LYS D 3 0.44 -38.79 48.79
N SER D 4 0.25 -38.09 49.90
CA SER D 4 -0.76 -37.02 49.96
C SER D 4 -0.33 -36.03 51.03
N TRP D 5 0.09 -34.83 50.59
CA TRP D 5 0.41 -33.77 51.55
C TRP D 5 -0.84 -33.23 52.22
N ILE D 6 -1.99 -33.33 51.55
CA ILE D 6 -3.23 -32.83 52.13
C ILE D 6 -3.64 -33.70 53.32
N GLU D 7 -3.46 -35.02 53.20
CA GLU D 7 -3.97 -35.92 54.22
C GLU D 7 -3.18 -35.81 55.52
N SER D 8 -1.87 -35.57 55.43
CA SER D 8 -1.07 -35.42 56.64
C SER D 8 -1.31 -34.10 57.35
N THR D 9 -1.90 -33.12 56.69
CA THR D 9 -2.00 -31.75 57.21
C THR D 9 -3.42 -31.24 57.34
N LEU D 10 -4.26 -31.46 56.33
CA LEU D 10 -5.59 -30.86 56.30
C LEU D 10 -6.57 -31.74 57.07
N THR D 11 -7.85 -31.35 57.05
CA THR D 11 -8.84 -31.87 57.99
C THR D 11 -10.22 -31.82 57.34
N LYS D 12 -10.92 -32.96 57.31
CA LYS D 12 -12.37 -32.97 57.28
C LYS D 12 -12.86 -33.11 58.72
N ARG D 13 -14.17 -33.06 58.88
CA ARG D 13 -14.71 -33.20 60.22
C ARG D 13 -16.19 -33.57 60.13
N GLU D 14 -16.62 -34.46 61.02
CA GLU D 14 -17.96 -35.04 61.01
C GLU D 14 -18.66 -34.86 62.34
N CYS D 15 -20.00 -34.74 62.30
CA CYS D 15 -20.82 -34.62 63.52
C CYS D 15 -21.14 -36.03 64.02
N VAL D 16 -20.18 -36.60 64.75
CA VAL D 16 -20.32 -38.00 65.19
C VAL D 16 -21.32 -38.17 66.33
N TYR D 17 -21.63 -37.11 67.07
CA TYR D 17 -22.50 -37.15 68.24
C TYR D 17 -23.78 -36.40 67.90
N ILE D 18 -24.92 -37.09 67.98
CA ILE D 18 -26.17 -36.62 67.40
C ILE D 18 -27.08 -36.12 68.51
N ILE D 19 -27.32 -34.81 68.53
CA ILE D 19 -28.36 -34.20 69.36
C ILE D 19 -29.54 -33.86 68.45
N PRO D 20 -30.78 -34.27 68.79
CA PRO D 20 -31.90 -33.95 67.89
C PRO D 20 -32.25 -32.47 67.83
N SER D 21 -33.33 -32.17 67.10
CA SER D 21 -33.81 -30.81 66.92
C SER D 21 -34.51 -30.34 68.19
N SER D 22 -35.24 -29.22 68.11
CA SER D 22 -35.69 -28.53 69.31
C SER D 22 -36.66 -29.34 70.17
N LYS D 23 -37.90 -29.53 69.71
CA LYS D 23 -38.87 -30.33 70.46
C LYS D 23 -39.64 -31.31 69.58
N ASP D 24 -40.01 -30.88 68.38
CA ASP D 24 -41.22 -31.39 67.72
C ASP D 24 -40.89 -32.25 66.51
N PRO D 25 -41.24 -33.54 66.49
CA PRO D 25 -41.43 -34.22 65.20
C PRO D 25 -42.76 -33.80 64.59
N HIS D 26 -42.86 -33.93 63.27
CA HIS D 26 -43.90 -33.18 62.56
C HIS D 26 -45.29 -33.77 62.82
N ARG D 27 -45.58 -34.97 62.33
CA ARG D 27 -46.95 -35.49 62.21
C ARG D 27 -46.86 -37.00 62.42
N CYS D 28 -47.86 -37.74 61.95
CA CYS D 28 -47.74 -39.19 61.85
C CYS D 28 -47.56 -39.86 63.20
N LEU D 29 -48.66 -39.95 63.94
CA LEU D 29 -48.83 -40.42 65.32
C LEU D 29 -47.90 -41.55 65.78
N PRO D 30 -47.64 -42.63 65.00
CA PRO D 30 -46.79 -43.69 65.55
C PRO D 30 -45.35 -43.23 65.78
N GLY D 31 -45.13 -42.63 66.95
CA GLY D 31 -43.93 -41.87 67.29
C GLY D 31 -42.63 -42.63 67.16
N CYS D 32 -42.65 -43.96 67.12
CA CYS D 32 -41.42 -44.74 67.15
C CYS D 32 -40.66 -44.72 65.82
N GLN D 33 -41.28 -44.26 64.73
CA GLN D 33 -40.66 -44.23 63.41
C GLN D 33 -40.32 -42.83 62.95
N ILE D 34 -41.08 -41.83 63.40
CA ILE D 34 -40.91 -40.44 62.93
C ILE D 34 -39.72 -39.73 63.55
N CYS D 35 -39.18 -40.25 64.66
CA CYS D 35 -37.97 -39.67 65.23
C CYS D 35 -36.75 -39.93 64.36
N GLN D 36 -36.84 -40.90 63.45
CA GLN D 36 -35.77 -41.20 62.49
C GLN D 36 -36.02 -40.59 61.12
N GLN D 37 -37.28 -40.37 60.75
CA GLN D 37 -37.60 -40.01 59.37
C GLN D 37 -37.33 -38.53 59.07
N LEU D 38 -37.61 -37.64 60.02
CA LEU D 38 -37.59 -36.20 59.78
C LEU D 38 -36.76 -35.41 60.77
N VAL D 39 -36.59 -35.89 62.01
CA VAL D 39 -35.92 -35.11 63.05
C VAL D 39 -34.47 -34.89 62.67
N ARG D 40 -34.07 -33.63 62.54
CA ARG D 40 -32.70 -33.31 62.20
C ARG D 40 -31.79 -33.50 63.41
N CYS D 41 -30.49 -33.61 63.15
CA CYS D 41 -29.52 -33.37 64.21
C CYS D 41 -29.40 -31.86 64.43
N PHE D 42 -28.95 -31.51 65.62
CA PHE D 42 -28.52 -30.14 65.86
C PHE D 42 -27.22 -29.84 65.14
N CYS D 43 -26.53 -30.88 64.67
CA CYS D 43 -25.59 -30.76 63.56
C CYS D 43 -26.22 -29.94 62.44
N GLY D 44 -27.39 -30.39 61.99
CA GLY D 44 -28.16 -29.75 60.94
C GLY D 44 -28.69 -30.73 59.90
N ARG D 45 -27.93 -31.79 59.62
CA ARG D 45 -28.41 -32.88 58.77
C ARG D 45 -29.23 -33.86 59.60
N LEU D 46 -29.94 -34.75 58.90
CA LEU D 46 -30.83 -35.71 59.54
C LEU D 46 -30.07 -36.99 59.89
N VAL D 47 -30.75 -37.87 60.62
CA VAL D 47 -30.06 -38.96 61.32
C VAL D 47 -29.64 -40.08 60.38
N LYS D 48 -30.24 -40.20 59.19
CA LYS D 48 -29.92 -41.30 58.30
C LYS D 48 -28.71 -41.02 57.40
N GLN D 49 -28.09 -39.84 57.50
CA GLN D 49 -26.96 -39.46 56.65
C GLN D 49 -25.64 -39.33 57.40
N HIS D 50 -25.62 -39.57 58.71
CA HIS D 50 -24.37 -39.50 59.46
C HIS D 50 -23.48 -40.71 59.16
N ALA D 51 -24.00 -41.91 59.45
CA ALA D 51 -23.43 -43.21 59.15
C ALA D 51 -22.25 -43.63 60.04
N CYS D 52 -21.68 -42.68 60.80
CA CYS D 52 -21.21 -42.90 62.18
C CYS D 52 -20.73 -44.31 62.54
N PHE D 53 -19.60 -44.75 61.97
CA PHE D 53 -19.05 -46.08 62.23
C PHE D 53 -19.01 -46.46 63.71
N THR D 54 -18.79 -45.50 64.62
CA THR D 54 -18.91 -45.81 66.04
C THR D 54 -20.36 -45.81 66.50
N ALA D 55 -21.10 -44.73 66.23
CA ALA D 55 -22.48 -44.61 66.71
C ALA D 55 -23.49 -45.24 65.75
N SER D 56 -23.04 -45.96 64.72
CA SER D 56 -23.98 -46.74 63.92
C SER D 56 -24.53 -47.91 64.71
N LEU D 57 -23.76 -48.43 65.66
CA LEU D 57 -24.24 -49.46 66.57
C LEU D 57 -25.14 -48.90 67.66
N ALA D 58 -25.20 -47.57 67.81
CA ALA D 58 -26.05 -46.93 68.81
C ALA D 58 -27.38 -46.46 68.25
N MET D 59 -27.51 -46.29 66.92
CA MET D 59 -28.78 -45.89 66.34
C MET D 59 -29.80 -47.01 66.29
N LYS D 60 -29.39 -48.27 66.49
CA LYS D 60 -30.35 -49.37 66.46
C LYS D 60 -31.19 -49.42 67.73
N TYR D 61 -30.64 -48.98 68.87
CA TYR D 61 -31.39 -49.02 70.12
C TYR D 61 -32.62 -48.12 70.04
N SER D 62 -32.44 -46.80 70.10
CA SER D 62 -33.35 -45.87 69.45
C SER D 62 -32.54 -44.79 68.74
N ASP D 63 -31.49 -44.32 69.39
CA ASP D 63 -30.58 -43.29 68.91
C ASP D 63 -29.45 -43.19 69.91
N VAL D 64 -28.53 -42.25 69.68
CA VAL D 64 -27.54 -41.90 70.70
C VAL D 64 -28.24 -41.10 71.80
N LYS D 65 -27.67 -41.14 73.01
CA LYS D 65 -28.01 -40.21 74.09
C LYS D 65 -29.49 -40.22 74.49
N LEU D 66 -29.84 -41.13 75.39
CA LEU D 66 -31.18 -41.23 76.00
C LEU D 66 -31.72 -39.87 76.46
N GLY D 67 -32.98 -39.84 76.91
CA GLY D 67 -33.92 -38.79 76.54
C GLY D 67 -33.72 -37.40 77.13
N GLU D 68 -34.65 -36.94 77.98
CA GLU D 68 -34.86 -35.52 78.26
C GLU D 68 -33.57 -34.70 78.37
N HIS D 69 -32.54 -35.24 79.00
CA HIS D 69 -31.18 -34.69 78.93
C HIS D 69 -31.09 -33.25 79.48
N PHE D 70 -31.87 -32.94 80.52
CA PHE D 70 -31.51 -31.91 81.51
C PHE D 70 -31.24 -30.55 80.85
N ASN D 71 -32.34 -29.90 80.46
CA ASN D 71 -32.44 -28.92 79.37
C ASN D 71 -31.23 -27.99 79.19
N GLN D 72 -30.49 -27.69 80.26
CA GLN D 72 -29.24 -26.95 80.11
C GLN D 72 -28.26 -27.68 79.19
N ALA D 73 -28.30 -29.02 79.18
CA ALA D 73 -27.35 -29.82 78.42
C ALA D 73 -27.77 -30.06 76.97
N ILE D 74 -28.91 -29.54 76.54
CA ILE D 74 -29.35 -29.72 75.16
C ILE D 74 -28.50 -28.89 74.22
N GLU D 75 -28.16 -27.66 74.62
CA GLU D 75 -27.36 -26.74 73.83
C GLU D 75 -25.90 -27.17 73.68
N GLU D 76 -25.48 -28.20 74.41
CA GLU D 76 -24.09 -28.52 74.65
C GLU D 76 -23.26 -28.81 73.40
N TRP D 77 -23.88 -28.97 72.21
CA TRP D 77 -23.11 -29.24 71.00
C TRP D 77 -22.29 -28.00 70.62
N SER D 78 -20.99 -28.06 70.86
CA SER D 78 -20.04 -27.18 70.21
C SER D 78 -19.28 -27.97 69.17
N VAL D 79 -18.83 -27.29 68.12
CA VAL D 79 -18.03 -27.95 67.09
C VAL D 79 -16.65 -28.36 67.62
N GLU D 80 -16.22 -27.81 68.75
CA GLU D 80 -14.95 -28.24 69.35
C GLU D 80 -15.13 -29.54 70.12
N LYS D 81 -16.26 -29.70 70.82
CA LYS D 81 -16.41 -30.81 71.75
C LYS D 81 -16.86 -32.09 71.04
N HIS D 82 -17.91 -31.99 70.25
CA HIS D 82 -18.66 -33.16 69.77
C HIS D 82 -18.70 -33.21 68.25
N THR D 83 -17.57 -32.94 67.61
CA THR D 83 -17.50 -32.95 66.15
C THR D 83 -16.06 -33.34 65.80
N GLU D 84 -15.88 -34.57 65.29
CA GLU D 84 -14.59 -35.24 65.31
C GLU D 84 -13.87 -35.09 63.97
N GLN D 85 -12.56 -34.84 64.04
CA GLN D 85 -11.75 -34.59 62.87
C GLN D 85 -11.29 -35.90 62.23
N SER D 86 -10.91 -35.80 60.96
CA SER D 86 -10.68 -36.98 60.13
C SER D 86 -9.88 -36.55 58.89
N PRO D 87 -9.22 -37.50 58.18
CA PRO D 87 -8.43 -37.09 57.00
C PRO D 87 -9.23 -36.66 55.78
N THR D 88 -8.54 -36.52 54.64
CA THR D 88 -8.84 -35.63 53.52
C THR D 88 -10.28 -35.55 53.00
N ASP D 89 -10.76 -36.58 52.30
CA ASP D 89 -12.09 -36.62 51.66
C ASP D 89 -12.27 -35.71 50.44
N ALA D 90 -11.36 -34.77 50.19
CA ALA D 90 -11.55 -33.90 49.05
C ALA D 90 -10.31 -33.11 48.66
N TYR D 91 -9.84 -33.32 47.43
CA TYR D 91 -9.02 -32.37 46.70
C TYR D 91 -8.96 -32.81 45.25
N GLY D 92 -8.92 -31.83 44.35
CA GLY D 92 -8.78 -32.12 42.94
C GLY D 92 -9.15 -30.91 42.11
N VAL D 93 -9.35 -31.14 40.84
CA VAL D 93 -9.81 -30.12 39.92
C VAL D 93 -11.34 -30.14 39.90
N ILE D 94 -11.93 -28.96 39.86
CA ILE D 94 -13.37 -28.76 39.98
C ILE D 94 -13.86 -28.18 38.66
N ASN D 95 -13.28 -28.67 37.57
CA ASN D 95 -13.48 -28.21 36.20
C ASN D 95 -14.95 -27.97 35.87
N PHE D 96 -15.26 -26.72 35.54
CA PHE D 96 -16.61 -26.34 35.17
C PHE D 96 -16.90 -26.77 33.74
N GLN D 97 -18.17 -27.01 33.46
CA GLN D 97 -18.56 -27.47 32.13
C GLN D 97 -18.33 -26.33 31.14
N GLY D 98 -17.59 -26.63 30.07
CA GLY D 98 -17.06 -25.62 29.18
C GLY D 98 -18.09 -24.69 28.56
N GLY D 99 -17.91 -23.40 28.84
CA GLY D 99 -18.66 -22.35 28.17
C GLY D 99 -17.79 -21.74 27.09
N SER D 100 -17.21 -20.58 27.39
CA SER D 100 -16.29 -19.95 26.43
C SER D 100 -15.01 -20.77 26.27
N HIS D 101 -14.48 -21.33 27.36
CA HIS D 101 -13.23 -22.09 27.34
C HIS D 101 -13.33 -23.19 28.39
N SER D 102 -12.18 -23.76 28.77
CA SER D 102 -12.14 -24.95 29.64
C SER D 102 -12.36 -24.59 31.11
N TYR D 103 -11.63 -23.61 31.63
CA TYR D 103 -11.91 -23.00 32.93
C TYR D 103 -11.79 -24.00 34.09
N ARG D 104 -10.55 -24.40 34.35
CA ARG D 104 -10.25 -25.28 35.48
C ARG D 104 -10.14 -24.47 36.77
N ALA D 105 -10.15 -25.18 37.90
CA ALA D 105 -9.95 -24.57 39.21
C ALA D 105 -9.67 -25.68 40.22
N LYS D 106 -9.35 -25.29 41.46
CA LYS D 106 -8.99 -26.20 42.53
C LYS D 106 -9.92 -26.05 43.73
N TYR D 107 -9.85 -27.00 44.65
CA TYR D 107 -10.59 -26.96 45.91
C TYR D 107 -9.85 -27.76 46.97
N VAL D 108 -10.19 -27.49 48.24
CA VAL D 108 -9.50 -28.14 49.37
C VAL D 108 -10.47 -28.80 50.35
N ARG D 109 -11.54 -28.11 50.76
CA ARG D 109 -12.41 -28.61 51.84
C ARG D 109 -11.60 -28.83 53.12
N LEU D 110 -11.33 -27.73 53.81
CA LEU D 110 -10.62 -27.75 55.08
C LEU D 110 -11.55 -27.32 56.21
N SER D 111 -11.00 -27.34 57.43
CA SER D 111 -11.75 -27.16 58.67
C SER D 111 -11.91 -25.68 58.98
N TYR D 112 -12.38 -25.36 60.19
CA TYR D 112 -12.32 -23.99 60.69
C TYR D 112 -11.07 -23.72 61.50
N ASP D 113 -10.57 -24.70 62.25
CA ASP D 113 -9.45 -24.51 63.16
C ASP D 113 -8.10 -24.73 62.49
N THR D 114 -8.01 -24.48 61.18
CA THR D 114 -6.73 -24.51 60.50
C THR D 114 -5.86 -23.38 61.02
N LYS D 115 -4.61 -23.68 61.33
CA LYS D 115 -3.71 -22.66 61.85
C LYS D 115 -3.36 -21.66 60.74
N PRO D 116 -3.13 -20.38 61.08
CA PRO D 116 -2.81 -19.42 60.02
C PRO D 116 -1.53 -19.73 59.26
N GLU D 117 -0.57 -20.42 59.88
CA GLU D 117 0.63 -20.81 59.15
C GLU D 117 0.35 -21.94 58.18
N ILE D 118 -0.62 -22.80 58.47
CA ILE D 118 -0.89 -23.94 57.62
C ILE D 118 -1.61 -23.49 56.35
N ILE D 119 -2.58 -22.59 56.49
CA ILE D 119 -3.33 -22.13 55.33
C ILE D 119 -2.42 -21.33 54.41
N LEU D 120 -1.46 -20.59 54.98
CA LEU D 120 -0.49 -19.89 54.14
C LEU D 120 0.42 -20.87 53.42
N GLN D 121 0.78 -21.96 54.08
CA GLN D 121 1.60 -22.99 53.45
C GLN D 121 0.84 -23.69 52.32
N LEU D 122 -0.49 -23.69 52.38
CA LEU D 122 -1.28 -24.35 51.35
C LEU D 122 -1.22 -23.61 50.02
N LEU D 123 -1.50 -22.32 50.04
CA LEU D 123 -1.72 -21.58 48.80
C LEU D 123 -0.44 -21.47 47.97
N LEU D 124 0.70 -21.30 48.62
CA LEU D 124 1.92 -20.98 47.90
C LEU D 124 2.60 -22.24 47.35
N LYS D 125 2.97 -23.17 48.23
CA LYS D 125 3.83 -24.28 47.82
C LYS D 125 3.05 -25.35 47.05
N GLU D 126 1.90 -25.76 47.58
CA GLU D 126 1.18 -26.90 47.00
C GLU D 126 0.56 -26.53 45.67
N TRP D 127 -0.20 -25.44 45.63
CA TRP D 127 -0.93 -25.03 44.43
C TRP D 127 -0.08 -24.20 43.47
N GLN D 128 1.23 -24.08 43.72
CA GLN D 128 2.17 -23.51 42.77
C GLN D 128 1.79 -22.07 42.38
N MET D 129 1.28 -21.33 43.36
CA MET D 129 0.86 -19.95 43.13
C MET D 129 2.00 -19.00 43.47
N GLU D 130 1.98 -17.84 42.82
CA GLU D 130 2.95 -16.80 43.09
C GLU D 130 2.49 -15.96 44.27
N LEU D 131 3.44 -15.55 45.08
CA LEU D 131 3.10 -14.68 46.20
C LEU D 131 2.64 -13.33 45.64
N PRO D 132 1.48 -12.82 46.01
CA PRO D 132 0.93 -11.65 45.32
C PRO D 132 1.63 -10.36 45.69
N LYS D 133 1.16 -9.29 45.05
CA LYS D 133 1.54 -7.93 45.38
C LYS D 133 0.33 -7.06 45.71
N LEU D 134 -0.85 -7.66 45.84
CA LEU D 134 -2.08 -6.96 46.17
C LEU D 134 -3.16 -7.99 46.45
N VAL D 135 -3.98 -7.72 47.48
CA VAL D 135 -5.14 -8.53 47.81
C VAL D 135 -6.36 -7.62 47.77
N ILE D 136 -7.29 -7.90 46.88
CA ILE D 136 -8.52 -7.14 46.73
C ILE D 136 -9.64 -8.01 47.27
N SER D 137 -9.98 -7.82 48.55
CA SER D 137 -11.09 -8.54 49.16
C SER D 137 -12.38 -7.80 48.85
N VAL D 138 -13.14 -8.30 47.89
CA VAL D 138 -14.43 -7.70 47.58
C VAL D 138 -15.43 -8.14 48.61
N HIS D 139 -16.34 -7.24 49.00
CA HIS D 139 -17.36 -7.55 49.97
C HIS D 139 -18.66 -6.83 49.61
N GLY D 140 -19.75 -7.55 49.71
CA GLY D 140 -21.05 -6.97 49.46
C GLY D 140 -22.13 -7.82 50.06
N GLY D 141 -23.33 -7.70 49.49
CA GLY D 141 -24.51 -8.40 49.98
C GLY D 141 -24.89 -9.53 49.03
N MET D 142 -25.35 -10.63 49.62
CA MET D 142 -25.72 -11.78 48.81
C MET D 142 -27.08 -11.55 48.15
N GLN D 143 -27.22 -12.13 46.97
CA GLN D 143 -28.48 -12.38 46.25
C GLN D 143 -29.26 -11.11 45.90
N LYS D 144 -28.66 -9.91 45.98
CA LYS D 144 -29.54 -8.74 45.80
C LYS D 144 -29.92 -8.47 44.33
N PHE D 145 -29.11 -7.76 43.52
CA PHE D 145 -28.73 -8.10 42.11
C PHE D 145 -28.51 -6.84 41.21
N GLU D 146 -28.13 -7.07 39.94
CA GLU D 146 -28.51 -6.25 38.78
C GLU D 146 -27.98 -4.80 38.86
N LEU D 147 -26.66 -4.68 38.68
CA LEU D 147 -26.09 -3.40 38.31
C LEU D 147 -26.68 -2.90 36.99
N HIS D 148 -26.50 -1.60 36.73
CA HIS D 148 -26.90 -1.05 35.46
C HIS D 148 -25.89 -1.45 34.37
N PRO D 149 -26.25 -1.33 33.09
CA PRO D 149 -25.27 -1.66 32.04
C PRO D 149 -24.11 -0.69 31.98
N ARG D 150 -24.34 0.60 32.20
CA ARG D 150 -23.26 1.57 32.11
C ARG D 150 -22.25 1.37 33.23
N ILE D 151 -22.75 1.19 34.46
CA ILE D 151 -21.86 0.99 35.60
C ILE D 151 -21.20 -0.38 35.60
N LYS D 152 -21.73 -1.33 34.82
CA LYS D 152 -21.14 -2.66 34.78
C LYS D 152 -19.82 -2.66 34.01
N GLN D 153 -19.66 -1.75 33.05
CA GLN D 153 -18.43 -1.70 32.27
C GLN D 153 -17.30 -1.05 33.05
N LEU D 154 -17.59 0.03 33.77
CA LEU D 154 -16.55 0.76 34.47
C LEU D 154 -16.05 -0.02 35.67
N LEU D 155 -16.96 -0.52 36.52
CA LEU D 155 -16.56 -1.33 37.65
C LEU D 155 -15.98 -2.67 37.21
N GLY D 156 -16.37 -3.15 36.02
CA GLY D 156 -15.77 -4.38 35.52
C GLY D 156 -14.35 -4.16 35.04
N LYS D 157 -14.14 -3.11 34.23
CA LYS D 157 -12.82 -2.86 33.69
C LYS D 157 -11.83 -2.45 34.77
N GLY D 158 -12.30 -1.68 35.76
CA GLY D 158 -11.40 -1.20 36.80
C GLY D 158 -10.88 -2.30 37.70
N LEU D 159 -11.66 -3.35 37.91
CA LEU D 159 -11.23 -4.43 38.78
C LEU D 159 -10.19 -5.32 38.10
N ILE D 160 -10.22 -5.40 36.77
CA ILE D 160 -9.29 -6.24 36.05
C ILE D 160 -7.94 -5.54 35.92
N LYS D 161 -7.95 -4.29 35.46
CA LYS D 161 -6.71 -3.58 35.26
C LYS D 161 -6.00 -3.25 36.57
N ALA D 162 -6.71 -3.34 37.70
CA ALA D 162 -6.05 -3.30 38.99
C ALA D 162 -5.30 -4.58 39.28
N ALA D 163 -5.81 -5.72 38.80
CA ALA D 163 -5.28 -7.02 39.17
C ALA D 163 -4.23 -7.54 38.19
N VAL D 164 -4.40 -7.25 36.89
CA VAL D 164 -3.46 -7.77 35.90
C VAL D 164 -2.19 -6.94 35.87
N THR D 165 -2.26 -5.67 36.22
CA THR D 165 -1.09 -4.80 36.24
C THR D 165 -0.33 -4.86 37.56
N THR D 166 -0.91 -5.48 38.59
CA THR D 166 -0.25 -5.67 39.87
C THR D 166 -0.01 -7.13 40.22
N GLY D 167 -0.64 -8.07 39.54
CA GLY D 167 -0.55 -9.46 39.92
C GLY D 167 -1.20 -9.70 41.27
N ALA D 168 -2.51 -9.52 41.31
CA ALA D 168 -3.26 -9.49 42.56
C ALA D 168 -4.07 -10.77 42.75
N TRP D 169 -4.33 -11.07 44.01
CA TRP D 169 -5.37 -12.01 44.41
C TRP D 169 -6.66 -11.22 44.65
N ILE D 170 -7.78 -11.80 44.24
CA ILE D 170 -9.10 -11.26 44.53
C ILE D 170 -9.81 -12.29 45.40
N LEU D 171 -10.07 -11.93 46.65
CA LEU D 171 -10.81 -12.78 47.58
C LEU D 171 -12.29 -12.47 47.46
N THR D 172 -13.08 -13.48 47.10
CA THR D 172 -14.53 -13.36 46.95
C THR D 172 -15.22 -14.28 47.95
N GLY D 173 -16.55 -14.31 47.88
CA GLY D 173 -17.31 -15.30 48.62
C GLY D 173 -17.34 -16.67 47.98
N GLY D 174 -16.97 -16.77 46.71
CA GLY D 174 -16.90 -18.05 46.03
C GLY D 174 -18.20 -18.43 45.37
N VAL D 175 -19.25 -18.58 46.19
CA VAL D 175 -20.56 -18.96 45.67
C VAL D 175 -21.10 -17.88 44.74
N ASN D 176 -21.98 -18.30 43.85
CA ASN D 176 -22.46 -17.46 42.77
C ASN D 176 -23.45 -16.40 43.22
N THR D 177 -23.88 -16.39 44.49
CA THR D 177 -24.81 -15.37 44.95
C THR D 177 -24.06 -14.07 45.24
N GLY D 178 -24.68 -12.96 44.86
CA GLY D 178 -24.19 -11.66 45.24
C GLY D 178 -23.00 -11.15 44.46
N VAL D 179 -21.84 -11.14 45.12
CA VAL D 179 -20.68 -10.40 44.63
C VAL D 179 -19.99 -11.15 43.51
N ALA D 180 -19.75 -12.45 43.71
CA ALA D 180 -18.93 -13.21 42.78
C ALA D 180 -19.56 -13.34 41.40
N LYS D 181 -20.88 -13.17 41.29
CA LYS D 181 -21.50 -13.14 39.98
C LYS D 181 -21.02 -11.93 39.18
N HIS D 182 -20.82 -10.81 39.85
CA HIS D 182 -20.39 -9.57 39.20
C HIS D 182 -18.88 -9.50 39.07
N VAL D 183 -18.14 -10.20 39.94
CA VAL D 183 -16.70 -10.30 39.80
C VAL D 183 -16.35 -11.15 38.59
N GLY D 184 -17.05 -12.27 38.41
CA GLY D 184 -16.75 -13.16 37.30
C GLY D 184 -17.22 -12.63 35.96
N ASP D 185 -18.31 -11.86 35.94
CA ASP D 185 -18.77 -11.29 34.68
C ASP D 185 -17.83 -10.18 34.23
N ALA D 186 -17.13 -9.54 35.16
CA ALA D 186 -16.02 -8.68 34.80
C ALA D 186 -14.91 -9.48 34.14
N LEU D 187 -14.69 -10.71 34.62
CA LEU D 187 -13.71 -11.58 33.99
C LEU D 187 -14.18 -12.11 32.65
N LYS D 188 -15.50 -12.20 32.44
CA LYS D 188 -16.01 -12.67 31.15
C LYS D 188 -15.73 -11.65 30.06
N GLU D 189 -15.83 -10.36 30.38
CA GLU D 189 -15.71 -9.32 29.37
C GLU D 189 -14.27 -9.10 28.95
N HIS D 190 -13.35 -9.00 29.91
CA HIS D 190 -11.99 -8.55 29.65
C HIS D 190 -10.95 -9.58 30.10
N ALA D 191 -11.17 -10.86 29.80
CA ALA D 191 -10.25 -11.91 30.21
C ALA D 191 -8.87 -11.75 29.59
N SER D 192 -8.78 -11.91 28.28
CA SER D 192 -7.50 -11.92 27.55
C SER D 192 -6.52 -12.90 28.19
N ARG D 193 -7.02 -14.11 28.51
CA ARG D 193 -6.30 -15.19 29.18
C ARG D 193 -5.43 -14.71 30.35
N SER D 194 -5.85 -13.65 31.03
CA SER D 194 -5.07 -13.05 32.11
C SER D 194 -5.33 -13.74 33.45
N SER D 195 -5.89 -14.95 33.44
CA SER D 195 -5.92 -15.77 34.65
C SER D 195 -4.53 -16.26 35.04
N ARG D 196 -3.56 -16.16 34.14
CA ARG D 196 -2.16 -16.41 34.51
C ARG D 196 -1.70 -15.40 35.57
N LYS D 197 -2.20 -14.16 35.48
CA LYS D 197 -1.87 -13.11 36.42
C LYS D 197 -2.95 -12.87 37.45
N ILE D 198 -4.22 -13.11 37.09
CA ILE D 198 -5.32 -12.96 38.01
C ILE D 198 -5.58 -14.32 38.66
N CYS D 199 -5.55 -14.34 39.99
CA CYS D 199 -5.86 -15.53 40.78
C CYS D 199 -6.98 -15.18 41.75
N THR D 200 -8.23 -15.28 41.27
CA THR D 200 -9.38 -15.08 42.14
C THR D 200 -9.57 -16.30 43.01
N ILE D 201 -9.58 -16.10 44.33
CA ILE D 201 -9.71 -17.16 45.32
C ILE D 201 -11.06 -16.99 45.98
N GLY D 202 -11.96 -17.93 45.74
CA GLY D 202 -13.25 -17.92 46.41
C GLY D 202 -13.22 -18.71 47.70
N ILE D 203 -13.55 -18.05 48.81
CA ILE D 203 -13.69 -18.72 50.10
C ILE D 203 -15.19 -18.81 50.35
N ALA D 204 -15.73 -20.00 50.16
CA ALA D 204 -17.12 -20.32 50.40
C ALA D 204 -17.19 -21.31 51.56
N PRO D 205 -18.37 -21.62 52.06
CA PRO D 205 -18.52 -22.77 52.94
C PRO D 205 -18.75 -24.06 52.14
N TRP D 206 -18.62 -25.17 52.85
CA TRP D 206 -18.99 -26.50 52.38
C TRP D 206 -20.47 -26.79 52.68
N GLY D 207 -21.25 -25.74 52.93
CA GLY D 207 -22.61 -25.82 53.43
C GLY D 207 -23.59 -25.60 52.29
N VAL D 208 -23.98 -24.35 52.06
CA VAL D 208 -25.00 -23.98 51.09
C VAL D 208 -24.63 -24.32 49.64
N ILE D 209 -23.43 -24.86 49.41
CA ILE D 209 -23.04 -25.21 48.05
C ILE D 209 -23.75 -26.48 47.61
N GLU D 210 -24.21 -26.49 46.36
CA GLU D 210 -24.81 -27.65 45.75
C GLU D 210 -23.75 -28.65 45.30
N ASN D 211 -24.18 -29.91 45.17
CA ASN D 211 -23.35 -30.98 44.62
C ASN D 211 -22.06 -31.15 45.42
N ARG D 212 -22.18 -31.05 46.74
CA ARG D 212 -21.01 -31.24 47.59
C ARG D 212 -20.58 -32.70 47.62
N ASN D 213 -21.53 -33.62 47.54
CA ASN D 213 -21.20 -35.03 47.56
C ASN D 213 -20.58 -35.49 46.25
N ASP D 214 -20.77 -34.73 45.17
CA ASP D 214 -20.10 -35.02 43.91
C ASP D 214 -18.64 -34.62 43.93
N LEU D 215 -18.25 -33.71 44.82
CA LEU D 215 -16.87 -33.30 44.97
C LEU D 215 -16.10 -34.21 45.93
N VAL D 216 -16.76 -35.23 46.48
CA VAL D 216 -16.11 -36.20 47.35
C VAL D 216 -15.11 -37.02 46.55
N GLY D 217 -13.84 -36.98 46.96
CA GLY D 217 -12.82 -37.75 46.29
C GLY D 217 -11.39 -37.31 46.56
N ARG D 218 -10.50 -38.28 46.71
CA ARG D 218 -9.07 -38.03 46.89
C ARG D 218 -8.42 -37.97 45.51
N ASP D 219 -7.93 -36.79 45.13
CA ASP D 219 -7.26 -36.58 43.85
C ASP D 219 -8.19 -36.96 42.69
N VAL D 220 -9.29 -36.22 42.58
CA VAL D 220 -10.34 -36.50 41.61
C VAL D 220 -10.60 -35.23 40.80
N VAL D 221 -10.44 -35.33 39.48
CA VAL D 221 -10.86 -34.28 38.56
C VAL D 221 -12.36 -34.42 38.36
N ALA D 222 -13.14 -33.74 39.20
CA ALA D 222 -14.59 -33.94 39.20
C ALA D 222 -15.26 -32.95 38.24
N PRO D 223 -16.24 -33.38 37.42
CA PRO D 223 -17.03 -32.40 36.67
C PRO D 223 -18.08 -31.74 37.54
N TYR D 224 -18.42 -30.50 37.19
CA TYR D 224 -19.35 -29.69 37.96
C TYR D 224 -20.21 -28.85 37.02
N GLN D 225 -21.53 -28.95 37.19
CA GLN D 225 -22.48 -28.31 36.30
C GLN D 225 -22.83 -26.91 36.80
N THR D 226 -23.27 -26.06 35.87
CA THR D 226 -23.63 -24.67 36.14
C THR D 226 -25.07 -24.37 35.76
N LEU D 227 -25.94 -25.38 35.81
CA LEU D 227 -27.33 -25.21 35.42
C LEU D 227 -28.14 -24.63 36.58
N LEU D 228 -28.91 -23.59 36.30
CA LEU D 228 -29.75 -22.96 37.32
C LEU D 228 -30.87 -23.92 37.70
N ASN D 229 -30.76 -24.53 38.86
CA ASN D 229 -31.74 -25.52 39.30
C ASN D 229 -33.05 -24.81 39.64
N PRO D 230 -34.18 -25.13 38.99
CA PRO D 230 -35.40 -24.35 39.26
C PRO D 230 -35.96 -24.56 40.66
N LEU D 231 -36.15 -25.81 41.08
CA LEU D 231 -36.76 -26.06 42.38
C LEU D 231 -35.89 -25.59 43.53
N SER D 232 -34.56 -25.58 43.33
CA SER D 232 -33.67 -25.27 44.42
C SER D 232 -33.55 -23.76 44.62
N LYS D 233 -32.94 -23.41 45.75
CA LYS D 233 -32.65 -22.04 46.13
C LYS D 233 -31.19 -21.88 46.54
N LEU D 234 -30.43 -22.97 46.60
CA LEU D 234 -29.05 -22.93 47.06
C LEU D 234 -28.16 -22.34 45.97
N ASN D 235 -26.88 -22.20 46.28
CA ASN D 235 -25.95 -21.44 45.45
C ASN D 235 -24.92 -22.38 44.84
N VAL D 236 -24.47 -22.03 43.64
CA VAL D 236 -23.43 -22.76 42.95
C VAL D 236 -22.13 -21.97 43.01
N LEU D 237 -21.02 -22.60 42.67
CA LEU D 237 -19.76 -21.88 42.53
C LEU D 237 -19.73 -21.12 41.21
N ASN D 238 -18.92 -20.09 41.18
CA ASN D 238 -18.74 -19.27 40.00
C ASN D 238 -17.68 -19.89 39.10
N ASN D 239 -17.97 -19.96 37.80
CA ASN D 239 -17.11 -20.71 36.90
C ASN D 239 -15.73 -20.05 36.74
N LEU D 240 -15.68 -18.73 36.76
CA LEU D 240 -14.42 -18.00 36.56
C LEU D 240 -13.76 -17.67 37.88
N HIS D 241 -13.55 -18.70 38.68
CA HIS D 241 -12.56 -18.67 39.75
C HIS D 241 -11.47 -19.67 39.41
N SER D 242 -10.41 -19.64 40.22
CA SER D 242 -9.26 -20.50 40.03
C SER D 242 -8.98 -21.37 41.24
N HIS D 243 -9.39 -20.98 42.43
CA HIS D 243 -9.12 -21.72 43.65
C HIS D 243 -10.28 -21.53 44.61
N PHE D 244 -10.61 -22.60 45.34
CA PHE D 244 -11.73 -22.61 46.26
C PHE D 244 -11.27 -23.10 47.62
N ILE D 245 -11.69 -22.39 48.68
CA ILE D 245 -11.45 -22.78 50.06
C ILE D 245 -12.80 -22.97 50.70
N LEU D 246 -13.03 -24.15 51.27
CA LEU D 246 -14.35 -24.58 51.71
C LEU D 246 -14.28 -25.01 53.17
N VAL D 247 -15.00 -24.30 54.03
CA VAL D 247 -14.95 -24.45 55.48
C VAL D 247 -16.33 -24.92 55.96
N ASP D 248 -16.36 -25.97 56.78
CA ASP D 248 -17.59 -26.52 57.33
C ASP D 248 -17.52 -26.41 58.85
N ASP D 249 -18.52 -25.78 59.47
CA ASP D 249 -18.64 -25.82 60.93
C ASP D 249 -19.62 -26.91 61.33
N GLY D 250 -20.91 -26.75 61.01
CA GLY D 250 -21.86 -27.84 61.12
C GLY D 250 -22.10 -28.64 59.86
N THR D 251 -22.81 -28.04 58.90
CA THR D 251 -23.31 -28.77 57.74
C THR D 251 -23.96 -27.78 56.77
N VAL D 252 -24.68 -28.32 55.78
CA VAL D 252 -25.50 -27.52 54.89
C VAL D 252 -26.44 -26.64 55.68
N GLY D 253 -26.58 -25.39 55.25
CA GLY D 253 -27.08 -24.34 56.12
C GLY D 253 -25.94 -23.85 56.99
N LYS D 254 -26.30 -23.19 58.09
CA LYS D 254 -25.31 -22.64 59.03
C LYS D 254 -24.34 -21.71 58.30
N TYR D 255 -24.91 -20.62 57.78
CA TYR D 255 -24.19 -19.74 56.88
C TYR D 255 -23.30 -18.76 57.65
N GLY D 256 -22.38 -19.33 58.42
CA GLY D 256 -21.11 -18.68 58.67
C GLY D 256 -20.14 -19.58 59.39
N ALA D 257 -19.01 -19.83 58.73
CA ALA D 257 -17.80 -20.34 59.35
C ALA D 257 -16.54 -19.70 58.82
N GLU D 258 -16.58 -19.08 57.65
CA GLU D 258 -15.42 -18.60 56.92
C GLU D 258 -15.07 -17.16 57.23
N VAL D 259 -15.97 -16.41 57.89
CA VAL D 259 -15.77 -14.99 58.14
C VAL D 259 -14.53 -14.78 58.98
N ARG D 260 -14.23 -15.69 59.89
CA ARG D 260 -13.00 -15.61 60.67
C ARG D 260 -11.80 -16.06 59.84
N LEU D 261 -11.94 -17.16 59.09
CA LEU D 261 -10.78 -17.75 58.43
C LEU D 261 -10.33 -16.94 57.24
N ARG D 262 -11.28 -16.39 56.48
CA ARG D 262 -10.92 -15.47 55.40
C ARG D 262 -10.20 -14.26 55.94
N ARG D 263 -10.66 -13.74 57.08
CA ARG D 263 -10.04 -12.57 57.69
C ARG D 263 -8.65 -12.91 58.22
N GLU D 264 -8.48 -14.10 58.79
CA GLU D 264 -7.16 -14.51 59.25
C GLU D 264 -6.21 -14.79 58.10
N LEU D 265 -6.73 -15.08 56.91
CA LEU D 265 -5.87 -15.20 55.74
C LEU D 265 -5.29 -13.85 55.34
N GLU D 266 -6.08 -12.79 55.47
CA GLU D 266 -5.58 -11.46 55.17
C GLU D 266 -4.46 -11.05 56.12
N LYS D 267 -4.51 -11.54 57.36
CA LYS D 267 -3.43 -11.23 58.30
C LYS D 267 -2.13 -11.90 57.88
N THR D 268 -2.19 -13.10 57.30
CA THR D 268 -0.96 -13.81 56.98
C THR D 268 -0.27 -13.21 55.77
N ILE D 269 -1.03 -12.72 54.79
CA ILE D 269 -0.41 -12.15 53.60
C ILE D 269 0.26 -10.83 53.95
N ASN D 270 -0.39 -10.02 54.78
CA ASN D 270 0.14 -8.71 55.16
C ASN D 270 1.36 -8.82 56.07
N GLN D 271 1.64 -9.99 56.62
CA GLN D 271 2.87 -10.24 57.35
C GLN D 271 4.00 -10.76 56.47
N GLN D 272 3.71 -11.10 55.22
CA GLN D 272 4.72 -11.55 54.28
C GLN D 272 5.30 -10.37 53.51
N ARG D 273 6.59 -10.48 53.19
CA ARG D 273 7.26 -9.43 52.45
C ARG D 273 6.84 -9.44 50.99
N ILE D 274 6.55 -8.25 50.47
CA ILE D 274 6.10 -8.12 49.09
C ILE D 274 7.19 -8.47 48.09
N HIS D 275 8.45 -8.39 48.49
CA HIS D 275 9.58 -8.64 47.60
C HIS D 275 10.81 -8.83 48.47
N ALA D 276 11.82 -9.51 47.92
CA ALA D 276 13.03 -9.83 48.66
C ALA D 276 14.00 -8.65 48.78
N ARG D 277 13.55 -7.43 48.48
CA ARG D 277 14.31 -6.21 48.65
C ARG D 277 13.52 -5.14 49.39
N ILE D 278 12.22 -5.34 49.59
CA ILE D 278 11.31 -4.34 50.11
C ILE D 278 10.84 -4.82 51.47
N GLY D 279 11.01 -3.98 52.49
CA GLY D 279 10.57 -4.36 53.83
C GLY D 279 9.10 -4.20 54.05
N GLN D 280 8.43 -3.41 53.22
CA GLN D 280 6.99 -3.22 53.33
C GLN D 280 6.25 -4.52 53.05
N GLY D 281 5.14 -4.71 53.77
CA GLY D 281 4.34 -5.91 53.59
C GLY D 281 3.32 -5.76 52.49
N VAL D 282 2.72 -6.88 52.12
CA VAL D 282 1.74 -6.91 51.04
C VAL D 282 0.52 -6.12 51.48
N PRO D 283 0.08 -5.11 50.73
CA PRO D 283 -1.13 -4.37 51.15
C PRO D 283 -2.39 -5.15 50.84
N VAL D 284 -3.41 -4.92 51.67
CA VAL D 284 -4.73 -5.50 51.50
C VAL D 284 -5.72 -4.35 51.41
N VAL D 285 -6.60 -4.41 50.40
CA VAL D 285 -7.64 -3.42 50.20
C VAL D 285 -8.98 -4.14 50.29
N ALA D 286 -10.03 -3.37 50.57
CA ALA D 286 -11.39 -3.87 50.64
C ALA D 286 -12.27 -3.08 49.69
N LEU D 287 -12.81 -3.75 48.68
CA LEU D 287 -13.72 -3.15 47.72
C LEU D 287 -15.13 -3.50 48.13
N ILE D 288 -16.04 -2.52 48.06
CA ILE D 288 -17.39 -2.65 48.59
C ILE D 288 -18.36 -2.41 47.44
N PHE D 289 -19.03 -3.48 47.00
CA PHE D 289 -20.19 -3.38 46.13
C PHE D 289 -21.43 -3.33 47.01
N GLU D 290 -22.61 -3.47 46.39
CA GLU D 290 -23.90 -3.56 47.04
C GLU D 290 -23.87 -4.47 48.26
N GLY D 291 -24.13 -3.89 49.44
CA GLY D 291 -23.76 -4.49 50.70
C GLY D 291 -24.90 -5.07 51.53
N GLY D 292 -24.84 -4.91 52.85
CA GLY D 292 -25.84 -5.49 53.71
C GLY D 292 -25.66 -5.15 55.18
N PRO D 293 -26.44 -5.79 56.05
CA PRO D 293 -26.33 -5.48 57.48
C PRO D 293 -25.06 -6.02 58.10
N ASN D 294 -24.65 -7.23 57.73
CA ASN D 294 -23.38 -7.78 58.21
C ASN D 294 -22.17 -7.16 57.54
N VAL D 295 -22.38 -6.43 56.44
CA VAL D 295 -21.27 -5.76 55.76
C VAL D 295 -20.75 -4.62 56.62
N ILE D 296 -21.65 -3.91 57.31
CA ILE D 296 -21.26 -2.73 58.06
C ILE D 296 -20.38 -3.10 59.25
N LEU D 297 -20.62 -4.27 59.85
CA LEU D 297 -19.73 -4.76 60.90
C LEU D 297 -18.39 -5.21 60.33
N THR D 298 -18.33 -5.55 59.05
CA THR D 298 -17.07 -5.95 58.42
C THR D 298 -16.24 -4.74 58.04
N VAL D 299 -16.88 -3.69 57.53
CA VAL D 299 -16.16 -2.47 57.17
C VAL D 299 -15.53 -1.84 58.40
N LEU D 300 -16.27 -1.79 59.51
CA LEU D 300 -15.77 -1.17 60.73
C LEU D 300 -14.70 -2.02 61.39
N GLU D 301 -14.74 -3.34 61.19
CA GLU D 301 -13.72 -4.21 61.76
C GLU D 301 -12.39 -4.04 61.05
N TYR D 302 -12.41 -3.63 59.79
CA TYR D 302 -11.17 -3.37 59.06
C TYR D 302 -10.49 -2.11 59.59
N LEU D 303 -11.27 -1.04 59.81
CA LEU D 303 -10.70 0.23 60.19
C LEU D 303 -10.19 0.21 61.62
N GLN D 304 -10.78 -0.60 62.49
CA GLN D 304 -10.36 -0.72 63.88
C GLN D 304 -9.43 -1.92 63.99
N GLU D 305 -8.19 -1.71 63.59
CA GLU D 305 -7.19 -2.77 63.60
C GLU D 305 -5.82 -2.16 63.36
N SER D 306 -4.80 -2.78 63.96
CA SER D 306 -3.41 -2.48 63.64
C SER D 306 -2.85 -3.65 62.83
N PRO D 307 -2.50 -3.47 61.54
CA PRO D 307 -2.52 -2.28 60.69
C PRO D 307 -3.93 -1.91 60.18
N PRO D 308 -4.24 -0.60 60.01
CA PRO D 308 -5.56 -0.23 59.49
C PRO D 308 -5.77 -0.50 58.00
N VAL D 309 -6.26 -1.69 57.68
CA VAL D 309 -6.65 -2.05 56.32
C VAL D 309 -7.61 -1.00 55.77
N PRO D 310 -7.36 -0.39 54.62
CA PRO D 310 -8.32 0.59 54.08
C PRO D 310 -9.48 -0.08 53.36
N VAL D 311 -10.44 0.76 52.97
CA VAL D 311 -11.69 0.34 52.36
C VAL D 311 -11.99 1.26 51.19
N VAL D 312 -12.34 0.66 50.05
CA VAL D 312 -12.82 1.38 48.87
C VAL D 312 -14.31 1.09 48.75
N VAL D 313 -15.11 2.14 48.64
CA VAL D 313 -16.56 2.02 48.55
C VAL D 313 -17.01 2.55 47.20
N CYS D 314 -17.87 1.79 46.54
CA CYS D 314 -18.47 2.21 45.28
C CYS D 314 -19.83 2.84 45.54
N GLU D 315 -20.39 3.43 44.49
CA GLU D 315 -21.75 3.94 44.51
C GLU D 315 -22.41 3.62 43.19
N GLY D 316 -23.71 3.92 43.09
CA GLY D 316 -24.48 3.66 41.90
C GLY D 316 -25.22 2.34 41.92
N THR D 317 -24.75 1.37 42.71
CA THR D 317 -25.45 0.10 42.81
C THR D 317 -26.73 0.25 43.61
N GLY D 318 -26.60 0.71 44.85
CA GLY D 318 -27.71 1.11 45.69
C GLY D 318 -28.06 0.08 46.74
N ARG D 319 -27.40 0.22 47.88
CA ARG D 319 -27.65 -0.50 49.13
C ARG D 319 -26.71 0.18 50.11
N ALA D 320 -26.47 -0.42 51.28
CA ALA D 320 -25.41 -0.02 52.21
C ALA D 320 -24.13 0.50 51.55
N ALA D 321 -23.74 -0.01 50.39
CA ALA D 321 -22.69 0.63 49.60
C ALA D 321 -23.02 2.10 49.37
N ASP D 322 -24.25 2.38 48.96
CA ASP D 322 -24.66 3.75 48.71
C ASP D 322 -24.96 4.50 49.99
N LEU D 323 -25.20 3.79 51.10
CA LEU D 323 -25.25 4.48 52.39
C LEU D 323 -23.89 5.03 52.76
N LEU D 324 -22.84 4.21 52.63
CA LEU D 324 -21.49 4.70 52.90
C LEU D 324 -21.10 5.82 51.93
N ALA D 325 -21.69 5.84 50.74
CA ALA D 325 -21.47 6.95 49.83
C ALA D 325 -22.16 8.22 50.30
N TYR D 326 -23.39 8.09 50.81
CA TYR D 326 -24.16 9.26 51.22
C TYR D 326 -23.69 9.78 52.56
N ILE D 327 -23.40 8.89 53.50
CA ILE D 327 -22.97 9.30 54.83
C ILE D 327 -21.60 9.97 54.77
N HIS D 328 -20.70 9.42 53.94
CA HIS D 328 -19.38 10.01 53.78
C HIS D 328 -19.44 11.34 53.02
N LYS D 329 -20.48 11.55 52.23
CA LYS D 329 -20.55 12.73 51.37
C LYS D 329 -20.88 13.99 52.16
N GLN D 330 -21.93 13.95 52.97
CA GLN D 330 -22.39 15.12 53.71
C GLN D 330 -21.61 15.32 55.01
N THR D 331 -20.29 15.30 54.92
CA THR D 331 -19.45 15.31 56.11
C THR D 331 -18.10 15.90 55.74
N GLU D 332 -17.66 16.89 56.51
CA GLU D 332 -16.35 17.50 56.33
C GLU D 332 -15.33 16.67 57.10
N GLU D 333 -14.16 17.23 57.41
CA GLU D 333 -13.14 16.51 58.14
C GLU D 333 -13.66 16.08 59.52
N GLY D 334 -12.82 15.36 60.26
CA GLY D 334 -13.31 14.44 61.27
C GLY D 334 -13.99 15.03 62.49
N GLY D 335 -15.10 15.74 62.25
CA GLY D 335 -16.01 16.14 63.30
C GLY D 335 -17.28 15.30 63.29
N ASN D 336 -18.16 15.61 64.25
CA ASN D 336 -19.33 14.76 64.51
C ASN D 336 -20.31 14.69 63.33
N LEU D 337 -21.00 15.78 63.03
CA LEU D 337 -22.15 15.71 62.14
C LEU D 337 -22.32 17.05 61.43
N PRO D 338 -23.09 17.09 60.32
CA PRO D 338 -23.71 18.34 59.87
C PRO D 338 -24.92 18.68 60.74
N ASP D 339 -25.73 19.68 60.32
CA ASP D 339 -26.97 20.02 61.00
C ASP D 339 -27.80 18.77 61.28
N ALA D 340 -28.62 18.85 62.32
CA ALA D 340 -29.28 17.67 62.87
C ALA D 340 -30.33 17.12 61.92
N ALA D 341 -29.93 16.15 61.09
CA ALA D 341 -30.81 15.46 60.16
C ALA D 341 -30.84 13.96 60.42
N GLU D 342 -30.74 13.58 61.68
CA GLU D 342 -30.82 12.16 62.03
C GLU D 342 -32.14 11.51 61.63
N PRO D 343 -33.30 12.17 61.76
CA PRO D 343 -34.53 11.58 61.19
C PRO D 343 -34.46 11.34 59.69
N ASP D 344 -33.55 12.01 58.98
CA ASP D 344 -33.31 11.75 57.58
C ASP D 344 -32.29 10.64 57.36
N ILE D 345 -31.42 10.40 58.33
CA ILE D 345 -30.43 9.33 58.20
C ILE D 345 -31.05 8.00 58.59
N ILE D 346 -31.60 7.90 59.80
CA ILE D 346 -32.12 6.63 60.29
C ILE D 346 -33.32 6.19 59.47
N SER D 347 -34.05 7.14 58.87
CA SER D 347 -35.08 6.77 57.92
C SER D 347 -34.48 6.11 56.69
N THR D 348 -33.33 6.61 56.23
CA THR D 348 -32.68 6.03 55.06
C THR D 348 -32.06 4.67 55.39
N ILE D 349 -31.71 4.44 56.67
CA ILE D 349 -31.17 3.14 57.07
C ILE D 349 -32.27 2.08 57.03
N LYS D 350 -33.49 2.43 57.46
CA LYS D 350 -34.56 1.44 57.57
C LYS D 350 -35.31 1.19 56.27
N LYS D 351 -35.05 1.97 55.20
CA LYS D 351 -35.61 1.62 53.90
C LYS D 351 -34.83 0.50 53.22
N THR D 352 -33.56 0.31 53.59
CA THR D 352 -32.81 -0.82 53.06
C THR D 352 -33.31 -2.13 53.66
N PHE D 353 -33.25 -2.25 54.98
CA PHE D 353 -33.83 -3.37 55.71
C PHE D 353 -34.67 -2.83 56.85
N ASN D 354 -35.82 -3.45 57.11
CA ASN D 354 -36.75 -2.97 58.12
C ASN D 354 -36.18 -3.20 59.51
N PHE D 355 -35.61 -2.16 60.10
CA PHE D 355 -35.11 -2.17 61.47
C PHE D 355 -36.10 -1.52 62.43
N GLY D 356 -36.50 -0.29 62.15
CA GLY D 356 -37.62 0.34 62.84
C GLY D 356 -37.27 1.18 64.06
N GLN D 357 -36.31 2.09 63.92
CA GLN D 357 -36.01 3.14 64.89
C GLN D 357 -35.37 2.62 66.19
N SER D 358 -35.27 1.31 66.39
CA SER D 358 -34.79 0.75 67.64
C SER D 358 -33.34 0.26 67.51
N GLU D 359 -33.07 -0.62 66.54
CA GLU D 359 -31.71 -1.00 66.19
C GLU D 359 -31.23 -0.32 64.91
N ALA D 360 -32.08 0.45 64.23
CA ALA D 360 -31.56 1.34 63.20
C ALA D 360 -30.67 2.40 63.83
N VAL D 361 -30.96 2.76 65.08
CA VAL D 361 -30.03 3.59 65.86
C VAL D 361 -28.73 2.83 66.10
N HIS D 362 -28.82 1.51 66.30
CA HIS D 362 -27.60 0.73 66.51
C HIS D 362 -26.72 0.72 65.27
N LEU D 363 -27.31 0.85 64.07
CA LEU D 363 -26.50 1.00 62.87
C LEU D 363 -25.84 2.36 62.81
N PHE D 364 -26.45 3.38 63.43
CA PHE D 364 -25.94 4.74 63.33
C PHE D 364 -24.65 4.92 64.12
N GLN D 365 -24.45 4.17 65.21
CA GLN D 365 -23.15 4.22 65.87
C GLN D 365 -22.06 3.58 65.03
N THR D 366 -22.42 2.70 64.09
CA THR D 366 -21.45 2.19 63.14
C THR D 366 -21.25 3.15 61.97
N MET D 367 -22.30 3.89 61.60
CA MET D 367 -22.17 4.88 60.54
C MET D 367 -21.43 6.13 61.00
N MET D 368 -21.38 6.40 62.32
CA MET D 368 -20.61 7.53 62.80
C MET D 368 -19.15 7.21 63.04
N GLU D 369 -18.80 5.91 63.09
CA GLU D 369 -17.39 5.51 63.10
C GLU D 369 -16.85 5.23 61.70
N CYS D 370 -17.72 5.18 60.69
CA CYS D 370 -17.28 5.05 59.30
C CYS D 370 -17.23 6.37 58.56
N MET D 371 -17.91 7.41 59.06
CA MET D 371 -17.63 8.78 58.64
C MET D 371 -16.43 9.36 59.37
N LYS D 372 -15.90 8.66 60.37
CA LYS D 372 -14.86 9.21 61.24
C LYS D 372 -13.49 9.13 60.59
N LYS D 373 -13.22 8.03 59.90
CA LYS D 373 -11.90 7.72 59.33
C LYS D 373 -11.87 7.94 57.83
N LYS D 374 -12.48 9.05 57.37
CA LYS D 374 -12.60 9.43 55.96
C LYS D 374 -11.33 9.22 55.14
N GLU D 375 -10.17 9.40 55.76
CA GLU D 375 -8.92 9.26 55.04
C GLU D 375 -8.72 7.84 54.50
N LEU D 376 -9.27 6.84 55.18
CA LEU D 376 -9.18 5.45 54.77
C LEU D 376 -10.39 5.00 53.95
N ILE D 377 -11.30 5.91 53.62
CA ILE D 377 -12.49 5.62 52.82
C ILE D 377 -12.37 6.37 51.52
N THR D 378 -12.52 5.65 50.41
CA THR D 378 -12.43 6.22 49.07
C THR D 378 -13.73 5.91 48.33
N VAL D 379 -14.53 6.94 48.10
CA VAL D 379 -15.77 6.82 47.36
C VAL D 379 -15.49 7.15 45.90
N PHE D 380 -16.08 6.38 45.00
CA PHE D 380 -15.86 6.50 43.56
C PHE D 380 -17.14 7.02 42.91
N HIS D 381 -17.24 8.34 42.76
CA HIS D 381 -18.43 8.95 42.16
C HIS D 381 -18.43 8.72 40.66
N ILE D 382 -19.47 8.05 40.17
CA ILE D 382 -19.59 7.69 38.76
C ILE D 382 -20.56 8.68 38.11
N GLY D 383 -20.11 9.28 37.01
CA GLY D 383 -20.89 10.27 36.28
C GLY D 383 -20.15 11.58 36.09
N SER D 384 -18.95 11.70 36.67
CA SER D 384 -18.12 12.88 36.51
C SER D 384 -16.65 12.48 36.29
N GLU D 385 -16.43 11.29 35.73
CA GLU D 385 -15.13 10.64 35.56
C GLU D 385 -14.20 10.88 36.75
N ASP D 386 -14.77 10.78 37.95
CA ASP D 386 -14.06 11.21 39.16
C ASP D 386 -12.99 10.21 39.52
N HIS D 387 -11.74 10.65 39.47
CA HIS D 387 -10.56 9.86 39.86
C HIS D 387 -10.28 8.71 38.89
N GLN D 388 -10.95 8.68 37.73
CA GLN D 388 -10.40 8.01 36.56
C GLN D 388 -10.12 6.51 36.73
N ASP D 389 -11.14 5.67 36.62
CA ASP D 389 -10.88 4.22 36.50
C ASP D 389 -10.34 3.61 37.78
N ILE D 390 -11.26 3.08 38.58
CA ILE D 390 -11.11 2.59 39.95
C ILE D 390 -9.78 1.90 40.23
N ASP D 391 -9.14 1.29 39.22
CA ASP D 391 -7.81 0.71 39.44
C ASP D 391 -6.83 1.76 39.95
N VAL D 392 -6.97 3.00 39.50
CA VAL D 392 -6.24 4.11 40.09
C VAL D 392 -6.68 4.30 41.54
N ALA D 393 -7.99 4.23 41.77
CA ALA D 393 -8.53 4.54 43.09
C ALA D 393 -8.32 3.42 44.09
N ILE D 394 -8.23 2.17 43.62
CA ILE D 394 -7.85 1.08 44.51
C ILE D 394 -6.43 1.28 44.99
N LEU D 395 -5.53 1.55 44.05
CA LEU D 395 -4.12 1.65 44.35
C LEU D 395 -3.78 2.98 45.02
N THR D 396 -4.55 4.03 44.75
CA THR D 396 -4.35 5.29 45.44
C THR D 396 -4.80 5.20 46.90
N ALA D 397 -5.79 4.36 47.18
CA ALA D 397 -6.32 4.24 48.53
C ALA D 397 -5.33 3.61 49.48
N LEU D 398 -4.37 2.85 48.95
CA LEU D 398 -3.30 2.28 49.77
C LEU D 398 -2.19 3.26 50.05
N LEU D 399 -2.32 4.51 49.61
CA LEU D 399 -1.31 5.56 49.78
C LEU D 399 -1.80 6.73 50.61
N LYS D 400 -3.11 6.99 50.64
CA LYS D 400 -3.63 8.15 51.35
C LYS D 400 -3.63 7.94 52.86
N GLY D 401 -4.23 6.84 53.31
CA GLY D 401 -4.27 6.52 54.72
C GLY D 401 -3.01 5.83 55.17
N THR D 402 -3.09 5.25 56.39
CA THR D 402 -2.01 4.50 57.05
C THR D 402 -0.67 5.22 56.91
N ASN D 403 -0.60 6.41 57.52
CA ASN D 403 0.47 7.39 57.31
C ASN D 403 1.87 6.79 57.30
N ALA D 404 2.54 6.89 56.16
CA ALA D 404 3.87 6.35 55.98
C ALA D 404 4.65 7.29 55.07
N SER D 405 5.93 7.00 54.93
CA SER D 405 6.80 7.87 54.15
C SER D 405 6.41 7.84 52.68
N ALA D 406 6.82 8.89 51.97
CA ALA D 406 6.69 8.88 50.52
C ALA D 406 7.63 7.85 49.90
N PHE D 407 8.75 7.57 50.57
CA PHE D 407 9.56 6.43 50.20
C PHE D 407 8.75 5.14 50.26
N ASP D 408 7.94 5.00 51.30
CA ASP D 408 7.09 3.82 51.40
C ASP D 408 5.98 3.85 50.35
N GLN D 409 5.55 5.05 49.95
CA GLN D 409 4.58 5.16 48.86
C GLN D 409 5.20 4.86 47.52
N LEU D 410 6.47 5.21 47.32
CA LEU D 410 7.11 5.07 46.02
C LEU D 410 7.55 3.64 45.78
N ILE D 411 8.17 3.02 46.78
CA ILE D 411 8.65 1.66 46.64
C ILE D 411 7.47 0.70 46.50
N LEU D 412 6.31 1.06 47.03
CA LEU D 412 5.13 0.23 46.82
C LEU D 412 4.72 0.23 45.36
N THR D 413 4.73 1.41 44.74
CA THR D 413 4.46 1.49 43.31
C THR D 413 5.55 0.82 42.50
N LEU D 414 6.77 0.75 43.03
CA LEU D 414 7.86 0.12 42.31
C LEU D 414 7.65 -1.38 42.19
N ALA D 415 7.09 -2.00 43.23
CA ALA D 415 6.79 -3.42 43.15
C ALA D 415 5.63 -3.71 42.22
N TRP D 416 4.65 -2.81 42.18
CA TRP D 416 3.52 -2.96 41.29
C TRP D 416 3.88 -2.71 39.83
N ASP D 417 5.02 -2.07 39.57
CA ASP D 417 5.44 -1.69 38.22
C ASP D 417 4.38 -0.78 37.59
N ARG D 418 4.07 0.29 38.31
CA ARG D 418 3.06 1.28 37.92
C ARG D 418 3.67 2.68 38.06
N VAL D 419 3.97 3.31 36.93
CA VAL D 419 4.56 4.65 36.97
C VAL D 419 3.48 5.72 36.99
N ASP D 420 2.35 5.48 36.33
CA ASP D 420 1.32 6.51 36.26
C ASP D 420 0.68 6.79 37.62
N ILE D 421 0.72 5.83 38.54
CA ILE D 421 0.36 6.14 39.92
C ILE D 421 1.49 6.89 40.60
N ALA D 422 2.72 6.51 40.32
CA ALA D 422 3.86 7.15 40.97
C ALA D 422 4.09 8.56 40.47
N LYS D 423 3.86 8.79 39.17
CA LYS D 423 4.09 10.11 38.62
C LYS D 423 3.01 11.10 39.06
N ASN D 424 1.76 10.66 39.10
CA ASN D 424 0.62 11.53 39.29
C ASN D 424 0.11 11.58 40.72
N HIS D 425 0.60 10.70 41.61
CA HIS D 425 0.13 10.66 42.99
C HIS D 425 1.22 10.51 44.03
N VAL D 426 2.47 10.29 43.64
CA VAL D 426 3.60 10.33 44.56
C VAL D 426 4.48 11.55 44.27
N PHE D 427 4.76 11.80 42.99
CA PHE D 427 5.51 12.99 42.59
C PHE D 427 4.54 14.12 42.23
N VAL D 428 3.77 14.49 43.24
CA VAL D 428 2.91 15.65 43.18
C VAL D 428 3.65 16.83 43.77
N TYR D 429 3.14 18.03 43.53
CA TYR D 429 3.78 19.20 44.10
C TYR D 429 3.51 19.25 45.61
N GLY D 430 4.54 19.57 46.38
CA GLY D 430 4.45 19.71 47.81
C GLY D 430 5.03 18.55 48.59
N GLN D 431 5.34 17.44 47.92
CA GLN D 431 5.86 16.28 48.63
C GLN D 431 7.33 16.49 48.97
N GLN D 432 7.68 16.20 50.22
CA GLN D 432 9.03 16.38 50.73
C GLN D 432 9.73 15.03 50.82
N TRP D 433 10.99 15.01 50.38
CA TRP D 433 11.78 13.79 50.27
C TRP D 433 12.96 13.83 51.24
N LEU D 434 13.32 12.66 51.75
CA LEU D 434 14.50 12.53 52.57
C LEU D 434 15.75 12.60 51.68
N VAL D 435 16.93 12.60 52.32
CA VAL D 435 18.16 12.87 51.60
C VAL D 435 18.59 11.68 50.76
N GLY D 436 18.53 10.47 51.34
CA GLY D 436 18.98 9.26 50.67
C GLY D 436 17.87 8.32 50.25
N SER D 437 16.62 8.77 50.25
CA SER D 437 15.50 7.89 49.91
C SER D 437 15.41 7.68 48.41
N LEU D 438 15.51 8.75 47.63
CA LEU D 438 15.41 8.63 46.18
C LEU D 438 16.59 7.86 45.62
N GLU D 439 17.73 7.89 46.28
CA GLU D 439 18.85 7.05 45.85
C GLU D 439 18.56 5.59 46.11
N GLN D 440 18.03 5.27 47.28
CA GLN D 440 17.68 3.88 47.56
C GLN D 440 16.58 3.40 46.62
N ALA D 441 15.73 4.31 46.14
CA ALA D 441 14.74 3.93 45.14
C ALA D 441 15.38 3.61 43.81
N MET D 442 16.44 4.33 43.44
CA MET D 442 17.14 4.07 42.20
C MET D 442 17.86 2.73 42.25
N LEU D 443 18.50 2.44 43.39
CA LEU D 443 19.21 1.18 43.53
C LEU D 443 18.25 0.01 43.46
N ASP D 444 17.03 0.19 43.93
CA ASP D 444 16.04 -0.88 43.87
C ASP D 444 15.49 -1.02 42.45
N ALA D 445 15.30 0.10 41.76
CA ALA D 445 14.71 0.08 40.44
C ALA D 445 15.67 -0.45 39.38
N LEU D 446 16.98 -0.25 39.58
CA LEU D 446 17.95 -0.77 38.62
C LEU D 446 18.06 -2.28 38.75
N VAL D 447 18.03 -2.80 39.97
CA VAL D 447 18.14 -4.23 40.18
C VAL D 447 16.88 -4.95 39.69
N MET D 448 15.72 -4.39 40.00
CA MET D 448 14.45 -5.02 39.65
C MET D 448 14.09 -4.85 38.18
N ASP D 449 14.96 -4.28 37.37
CA ASP D 449 14.74 -4.17 35.93
C ASP D 449 13.50 -3.31 35.64
N ARG D 450 13.37 -2.21 36.38
CA ARG D 450 12.24 -1.29 36.29
C ARG D 450 12.73 -0.05 35.54
N VAL D 451 12.61 -0.10 34.22
CA VAL D 451 13.22 0.92 33.39
C VAL D 451 12.47 2.24 33.50
N SER D 452 11.15 2.19 33.47
CA SER D 452 10.35 3.40 33.45
C SER D 452 10.36 4.14 34.78
N PHE D 453 10.83 3.52 35.85
CA PHE D 453 11.05 4.24 37.11
C PHE D 453 12.42 4.88 37.16
N VAL D 454 13.40 4.29 36.49
CA VAL D 454 14.68 4.96 36.34
C VAL D 454 14.51 6.24 35.54
N LYS D 455 13.65 6.20 34.52
CA LYS D 455 13.31 7.40 33.77
C LYS D 455 12.61 8.42 34.65
N LEU D 456 11.79 7.98 35.59
CA LEU D 456 11.03 8.89 36.41
C LEU D 456 11.87 9.51 37.51
N LEU D 457 12.81 8.75 38.07
CA LEU D 457 13.61 9.26 39.17
C LEU D 457 14.70 10.20 38.68
N ILE D 458 15.17 10.01 37.45
CA ILE D 458 16.15 10.93 36.87
C ILE D 458 15.49 12.28 36.60
N GLU D 459 14.26 12.26 36.09
CA GLU D 459 13.54 13.50 35.81
C GLU D 459 13.16 14.25 37.08
N ASN D 460 13.01 13.55 38.20
CA ASN D 460 12.55 14.14 39.44
C ASN D 460 13.70 14.43 40.41
N GLY D 461 14.94 14.38 39.96
CA GLY D 461 16.05 14.95 40.69
C GLY D 461 17.24 14.06 40.94
N VAL D 462 17.09 12.75 40.77
CA VAL D 462 18.20 11.85 41.04
C VAL D 462 19.27 12.05 39.98
N SER D 463 20.49 12.37 40.42
CA SER D 463 21.65 12.45 39.56
C SER D 463 22.45 11.16 39.66
N MET D 464 22.77 10.59 38.50
CA MET D 464 23.54 9.37 38.46
C MET D 464 25.02 9.61 38.79
N HIS D 465 25.49 10.85 38.65
CA HIS D 465 26.87 11.16 38.98
C HIS D 465 27.12 11.03 40.48
N LYS D 466 26.22 11.60 41.29
CA LYS D 466 26.34 11.51 42.73
C LYS D 466 25.87 10.17 43.26
N PHE D 467 25.08 9.43 42.47
CA PHE D 467 24.49 8.19 42.95
C PHE D 467 25.45 7.02 42.81
N LEU D 468 25.98 6.82 41.62
CA LEU D 468 26.62 5.55 41.27
C LEU D 468 28.02 5.52 41.84
N THR D 469 28.15 4.93 43.03
CA THR D 469 29.42 4.78 43.70
C THR D 469 30.05 3.44 43.34
N ILE D 470 31.21 3.16 43.92
CA ILE D 470 31.90 1.90 43.64
C ILE D 470 31.18 0.79 44.39
N PRO D 471 30.92 0.90 45.70
CA PRO D 471 30.24 -0.21 46.38
C PRO D 471 28.82 -0.43 45.91
N ARG D 472 28.13 0.61 45.45
CA ARG D 472 26.79 0.39 44.92
C ARG D 472 26.85 -0.37 43.60
N LEU D 473 27.80 -0.01 42.73
CA LEU D 473 27.97 -0.71 41.46
C LEU D 473 28.59 -2.09 41.65
N GLU D 474 29.27 -2.33 42.77
CA GLU D 474 29.59 -3.71 43.15
C GLU D 474 28.32 -4.52 43.34
N GLU D 475 27.27 -3.91 43.87
CA GLU D 475 26.04 -4.62 44.18
C GLU D 475 25.29 -4.97 42.91
N LEU D 476 25.23 -4.03 41.96
CA LEU D 476 24.43 -4.22 40.75
C LEU D 476 24.84 -5.48 39.99
N TYR D 477 26.12 -5.85 40.04
CA TYR D 477 26.53 -7.13 39.48
C TYR D 477 26.15 -8.29 40.38
N ASN D 478 26.21 -8.09 41.69
CA ASN D 478 26.01 -9.16 42.66
C ASN D 478 24.59 -9.14 43.21
N THR D 479 23.64 -9.40 42.31
CA THR D 479 22.26 -9.62 42.69
C THR D 479 21.73 -10.84 41.96
N LYS D 480 21.01 -11.68 42.70
CA LYS D 480 20.14 -12.68 42.11
C LYS D 480 18.68 -12.26 42.22
N GLN D 481 18.40 -11.08 42.75
CA GLN D 481 17.05 -10.58 42.93
C GLN D 481 16.61 -9.78 41.70
N GLY D 482 16.70 -10.43 40.55
CA GLY D 482 16.29 -9.83 39.31
C GLY D 482 16.56 -10.77 38.14
N PRO D 483 16.25 -10.33 36.93
CA PRO D 483 16.61 -11.13 35.76
C PRO D 483 18.11 -11.11 35.53
N THR D 484 18.77 -12.22 35.86
CA THR D 484 20.21 -12.31 35.82
C THR D 484 20.66 -13.00 34.54
N ASN D 485 21.95 -12.84 34.24
CA ASN D 485 22.57 -13.52 33.13
C ASN D 485 23.26 -14.78 33.67
N PRO D 486 22.91 -15.98 33.23
CA PRO D 486 23.66 -17.17 33.67
C PRO D 486 25.02 -17.31 33.02
N MET D 487 25.37 -16.41 32.11
CA MET D 487 26.60 -16.48 31.34
C MET D 487 27.74 -15.67 31.94
N LEU D 488 27.43 -14.70 32.80
CA LEU D 488 28.47 -13.84 33.35
C LEU D 488 29.40 -14.62 34.27
N PHE D 489 28.86 -15.61 34.99
CA PHE D 489 29.71 -16.39 35.88
C PHE D 489 30.64 -17.31 35.11
N HIS D 490 30.25 -17.72 33.90
CA HIS D 490 31.14 -18.50 33.06
C HIS D 490 32.25 -17.65 32.49
N LEU D 491 31.99 -16.36 32.27
CA LEU D 491 33.02 -15.47 31.75
C LEU D 491 34.03 -15.09 32.82
N ILE D 492 33.61 -15.09 34.09
CA ILE D 492 34.51 -14.69 35.17
C ILE D 492 35.48 -15.81 35.50
N ARG D 493 35.01 -17.07 35.46
CA ARG D 493 35.90 -18.18 35.72
C ARG D 493 36.86 -18.44 34.58
N ASP D 494 36.56 -17.94 33.38
CA ASP D 494 37.48 -18.07 32.26
C ASP D 494 38.64 -17.11 32.32
N VAL D 495 38.53 -16.04 33.13
CA VAL D 495 39.59 -15.04 33.26
C VAL D 495 40.26 -15.09 34.62
N LYS D 496 39.83 -15.98 35.53
CA LYS D 496 40.49 -16.20 36.81
C LYS D 496 41.06 -17.61 36.91
N GLN D 497 41.27 -18.27 35.77
CA GLN D 497 42.00 -19.54 35.68
C GLN D 497 41.27 -20.70 36.36
N GLY D 498 40.03 -20.52 36.79
CA GLY D 498 39.18 -21.62 37.25
C GLY D 498 38.82 -21.60 38.72
N ASN D 499 39.46 -20.77 39.55
CA ASN D 499 39.15 -20.76 40.97
C ASN D 499 37.76 -20.18 41.20
N LEU D 500 36.94 -20.88 42.00
CA LEU D 500 35.55 -20.48 42.23
C LEU D 500 35.17 -20.83 43.68
N PRO D 501 35.28 -19.89 44.60
CA PRO D 501 34.73 -20.14 45.95
C PRO D 501 33.22 -20.07 45.92
N PRO D 502 32.54 -20.69 46.89
CA PRO D 502 31.08 -20.82 46.77
C PRO D 502 30.33 -19.51 46.96
N GLY D 503 30.81 -18.60 47.80
CA GLY D 503 30.14 -17.33 47.97
C GLY D 503 30.43 -16.37 46.84
N TYR D 504 31.68 -15.95 46.75
CA TYR D 504 32.24 -15.21 45.61
C TYR D 504 31.41 -13.97 45.24
N LYS D 505 31.49 -12.96 46.09
CA LYS D 505 31.08 -11.63 45.65
C LYS D 505 31.99 -11.19 44.51
N ILE D 506 31.40 -10.77 43.40
CA ILE D 506 32.17 -10.33 42.23
C ILE D 506 32.79 -8.98 42.54
N THR D 507 34.03 -8.80 42.11
CA THR D 507 34.74 -7.54 42.18
C THR D 507 34.81 -6.91 40.79
N LEU D 508 35.08 -5.61 40.76
CA LEU D 508 35.21 -4.91 39.49
C LEU D 508 36.53 -5.17 38.81
N ILE D 509 37.54 -5.62 39.55
CA ILE D 509 38.76 -6.09 38.92
C ILE D 509 38.46 -7.29 38.04
N ASP D 510 37.44 -8.08 38.42
CA ASP D 510 37.09 -9.27 37.67
C ASP D 510 36.23 -8.92 36.46
N ILE D 511 35.37 -7.92 36.57
CA ILE D 511 34.56 -7.50 35.45
C ILE D 511 35.43 -6.93 34.34
N GLY D 512 36.44 -6.14 34.73
CA GLY D 512 37.33 -5.56 33.74
C GLY D 512 38.07 -6.61 32.94
N LEU D 513 38.40 -7.73 33.57
CA LEU D 513 39.06 -8.81 32.85
C LEU D 513 38.08 -9.48 31.88
N VAL D 514 36.79 -9.41 32.17
CA VAL D 514 35.79 -9.92 31.24
C VAL D 514 35.68 -9.00 30.03
N ILE D 515 35.65 -7.69 30.27
CA ILE D 515 35.50 -6.72 29.20
C ILE D 515 36.71 -6.78 28.27
N GLU D 516 37.91 -6.87 28.83
CA GLU D 516 39.11 -6.99 28.02
C GLU D 516 39.14 -8.30 27.27
N TYR D 517 38.47 -9.33 27.76
CA TYR D 517 38.40 -10.58 27.03
C TYR D 517 37.39 -10.50 25.90
N LEU D 518 36.31 -9.76 26.11
CA LEU D 518 35.27 -9.67 25.09
C LEU D 518 35.66 -8.69 23.99
N MET D 519 36.23 -7.55 24.37
CA MET D 519 36.60 -6.56 23.36
C MET D 519 37.80 -7.01 22.54
N GLY D 520 38.65 -7.86 23.11
CA GLY D 520 39.73 -8.45 22.36
C GLY D 520 40.83 -7.48 21.98
N GLY D 521 41.93 -8.02 21.50
CA GLY D 521 43.02 -7.17 21.04
C GLY D 521 43.74 -6.54 22.21
N THR D 522 44.06 -5.25 22.07
CA THR D 522 44.78 -4.49 23.08
C THR D 522 43.86 -3.60 23.89
N TYR D 523 42.62 -4.02 24.08
CA TYR D 523 41.69 -3.24 24.88
C TYR D 523 42.11 -3.32 26.34
N ARG D 524 42.09 -2.17 27.02
CA ARG D 524 42.41 -2.09 28.44
C ARG D 524 41.30 -1.32 29.13
N CYS D 525 40.51 -2.00 29.95
CA CYS D 525 39.42 -1.35 30.65
C CYS D 525 39.96 -0.46 31.76
N THR D 526 39.08 0.41 32.26
CA THR D 526 39.43 1.33 33.34
C THR D 526 39.41 0.66 34.70
N TYR D 527 39.12 -0.64 34.77
CA TYR D 527 39.09 -1.37 36.02
C TYR D 527 40.40 -2.06 36.34
N THR D 528 41.19 -2.38 35.32
CA THR D 528 42.41 -3.16 35.49
C THR D 528 43.65 -2.31 35.29
N ARG D 529 43.56 -1.01 35.54
CA ARG D 529 44.67 -0.09 35.43
C ARG D 529 45.14 0.31 36.82
N LYS D 530 46.30 0.96 36.86
CA LYS D 530 46.97 1.22 38.13
C LYS D 530 46.18 2.18 39.00
N ARG D 531 45.54 3.18 38.39
CA ARG D 531 44.84 4.20 39.17
C ARG D 531 43.63 3.62 39.89
N PHE D 532 42.97 2.63 39.29
CA PHE D 532 41.75 2.08 39.88
C PHE D 532 42.06 1.09 40.98
N ARG D 533 43.12 0.29 40.81
CA ARG D 533 43.44 -0.75 41.78
C ARG D 533 43.82 -0.17 43.13
N LEU D 534 44.48 0.98 43.15
CA LEU D 534 44.91 1.57 44.42
C LEU D 534 43.76 2.20 45.17
N ILE D 535 42.86 2.90 44.46
CA ILE D 535 41.68 3.46 45.11
C ILE D 535 40.65 2.38 45.42
N TYR D 536 40.73 1.24 44.76
CA TYR D 536 39.90 0.09 45.13
C TYR D 536 40.40 -0.56 46.41
N ASN D 537 41.70 -0.47 46.69
CA ASN D 537 42.26 -0.97 47.94
C ASN D 537 41.90 -0.07 49.11
N SER D 538 41.75 1.24 48.86
CA SER D 538 41.53 2.19 49.94
C SER D 538 40.14 2.03 50.55
N LEU D 539 39.14 1.78 49.72
CA LEU D 539 37.76 1.68 50.18
C LEU D 539 37.48 0.28 50.73
N GLU D 613 33.68 13.26 44.77
CA GLU D 613 34.67 12.43 45.45
C GLU D 613 35.31 11.44 44.46
N THR D 614 36.47 10.89 44.84
CA THR D 614 37.15 9.92 43.98
C THR D 614 36.54 8.53 44.07
N LYS D 615 35.64 8.28 45.02
CA LYS D 615 34.94 7.02 45.11
C LYS D 615 33.74 6.95 44.16
N ARG D 616 33.42 8.04 43.47
CA ARG D 616 32.42 8.05 42.42
C ARG D 616 33.12 7.83 41.07
N PHE D 617 32.35 7.88 39.98
CA PHE D 617 32.84 7.70 38.63
C PHE D 617 32.68 9.00 37.84
N PRO D 618 33.59 9.31 36.91
CA PRO D 618 33.41 10.53 36.11
C PRO D 618 32.29 10.39 35.08
N TYR D 619 32.14 9.22 34.48
CA TYR D 619 31.13 8.96 33.46
C TYR D 619 30.31 7.75 33.91
N PRO D 620 29.24 7.96 34.69
CA PRO D 620 28.53 6.80 35.25
C PRO D 620 27.76 6.01 34.22
N LEU D 621 27.23 6.67 33.21
CA LEU D 621 26.39 5.98 32.25
C LEU D 621 27.21 5.16 31.25
N ASN D 622 28.53 5.32 31.22
CA ASN D 622 29.39 4.36 30.54
C ASN D 622 29.53 3.09 31.36
N GLU D 623 29.44 3.21 32.68
CA GLU D 623 29.65 2.08 33.57
C GLU D 623 28.42 1.19 33.66
N LEU D 624 27.24 1.79 33.59
CA LEU D 624 25.99 1.05 33.64
C LEU D 624 25.62 0.44 32.30
N LEU D 625 26.03 1.08 31.20
CA LEU D 625 25.74 0.55 29.89
C LEU D 625 26.47 -0.76 29.65
N ILE D 626 27.68 -0.89 30.17
CA ILE D 626 28.37 -2.18 30.14
C ILE D 626 27.64 -3.16 31.04
N TRP D 627 27.21 -2.69 32.21
CA TRP D 627 26.52 -3.54 33.15
C TRP D 627 25.25 -4.12 32.55
N ALA D 628 24.46 -3.29 31.89
CA ALA D 628 23.20 -3.75 31.32
C ALA D 628 23.44 -4.74 30.20
N CYS D 629 24.55 -4.60 29.49
CA CYS D 629 24.85 -5.52 28.41
C CYS D 629 25.37 -6.85 28.94
N LEU D 630 26.22 -6.81 29.95
CA LEU D 630 26.76 -8.05 30.51
C LEU D 630 25.69 -8.83 31.25
N MET D 631 24.73 -8.14 31.86
CA MET D 631 23.59 -8.78 32.51
C MET D 631 22.45 -9.08 31.55
N LYS D 632 22.63 -8.81 30.25
CA LYS D 632 21.66 -9.18 29.23
C LYS D 632 20.32 -8.52 29.49
N ARG D 633 20.36 -7.25 29.87
CA ARG D 633 19.17 -6.43 30.11
C ARG D 633 19.08 -5.40 28.99
N GLN D 634 18.45 -5.81 27.89
CA GLN D 634 18.47 -5.01 26.66
C GLN D 634 17.62 -3.75 26.79
N VAL D 635 16.44 -3.86 27.41
CA VAL D 635 15.58 -2.70 27.52
C VAL D 635 16.21 -1.67 28.43
N MET D 636 16.97 -2.11 29.43
CA MET D 636 17.74 -1.18 30.25
C MET D 636 18.91 -0.60 29.48
N ALA D 637 19.49 -1.38 28.58
CA ALA D 637 20.64 -0.91 27.82
C ALA D 637 20.25 0.10 26.76
N ARG D 638 19.11 -0.09 26.10
CA ARG D 638 18.65 0.91 25.14
C ARG D 638 18.32 2.21 25.82
N PHE D 639 17.89 2.17 27.07
CA PHE D 639 17.54 3.39 27.78
C PHE D 639 18.79 4.13 28.22
N LEU D 640 19.74 3.40 28.79
CA LEU D 640 20.98 4.01 29.27
C LEU D 640 21.90 4.44 28.14
N TRP D 641 21.63 3.98 26.91
CA TRP D 641 22.41 4.42 25.77
C TRP D 641 22.06 5.84 25.38
N GLN D 642 20.76 6.19 25.42
CA GLN D 642 20.33 7.50 24.98
C GLN D 642 20.81 8.62 25.89
N HIS D 643 21.13 8.31 27.13
CA HIS D 643 21.57 9.29 28.10
C HIS D 643 23.08 9.23 28.20
N GLY D 644 23.72 10.39 28.09
CA GLY D 644 25.15 10.50 28.15
C GLY D 644 25.73 10.90 26.81
N GLU D 645 27.06 11.03 26.80
CA GLU D 645 27.80 11.45 25.63
C GLU D 645 28.40 10.23 24.93
N GLU D 646 28.89 10.46 23.71
CA GLU D 646 29.54 9.44 22.90
C GLU D 646 28.57 8.33 22.54
N SER D 647 27.48 8.72 21.88
CA SER D 647 26.41 7.77 21.60
C SER D 647 26.81 6.76 20.53
N MET D 648 27.47 7.21 19.47
CA MET D 648 27.84 6.31 18.39
C MET D 648 28.94 5.37 18.80
N ALA D 649 29.78 5.78 19.74
CA ALA D 649 30.82 4.90 20.25
C ALA D 649 30.28 3.84 21.18
N LYS D 650 29.38 4.20 22.08
CA LYS D 650 28.81 3.22 22.99
C LYS D 650 28.01 2.16 22.26
N ALA D 651 27.42 2.52 21.13
CA ALA D 651 26.67 1.54 20.36
C ALA D 651 27.58 0.52 19.71
N LEU D 652 28.78 0.93 19.33
CA LEU D 652 29.71 0.03 18.70
C LEU D 652 30.42 -0.85 19.72
N VAL D 653 30.61 -0.34 20.93
CA VAL D 653 31.12 -1.16 22.02
C VAL D 653 30.11 -2.24 22.37
N ALA D 654 28.85 -1.84 22.53
CA ALA D 654 27.81 -2.79 22.85
C ALA D 654 27.62 -3.82 21.73
N CYS D 655 27.77 -3.41 20.48
CA CYS D 655 27.74 -4.37 19.39
C CYS D 655 28.86 -5.39 19.53
N LYS D 656 30.00 -4.97 20.05
CA LYS D 656 31.13 -5.88 20.22
C LYS D 656 30.94 -6.76 21.46
N ILE D 657 30.38 -6.21 22.52
CA ILE D 657 30.24 -6.97 23.75
C ILE D 657 29.26 -8.10 23.57
N TYR D 658 28.09 -7.82 22.98
CA TYR D 658 27.13 -8.88 22.74
C TYR D 658 27.65 -9.88 21.72
N ARG D 659 28.39 -9.42 20.72
CA ARG D 659 28.91 -10.34 19.71
C ARG D 659 29.88 -11.33 20.31
N SER D 660 30.73 -10.87 21.23
CA SER D 660 31.67 -11.76 21.88
C SER D 660 30.96 -12.72 22.81
N MET D 661 29.91 -12.27 23.49
CA MET D 661 29.14 -13.19 24.33
C MET D 661 28.34 -14.16 23.50
N ALA D 662 27.98 -13.81 22.27
CA ALA D 662 27.29 -14.74 21.40
C ALA D 662 28.25 -15.82 20.90
N TYR D 663 29.52 -15.47 20.73
CA TYR D 663 30.52 -16.45 20.34
C TYR D 663 30.90 -17.35 21.50
N GLU D 664 30.86 -16.84 22.72
CA GLU D 664 31.13 -17.66 23.90
C GLU D 664 29.95 -18.59 24.20
N ALA D 665 28.74 -18.20 23.80
CA ALA D 665 27.57 -19.00 24.09
C ALA D 665 27.60 -20.31 23.31
N LYS D 666 28.00 -20.25 22.05
CA LYS D 666 28.07 -21.45 21.24
C LYS D 666 29.15 -22.38 21.74
N GLN D 667 30.30 -21.84 22.15
CA GLN D 667 31.40 -22.62 22.70
C GLN D 667 31.25 -22.79 24.20
N SER D 668 30.08 -23.26 24.64
CA SER D 668 29.87 -23.51 26.05
C SER D 668 28.72 -24.49 26.20
N ASP D 669 28.86 -25.41 27.14
CA ASP D 669 27.91 -26.50 27.33
C ASP D 669 26.82 -26.03 28.30
N LEU D 670 25.78 -25.43 27.73
CA LEU D 670 24.60 -25.01 28.48
C LEU D 670 23.35 -25.58 27.82
N VAL D 671 22.35 -25.84 28.64
CA VAL D 671 21.05 -26.28 28.12
C VAL D 671 20.29 -25.14 27.47
N ASP D 672 20.61 -23.90 27.83
CA ASP D 672 20.03 -22.71 27.20
C ASP D 672 21.14 -22.04 26.40
N ASP D 673 20.98 -22.03 25.07
CA ASP D 673 21.98 -21.42 24.21
C ASP D 673 21.98 -19.90 24.36
N THR D 674 20.86 -19.27 24.04
CA THR D 674 20.69 -17.82 24.13
C THR D 674 21.73 -17.07 23.29
N SER D 675 22.23 -17.71 22.23
CA SER D 675 23.16 -17.06 21.33
C SER D 675 22.46 -16.29 20.23
N GLU D 676 21.30 -16.75 19.80
CA GLU D 676 20.50 -16.02 18.83
C GLU D 676 19.87 -14.78 19.44
N GLU D 677 19.68 -14.77 20.76
CA GLU D 677 19.19 -13.57 21.43
C GLU D 677 20.27 -12.52 21.53
N LEU D 678 21.51 -12.94 21.82
CA LEU D 678 22.61 -12.00 21.91
C LEU D 678 23.01 -11.49 20.53
N LYS D 679 22.94 -12.34 19.51
CA LYS D 679 23.28 -11.93 18.15
C LYS D 679 22.27 -10.91 17.62
N GLN D 680 21.02 -11.05 18.03
CA GLN D 680 20.02 -10.04 17.68
C GLN D 680 20.28 -8.74 18.42
N TYR D 681 20.72 -8.84 19.67
CA TYR D 681 21.03 -7.65 20.44
C TYR D 681 22.28 -6.95 19.91
N SER D 682 23.21 -7.71 19.35
CA SER D 682 24.39 -7.10 18.74
C SER D 682 24.03 -6.33 17.47
N ASN D 683 23.10 -6.85 16.70
CA ASN D 683 22.67 -6.22 15.47
C ASN D 683 21.74 -5.04 15.70
N ASP D 684 21.18 -4.91 16.90
CA ASP D 684 20.34 -3.76 17.21
C ASP D 684 21.18 -2.53 17.47
N PHE D 685 22.23 -2.66 18.27
CA PHE D 685 23.13 -1.54 18.50
C PHE D 685 23.97 -1.23 17.27
N GLY D 686 24.29 -2.26 16.49
CA GLY D 686 24.99 -2.03 15.24
C GLY D 686 24.16 -1.18 14.29
N GLN D 687 22.86 -1.43 14.24
CA GLN D 687 22.00 -0.64 13.38
C GLN D 687 21.86 0.78 13.89
N LEU D 688 21.96 0.98 15.19
CA LEU D 688 21.92 2.33 15.74
C LEU D 688 23.17 3.11 15.37
N ALA D 689 24.31 2.44 15.30
CA ALA D 689 25.54 3.10 14.94
C ALA D 689 25.53 3.56 13.49
N VAL D 690 24.97 2.73 12.62
CA VAL D 690 24.88 3.06 11.20
C VAL D 690 23.94 4.23 10.99
N GLU D 691 22.83 4.25 11.72
CA GLU D 691 21.84 5.30 11.55
C GLU D 691 22.28 6.62 12.14
N LEU D 692 23.21 6.61 13.08
CA LEU D 692 23.82 7.84 13.55
C LEU D 692 24.91 8.34 12.62
N LEU D 693 25.62 7.43 11.96
CA LEU D 693 26.58 7.83 10.94
C LEU D 693 25.89 8.41 9.72
N GLU D 694 24.75 7.85 9.35
CA GLU D 694 23.97 8.39 8.25
C GLU D 694 23.43 9.77 8.60
N GLN D 695 23.06 9.98 9.85
CA GLN D 695 22.57 11.28 10.26
C GLN D 695 23.70 12.31 10.33
N SER D 696 24.88 11.88 10.76
CA SER D 696 26.02 12.78 10.82
C SER D 696 26.58 13.09 9.44
N PHE D 697 26.46 12.17 8.51
CA PHE D 697 26.98 12.37 7.16
C PHE D 697 26.12 13.33 6.35
N ARG D 698 24.82 13.38 6.62
CA ARG D 698 23.94 14.30 5.93
C ARG D 698 24.12 15.73 6.42
N GLN D 699 24.52 15.91 7.67
CA GLN D 699 24.67 17.25 8.24
C GLN D 699 25.96 17.90 7.76
N ASP D 700 27.08 17.20 7.89
CA ASP D 700 28.36 17.68 7.38
C ASP D 700 29.22 16.47 7.07
N GLU D 701 29.68 16.38 5.81
CA GLU D 701 30.45 15.22 5.40
C GLU D 701 31.80 15.18 6.07
N THR D 702 32.44 16.35 6.23
CA THR D 702 33.79 16.40 6.76
C THR D 702 33.83 16.12 8.24
N MET D 703 32.86 16.63 8.99
CA MET D 703 32.86 16.43 10.43
C MET D 703 32.46 15.02 10.80
N ALA D 704 31.69 14.36 9.94
CA ALA D 704 31.36 12.97 10.16
C ALA D 704 32.56 12.07 9.98
N MET D 705 33.44 12.40 9.04
CA MET D 705 34.66 11.64 8.88
C MET D 705 35.60 11.83 10.06
N LYS D 706 35.52 12.96 10.75
CA LYS D 706 36.28 13.14 11.99
C LYS D 706 35.72 12.27 13.10
N LEU D 707 34.41 12.01 13.09
CA LEU D 707 33.82 11.19 14.13
C LEU D 707 34.29 9.75 14.05
N LEU D 708 34.74 9.32 12.88
CA LEU D 708 35.17 7.96 12.67
C LEU D 708 36.54 7.67 13.27
N THR D 709 37.35 8.71 13.52
CA THR D 709 38.77 8.52 13.78
C THR D 709 39.34 9.30 14.96
N TYR D 710 38.52 9.98 15.77
CA TYR D 710 39.04 10.62 16.97
C TYR D 710 39.13 9.61 18.10
N GLU D 711 40.18 9.72 18.90
CA GLU D 711 40.30 8.86 20.07
C GLU D 711 39.25 9.21 21.09
N LEU D 712 38.80 8.17 21.81
CA LEU D 712 37.60 8.25 22.61
C LEU D 712 37.87 8.56 24.09
N LYS D 713 39.03 8.17 24.61
CA LYS D 713 39.53 8.55 25.94
C LYS D 713 38.79 7.92 27.10
N ASN D 714 37.73 7.17 26.81
CA ASN D 714 36.97 6.44 27.79
C ASN D 714 36.81 4.98 27.40
N TRP D 715 37.30 4.58 26.24
CA TRP D 715 37.13 3.26 25.67
C TRP D 715 38.47 2.75 25.17
N SER D 716 39.49 2.92 26.00
CA SER D 716 40.83 2.42 25.75
C SER D 716 41.47 3.07 24.54
N ASN D 717 41.22 4.36 24.37
CA ASN D 717 41.86 5.16 23.32
C ASN D 717 41.59 4.58 21.94
N SER D 718 40.44 3.95 21.79
CA SER D 718 40.09 3.26 20.57
C SER D 718 39.37 4.23 19.65
N THR D 719 38.71 3.68 18.64
CA THR D 719 38.29 4.44 17.48
C THR D 719 37.05 3.78 16.92
N CYS D 720 36.10 4.61 16.49
CA CYS D 720 34.82 4.09 16.04
C CYS D 720 34.96 3.17 14.82
N LEU D 721 35.93 3.43 13.95
CA LEU D 721 36.26 2.44 12.93
C LEU D 721 36.83 1.18 13.54
N LYS D 722 37.80 1.33 14.44
CA LYS D 722 38.47 0.17 15.01
C LYS D 722 37.52 -0.68 15.83
N LEU D 723 36.46 -0.08 16.36
CA LEU D 723 35.47 -0.84 17.11
C LEU D 723 34.51 -1.56 16.18
N ALA D 724 34.16 -0.94 15.06
CA ALA D 724 33.26 -1.55 14.10
C ALA D 724 33.94 -2.62 13.28
N VAL D 725 35.20 -2.41 12.92
CA VAL D 725 35.97 -3.44 12.23
C VAL D 725 36.20 -4.62 13.16
N SER D 726 36.30 -4.35 14.46
CA SER D 726 36.46 -5.42 15.43
C SER D 726 35.19 -6.24 15.55
N SER D 727 34.05 -5.60 15.39
CA SER D 727 32.77 -6.28 15.40
C SER D 727 32.41 -6.92 14.07
N ARG D 728 33.19 -6.66 13.03
CA ARG D 728 32.86 -7.07 11.66
C ARG D 728 31.49 -6.57 11.26
N LEU D 729 31.19 -5.34 11.67
CA LEU D 729 29.91 -4.71 11.40
C LEU D 729 30.00 -4.08 10.02
N ARG D 730 29.65 -4.87 9.02
CA ARG D 730 29.88 -4.50 7.63
C ARG D 730 29.15 -3.24 7.18
N PRO D 731 27.91 -2.97 7.58
CA PRO D 731 27.20 -1.79 7.05
C PRO D 731 27.79 -0.46 7.47
N PHE D 732 28.65 -0.43 8.48
CA PHE D 732 29.31 0.80 8.93
C PHE D 732 30.54 1.08 8.09
N VAL D 733 31.34 0.05 7.84
CA VAL D 733 32.55 0.18 7.04
C VAL D 733 32.21 0.34 5.57
N ALA D 734 31.12 -0.27 5.12
CA ALA D 734 30.66 -0.09 3.76
C ALA D 734 29.81 1.15 3.56
N HIS D 735 29.61 1.94 4.61
CA HIS D 735 28.82 3.14 4.47
C HIS D 735 29.62 4.20 3.75
N THR D 736 28.92 5.07 3.04
CA THR D 736 29.60 6.01 2.15
C THR D 736 30.46 7.00 2.88
N CYS D 737 30.29 7.16 4.18
CA CYS D 737 31.14 8.07 4.92
C CYS D 737 32.53 7.48 5.13
N THR D 738 32.60 6.20 5.52
CA THR D 738 33.90 5.58 5.72
C THR D 738 34.62 5.38 4.39
N GLN D 739 33.86 5.16 3.32
CA GLN D 739 34.47 4.96 2.02
C GLN D 739 35.07 6.24 1.47
N MET D 740 34.49 7.39 1.82
CA MET D 740 35.13 8.65 1.48
C MET D 740 36.39 8.88 2.30
N LEU D 741 36.39 8.43 3.55
CA LEU D 741 37.58 8.55 4.37
C LEU D 741 38.67 7.61 3.89
N LEU D 742 38.31 6.40 3.51
CA LEU D 742 39.28 5.47 2.99
C LEU D 742 39.82 5.93 1.65
N SER D 743 38.97 6.57 0.84
CA SER D 743 39.42 7.10 -0.44
C SER D 743 40.37 8.28 -0.26
N ASP D 744 40.23 9.03 0.83
CA ASP D 744 41.08 10.17 1.09
C ASP D 744 42.38 9.80 1.78
N MET D 745 42.39 8.74 2.57
CA MET D 745 43.65 8.20 3.08
C MET D 745 44.46 7.54 1.99
N TRP D 746 43.81 7.06 0.94
CA TRP D 746 44.48 6.49 -0.20
C TRP D 746 45.27 7.54 -0.96
N MET D 747 44.69 8.73 -1.10
CA MET D 747 45.36 9.81 -1.79
C MET D 747 46.59 10.29 -1.05
N GLY D 748 46.58 10.20 0.26
CA GLY D 748 47.63 10.84 1.02
C GLY D 748 47.52 12.34 0.91
N ARG D 749 48.66 12.98 0.68
CA ARG D 749 48.72 14.41 0.48
C ARG D 749 48.66 14.80 -0.98
N LEU D 750 48.28 13.88 -1.86
CA LEU D 750 48.04 14.19 -3.25
C LEU D 750 46.59 14.56 -3.43
N ASN D 751 46.34 15.59 -4.24
CA ASN D 751 44.99 16.04 -4.53
C ASN D 751 44.56 15.38 -5.83
N MET D 752 44.16 14.12 -5.71
CA MET D 752 43.82 13.29 -6.85
C MET D 752 42.46 13.63 -7.46
N ARG D 753 41.81 14.69 -6.99
CA ARG D 753 40.64 15.21 -7.70
C ARG D 753 41.07 16.01 -8.92
N LYS D 754 42.19 16.73 -8.82
CA LYS D 754 42.73 17.51 -9.92
C LYS D 754 44.06 16.97 -10.43
N ASN D 755 44.34 15.69 -10.19
CA ASN D 755 45.42 14.97 -10.83
C ASN D 755 44.83 13.82 -11.63
N SER D 756 45.71 13.00 -12.19
CA SER D 756 45.32 11.82 -12.95
C SER D 756 46.24 10.67 -12.59
N TRP D 757 45.74 9.46 -12.78
CA TRP D 757 46.58 8.28 -12.57
C TRP D 757 47.71 8.20 -13.59
N TYR D 758 47.54 8.84 -14.75
CA TYR D 758 48.67 9.01 -15.68
C TYR D 758 49.82 9.71 -15.01
N LYS D 759 49.53 10.75 -14.24
CA LYS D 759 50.55 11.61 -13.67
C LYS D 759 51.28 10.94 -12.50
N VAL D 760 50.58 10.09 -11.76
CA VAL D 760 51.20 9.40 -10.63
C VAL D 760 52.19 8.36 -11.12
N ILE D 761 51.80 7.61 -12.16
CA ILE D 761 52.70 6.62 -12.74
C ILE D 761 53.88 7.30 -13.39
N LEU D 762 53.62 8.39 -14.12
CA LEU D 762 54.69 9.11 -14.78
C LEU D 762 55.70 9.66 -13.79
N SER D 763 55.22 10.10 -12.61
CA SER D 763 56.09 10.67 -11.61
C SER D 763 56.89 9.63 -10.84
N ILE D 764 56.47 8.37 -10.89
CA ILE D 764 57.28 7.30 -10.33
C ILE D 764 58.51 7.08 -11.19
N LEU D 765 58.33 7.12 -12.50
CA LEU D 765 59.42 6.88 -13.42
C LEU D 765 60.28 8.11 -13.60
N VAL D 766 59.69 9.29 -13.50
CA VAL D 766 60.37 10.57 -13.63
C VAL D 766 60.26 11.28 -12.28
N PRO D 767 61.23 11.10 -11.37
CA PRO D 767 61.15 11.75 -10.06
C PRO D 767 61.03 13.26 -10.11
N PRO D 768 61.64 13.97 -11.07
CA PRO D 768 61.40 15.43 -11.10
C PRO D 768 60.01 15.83 -11.54
N ALA D 769 59.20 14.91 -12.05
CA ALA D 769 57.82 15.22 -12.37
C ALA D 769 56.92 15.25 -11.14
N ILE D 770 57.45 14.85 -9.97
CA ILE D 770 56.70 14.90 -8.73
C ILE D 770 56.28 16.33 -8.43
N LEU D 771 57.18 17.28 -8.65
CA LEU D 771 57.01 18.65 -8.21
C LEU D 771 56.01 19.44 -9.04
N MET D 772 55.41 18.83 -10.07
CA MET D 772 54.36 19.46 -10.86
C MET D 772 52.98 18.93 -10.50
N LEU D 773 52.82 18.34 -9.32
CA LEU D 773 51.58 17.73 -8.89
C LEU D 773 50.91 18.58 -7.82
N GLU D 774 49.62 18.80 -7.97
CA GLU D 774 48.85 19.56 -7.00
C GLU D 774 48.63 18.74 -5.74
N TYR D 775 48.91 19.33 -4.60
CA TYR D 775 48.78 18.68 -3.31
C TYR D 775 47.66 19.32 -2.51
N LYS D 776 47.46 18.83 -1.29
CA LYS D 776 46.44 19.28 -0.38
C LYS D 776 47.05 20.11 0.74
N THR D 777 46.30 21.10 1.21
CA THR D 777 46.76 21.98 2.26
C THR D 777 46.48 21.36 3.62
N LYS D 778 46.98 22.02 4.67
CA LYS D 778 46.78 21.53 6.03
C LYS D 778 45.31 21.57 6.41
N ALA D 779 44.57 22.56 5.92
CA ALA D 779 43.15 22.68 6.24
C ALA D 779 42.28 21.73 5.44
N GLU D 780 42.81 21.15 4.38
CA GLU D 780 42.11 20.16 3.57
C GLU D 780 42.41 18.75 4.04
N MET D 781 43.02 18.61 5.22
CA MET D 781 43.44 17.32 5.76
C MET D 781 43.19 17.26 7.26
N SER D 782 42.30 18.09 7.78
CA SER D 782 42.04 18.05 9.22
C SER D 782 41.23 16.82 9.61
N HIS D 783 40.60 16.14 8.65
CA HIS D 783 39.76 14.99 8.91
C HIS D 783 40.43 13.68 8.61
N ILE D 784 41.70 13.69 8.23
CA ILE D 784 42.42 12.50 7.78
C ILE D 784 43.45 12.17 8.86
N PRO D 785 43.47 10.95 9.39
CA PRO D 785 44.52 10.60 10.33
C PRO D 785 45.87 10.48 9.65
N GLN D 786 46.90 10.80 10.41
CA GLN D 786 48.27 10.87 9.93
C GLN D 786 49.18 10.19 10.92
N SER D 787 50.44 10.05 10.52
CA SER D 787 51.49 9.61 11.40
C SER D 787 52.03 10.79 12.21
N GLN D 788 52.86 10.48 13.19
CA GLN D 788 53.42 11.51 14.04
C GLN D 788 54.39 12.40 13.26
N ASP D 789 55.35 11.79 12.58
CA ASP D 789 56.31 12.55 11.79
C ASP D 789 55.71 13.11 10.51
N ALA D 790 54.64 12.50 10.00
CA ALA D 790 53.91 13.08 8.88
C ALA D 790 53.10 14.30 9.31
N HIS D 791 52.72 14.38 10.59
CA HIS D 791 52.08 15.57 11.10
C HIS D 791 53.07 16.72 11.22
N GLN D 792 54.31 16.42 11.61
CA GLN D 792 55.33 17.45 11.70
C GLN D 792 55.61 18.09 10.35
N MET D 793 55.42 17.34 9.26
CA MET D 793 55.60 17.90 7.92
C MET D 793 54.48 18.87 7.56
N THR D 794 53.32 18.76 8.21
CA THR D 794 52.17 19.61 7.91
C THR D 794 52.06 20.83 8.81
N MET D 795 52.61 20.77 10.03
CA MET D 795 52.52 21.90 10.94
C MET D 795 53.25 23.13 10.41
N GLU D 796 54.24 22.93 9.54
CA GLU D 796 54.99 24.03 8.95
C GLU D 796 54.50 24.33 7.54
N LYS D 836 50.36 27.90 -2.65
CA LYS D 836 51.43 26.99 -3.04
C LYS D 836 52.55 27.01 -2.00
N LYS D 837 52.32 26.25 -0.91
CA LYS D 837 53.25 26.05 0.18
C LYS D 837 54.07 24.79 -0.09
N LEU D 838 54.66 24.17 0.96
CA LEU D 838 55.35 22.88 0.86
C LEU D 838 56.62 22.95 0.02
N PRO D 839 57.73 23.44 0.58
CA PRO D 839 59.00 23.41 -0.16
C PRO D 839 59.44 22.04 -0.63
N ILE D 840 60.61 22.02 -1.28
CA ILE D 840 60.97 20.93 -2.19
C ILE D 840 61.07 19.60 -1.45
N THR D 841 61.85 19.55 -0.37
CA THR D 841 62.08 18.26 0.28
C THR D 841 60.86 17.75 1.03
N ARG D 842 59.83 18.58 1.21
CA ARG D 842 58.58 18.10 1.79
C ARG D 842 57.71 17.39 0.77
N LYS D 843 57.79 17.81 -0.49
CA LYS D 843 56.95 17.24 -1.52
C LYS D 843 57.39 15.85 -1.94
N PHE D 844 58.63 15.47 -1.65
CA PHE D 844 59.06 14.10 -1.90
C PHE D 844 58.55 13.17 -0.81
N TYR D 845 58.53 13.61 0.43
CA TYR D 845 57.97 12.81 1.50
C TYR D 845 56.48 12.60 1.29
N ALA D 846 55.79 13.62 0.78
CA ALA D 846 54.35 13.54 0.59
C ALA D 846 54.00 12.54 -0.50
N PHE D 847 54.85 12.43 -1.51
CA PHE D 847 54.56 11.59 -2.66
C PHE D 847 54.81 10.13 -2.36
N TYR D 848 56.02 9.81 -1.93
CA TYR D 848 56.43 8.42 -1.79
C TYR D 848 55.82 7.72 -0.59
N HIS D 849 55.14 8.46 0.28
CA HIS D 849 54.47 7.88 1.43
C HIS D 849 52.95 7.87 1.26
N ALA D 850 52.45 8.37 0.14
CA ALA D 850 51.04 8.21 -0.15
C ALA D 850 50.74 6.75 -0.46
N PRO D 851 49.64 6.19 0.05
CA PRO D 851 49.34 4.80 -0.28
C PRO D 851 49.08 4.56 -1.75
N ILE D 852 48.52 5.53 -2.46
CA ILE D 852 48.29 5.36 -3.88
C ILE D 852 49.60 5.21 -4.63
N VAL D 853 50.65 5.85 -4.15
CA VAL D 853 51.93 5.80 -4.82
C VAL D 853 52.67 4.53 -4.48
N LYS D 854 52.58 4.10 -3.22
CA LYS D 854 53.14 2.83 -2.83
C LYS D 854 52.53 1.67 -3.62
N PHE D 855 51.28 1.83 -4.03
CA PHE D 855 50.61 0.78 -4.79
C PHE D 855 51.19 0.64 -6.19
N TRP D 856 51.16 1.73 -6.95
CA TRP D 856 51.66 1.67 -8.32
C TRP D 856 53.15 1.40 -8.36
N PHE D 857 53.86 1.75 -7.32
CA PHE D 857 55.29 1.53 -7.23
C PHE D 857 55.61 0.09 -6.88
N ASN D 858 54.64 -0.64 -6.32
CA ASN D 858 54.69 -2.08 -6.18
C ASN D 858 54.09 -2.80 -7.37
N THR D 859 53.09 -2.19 -8.01
CA THR D 859 52.43 -2.80 -9.14
C THR D 859 53.33 -2.84 -10.36
N LEU D 860 54.04 -1.76 -10.62
CA LEU D 860 54.94 -1.70 -11.75
C LEU D 860 56.10 -2.66 -11.57
N ALA D 861 56.55 -2.81 -10.33
CA ALA D 861 57.60 -3.77 -10.03
C ALA D 861 57.10 -5.20 -10.13
N TYR D 862 55.82 -5.42 -9.86
CA TYR D 862 55.24 -6.74 -9.98
C TYR D 862 55.01 -7.12 -11.42
N LEU D 863 54.61 -6.18 -12.26
CA LEU D 863 54.43 -6.46 -13.67
C LEU D 863 55.77 -6.72 -14.34
N GLY D 864 56.79 -5.95 -13.99
CA GLY D 864 58.12 -6.23 -14.50
C GLY D 864 58.65 -7.55 -14.00
N PHE D 865 58.23 -7.97 -12.81
CA PHE D 865 58.58 -9.28 -12.30
C PHE D 865 57.98 -10.39 -13.16
N LEU D 866 56.70 -10.31 -13.48
CA LEU D 866 56.07 -11.35 -14.28
C LEU D 866 56.61 -11.39 -15.69
N MET D 867 56.99 -10.24 -16.24
CA MET D 867 57.56 -10.23 -17.57
C MET D 867 58.89 -10.97 -17.59
N LEU D 868 59.67 -10.83 -16.52
CA LEU D 868 60.93 -11.54 -16.44
C LEU D 868 60.70 -13.01 -16.16
N TYR D 869 59.80 -13.32 -15.24
CA TYR D 869 59.57 -14.70 -14.85
C TYR D 869 58.79 -15.47 -15.89
N THR D 870 58.14 -14.78 -16.81
CA THR D 870 57.60 -15.41 -18.01
C THR D 870 58.70 -15.68 -19.02
N PHE D 871 59.66 -14.78 -19.12
CA PHE D 871 60.81 -14.98 -20.00
C PHE D 871 61.65 -16.17 -19.54
N VAL D 872 61.90 -16.28 -18.24
CA VAL D 872 62.73 -17.35 -17.70
C VAL D 872 62.13 -18.70 -18.04
N VAL D 873 60.81 -18.81 -17.99
CA VAL D 873 60.16 -20.10 -18.04
C VAL D 873 59.85 -20.53 -19.47
N LEU D 874 59.83 -19.60 -20.41
CA LEU D 874 59.60 -19.91 -21.82
C LEU D 874 60.89 -20.18 -22.57
N VAL D 875 61.96 -19.54 -22.18
CA VAL D 875 63.25 -19.65 -22.83
C VAL D 875 64.01 -20.81 -22.23
N LYS D 876 64.89 -21.41 -23.03
CA LYS D 876 65.70 -22.52 -22.59
C LYS D 876 66.52 -22.15 -21.37
N MET D 877 66.56 -23.06 -20.41
CA MET D 877 67.31 -22.90 -19.17
C MET D 877 68.62 -23.65 -19.26
N GLU D 878 69.71 -22.95 -18.99
CA GLU D 878 71.03 -23.55 -18.96
C GLU D 878 71.35 -23.98 -17.53
N GLN D 879 72.60 -24.34 -17.26
CA GLN D 879 72.95 -24.86 -15.95
C GLN D 879 72.89 -23.76 -14.90
N LEU D 880 73.58 -22.66 -15.15
CA LEU D 880 73.60 -21.54 -14.22
C LEU D 880 72.42 -20.62 -14.53
N PRO D 881 71.81 -19.99 -13.52
CA PRO D 881 70.69 -19.10 -13.82
C PRO D 881 71.13 -17.89 -14.61
N SER D 882 70.20 -17.38 -15.41
CA SER D 882 70.44 -16.18 -16.18
C SER D 882 70.27 -14.96 -15.29
N VAL D 883 70.58 -13.79 -15.86
CA VAL D 883 70.44 -12.56 -15.12
C VAL D 883 68.98 -12.28 -14.85
N GLN D 884 68.11 -12.65 -15.79
CA GLN D 884 66.68 -12.50 -15.57
C GLN D 884 66.20 -13.38 -14.44
N GLU D 885 66.80 -14.55 -14.28
CA GLU D 885 66.32 -15.52 -13.30
C GLU D 885 66.81 -15.19 -11.90
N TRP D 886 67.96 -14.53 -11.77
CA TRP D 886 68.38 -14.10 -10.45
C TRP D 886 67.54 -12.93 -9.95
N ILE D 887 67.12 -12.05 -10.84
CA ILE D 887 66.22 -10.97 -10.45
C ILE D 887 64.92 -11.54 -9.92
N VAL D 888 64.45 -12.64 -10.52
CA VAL D 888 63.23 -13.30 -10.06
C VAL D 888 63.42 -13.84 -8.66
N ILE D 889 64.55 -14.50 -8.41
CA ILE D 889 64.83 -15.08 -7.12
C ILE D 889 64.97 -13.99 -6.08
N ALA D 890 65.61 -12.88 -6.46
CA ALA D 890 65.78 -11.77 -5.54
C ALA D 890 64.45 -11.15 -5.18
N TYR D 891 63.49 -11.16 -6.09
CA TYR D 891 62.17 -10.64 -5.79
C TYR D 891 61.45 -11.53 -4.80
N ILE D 892 61.33 -12.83 -5.11
CA ILE D 892 60.53 -13.72 -4.29
C ILE D 892 61.16 -13.89 -2.92
N PHE D 893 62.48 -13.82 -2.83
CA PHE D 893 63.13 -13.89 -1.53
C PHE D 893 62.80 -12.66 -0.70
N THR D 894 63.04 -11.48 -1.25
CA THR D 894 62.74 -10.24 -0.54
C THR D 894 61.25 -10.01 -0.40
N TYR D 895 60.45 -10.56 -1.31
CA TYR D 895 59.00 -10.53 -1.15
C TYR D 895 58.57 -11.41 0.01
N ALA D 896 59.28 -12.52 0.23
CA ALA D 896 58.93 -13.41 1.33
C ALA D 896 59.27 -12.81 2.68
N ILE D 897 60.34 -12.04 2.74
CA ILE D 897 60.72 -11.39 3.99
C ILE D 897 59.64 -10.41 4.42
N GLU D 898 59.07 -9.69 3.46
CA GLU D 898 58.04 -8.72 3.79
C GLU D 898 56.77 -9.39 4.28
N LYS D 899 56.47 -10.59 3.78
CA LYS D 899 55.32 -11.32 4.29
C LYS D 899 55.54 -11.79 5.71
N VAL D 900 56.79 -12.14 6.06
CA VAL D 900 57.09 -12.49 7.44
C VAL D 900 56.92 -11.28 8.33
N ARG D 901 57.27 -10.09 7.83
CA ARG D 901 57.14 -8.87 8.62
C ARG D 901 55.69 -8.48 8.80
N GLU D 902 54.83 -8.73 7.80
CA GLU D 902 53.42 -8.42 7.96
C GLU D 902 52.79 -9.27 9.06
N VAL D 903 53.26 -10.50 9.23
CA VAL D 903 52.69 -11.38 10.25
C VAL D 903 53.07 -10.87 11.63
N PHE D 904 54.36 -10.68 11.88
CA PHE D 904 54.82 -10.37 13.22
C PHE D 904 54.35 -8.98 13.66
N MET D 905 54.45 -7.99 12.78
CA MET D 905 54.08 -6.61 13.10
C MET D 905 52.72 -6.26 12.50
N SER D 906 51.64 -6.88 13.02
CA SER D 906 50.31 -6.46 12.58
C SER D 906 49.38 -5.86 13.64
N GLU D 907 48.77 -6.70 14.50
CA GLU D 907 47.82 -6.17 15.48
C GLU D 907 47.94 -6.73 16.90
N ALA D 908 47.79 -8.04 17.02
CA ALA D 908 47.41 -8.67 18.28
C ALA D 908 48.64 -9.23 18.98
N GLY D 909 48.74 -8.97 20.29
CA GLY D 909 49.95 -9.32 21.02
C GLY D 909 50.29 -10.79 20.99
N LYS D 910 49.28 -11.66 20.89
CA LYS D 910 49.53 -13.09 20.89
C LYS D 910 50.08 -13.51 19.53
N ILE D 911 51.24 -14.16 19.54
CA ILE D 911 51.93 -14.48 18.30
C ILE D 911 51.15 -15.52 17.50
N SER D 912 50.52 -16.49 18.17
CA SER D 912 49.73 -17.49 17.47
C SER D 912 48.40 -16.93 16.97
N GLN D 913 47.91 -15.85 17.56
CA GLN D 913 46.74 -15.17 17.03
C GLN D 913 47.08 -14.36 15.78
N LYS D 914 48.32 -13.90 15.65
CA LYS D 914 48.76 -13.27 14.42
C LYS D 914 48.71 -14.25 13.26
N ILE D 915 48.99 -15.52 13.54
CA ILE D 915 49.00 -16.57 12.53
C ILE D 915 47.60 -16.83 12.01
N LYS D 916 46.63 -16.97 12.92
CA LYS D 916 45.30 -17.43 12.53
C LYS D 916 44.56 -16.39 11.69
N VAL D 917 44.86 -15.11 11.88
CA VAL D 917 44.21 -14.07 11.09
C VAL D 917 44.77 -14.05 9.69
N TRP D 918 46.08 -14.24 9.56
CA TRP D 918 46.74 -14.04 8.27
C TRP D 918 46.48 -15.17 7.29
N PHE D 919 46.36 -16.40 7.78
CA PHE D 919 46.01 -17.54 6.93
C PHE D 919 44.52 -17.66 6.69
N SER D 920 43.75 -16.61 6.98
CA SER D 920 42.31 -16.61 6.72
C SER D 920 41.95 -15.96 5.40
N ASP D 921 42.89 -15.24 4.78
CA ASP D 921 42.68 -14.63 3.48
C ASP D 921 43.09 -15.58 2.37
N TYR D 922 42.54 -15.36 1.19
CA TYR D 922 42.78 -16.28 0.08
C TYR D 922 44.21 -16.14 -0.44
N PHE D 923 44.59 -14.94 -0.84
CA PHE D 923 45.87 -14.74 -1.50
C PHE D 923 47.05 -14.80 -0.55
N ASN D 924 46.82 -14.75 0.75
CA ASN D 924 47.92 -14.94 1.69
C ASN D 924 48.26 -16.41 1.85
N VAL D 925 47.25 -17.28 1.76
CA VAL D 925 47.51 -18.72 1.71
C VAL D 925 48.16 -19.07 0.38
N SER D 926 47.71 -18.45 -0.70
CA SER D 926 48.27 -18.71 -2.01
C SER D 926 49.70 -18.22 -2.12
N ASP D 927 50.04 -17.14 -1.43
CA ASP D 927 51.43 -16.68 -1.41
C ASP D 927 52.32 -17.65 -0.65
N THR D 928 51.81 -18.27 0.38
CA THR D 928 52.60 -19.21 1.17
C THR D 928 52.96 -20.44 0.33
N ILE D 929 52.00 -20.96 -0.43
CA ILE D 929 52.27 -22.09 -1.31
C ILE D 929 53.18 -21.65 -2.44
N ALA D 930 53.03 -20.42 -2.91
CA ALA D 930 53.83 -19.95 -4.03
C ALA D 930 55.27 -19.69 -3.62
N ILE D 931 55.49 -19.18 -2.42
CA ILE D 931 56.84 -18.89 -1.97
C ILE D 931 57.57 -20.18 -1.61
N ILE D 932 56.89 -21.10 -0.93
CA ILE D 932 57.53 -22.33 -0.52
C ILE D 932 57.86 -23.17 -1.74
N SER D 933 56.92 -23.31 -2.67
CA SER D 933 57.13 -24.16 -3.82
C SER D 933 58.14 -23.59 -4.80
N PHE D 934 58.41 -22.29 -4.73
CA PHE D 934 59.45 -21.74 -5.59
C PHE D 934 60.83 -22.22 -5.17
N PHE D 935 61.10 -22.19 -3.87
CA PHE D 935 62.42 -22.56 -3.39
C PHE D 935 62.60 -24.06 -3.30
N VAL D 936 61.50 -24.82 -3.22
CA VAL D 936 61.56 -26.23 -3.51
C VAL D 936 61.99 -26.44 -4.94
N GLY D 937 61.44 -25.64 -5.86
CA GLY D 937 61.81 -25.77 -7.25
C GLY D 937 63.19 -25.21 -7.54
N PHE D 938 63.54 -24.08 -6.93
CA PHE D 938 64.88 -23.55 -7.11
C PHE D 938 65.92 -24.47 -6.49
N GLY D 939 65.57 -25.16 -5.41
CA GLY D 939 66.50 -26.09 -4.80
C GLY D 939 66.80 -27.27 -5.70
N LEU D 940 65.77 -27.88 -6.24
CA LEU D 940 65.96 -28.98 -7.18
C LEU D 940 66.64 -28.51 -8.44
N ARG D 941 66.38 -27.27 -8.83
CA ARG D 941 66.95 -26.71 -10.04
C ARG D 941 68.44 -26.45 -9.85
N PHE D 942 68.78 -25.67 -8.82
CA PHE D 942 70.12 -25.16 -8.65
C PHE D 942 71.04 -26.22 -8.07
N GLY D 943 70.60 -26.89 -7.00
CA GLY D 943 71.42 -27.87 -6.33
C GLY D 943 71.29 -29.24 -6.93
N ALA D 944 71.69 -29.38 -8.20
CA ALA D 944 71.64 -30.65 -8.87
C ALA D 944 72.89 -30.86 -9.72
N LYS D 945 73.33 -32.10 -9.78
CA LYS D 945 74.50 -32.48 -10.56
C LYS D 945 74.15 -32.48 -12.04
N TRP D 946 74.75 -31.56 -12.77
CA TRP D 946 74.50 -31.39 -14.19
C TRP D 946 75.16 -32.51 -14.99
N ASN D 947 74.69 -32.68 -16.23
CA ASN D 947 75.07 -33.81 -17.08
C ASN D 947 76.14 -33.44 -18.11
N TYR D 948 76.06 -32.23 -18.66
CA TYR D 948 77.02 -31.63 -19.59
C TYR D 948 76.97 -32.24 -20.99
N ILE D 949 76.08 -33.19 -21.25
CA ILE D 949 75.93 -33.79 -22.57
C ILE D 949 74.56 -33.47 -23.17
N ASN D 950 73.51 -33.49 -22.36
CA ASN D 950 72.17 -33.11 -22.78
C ASN D 950 71.39 -32.72 -21.54
N ALA D 951 70.74 -31.56 -21.59
CA ALA D 951 69.84 -31.20 -20.52
C ALA D 951 68.58 -32.06 -20.58
N TYR D 952 67.94 -32.19 -19.43
CA TYR D 952 66.71 -32.96 -19.25
C TYR D 952 66.93 -34.46 -19.43
N ASP D 953 68.16 -34.90 -19.22
CA ASP D 953 68.42 -36.27 -18.77
C ASP D 953 68.55 -36.32 -17.25
N ASN D 954 68.73 -35.17 -16.60
CA ASN D 954 68.67 -35.06 -15.15
C ASN D 954 67.22 -34.85 -14.74
N HIS D 955 66.62 -35.88 -14.15
CA HIS D 955 65.23 -35.79 -13.76
C HIS D 955 65.02 -34.89 -12.55
N VAL D 956 66.08 -34.54 -11.84
CA VAL D 956 65.97 -33.61 -10.73
C VAL D 956 65.88 -32.19 -11.26
N PHE D 957 66.59 -31.91 -12.35
CA PHE D 957 66.52 -30.60 -12.97
C PHE D 957 65.20 -30.39 -13.67
N VAL D 958 64.65 -31.43 -14.28
CA VAL D 958 63.35 -31.33 -14.92
C VAL D 958 62.30 -31.00 -13.88
N ALA D 959 62.32 -31.70 -12.75
CA ALA D 959 61.34 -31.49 -11.71
C ALA D 959 61.45 -30.09 -11.13
N GLY D 960 62.66 -29.56 -11.07
CA GLY D 960 62.82 -28.18 -10.62
C GLY D 960 62.28 -27.19 -11.62
N ARG D 961 62.50 -27.44 -12.91
CA ARG D 961 61.97 -26.56 -13.93
C ARG D 961 60.46 -26.64 -14.01
N LEU D 962 59.89 -27.84 -13.91
CA LEU D 962 58.44 -27.97 -14.02
C LEU D 962 57.72 -27.35 -12.85
N ILE D 963 58.39 -27.19 -11.71
CA ILE D 963 57.77 -26.48 -10.60
C ILE D 963 57.72 -24.99 -10.92
N TYR D 964 58.73 -24.46 -11.60
CA TYR D 964 58.65 -23.08 -12.06
C TYR D 964 57.47 -22.88 -12.99
N CYS D 965 57.24 -23.83 -13.88
CA CYS D 965 56.19 -23.69 -14.87
C CYS D 965 54.82 -23.75 -14.22
N LEU D 966 54.70 -24.45 -13.10
CA LEU D 966 53.46 -24.50 -12.35
C LEU D 966 53.37 -23.43 -11.28
N ASN D 967 54.50 -23.00 -10.71
CA ASN D 967 54.50 -21.94 -9.71
C ASN D 967 54.11 -20.60 -10.29
N ILE D 968 54.31 -20.40 -11.59
CA ILE D 968 54.02 -19.12 -12.20
C ILE D 968 52.52 -18.87 -12.32
N ILE D 969 51.71 -19.91 -12.21
CA ILE D 969 50.26 -19.73 -12.22
C ILE D 969 49.83 -18.94 -11.00
N PHE D 970 50.46 -19.20 -9.85
CA PHE D 970 50.14 -18.49 -8.63
C PHE D 970 50.31 -16.99 -8.80
N TRP D 971 51.33 -16.60 -9.57
CA TRP D 971 51.69 -15.21 -9.71
C TRP D 971 50.91 -14.49 -10.80
N TYR D 972 50.28 -15.20 -11.74
CA TYR D 972 49.33 -14.55 -12.63
C TYR D 972 47.97 -14.37 -11.98
N VAL D 973 47.51 -15.36 -11.23
CA VAL D 973 46.25 -15.25 -10.53
C VAL D 973 46.31 -14.14 -9.49
N ARG D 974 47.50 -13.87 -8.99
CA ARG D 974 47.75 -12.76 -8.09
C ARG D 974 47.55 -11.41 -8.76
N LEU D 975 47.43 -11.33 -10.08
CA LEU D 975 47.09 -10.08 -10.71
C LEU D 975 45.64 -9.70 -10.47
N LEU D 976 44.77 -10.67 -10.20
CA LEU D 976 43.42 -10.38 -9.77
C LEU D 976 43.41 -9.69 -8.43
N ASP D 977 44.37 -10.06 -7.58
CA ASP D 977 44.59 -9.39 -6.31
C ASP D 977 44.96 -7.93 -6.52
N PHE D 978 45.73 -7.63 -7.55
CA PHE D 978 46.00 -6.23 -7.90
C PHE D 978 44.83 -5.58 -8.60
N LEU D 979 44.08 -6.35 -9.39
CA LEU D 979 42.94 -5.81 -10.10
C LEU D 979 41.78 -5.49 -9.19
N ALA D 980 41.76 -6.05 -7.99
CA ALA D 980 40.64 -5.90 -7.09
C ALA D 980 40.64 -4.57 -6.35
N VAL D 981 41.58 -3.69 -6.65
CA VAL D 981 41.57 -2.35 -6.10
C VAL D 981 40.55 -1.48 -6.80
N ASN D 982 40.13 -1.85 -8.01
CA ASN D 982 39.20 -1.04 -8.75
C ASN D 982 37.78 -1.20 -8.19
N GLN D 983 36.98 -0.15 -8.36
CA GLN D 983 35.63 -0.18 -7.82
C GLN D 983 34.74 -1.14 -8.58
N GLN D 984 34.99 -1.30 -9.88
CA GLN D 984 34.16 -2.14 -10.73
C GLN D 984 34.69 -3.56 -10.84
N ALA D 985 36.00 -3.74 -10.99
CA ALA D 985 36.57 -5.07 -11.13
C ALA D 985 36.56 -5.84 -9.82
N GLY D 986 36.73 -5.15 -8.70
CA GLY D 986 36.90 -5.78 -7.42
C GLY D 986 35.78 -6.69 -7.01
N PRO D 987 34.55 -6.20 -7.07
CA PRO D 987 33.41 -7.04 -6.73
C PRO D 987 33.24 -8.26 -7.61
N TYR D 988 33.70 -8.23 -8.87
CA TYR D 988 33.63 -9.43 -9.69
C TYR D 988 34.65 -10.47 -9.29
N VAL D 989 35.84 -10.04 -8.87
CA VAL D 989 36.85 -10.99 -8.42
C VAL D 989 36.39 -11.71 -7.17
N MET D 990 35.79 -10.98 -6.24
CA MET D 990 35.23 -11.61 -5.05
C MET D 990 33.99 -12.41 -5.39
N MET D 991 33.36 -12.11 -6.51
CA MET D 991 32.19 -12.84 -6.94
C MET D 991 32.55 -14.20 -7.49
N ILE D 992 33.64 -14.30 -8.23
CA ILE D 992 34.06 -15.58 -8.81
C ILE D 992 34.21 -16.64 -7.73
N GLY D 993 34.78 -16.27 -6.58
CA GLY D 993 34.96 -17.24 -5.53
C GLY D 993 33.65 -17.67 -4.89
N LYS D 994 32.72 -16.74 -4.77
CA LYS D 994 31.44 -17.07 -4.15
C LYS D 994 30.58 -17.93 -5.05
N MET D 995 30.75 -17.78 -6.36
CA MET D 995 29.99 -18.60 -7.31
C MET D 995 30.53 -20.01 -7.41
N VAL D 996 31.84 -20.19 -7.25
CA VAL D 996 32.42 -21.52 -7.23
C VAL D 996 31.87 -22.31 -6.05
N ALA D 997 31.78 -21.68 -4.89
CA ALA D 997 31.28 -22.38 -3.71
C ALA D 997 29.81 -22.71 -3.85
N ASN D 998 29.05 -21.88 -4.54
CA ASN D 998 27.61 -22.06 -4.61
C ASN D 998 27.22 -23.11 -5.63
N MET D 999 28.02 -23.31 -6.67
CA MET D 999 27.71 -24.28 -7.72
C MET D 999 28.36 -25.63 -7.51
N PHE D 1000 28.92 -25.87 -6.32
CA PHE D 1000 29.68 -27.09 -6.10
C PHE D 1000 28.84 -28.33 -6.39
N TYR D 1001 27.62 -28.37 -5.89
CA TYR D 1001 26.83 -29.58 -5.95
C TYR D 1001 26.19 -29.81 -7.31
N ILE D 1002 26.05 -28.77 -8.12
CA ILE D 1002 25.67 -28.98 -9.52
C ILE D 1002 26.83 -29.60 -10.27
N VAL D 1003 28.05 -29.16 -9.98
CA VAL D 1003 29.23 -29.68 -10.64
C VAL D 1003 29.51 -31.11 -10.20
N VAL D 1004 29.19 -31.45 -8.96
CA VAL D 1004 29.31 -32.83 -8.51
C VAL D 1004 28.38 -33.73 -9.31
N ILE D 1005 27.15 -33.28 -9.55
CA ILE D 1005 26.21 -34.06 -10.33
C ILE D 1005 26.74 -34.22 -11.75
N MET D 1006 27.33 -33.17 -12.31
CA MET D 1006 27.92 -33.27 -13.64
C MET D 1006 29.07 -34.25 -13.69
N ALA D 1007 29.73 -34.48 -12.57
CA ALA D 1007 30.84 -35.41 -12.50
C ALA D 1007 30.37 -36.86 -12.38
N LEU D 1008 29.22 -37.08 -11.75
CA LEU D 1008 28.67 -38.42 -11.67
C LEU D 1008 28.06 -38.85 -12.98
N VAL D 1009 27.44 -37.92 -13.71
CA VAL D 1009 26.96 -38.19 -15.06
C VAL D 1009 28.13 -38.49 -15.97
N LEU D 1010 29.27 -37.86 -15.73
CA LEU D 1010 30.47 -38.13 -16.50
C LEU D 1010 30.94 -39.57 -16.32
N LEU D 1011 30.97 -40.04 -15.08
CA LEU D 1011 31.40 -41.40 -14.80
C LEU D 1011 30.35 -42.43 -15.19
N SER D 1012 29.08 -42.05 -15.20
CA SER D 1012 28.03 -42.94 -15.64
C SER D 1012 28.13 -43.28 -17.12
N PHE D 1013 28.81 -42.44 -17.89
CA PHE D 1013 29.02 -42.66 -19.30
C PHE D 1013 30.39 -43.20 -19.65
N GLY D 1014 31.43 -42.76 -18.97
CA GLY D 1014 32.76 -43.17 -19.35
C GLY D 1014 33.05 -44.62 -19.07
N VAL D 1015 32.49 -45.15 -18.00
CA VAL D 1015 32.78 -46.51 -17.56
C VAL D 1015 32.17 -47.50 -18.54
N PRO D 1016 30.93 -47.34 -18.98
CA PRO D 1016 30.41 -48.28 -19.98
C PRO D 1016 31.03 -48.12 -21.35
N ARG D 1017 31.38 -46.90 -21.75
CA ARG D 1017 31.97 -46.72 -23.07
C ARG D 1017 33.34 -47.38 -23.14
N LYS D 1018 34.14 -47.23 -22.10
CA LYS D 1018 35.43 -47.90 -22.06
C LYS D 1018 35.27 -49.40 -21.95
N ALA D 1019 34.22 -49.84 -21.26
CA ALA D 1019 34.00 -51.27 -21.08
C ALA D 1019 33.51 -51.93 -22.35
N ILE D 1020 32.67 -51.25 -23.11
CA ILE D 1020 32.14 -51.82 -24.34
C ILE D 1020 33.17 -51.77 -25.45
N LEU D 1021 33.89 -50.66 -25.56
CA LEU D 1021 34.78 -50.46 -26.69
C LEU D 1021 36.13 -51.14 -26.52
N TYR D 1022 36.55 -51.38 -25.27
CA TYR D 1022 37.84 -51.98 -24.96
C TYR D 1022 37.62 -53.18 -24.03
N PRO D 1023 37.27 -54.33 -24.57
CA PRO D 1023 36.96 -55.49 -23.72
C PRO D 1023 38.12 -56.38 -23.30
N HIS D 1024 39.36 -56.02 -23.62
CA HIS D 1024 40.50 -56.93 -23.50
C HIS D 1024 41.66 -56.25 -22.82
N GLU D 1025 41.37 -55.59 -21.70
CA GLU D 1025 42.32 -54.74 -21.02
C GLU D 1025 42.80 -55.38 -19.74
N GLU D 1026 44.11 -55.32 -19.54
CA GLU D 1026 44.69 -55.68 -18.27
C GLU D 1026 44.48 -54.54 -17.27
N PRO D 1027 44.60 -54.80 -15.97
CA PRO D 1027 44.53 -53.70 -15.01
C PRO D 1027 45.69 -52.75 -15.19
N SER D 1028 45.36 -51.48 -15.34
CA SER D 1028 46.37 -50.43 -15.49
C SER D 1028 45.75 -49.13 -15.06
N TRP D 1029 46.60 -48.20 -14.63
CA TRP D 1029 46.11 -46.88 -14.26
C TRP D 1029 45.65 -46.07 -15.45
N SER D 1030 45.88 -46.55 -16.68
CA SER D 1030 45.32 -45.92 -17.86
C SER D 1030 43.81 -46.04 -17.89
N LEU D 1031 43.25 -47.03 -17.20
CA LEU D 1031 41.81 -47.19 -17.17
C LEU D 1031 41.16 -46.03 -16.41
N ALA D 1032 41.83 -45.50 -15.40
CA ALA D 1032 41.32 -44.34 -14.69
C ALA D 1032 41.31 -43.12 -15.58
N LYS D 1033 42.28 -43.02 -16.47
CA LYS D 1033 42.36 -41.91 -17.40
C LYS D 1033 41.26 -42.00 -18.44
N ASP D 1034 41.06 -43.19 -19.01
CA ASP D 1034 40.23 -43.33 -20.19
C ASP D 1034 38.74 -43.21 -19.88
N ILE D 1035 38.32 -43.52 -18.65
CA ILE D 1035 36.91 -43.38 -18.30
C ILE D 1035 36.51 -41.95 -17.97
N VAL D 1036 37.49 -41.04 -17.89
CA VAL D 1036 37.24 -39.66 -17.48
C VAL D 1036 37.56 -38.74 -18.65
N PHE D 1037 38.59 -39.08 -19.42
CA PHE D 1037 39.20 -38.16 -20.35
C PHE D 1037 38.22 -37.70 -21.42
N HIS D 1038 37.84 -38.57 -22.34
CA HIS D 1038 36.97 -38.14 -23.44
C HIS D 1038 35.63 -37.59 -22.98
N PRO D 1039 34.93 -38.16 -22.00
CA PRO D 1039 33.65 -37.59 -21.59
C PRO D 1039 33.75 -36.21 -21.00
N TYR D 1040 34.91 -35.81 -20.53
CA TYR D 1040 35.07 -34.47 -20.00
C TYR D 1040 35.16 -33.44 -21.10
N TRP D 1041 35.86 -33.78 -22.18
CA TRP D 1041 36.05 -32.86 -23.29
C TRP D 1041 34.80 -32.72 -24.13
N MET D 1042 33.83 -33.60 -23.95
CA MET D 1042 32.53 -33.47 -24.58
C MET D 1042 31.70 -32.36 -23.98
N ILE D 1043 31.92 -32.02 -22.71
CA ILE D 1043 31.24 -30.90 -22.09
C ILE D 1043 31.60 -29.60 -22.81
N PHE D 1044 32.76 -29.56 -23.45
CA PHE D 1044 33.37 -28.32 -23.89
C PHE D 1044 33.40 -28.21 -25.41
N GLY D 1045 32.54 -28.96 -26.08
CA GLY D 1045 32.33 -28.81 -27.52
C GLY D 1045 32.83 -29.96 -28.36
N GLU D 1046 33.65 -30.87 -27.83
CA GLU D 1046 34.28 -31.90 -28.64
C GLU D 1046 33.39 -33.14 -28.67
N VAL D 1047 32.74 -33.37 -29.81
CA VAL D 1047 31.85 -34.52 -29.96
C VAL D 1047 32.60 -35.80 -30.31
N TYR D 1048 33.83 -35.71 -30.79
CA TYR D 1048 34.59 -36.84 -31.30
C TYR D 1048 33.77 -37.57 -32.37
N ALA D 1049 33.49 -36.82 -33.43
CA ALA D 1049 32.47 -37.21 -34.38
C ALA D 1049 32.80 -38.49 -35.10
N TYR D 1050 34.07 -38.73 -35.39
CA TYR D 1050 34.50 -39.89 -36.13
C TYR D 1050 34.99 -41.02 -35.24
N GLU D 1051 34.80 -40.90 -33.93
CA GLU D 1051 34.97 -42.01 -33.01
C GLU D 1051 33.63 -42.54 -32.51
N ILE D 1052 32.54 -41.81 -32.76
CA ILE D 1052 31.20 -42.36 -32.61
C ILE D 1052 31.00 -43.37 -33.72
N ASP D 1053 30.34 -44.49 -33.40
CA ASP D 1053 30.02 -45.51 -34.38
C ASP D 1053 31.30 -46.03 -35.04
N VAL D 1054 32.11 -46.67 -34.21
CA VAL D 1054 33.41 -47.15 -34.62
C VAL D 1054 33.36 -48.17 -35.75
N CYS D 1055 32.19 -48.73 -36.03
CA CYS D 1055 32.01 -49.68 -37.11
C CYS D 1055 31.59 -49.01 -38.41
N ALA D 1056 31.57 -47.69 -38.47
CA ALA D 1056 31.25 -46.98 -39.70
C ALA D 1056 32.46 -46.92 -40.62
N ASN D 1057 32.22 -46.49 -41.85
CA ASN D 1057 33.27 -46.48 -42.86
C ASN D 1057 34.23 -45.31 -42.69
N ASP D 1058 33.74 -44.18 -42.19
CA ASP D 1058 34.55 -42.99 -41.96
C ASP D 1058 35.14 -42.94 -40.55
N SER D 1059 35.18 -44.06 -39.86
CA SER D 1059 35.67 -44.09 -38.49
C SER D 1059 37.18 -44.05 -38.43
N THR D 1060 37.69 -43.34 -37.45
CA THR D 1060 39.12 -43.27 -37.15
C THR D 1060 39.56 -44.33 -36.15
N LEU D 1061 38.64 -45.16 -35.67
CA LEU D 1061 38.95 -46.29 -34.80
C LEU D 1061 38.34 -47.56 -35.38
N PRO D 1062 38.81 -48.00 -36.55
CA PRO D 1062 38.18 -49.15 -37.20
C PRO D 1062 38.53 -50.49 -36.58
N THR D 1063 39.58 -50.57 -35.79
CA THR D 1063 39.97 -51.80 -35.12
C THR D 1063 39.22 -52.01 -33.81
N ILE D 1064 38.59 -50.96 -33.29
CA ILE D 1064 37.78 -51.05 -32.08
C ILE D 1064 36.41 -51.62 -32.36
N CYS D 1065 36.01 -51.71 -33.63
CA CYS D 1065 34.75 -52.32 -33.98
C CYS D 1065 34.74 -53.78 -33.56
N GLY D 1066 33.66 -54.17 -32.90
CA GLY D 1066 33.58 -55.48 -32.34
C GLY D 1066 32.18 -55.80 -31.86
N PRO D 1067 32.05 -56.85 -31.04
CA PRO D 1067 30.73 -57.21 -30.53
C PRO D 1067 30.17 -56.15 -29.60
N GLY D 1068 29.04 -55.58 -29.99
CA GLY D 1068 28.28 -54.73 -29.11
C GLY D 1068 28.68 -53.28 -29.08
N THR D 1069 29.54 -52.84 -29.99
CA THR D 1069 29.96 -51.45 -30.00
C THR D 1069 28.93 -50.52 -30.60
N TRP D 1070 27.80 -51.05 -31.06
CA TRP D 1070 26.68 -50.25 -31.52
C TRP D 1070 25.92 -49.59 -30.37
N LEU D 1071 26.23 -49.93 -29.13
CA LEU D 1071 25.53 -49.34 -28.00
C LEU D 1071 26.04 -47.95 -27.67
N THR D 1072 27.27 -47.64 -28.03
CA THR D 1072 27.93 -46.44 -27.58
C THR D 1072 27.40 -45.15 -28.22
N PRO D 1073 26.92 -45.17 -29.46
CA PRO D 1073 26.23 -43.97 -29.94
C PRO D 1073 24.97 -43.65 -29.18
N PHE D 1074 24.22 -44.65 -28.74
CA PHE D 1074 23.06 -44.40 -27.91
C PHE D 1074 23.45 -43.86 -26.54
N LEU D 1075 24.58 -44.33 -26.00
CA LEU D 1075 25.01 -43.89 -24.69
C LEU D 1075 25.45 -42.45 -24.71
N GLN D 1076 26.13 -42.05 -25.77
CA GLN D 1076 26.65 -40.70 -25.90
C GLN D 1076 25.56 -39.71 -26.26
N ALA D 1077 24.50 -40.17 -26.91
CA ALA D 1077 23.37 -39.30 -27.18
C ALA D 1077 22.67 -38.93 -25.89
N VAL D 1078 22.52 -39.90 -24.99
CA VAL D 1078 21.90 -39.64 -23.70
C VAL D 1078 22.81 -38.78 -22.85
N TYR D 1079 24.12 -39.00 -22.93
CA TYR D 1079 25.06 -38.27 -22.10
C TYR D 1079 25.01 -36.78 -22.37
N LEU D 1080 25.10 -36.39 -23.63
CA LEU D 1080 25.16 -34.99 -23.98
C LEU D 1080 23.84 -34.29 -23.85
N PHE D 1081 22.74 -35.01 -24.01
CA PHE D 1081 21.45 -34.45 -23.65
C PHE D 1081 21.43 -34.07 -22.17
N VAL D 1082 21.95 -34.93 -21.32
CA VAL D 1082 21.95 -34.62 -19.90
C VAL D 1082 22.93 -33.50 -19.60
N GLN D 1083 24.08 -33.47 -20.28
CA GLN D 1083 25.09 -32.50 -19.90
C GLN D 1083 24.78 -31.11 -20.44
N TYR D 1084 24.66 -30.95 -21.76
CA TYR D 1084 24.35 -29.62 -22.26
C TYR D 1084 22.92 -29.22 -21.98
N ILE D 1085 21.97 -30.05 -22.40
CA ILE D 1085 20.59 -29.61 -22.46
C ILE D 1085 19.97 -29.53 -21.07
N ILE D 1086 20.45 -30.30 -20.09
CA ILE D 1086 19.94 -30.24 -18.73
C ILE D 1086 20.91 -29.50 -17.83
N MET D 1087 22.12 -30.03 -17.69
CA MET D 1087 22.98 -29.61 -16.59
C MET D 1087 23.71 -28.31 -16.86
N VAL D 1088 24.13 -28.05 -18.10
CA VAL D 1088 24.71 -26.76 -18.42
C VAL D 1088 23.67 -25.66 -18.34
N ASN D 1089 22.45 -25.93 -18.79
CA ASN D 1089 21.42 -24.90 -18.75
C ASN D 1089 20.85 -24.73 -17.36
N LEU D 1090 20.88 -25.78 -16.55
CA LEU D 1090 20.57 -25.63 -15.14
C LEU D 1090 21.58 -24.75 -14.44
N LEU D 1091 22.82 -24.75 -14.92
CA LEU D 1091 23.88 -23.97 -14.33
C LEU D 1091 23.88 -22.53 -14.81
N ILE D 1092 23.48 -22.31 -16.05
CA ILE D 1092 23.17 -20.95 -16.49
C ILE D 1092 22.04 -20.39 -15.64
N ALA D 1093 20.96 -21.15 -15.47
CA ALA D 1093 19.82 -20.69 -14.70
C ALA D 1093 20.17 -20.47 -13.24
N PHE D 1094 21.06 -21.28 -12.69
CA PHE D 1094 21.51 -21.06 -11.33
C PHE D 1094 22.17 -19.70 -11.17
N PHE D 1095 23.08 -19.36 -12.08
CA PHE D 1095 23.79 -18.10 -11.97
C PHE D 1095 22.89 -16.91 -12.17
N ASN D 1096 21.91 -17.00 -13.08
CA ASN D 1096 21.03 -15.87 -13.33
C ASN D 1096 20.26 -15.50 -12.08
N ASN D 1097 19.70 -16.47 -11.40
CA ASN D 1097 18.79 -16.26 -10.29
C ASN D 1097 19.49 -16.15 -8.95
N VAL D 1098 20.81 -16.26 -8.94
CA VAL D 1098 21.63 -16.00 -7.77
C VAL D 1098 22.55 -14.82 -7.98
N TYR D 1099 22.49 -14.17 -9.14
CA TYR D 1099 23.42 -13.11 -9.49
C TYR D 1099 23.27 -11.90 -8.57
N LEU D 1100 22.05 -11.41 -8.41
CA LEU D 1100 21.85 -10.15 -7.72
C LEU D 1100 22.24 -10.21 -6.26
N GLN D 1101 22.00 -11.34 -5.60
CA GLN D 1101 22.30 -11.44 -4.18
C GLN D 1101 23.74 -11.82 -3.90
N VAL D 1102 24.46 -12.35 -4.89
CA VAL D 1102 25.89 -12.55 -4.75
C VAL D 1102 26.65 -11.30 -5.18
N LYS D 1103 26.16 -10.58 -6.19
CA LYS D 1103 26.75 -9.30 -6.55
C LYS D 1103 26.60 -8.30 -5.42
N ALA D 1104 25.48 -8.34 -4.71
CA ALA D 1104 25.26 -7.45 -3.59
C ALA D 1104 26.17 -7.79 -2.43
N ILE D 1105 26.23 -9.07 -2.05
CA ILE D 1105 27.11 -9.48 -0.96
C ILE D 1105 28.55 -9.15 -1.31
N SER D 1106 28.92 -9.30 -2.57
CA SER D 1106 30.30 -9.06 -2.97
C SER D 1106 30.66 -7.59 -2.93
N ASN D 1107 29.70 -6.71 -3.15
CA ASN D 1107 29.98 -5.28 -3.01
C ASN D 1107 30.27 -4.91 -1.57
N ILE D 1108 29.48 -5.42 -0.62
CA ILE D 1108 29.70 -5.09 0.78
C ILE D 1108 31.01 -5.71 1.27
N VAL D 1109 31.31 -6.93 0.84
CA VAL D 1109 32.56 -7.56 1.25
C VAL D 1109 33.74 -6.83 0.68
N TRP D 1110 33.62 -6.33 -0.54
CA TRP D 1110 34.70 -5.55 -1.13
C TRP D 1110 34.89 -4.24 -0.39
N LYS D 1111 33.80 -3.57 -0.06
CA LYS D 1111 33.90 -2.29 0.63
C LYS D 1111 34.39 -2.47 2.06
N TYR D 1112 34.06 -3.59 2.69
CA TYR D 1112 34.53 -3.82 4.05
C TYR D 1112 36.02 -3.99 4.11
N GLN D 1113 36.58 -4.70 3.15
CA GLN D 1113 37.98 -5.07 3.18
C GLN D 1113 38.90 -4.06 2.54
N ARG D 1114 38.39 -2.90 2.14
CA ARG D 1114 39.25 -1.78 1.82
C ARG D 1114 39.91 -1.18 3.05
N TYR D 1115 39.32 -1.40 4.22
CA TYR D 1115 39.93 -0.92 5.45
C TYR D 1115 41.23 -1.63 5.71
N HIS D 1116 41.20 -2.96 5.77
CA HIS D 1116 42.41 -3.74 6.00
C HIS D 1116 43.40 -3.58 4.86
N PHE D 1117 42.93 -3.21 3.69
CA PHE D 1117 43.80 -2.99 2.55
C PHE D 1117 44.52 -1.65 2.65
N ILE D 1118 43.76 -0.58 2.87
CA ILE D 1118 44.32 0.76 2.83
C ILE D 1118 45.12 1.03 4.09
N MET D 1119 44.68 0.52 5.23
CA MET D 1119 45.42 0.68 6.47
C MET D 1119 46.66 -0.20 6.52
N ALA D 1120 46.81 -1.13 5.59
CA ALA D 1120 48.05 -1.87 5.46
C ALA D 1120 49.12 -1.04 4.76
N TYR D 1121 48.73 -0.22 3.81
CA TYR D 1121 49.69 0.58 3.05
C TYR D 1121 50.17 1.82 3.80
N HIS D 1122 49.65 2.10 4.99
CA HIS D 1122 50.29 3.09 5.83
C HIS D 1122 51.51 2.53 6.54
N GLU D 1123 51.60 1.21 6.66
CA GLU D 1123 52.68 0.55 7.37
C GLU D 1123 53.66 -0.13 6.44
N LYS D 1124 53.34 -0.30 5.17
CA LYS D 1124 54.28 -0.88 4.25
C LYS D 1124 55.40 0.11 3.93
N PRO D 1125 56.60 -0.38 3.62
CA PRO D 1125 57.67 0.54 3.24
C PRO D 1125 57.42 1.15 1.89
N VAL D 1126 58.22 2.19 1.63
CA VAL D 1126 58.11 2.97 0.41
C VAL D 1126 58.50 2.15 -0.80
N LEU D 1127 59.35 1.17 -0.60
CA LEU D 1127 60.22 0.70 -1.67
C LEU D 1127 59.85 -0.73 -2.03
N PRO D 1128 59.84 -1.10 -3.32
CA PRO D 1128 59.16 -2.34 -3.70
C PRO D 1128 59.99 -3.59 -3.44
N PRO D 1129 59.41 -4.78 -3.64
CA PRO D 1129 60.04 -6.01 -3.12
C PRO D 1129 61.23 -6.55 -3.89
N PRO D 1130 61.80 -5.86 -4.91
CA PRO D 1130 63.21 -6.16 -5.23
C PRO D 1130 64.19 -5.29 -4.47
N LEU D 1131 63.79 -4.07 -4.17
CA LEU D 1131 64.61 -3.11 -3.48
C LEU D 1131 64.23 -2.95 -2.01
N ILE D 1132 63.25 -3.71 -1.54
CA ILE D 1132 62.75 -3.56 -0.19
C ILE D 1132 63.77 -3.97 0.87
N ILE D 1133 64.81 -4.70 0.49
CA ILE D 1133 65.80 -5.14 1.45
C ILE D 1133 66.58 -3.97 1.99
N LEU D 1134 66.63 -2.86 1.25
CA LEU D 1134 67.19 -1.62 1.79
C LEU D 1134 66.36 -1.10 2.95
N SER D 1135 65.05 -1.31 2.91
CA SER D 1135 64.16 -0.82 3.94
C SER D 1135 64.13 -1.73 5.17
N HIS D 1136 64.47 -3.00 5.02
CA HIS D 1136 64.52 -3.90 6.16
C HIS D 1136 65.82 -3.78 6.94
N ILE D 1137 66.88 -3.28 6.31
CA ILE D 1137 68.11 -2.97 7.05
C ILE D 1137 67.84 -1.78 7.98
N VAL D 1138 67.21 -0.74 7.45
CA VAL D 1138 66.90 0.45 8.23
C VAL D 1138 65.92 0.13 9.35
N SER D 1139 64.98 -0.79 9.10
CA SER D 1139 63.98 -1.12 10.11
C SER D 1139 64.59 -1.86 11.28
N LEU D 1140 65.68 -2.58 11.06
CA LEU D 1140 66.41 -3.23 12.14
C LEU D 1140 67.41 -2.28 12.79
N PHE D 1141 67.86 -1.28 12.04
CA PHE D 1141 68.84 -0.33 12.56
C PHE D 1141 68.21 0.59 13.61
N CYS D 1142 67.05 1.16 13.30
CA CYS D 1142 66.40 2.11 14.19
C CYS D 1142 65.69 1.46 15.36
N CYS D 1143 65.37 0.15 15.27
CA CYS D 1143 64.62 -0.50 16.34
C CYS D 1143 65.54 -0.93 17.48
N VAL D 1144 66.66 -1.57 17.15
CA VAL D 1144 67.58 -2.05 18.19
C VAL D 1144 68.28 -0.87 18.85
N CYS D 1145 68.62 0.16 18.08
CA CYS D 1145 69.38 1.28 18.62
C CYS D 1145 68.54 2.07 19.62
N LYS D 1146 67.33 2.44 19.25
CA LYS D 1146 66.48 3.26 20.10
C LYS D 1146 65.89 2.44 21.24
N GLY D 1156 49.05 2.93 15.19
CA GLY D 1156 49.15 3.37 13.81
C GLY D 1156 48.94 4.87 13.68
N PRO D 1157 48.21 5.35 12.68
CA PRO D 1157 47.98 6.79 12.55
C PRO D 1157 46.91 7.28 13.50
N LYS D 1158 46.99 8.56 13.81
CA LYS D 1158 46.06 9.23 14.71
C LYS D 1158 45.49 10.45 14.02
N LEU D 1159 44.33 10.86 14.51
CA LEU D 1159 43.65 12.06 14.05
C LEU D 1159 43.87 13.15 15.09
N PHE D 1160 44.69 14.13 14.75
CA PHE D 1160 45.01 15.21 15.67
C PHE D 1160 43.93 16.26 15.63
N LEU D 1161 43.57 16.77 16.81
CA LEU D 1161 42.62 17.86 16.94
C LEU D 1161 43.11 18.80 18.02
N THR D 1162 43.03 20.09 17.73
CA THR D 1162 43.27 21.08 18.77
C THR D 1162 42.06 21.13 19.71
N GLU D 1163 42.23 21.85 20.81
CA GLU D 1163 41.21 21.85 21.84
C GLU D 1163 39.94 22.57 21.39
N GLU D 1164 40.04 23.52 20.47
CA GLU D 1164 38.87 24.18 19.92
C GLU D 1164 38.24 23.43 18.76
N ASP D 1165 38.88 22.38 18.27
CA ASP D 1165 38.27 21.47 17.30
C ASP D 1165 37.67 20.23 17.94
N GLN D 1166 38.18 19.80 19.10
CA GLN D 1166 37.48 18.78 19.87
C GLN D 1166 36.17 19.32 20.41
N LYS D 1167 36.14 20.60 20.79
CA LYS D 1167 34.91 21.19 21.30
C LYS D 1167 33.87 21.32 20.19
N LYS D 1168 34.31 21.73 19.00
CA LYS D 1168 33.40 21.79 17.87
C LYS D 1168 32.94 20.42 17.42
N LEU D 1169 33.71 19.37 17.70
CA LEU D 1169 33.34 18.03 17.29
C LEU D 1169 32.35 17.41 18.27
N HIS D 1170 32.55 17.64 19.57
CA HIS D 1170 31.61 17.13 20.55
C HIS D 1170 30.26 17.82 20.43
N ASP D 1171 30.26 19.09 20.03
CA ASP D 1171 28.99 19.77 19.80
C ASP D 1171 28.29 19.22 18.57
N PHE D 1172 29.06 18.78 17.58
CA PHE D 1172 28.49 18.18 16.39
C PHE D 1172 27.91 16.80 16.68
N GLU D 1173 28.62 16.00 17.46
CA GLU D 1173 28.12 14.69 17.84
C GLU D 1173 26.84 14.80 18.66
N GLU D 1174 26.78 15.75 19.59
CA GLU D 1174 25.58 15.92 20.39
C GLU D 1174 24.42 16.41 19.54
N GLN D 1175 24.68 17.33 18.63
CA GLN D 1175 23.60 17.90 17.82
C GLN D 1175 23.02 16.88 16.86
N CYS D 1176 23.84 15.98 16.32
CA CYS D 1176 23.34 15.02 15.35
C CYS D 1176 22.58 13.90 16.00
N VAL D 1177 22.85 13.61 17.28
CA VAL D 1177 22.06 12.63 18.01
C VAL D 1177 20.71 13.23 18.37
N GLU D 1178 20.69 14.50 18.76
CA GLU D 1178 19.42 15.17 19.03
C GLU D 1178 18.54 15.20 17.80
N MET D 1179 19.13 15.48 16.63
CA MET D 1179 18.37 15.46 15.39
C MET D 1179 17.94 14.05 15.00
N TYR D 1180 18.58 13.03 15.56
CA TYR D 1180 18.23 11.67 15.18
C TYR D 1180 16.93 11.23 15.84
N PHE D 1181 16.81 11.47 17.14
CA PHE D 1181 15.62 11.06 17.87
C PHE D 1181 14.43 11.94 17.57
N ASP D 1182 14.65 13.19 17.18
CA ASP D 1182 13.55 14.05 16.83
C ASP D 1182 12.93 13.65 15.50
N GLU D 1183 13.76 13.39 14.49
CA GLU D 1183 13.24 12.95 13.20
C GLU D 1183 12.72 11.52 13.25
N LYS D 1184 13.17 10.72 14.21
CA LYS D 1184 12.62 9.39 14.39
C LYS D 1184 11.23 9.46 14.99
N ASP D 1185 11.02 10.40 15.90
CA ASP D 1185 9.71 10.60 16.50
C ASP D 1185 8.76 11.33 15.57
N ASP D 1186 9.28 12.23 14.73
CA ASP D 1186 8.42 12.94 13.79
C ASP D 1186 7.98 12.05 12.63
N LYS D 1187 8.80 11.07 12.26
CA LYS D 1187 8.43 10.13 11.20
C LYS D 1187 7.41 9.13 11.70
N PHE D 1188 7.45 8.79 12.99
CA PHE D 1188 6.48 7.87 13.56
C PHE D 1188 5.13 8.53 13.78
N ASN D 1189 5.14 9.75 14.31
CA ASN D 1189 3.91 10.46 14.60
C ASN D 1189 3.22 11.00 13.35
N SER D 1190 3.91 11.03 12.22
CA SER D 1190 3.37 11.55 10.96
C SER D 1190 3.08 10.43 9.97
N GLY D 1191 3.24 9.18 10.36
CA GLY D 1191 2.87 8.09 9.48
C GLY D 1191 1.38 7.88 9.44
N SER D 1192 0.93 7.24 8.36
CA SER D 1192 -0.50 6.96 8.21
C SER D 1192 -0.98 5.94 9.22
N GLU D 1193 -0.10 5.03 9.64
CA GLU D 1193 -0.50 4.00 10.59
C GLU D 1193 -0.80 4.61 11.96
N GLU D 1194 -0.01 5.59 12.38
CA GLU D 1194 -0.19 6.17 13.71
C GLU D 1194 -1.29 7.20 13.73
N ARG D 1195 -1.51 7.91 12.62
CA ARG D 1195 -2.57 8.90 12.58
C ARG D 1195 -3.96 8.27 12.57
N ILE D 1196 -4.09 7.08 11.97
CA ILE D 1196 -5.37 6.40 11.94
C ILE D 1196 -5.76 5.94 13.34
N ARG D 1197 -4.80 5.44 14.10
CA ARG D 1197 -5.14 4.86 15.40
C ARG D 1197 -5.39 5.92 16.45
N VAL D 1198 -4.69 7.04 16.39
CA VAL D 1198 -4.98 8.15 17.30
C VAL D 1198 -6.33 8.76 16.95
N THR D 1199 -6.69 8.75 15.67
CA THR D 1199 -8.06 9.07 15.27
C THR D 1199 -9.02 8.02 15.82
N PHE D 1200 -8.63 6.75 15.74
CA PHE D 1200 -9.49 5.68 16.24
C PHE D 1200 -9.73 5.81 17.73
N GLU D 1201 -8.71 6.19 18.49
CA GLU D 1201 -8.85 6.27 19.93
C GLU D 1201 -9.58 7.52 20.37
N ARG D 1202 -9.50 8.60 19.59
CA ARG D 1202 -10.21 9.82 19.95
C ARG D 1202 -11.67 9.74 19.55
N VAL D 1203 -11.97 9.19 18.37
CA VAL D 1203 -13.36 9.01 17.98
C VAL D 1203 -14.05 8.05 18.92
N GLU D 1204 -13.32 7.09 19.49
CA GLU D 1204 -13.89 6.22 20.50
C GLU D 1204 -14.32 7.01 21.73
N GLN D 1205 -13.43 7.88 22.23
CA GLN D 1205 -13.74 8.67 23.41
C GLN D 1205 -14.81 9.72 23.10
N MET D 1206 -14.83 10.25 21.88
CA MET D 1206 -15.88 11.19 21.50
C MET D 1206 -17.23 10.52 21.40
N SER D 1207 -17.26 9.26 20.96
CA SER D 1207 -18.51 8.52 20.95
C SER D 1207 -19.02 8.31 22.37
N ILE D 1208 -18.11 8.16 23.33
CA ILE D 1208 -18.53 8.00 24.72
C ILE D 1208 -19.11 9.31 25.24
N GLN D 1209 -18.46 10.43 24.96
CA GLN D 1209 -18.86 11.69 25.56
C GLN D 1209 -20.17 12.20 24.99
N ILE D 1210 -20.31 12.18 23.67
CA ILE D 1210 -21.50 12.73 23.02
C ILE D 1210 -22.74 11.96 23.44
N LYS D 1211 -22.64 10.63 23.52
CA LYS D 1211 -23.75 9.85 24.04
C LYS D 1211 -24.04 10.20 25.49
N GLU D 1212 -23.01 10.60 26.23
CA GLU D 1212 -23.14 10.94 27.63
C GLU D 1212 -23.48 12.42 27.83
N VAL D 1213 -23.08 13.27 26.89
CA VAL D 1213 -23.64 14.62 26.81
C VAL D 1213 -25.04 14.56 26.24
N GLY D 1214 -25.27 13.64 25.30
CA GLY D 1214 -26.59 13.41 24.76
C GLY D 1214 -27.58 12.93 25.79
N ASP D 1215 -27.09 12.34 26.88
CA ASP D 1215 -27.95 11.99 28.01
C ASP D 1215 -28.17 13.19 28.92
N ARG D 1216 -27.17 14.06 29.06
CA ARG D 1216 -27.38 15.27 29.86
C ARG D 1216 -28.40 16.19 29.22
N VAL D 1217 -28.35 16.36 27.90
CA VAL D 1217 -29.31 17.25 27.25
C VAL D 1217 -30.71 16.65 27.29
N ASN D 1218 -30.82 15.33 27.43
CA ASN D 1218 -32.10 14.72 27.75
C ASN D 1218 -32.49 14.93 29.20
N TYR D 1219 -31.52 15.14 30.09
CA TYR D 1219 -31.83 15.58 31.45
C TYR D 1219 -32.23 17.05 31.49
N ILE D 1220 -31.94 17.80 30.42
CA ILE D 1220 -32.38 19.19 30.34
C ILE D 1220 -33.87 19.26 30.00
N LYS D 1221 -34.34 18.44 29.06
CA LYS D 1221 -35.72 18.57 28.61
C LYS D 1221 -36.74 18.15 29.65
N ARG D 1222 -36.31 17.54 30.76
CA ARG D 1222 -37.25 17.34 31.87
C ARG D 1222 -37.63 18.66 32.51
N SER D 1223 -36.69 19.61 32.58
CA SER D 1223 -36.98 20.94 33.09
C SER D 1223 -37.64 21.84 32.05
N LEU D 1224 -37.58 21.49 30.76
CA LEU D 1224 -38.28 22.29 29.75
C LEU D 1224 -39.79 22.16 29.91
N GLN D 1225 -40.28 20.94 30.10
CA GLN D 1225 -41.70 20.73 30.38
C GLN D 1225 -42.09 21.35 31.71
N SER D 1226 -41.15 21.45 32.66
CA SER D 1226 -41.46 22.03 33.95
C SER D 1226 -41.52 23.56 33.87
N LEU D 1227 -40.50 24.18 33.29
CA LEU D 1227 -40.45 25.64 33.21
C LEU D 1227 -41.37 26.20 32.13
N ASP D 1228 -41.89 25.35 31.23
CA ASP D 1228 -42.94 25.79 30.32
C ASP D 1228 -44.29 25.83 31.03
N SER D 1229 -44.46 25.04 32.08
CA SER D 1229 -45.70 25.06 32.86
C SER D 1229 -45.78 26.33 33.69
#